data_7TEE
#
_entry.id   7TEE
#
_cell.length_a   1.00
_cell.length_b   1.00
_cell.length_c   1.00
_cell.angle_alpha   90.00
_cell.angle_beta   90.00
_cell.angle_gamma   90.00
#
_symmetry.space_group_name_H-M   'P 1'
#
loop_
_entity.id
_entity.type
_entity.pdbx_description
1 polymer 'Glutamate receptor ionotropic, NMDA 1'
2 polymer 'Glutamate receptor ionotropic, NMDA 2B'
3 polymer 'Fab2 heavy chain'
4 polymer 'Fab2 light chain'
#
loop_
_entity_poly.entity_id
_entity_poly.type
_entity_poly.pdbx_seq_one_letter_code
_entity_poly.pdbx_strand_id
1 'polypeptide(L)'
;MSTMHLLTFALLFSCSFARAASDPKIVNIGAVLSTRKHEQMFREAVNQANKRHGSWKIQLQATSVTHKPNAIQMALSVCE
DLISSQVYAILVSHPPTPNDHFTPTPVSYTAGFYRIPVLGLTTRMSIYSDKSIHLSFLRTVPPYSHQSSVWFEMMRVYNW
NHIILLVSDDHEGRAAQKRLETLLEERESKSKKRNYENLDQLSYDNKRGPKAEKVLQFDPGTKNVTALLMEARELEARVI
ILSASEDDAATVYRAAAMLDMTGSGYVWLVGEREISGNALRYAPDGIIGLQLINGKNESAHISDAVGVVAQAVHELLEKE
NITDPPRGCVGNTNIWKTGPLFKRVLMSSKYADGVTGRVEFNEDGDRKFAQYSIMNLQNRKLVQVGIYNGTHVIPNDRKI
IWPGGETEKPRGYQMSTRLKIVTIHQEPFVYVKPTMSDGTCKEEFTVNGDPVKKVICTGPNDTSPGSPRHTVPQCCYGFC
IDLLIKLARTMQFTYEVHLVADGKFGTQERVQNSNKKEWNGMMGELLSGQADMIVAPLTINNERAQYIEFSKPFKYQGLT
ILVKKEIPRSTLDSFMQPFQSTLWLLVGLSVHVVAVMLYLLDRFSPFGRFKVNSQSESTDALTLSSAMWFSWGVLLNSGI
GEGAPRSFSARILGMVWAGFAMIIVASYTANLAAFLVLDRPEERITGINDPRLRNPSDKFIYATVKQSSVDIYFRRQVEL
STMYRHMEKHNYESAAEAIQAVRDNKLHAFIWDSAVLEFEASQKCDLVTTGELFFRSGFGIGMRKDSPWKQQVSLSILKS
HENGFMEDLDKTWVRYQECDSRSNAPATLTCENMAGVFMLVAGGIVAGIFLIFIEIAYKSRA
;
A,C
2 'polypeptide(L)'
;MGTMRLFLLAVLFLFSFARATGWSHPQFEKGGGSGGGSGGSAWSHPQFEKGALVPRGRSQKSPPSIGIAVILVGTSDEVA
IKDAHEKDDFHHLSVVPRVELVAMNETDPKSIITRICDLMSDRKIQGVVFADDTDQEAIAQILDFISAQTLTPILGIHGG
SSMIMADKDESSMFFQFGPSIEQQASVMLNIMEEYDWYIFSIVTTYFPGYQDFVNKIRSTIENSFVGWELEEVLLLDMSL
DDGDSKIQNQLKKLQSPIILLYCTKEEATYIFEVANSVGLTGYGYTWIVPSLVAGDTDTVPSEFPTGLISVSYDEWDYGL
PARVRDGIAIITTAASDMLSEHSFIPEPKSSCYNTHEKRIYQSNMLNRYLINVTFEGRDLSFSEDGYQMHPKLVIILLNK
ERKWERVGKWKDKSLQMKYYVWPRMCPETEEQEDDHLSIVTLEEAPFVIVESVDPLSGTCMRNTVPCQKRIISENKTDEE
PGYIKKCCKGFCIDILKKISKSVKFTYDLYLVTNGKHGKKINGTWNGMIGEVVMKRAYMAVGSLTINEERSEVVDFSVPF
IETGISVMVSRSNGTVSPSAFLEPFSACVWVMMFVMLLIVSAVAVFVFEYFSPVGYNRSLADGREPGGPSVTIGKAIWLL
WGLVFNNSVPVQNPKGTTSKIMVSVWAFFAVIFLASYTANLAAFMIQEEYVDQVSGLSDKKFQRPNDFSPPFRFGTVPNG
STERNIRNNYAEMHAYMGKFNQRGVDDALLSLKTGKLDAFIYDAAVLNYMAGRDEGCKLVTIGSGKVFASTGYGIAIQKD
SGWKRQVDLAILQLFGDGEMEELEALWLTGICHNEKNEVMSSQLDIDNMAGVFYMLGAAMALSLITFISEHLFYWQFRHS
FMG
;
B,D
3 'polypeptide(L)'
;DVKLQESGGGLVQPGGSLKLSCAASGFTFSSYTMSWVRQTPEKRLEWVAYISNGGGGTYYPDTVKGRFTISRDNAKNTLY
LQMNSLKEDTAMYYCARPSRGGSSYWYFDVWGAGTTVTVSSAKTTPPSVYPLAPGSAAQTNSMVTLGCLVKGYFPEPVTV
TWNSGSLSSGVHTFPAVLQSDLYTLSSSVTVPSSTWPSETVTCNVAHPASSTKVDKKIVPRDC
;
H,M
4 'polypeptide(L)'
;DIQMTQSPSSLSASLGGKVTITCKASQDINKYIAWYQHKPGKGPRLLIHYTSSLQPGIPSRFSGSGSGRDYSFSISNLEP
EDIATYYCLQYDNLYTFGGGTKLEIKRADAAPTVSIFPPSSEQLTSGGASVVCFLNNFYPKDINVKWKIDGSERQNGVLN
SWTDQDSKDSTYSMSSTLTLTKDEYERHNSYTCEATHKTSTSPIVKSFNRNES
;
L,N
#
# COMPACT_ATOMS: atom_id res chain seq x y z
N LYS A 25 -2.90 47.70 -52.39
CA LYS A 25 -2.06 48.35 -51.39
C LYS A 25 -2.56 49.76 -51.10
N ILE A 26 -3.89 49.91 -51.04
CA ILE A 26 -4.51 51.17 -50.60
C ILE A 26 -5.57 50.79 -49.58
N VAL A 27 -5.17 50.73 -48.32
CA VAL A 27 -5.97 50.20 -47.22
C VAL A 27 -7.11 51.17 -46.88
N ASN A 28 -8.06 50.69 -46.09
CA ASN A 28 -9.31 51.40 -45.77
C ASN A 28 -9.29 51.67 -44.26
N ILE A 29 -9.97 52.73 -43.83
CA ILE A 29 -10.17 52.99 -42.39
C ILE A 29 -11.60 53.42 -42.02
N GLY A 30 -12.25 52.55 -41.24
CA GLY A 30 -13.60 52.78 -40.76
C GLY A 30 -13.69 53.76 -39.60
N ALA A 31 -14.91 54.25 -39.36
CA ALA A 31 -15.28 55.10 -38.22
C ALA A 31 -16.77 54.94 -37.96
N VAL A 32 -17.18 55.13 -36.69
CA VAL A 32 -18.62 55.14 -36.32
C VAL A 32 -19.27 56.37 -35.68
N LEU A 33 -18.53 57.26 -35.02
CA LEU A 33 -19.17 58.38 -34.30
C LEU A 33 -18.53 59.71 -34.67
N SER A 34 -19.18 60.79 -34.21
CA SER A 34 -19.89 61.73 -35.08
C SER A 34 -19.00 62.69 -35.85
N THR A 35 -19.66 63.43 -36.75
CA THR A 35 -19.05 64.33 -37.70
C THR A 35 -18.57 65.65 -37.12
N ARG A 36 -17.76 65.56 -36.08
CA ARG A 36 -16.65 66.48 -35.93
C ARG A 36 -15.33 65.73 -35.96
N LYS A 37 -15.24 64.64 -35.20
CA LYS A 37 -13.99 63.91 -35.10
C LYS A 37 -13.62 63.17 -36.37
N HIS A 38 -14.56 62.89 -37.26
CA HIS A 38 -14.16 62.35 -38.56
C HIS A 38 -13.35 63.32 -39.40
N GLU A 39 -13.68 64.60 -39.30
CA GLU A 39 -12.96 65.62 -40.04
C GLU A 39 -11.53 65.90 -39.59
N GLN A 40 -11.20 65.80 -38.30
CA GLN A 40 -9.78 65.99 -37.99
C GLN A 40 -8.85 64.88 -38.51
N MET A 41 -8.33 64.05 -37.60
CA MET A 41 -8.50 62.64 -37.27
C MET A 41 -8.86 61.65 -38.39
N PHE A 42 -9.42 62.07 -39.52
CA PHE A 42 -9.58 61.05 -40.55
C PHE A 42 -8.81 61.41 -41.80
N ARG A 43 -9.06 62.60 -42.36
CA ARG A 43 -8.26 63.03 -43.49
C ARG A 43 -6.84 63.33 -43.06
N GLU A 44 -6.67 63.83 -41.83
CA GLU A 44 -5.34 64.03 -41.29
C GLU A 44 -4.64 62.72 -40.95
N ALA A 45 -5.40 61.73 -40.48
CA ALA A 45 -4.83 60.43 -40.15
C ALA A 45 -4.43 59.58 -41.35
N VAL A 46 -5.14 59.67 -42.47
CA VAL A 46 -4.64 58.95 -43.64
C VAL A 46 -3.32 59.55 -44.14
N ASN A 47 -3.19 60.86 -44.11
CA ASN A 47 -1.92 61.49 -44.45
C ASN A 47 -0.82 61.24 -43.43
N GLN A 48 -1.17 61.10 -42.15
CA GLN A 48 -0.18 60.70 -41.15
C GLN A 48 0.34 59.29 -41.36
N ALA A 49 -0.55 58.33 -41.60
CA ALA A 49 -0.08 56.97 -41.85
C ALA A 49 0.52 56.77 -43.24
N ASN A 50 0.33 57.73 -44.16
CA ASN A 50 0.91 57.64 -45.50
C ASN A 50 2.43 57.71 -45.53
N LYS A 51 3.08 58.08 -44.43
CA LYS A 51 4.53 58.07 -44.35
C LYS A 51 5.13 56.67 -44.31
N ARG A 52 4.33 55.62 -44.09
CA ARG A 52 4.83 54.26 -44.09
C ARG A 52 5.31 53.79 -45.46
N ILE A 58 0.88 50.69 -48.17
CA ILE A 58 1.26 51.71 -47.19
C ILE A 58 0.51 53.01 -47.43
N GLN A 59 -0.51 52.93 -48.29
CA GLN A 59 -1.38 54.04 -48.65
C GLN A 59 -2.81 53.72 -48.19
N LEU A 60 -3.60 54.78 -47.99
CA LEU A 60 -4.90 54.64 -47.36
C LEU A 60 -5.94 55.48 -48.09
N GLN A 61 -7.20 55.08 -47.95
CA GLN A 61 -8.32 55.99 -48.17
C GLN A 61 -9.45 55.69 -47.19
N ALA A 62 -10.71 55.94 -47.58
CA ALA A 62 -11.66 56.56 -46.68
C ALA A 62 -13.08 56.12 -47.03
N THR A 63 -13.81 55.64 -46.02
CA THR A 63 -15.25 55.87 -45.92
C THR A 63 -15.67 55.80 -44.46
N SER A 64 -16.63 56.65 -44.08
CA SER A 64 -17.02 56.73 -42.68
C SER A 64 -18.42 57.33 -42.56
N VAL A 65 -19.11 56.98 -41.48
CA VAL A 65 -20.54 57.26 -41.32
C VAL A 65 -20.82 57.45 -39.83
N THR A 66 -21.94 58.13 -39.52
CA THR A 66 -22.45 58.16 -38.15
C THR A 66 -23.96 57.87 -38.07
N HIS A 67 -24.31 56.59 -38.15
CA HIS A 67 -24.94 55.86 -37.05
C HIS A 67 -25.78 56.64 -36.04
N LYS A 68 -26.72 57.48 -36.47
CA LYS A 68 -27.37 58.35 -35.48
C LYS A 68 -28.43 57.71 -34.58
N PRO A 69 -29.33 56.83 -35.02
CA PRO A 69 -30.23 56.18 -34.05
C PRO A 69 -29.62 54.95 -33.39
N ASN A 70 -30.31 54.54 -32.32
CA ASN A 70 -30.00 53.46 -31.39
C ASN A 70 -30.65 52.21 -31.99
N ALA A 71 -31.14 51.29 -31.15
CA ALA A 71 -31.25 49.86 -31.48
C ALA A 71 -32.33 49.70 -32.54
N ILE A 72 -32.60 48.48 -33.01
CA ILE A 72 -31.91 48.11 -34.24
C ILE A 72 -32.42 48.96 -35.38
N GLN A 73 -31.63 50.01 -35.61
CA GLN A 73 -31.62 50.79 -36.82
C GLN A 73 -30.15 50.98 -37.17
N MET A 74 -29.32 51.14 -36.12
CA MET A 74 -27.87 51.14 -36.30
C MET A 74 -27.32 49.77 -36.64
N ALA A 75 -27.95 48.72 -36.14
CA ALA A 75 -27.69 47.34 -36.54
C ALA A 75 -28.24 47.02 -37.92
N LEU A 76 -29.19 47.80 -38.41
CA LEU A 76 -29.65 47.65 -39.78
C LEU A 76 -28.59 48.07 -40.77
N SER A 77 -27.89 49.17 -40.52
CA SER A 77 -26.97 49.67 -41.54
C SER A 77 -25.59 49.05 -41.45
N VAL A 78 -25.48 47.87 -40.83
CA VAL A 78 -24.26 47.08 -40.92
C VAL A 78 -24.20 46.52 -42.33
N CYS A 79 -22.99 46.45 -42.89
CA CYS A 79 -22.67 45.90 -44.21
C CYS A 79 -23.40 46.63 -45.33
N GLU A 80 -23.85 47.87 -45.10
CA GLU A 80 -23.92 48.83 -46.18
C GLU A 80 -22.59 49.55 -46.39
N ASP A 81 -21.71 49.52 -45.39
CA ASP A 81 -20.36 50.06 -45.47
C ASP A 81 -19.29 49.00 -45.60
N LEU A 82 -19.56 47.81 -45.09
CA LEU A 82 -18.67 46.66 -45.07
C LEU A 82 -18.58 45.93 -46.40
N ILE A 83 -19.23 46.45 -47.45
CA ILE A 83 -19.25 45.76 -48.74
C ILE A 83 -17.86 45.64 -49.35
N SER A 84 -16.97 46.59 -49.06
CA SER A 84 -15.56 46.36 -49.39
C SER A 84 -14.64 46.93 -48.33
N SER A 85 -15.20 47.59 -47.31
CA SER A 85 -14.37 47.99 -46.18
C SER A 85 -13.91 46.83 -45.31
N GLN A 86 -14.66 45.73 -45.22
CA GLN A 86 -14.27 44.74 -44.21
C GLN A 86 -13.17 43.80 -44.67
N VAL A 87 -12.61 44.05 -45.85
CA VAL A 87 -11.44 43.31 -46.28
C VAL A 87 -10.21 43.84 -45.56
N TYR A 88 -10.20 45.15 -45.34
CA TYR A 88 -9.10 45.90 -44.76
C TYR A 88 -9.45 46.85 -43.62
N ALA A 89 -10.71 46.96 -43.21
CA ALA A 89 -11.03 47.88 -42.12
C ALA A 89 -12.32 47.52 -41.40
N ILE A 90 -12.27 47.71 -40.09
CA ILE A 90 -13.42 47.54 -39.22
C ILE A 90 -13.68 48.92 -38.66
N LEU A 91 -14.95 49.35 -38.76
CA LEU A 91 -15.33 50.68 -38.32
C LEU A 91 -15.20 50.79 -36.81
N VAL A 92 -14.57 51.87 -36.35
CA VAL A 92 -14.26 52.00 -34.93
C VAL A 92 -14.61 53.41 -34.44
N SER A 93 -15.11 53.50 -33.20
CA SER A 93 -15.43 54.72 -32.45
C SER A 93 -16.05 54.34 -31.11
N HIS A 94 -16.59 55.34 -30.41
CA HIS A 94 -17.26 55.11 -29.14
C HIS A 94 -18.56 54.35 -29.35
N THR A 103 -24.76 50.02 -24.38
CA THR A 103 -25.15 50.98 -25.42
C THR A 103 -24.15 51.07 -26.61
N PRO A 104 -22.82 51.05 -26.43
CA PRO A 104 -21.93 50.76 -27.57
C PRO A 104 -21.97 49.31 -28.07
N THR A 105 -22.83 48.47 -27.53
CA THR A 105 -22.89 47.02 -27.62
C THR A 105 -23.62 46.37 -28.81
N PRO A 106 -24.67 46.99 -29.48
CA PRO A 106 -25.32 46.24 -30.56
C PRO A 106 -24.54 46.03 -31.85
N VAL A 107 -23.88 47.07 -32.36
CA VAL A 107 -23.15 46.94 -33.62
C VAL A 107 -21.93 46.04 -33.47
N SER A 108 -21.40 45.90 -32.25
CA SER A 108 -20.30 44.97 -31.98
C SER A 108 -20.75 43.52 -32.07
N TYR A 109 -22.03 43.27 -31.82
CA TYR A 109 -22.59 41.94 -31.92
C TYR A 109 -22.90 41.61 -33.37
N THR A 110 -23.44 42.56 -34.12
CA THR A 110 -23.77 42.31 -35.51
C THR A 110 -22.48 42.17 -36.31
N ALA A 111 -21.64 43.21 -36.30
CA ALA A 111 -20.42 43.13 -37.06
C ALA A 111 -19.29 42.43 -36.30
N GLY A 112 -19.60 41.60 -35.30
CA GLY A 112 -18.61 40.79 -34.63
C GLY A 112 -18.87 39.32 -34.92
N PHE A 113 -19.95 39.05 -35.66
CA PHE A 113 -20.25 37.69 -36.12
C PHE A 113 -19.20 37.16 -37.08
N TYR A 114 -18.65 38.02 -37.93
CA TYR A 114 -18.01 37.56 -39.16
C TYR A 114 -16.55 37.16 -38.96
N ARG A 115 -16.14 36.70 -37.76
CA ARG A 115 -14.75 36.38 -37.43
C ARG A 115 -13.98 37.67 -37.68
N ILE A 116 -14.12 38.58 -36.74
CA ILE A 116 -13.62 39.94 -36.77
C ILE A 116 -12.62 40.12 -35.64
N PRO A 117 -11.35 40.39 -35.96
CA PRO A 117 -10.32 40.53 -34.93
C PRO A 117 -10.53 41.69 -33.98
N VAL A 118 -9.56 41.81 -33.07
CA VAL A 118 -9.69 42.71 -31.94
C VAL A 118 -9.65 44.20 -32.31
N LEU A 119 -10.68 44.91 -31.86
CA LEU A 119 -10.87 46.34 -32.09
C LEU A 119 -10.73 47.12 -30.77
N GLY A 120 -10.23 48.35 -30.85
CA GLY A 120 -10.01 49.18 -29.66
C GLY A 120 -10.97 50.34 -29.82
N LEU A 121 -11.96 50.53 -28.94
CA LEU A 121 -12.97 51.55 -29.21
C LEU A 121 -13.34 52.60 -28.16
N THR A 122 -12.68 52.65 -26.99
CA THR A 122 -12.93 53.64 -25.91
C THR A 122 -14.37 53.54 -25.41
N THR A 123 -14.84 52.32 -25.20
CA THR A 123 -16.17 52.08 -24.66
C THR A 123 -16.18 51.99 -23.12
N ARG A 124 -17.35 51.61 -22.61
CA ARG A 124 -17.63 51.43 -21.18
C ARG A 124 -18.23 50.04 -20.96
N MET A 125 -17.87 49.12 -21.86
CA MET A 125 -18.07 47.69 -21.72
C MET A 125 -17.21 47.07 -20.64
N SER A 126 -17.86 46.66 -19.54
CA SER A 126 -17.24 45.76 -18.59
C SER A 126 -17.18 44.36 -19.16
N ILE A 127 -18.02 44.05 -20.15
CA ILE A 127 -18.51 42.74 -20.59
C ILE A 127 -17.61 42.33 -21.77
N TYR A 128 -16.40 42.86 -21.73
CA TYR A 128 -15.31 42.72 -22.68
C TYR A 128 -14.27 41.70 -22.23
N SER A 129 -14.59 40.90 -21.22
CA SER A 129 -13.75 39.76 -20.89
C SER A 129 -14.43 38.41 -21.12
N ASP A 130 -15.21 38.35 -22.19
CA ASP A 130 -16.17 37.28 -22.45
C ASP A 130 -15.78 36.89 -23.87
N LYS A 131 -14.64 36.22 -23.94
CA LYS A 131 -13.86 36.00 -25.16
C LYS A 131 -14.49 35.02 -26.13
N SER A 132 -15.56 34.33 -25.75
CA SER A 132 -16.35 33.65 -26.78
C SER A 132 -17.29 34.61 -27.47
N ILE A 133 -18.16 35.30 -26.71
CA ILE A 133 -19.18 36.17 -27.29
C ILE A 133 -18.62 37.40 -27.99
N HIS A 134 -17.33 37.69 -27.85
CA HIS A 134 -16.66 38.63 -28.73
C HIS A 134 -15.20 38.25 -28.97
N LEU A 135 -14.87 37.93 -30.21
CA LEU A 135 -13.49 37.83 -30.68
C LEU A 135 -12.90 39.20 -31.01
N SER A 136 -13.53 40.31 -30.62
CA SER A 136 -13.15 41.61 -31.15
C SER A 136 -12.93 42.75 -30.17
N PHE A 137 -12.92 42.55 -28.86
CA PHE A 137 -12.86 43.74 -28.03
C PHE A 137 -11.44 43.96 -27.50
N LEU A 138 -11.12 45.24 -27.28
CA LEU A 138 -9.88 45.71 -26.69
C LEU A 138 -10.13 47.05 -26.02
N ARG A 139 -9.85 47.17 -24.75
CA ARG A 139 -10.21 48.45 -24.19
C ARG A 139 -9.05 49.40 -24.49
N THR A 140 -9.34 50.70 -24.40
CA THR A 140 -8.31 51.73 -24.44
C THR A 140 -8.42 52.64 -23.23
N VAL A 141 -9.15 52.17 -22.22
CA VAL A 141 -9.51 52.88 -21.01
C VAL A 141 -9.82 51.70 -20.10
N PRO A 142 -9.44 51.74 -18.82
CA PRO A 142 -9.81 50.65 -17.93
C PRO A 142 -11.28 50.62 -17.61
N PRO A 143 -11.83 49.44 -17.34
CA PRO A 143 -13.25 49.27 -17.12
C PRO A 143 -13.63 49.73 -15.71
N TYR A 144 -14.92 49.64 -15.47
CA TYR A 144 -15.53 49.86 -14.16
C TYR A 144 -14.95 48.98 -13.06
N SER A 145 -14.78 47.68 -13.29
CA SER A 145 -14.07 46.90 -12.27
C SER A 145 -12.56 47.17 -12.14
N HIS A 146 -11.88 47.78 -13.11
CA HIS A 146 -10.40 47.78 -13.04
C HIS A 146 -9.83 48.75 -12.03
N GLN A 147 -10.66 49.43 -11.25
CA GLN A 147 -10.18 50.18 -10.10
C GLN A 147 -9.69 49.31 -8.96
N SER A 148 -9.70 47.98 -9.10
CA SER A 148 -9.48 47.11 -7.96
C SER A 148 -8.01 47.02 -7.58
N SER A 149 -7.11 46.76 -8.54
CA SER A 149 -5.69 46.81 -8.17
C SER A 149 -5.24 48.21 -7.76
N VAL A 150 -5.91 49.24 -8.27
CA VAL A 150 -5.74 50.62 -7.81
C VAL A 150 -6.10 50.77 -6.35
N TRP A 151 -7.06 49.97 -5.90
CA TRP A 151 -7.37 49.80 -4.48
C TRP A 151 -6.31 48.96 -3.78
N PHE A 152 -5.86 47.90 -4.44
CA PHE A 152 -4.91 46.95 -3.84
C PHE A 152 -3.58 47.64 -3.53
N GLU A 153 -3.21 48.66 -4.29
CA GLU A 153 -2.00 49.38 -3.94
C GLU A 153 -2.25 50.32 -2.74
N MET A 154 -3.52 50.61 -2.45
CA MET A 154 -3.89 51.42 -1.28
C MET A 154 -3.67 50.61 0.00
N MET A 155 -3.67 49.28 -0.09
CA MET A 155 -3.55 48.46 1.11
C MET A 155 -2.18 48.64 1.74
N ARG A 156 -1.13 48.85 0.94
CA ARG A 156 0.19 49.13 1.48
C ARG A 156 0.36 50.50 2.16
N VAL A 157 0.20 51.60 1.44
CA VAL A 157 0.15 52.91 2.09
C VAL A 157 -1.20 53.05 2.78
N TYR A 158 -1.16 53.24 4.12
CA TYR A 158 -2.29 53.21 5.07
C TYR A 158 -2.78 51.77 5.10
N ASN A 159 -1.92 50.89 5.60
CA ASN A 159 -2.27 49.51 5.93
C ASN A 159 -3.34 49.43 7.00
N TRP A 160 -4.53 49.03 6.58
CA TRP A 160 -5.73 48.89 7.40
C TRP A 160 -6.29 47.53 7.06
N ASN A 161 -6.84 46.81 8.05
CA ASN A 161 -7.22 45.42 7.79
C ASN A 161 -8.66 45.10 8.19
N HIS A 162 -9.49 46.11 8.37
CA HIS A 162 -10.86 45.94 8.82
C HIS A 162 -11.69 46.59 7.72
N ILE A 163 -12.19 45.79 6.79
CA ILE A 163 -12.87 46.34 5.63
C ILE A 163 -14.22 45.68 5.45
N ILE A 164 -15.28 46.48 5.50
CA ILE A 164 -16.58 46.12 4.97
C ILE A 164 -16.67 46.63 3.54
N LEU A 165 -16.91 45.71 2.61
CA LEU A 165 -16.87 45.98 1.18
C LEU A 165 -18.28 45.75 0.65
N LEU A 166 -18.97 46.83 0.33
CA LEU A 166 -20.29 46.76 -0.28
C LEU A 166 -20.17 46.60 -1.78
N VAL A 167 -20.89 45.61 -2.30
CA VAL A 167 -20.78 45.13 -3.67
C VAL A 167 -22.19 44.82 -4.16
N SER A 168 -22.53 45.35 -5.33
CA SER A 168 -23.84 45.14 -5.90
C SER A 168 -23.95 43.72 -6.46
N ASP A 169 -25.19 43.28 -6.64
CA ASP A 169 -25.50 41.95 -7.12
C ASP A 169 -25.48 41.82 -8.64
N ASP A 170 -24.79 42.68 -9.37
CA ASP A 170 -24.80 42.51 -10.81
C ASP A 170 -23.71 41.53 -11.22
N HIS A 171 -23.67 41.22 -12.52
CA HIS A 171 -22.56 40.45 -13.08
C HIS A 171 -21.28 41.27 -13.02
N GLU A 172 -21.41 42.59 -13.17
CA GLU A 172 -20.30 43.51 -12.98
C GLU A 172 -19.75 43.39 -11.57
N GLY A 173 -20.64 43.31 -10.58
CA GLY A 173 -20.22 43.22 -9.20
C GLY A 173 -19.52 41.90 -8.92
N ARG A 174 -20.03 40.82 -9.50
CA ARG A 174 -19.40 39.52 -9.36
C ARG A 174 -18.06 39.46 -10.07
N ALA A 175 -17.93 40.15 -11.20
CA ALA A 175 -16.67 40.22 -11.93
C ALA A 175 -15.63 40.99 -11.12
N ALA A 176 -16.05 42.10 -10.52
CA ALA A 176 -15.16 42.90 -9.69
C ALA A 176 -14.78 42.11 -8.44
N GLN A 177 -15.73 41.33 -7.93
CA GLN A 177 -15.51 40.44 -6.80
C GLN A 177 -14.44 39.40 -7.13
N LYS A 178 -14.54 38.80 -8.31
CA LYS A 178 -13.58 37.78 -8.74
C LYS A 178 -12.19 38.40 -8.91
N ARG A 179 -12.14 39.63 -9.43
CA ARG A 179 -10.87 40.30 -9.62
C ARG A 179 -10.23 40.66 -8.28
N LEU A 180 -11.04 41.14 -7.33
CA LEU A 180 -10.52 41.53 -6.03
C LEU A 180 -10.18 40.30 -5.19
N GLU A 181 -10.78 39.15 -5.47
CA GLU A 181 -10.37 37.93 -4.80
C GLU A 181 -9.12 37.37 -5.43
N THR A 182 -8.91 37.65 -6.72
CA THR A 182 -7.65 37.27 -7.36
C THR A 182 -6.53 38.14 -6.80
N LEU A 183 -6.87 39.35 -6.38
CA LEU A 183 -5.92 40.24 -5.73
C LEU A 183 -5.68 39.85 -4.27
N LEU A 184 -6.73 39.42 -3.57
CA LEU A 184 -6.59 38.89 -2.22
C LEU A 184 -5.75 37.62 -2.17
N GLU A 185 -5.84 36.78 -3.20
CA GLU A 185 -5.02 35.56 -3.24
C GLU A 185 -3.64 35.89 -3.84
N GLU A 186 -2.89 36.68 -3.09
CA GLU A 186 -1.52 37.03 -3.42
C GLU A 186 -0.71 37.02 -2.13
N ARG A 187 0.55 37.48 -2.24
CA ARG A 187 1.50 37.58 -1.11
C ARG A 187 1.73 36.23 -0.44
N GLU A 188 1.77 35.17 -1.24
CA GLU A 188 1.91 33.82 -0.73
C GLU A 188 3.40 33.41 -0.69
N SER A 189 4.14 34.14 0.15
CA SER A 189 5.53 33.80 0.43
C SER A 189 5.86 34.34 1.83
N LYS A 190 6.09 33.44 2.79
CA LYS A 190 6.03 32.00 2.59
C LYS A 190 4.77 31.39 3.20
N ASP A 205 4.51 42.17 8.50
CA ASP A 205 4.98 40.79 8.54
C ASP A 205 4.06 39.91 9.37
N ASN A 206 3.14 40.53 10.10
CA ASN A 206 2.15 39.81 10.87
C ASN A 206 1.03 39.21 10.02
N LYS A 207 0.98 39.57 8.74
CA LYS A 207 -0.02 39.04 7.83
C LYS A 207 0.57 39.03 6.42
N ARG A 208 0.05 38.13 5.58
CA ARG A 208 0.38 38.18 4.16
C ARG A 208 -0.16 39.45 3.52
N GLY A 209 -1.40 39.81 3.85
CA GLY A 209 -1.87 41.15 3.72
C GLY A 209 -3.13 41.35 4.54
N PRO A 210 -3.70 42.53 4.49
CA PRO A 210 -5.03 42.73 5.06
C PRO A 210 -6.11 41.95 4.35
N LYS A 211 -6.63 40.93 5.03
CA LYS A 211 -7.84 40.28 4.61
C LYS A 211 -9.04 41.02 5.17
N ALA A 212 -10.04 41.25 4.32
CA ALA A 212 -11.14 42.15 4.66
C ALA A 212 -12.05 41.45 5.65
N GLU A 213 -12.83 42.26 6.38
CA GLU A 213 -13.87 41.72 7.27
C GLU A 213 -14.85 40.83 6.53
N LYS A 214 -15.67 41.40 5.65
CA LYS A 214 -16.69 40.65 4.93
C LYS A 214 -17.20 41.53 3.79
N VAL A 215 -18.02 40.93 2.93
CA VAL A 215 -18.66 41.61 1.82
C VAL A 215 -20.15 41.31 1.88
N LEU A 216 -20.96 42.21 1.31
CA LEU A 216 -22.39 41.97 1.17
C LEU A 216 -22.74 41.81 -0.31
N GLN A 217 -24.02 41.61 -0.57
CA GLN A 217 -24.50 41.27 -1.91
C GLN A 217 -25.44 42.33 -2.46
N PHE A 218 -26.33 42.80 -1.58
CA PHE A 218 -27.10 44.05 -1.70
C PHE A 218 -27.98 44.07 -2.95
N ASP A 219 -28.99 43.19 -2.98
CA ASP A 219 -30.02 43.24 -4.00
C ASP A 219 -30.86 44.52 -3.93
N PRO A 220 -31.51 44.91 -2.75
CA PRO A 220 -32.38 46.09 -2.75
C PRO A 220 -31.66 47.43 -2.85
N GLY A 221 -31.07 47.74 -4.02
CA GLY A 221 -30.39 49.02 -4.19
C GLY A 221 -31.28 50.20 -3.84
N THR A 222 -32.42 50.31 -4.51
CA THR A 222 -33.31 51.45 -4.34
C THR A 222 -34.31 51.25 -3.21
N LYS A 223 -34.21 50.16 -2.43
CA LYS A 223 -35.23 49.86 -1.43
C LYS A 223 -34.71 49.83 0.00
N ASN A 224 -33.62 49.14 0.27
CA ASN A 224 -33.18 48.89 1.65
C ASN A 224 -31.69 49.10 1.75
N VAL A 225 -31.30 50.07 2.56
CA VAL A 225 -29.93 50.19 3.04
C VAL A 225 -29.82 50.09 4.57
N THR A 226 -30.89 50.38 5.32
CA THR A 226 -30.80 50.47 6.77
C THR A 226 -30.52 49.15 7.48
N ALA A 227 -31.11 48.04 7.04
CA ALA A 227 -30.89 46.78 7.76
C ALA A 227 -29.47 46.28 7.59
N LEU A 228 -28.95 46.40 6.36
CA LEU A 228 -27.60 45.97 6.04
C LEU A 228 -26.57 46.83 6.75
N LEU A 229 -26.80 48.14 6.78
CA LEU A 229 -25.89 49.05 7.46
C LEU A 229 -25.99 48.94 8.98
N MET A 230 -27.17 48.62 9.51
CA MET A 230 -27.30 48.38 10.94
C MET A 230 -26.51 47.15 11.34
N GLU A 231 -26.51 46.12 10.47
CA GLU A 231 -25.67 44.97 10.79
C GLU A 231 -24.19 45.25 10.57
N ALA A 232 -23.87 46.08 9.57
CA ALA A 232 -22.46 46.40 9.31
C ALA A 232 -21.85 47.39 10.30
N ARG A 233 -22.64 48.13 11.06
CA ARG A 233 -22.07 49.04 12.05
C ARG A 233 -21.40 48.28 13.19
N GLU A 234 -21.92 47.10 13.51
CA GLU A 234 -21.47 46.31 14.64
C GLU A 234 -20.11 45.67 14.45
N LEU A 235 -19.69 45.46 13.21
CA LEU A 235 -18.49 44.64 12.97
C LEU A 235 -17.13 45.32 13.32
N GLU A 236 -17.02 46.49 13.97
CA GLU A 236 -15.76 47.19 14.31
C GLU A 236 -14.96 47.77 13.15
N ALA A 237 -15.25 47.38 11.91
CA ALA A 237 -14.52 47.94 10.78
C ALA A 237 -14.93 49.38 10.50
N ARG A 238 -13.97 50.16 10.03
CA ARG A 238 -14.13 51.58 9.74
C ARG A 238 -13.85 51.90 8.28
N VAL A 239 -13.52 50.90 7.47
CA VAL A 239 -13.19 51.10 6.06
C VAL A 239 -14.38 50.63 5.25
N ILE A 240 -14.86 51.50 4.36
CA ILE A 240 -16.03 51.20 3.55
C ILE A 240 -15.59 51.15 2.09
N ILE A 241 -15.92 50.05 1.42
CA ILE A 241 -15.76 49.97 -0.02
C ILE A 241 -17.16 49.88 -0.59
N LEU A 242 -17.51 50.85 -1.42
CA LEU A 242 -18.86 50.95 -1.96
C LEU A 242 -18.82 50.94 -3.49
N SER A 243 -19.39 49.91 -4.11
CA SER A 243 -19.39 49.84 -5.57
C SER A 243 -20.84 49.60 -5.98
N ALA A 244 -21.54 50.69 -6.30
CA ALA A 244 -22.94 50.64 -6.70
C ALA A 244 -23.19 51.76 -7.70
N SER A 245 -24.47 52.02 -7.96
CA SER A 245 -24.83 53.06 -8.91
C SER A 245 -24.77 54.41 -8.21
N GLU A 246 -24.82 55.48 -9.01
CA GLU A 246 -24.78 56.82 -8.44
C GLU A 246 -26.07 57.16 -7.70
N ASP A 247 -27.19 56.59 -8.11
CA ASP A 247 -28.42 56.76 -7.33
C ASP A 247 -28.36 55.94 -6.05
N ASP A 248 -27.67 54.81 -6.08
CA ASP A 248 -27.44 54.06 -4.85
C ASP A 248 -26.45 54.79 -3.95
N ALA A 249 -25.51 55.52 -4.55
CA ALA A 249 -24.64 56.40 -3.77
C ALA A 249 -25.42 57.53 -3.13
N ALA A 250 -26.39 58.09 -3.86
CA ALA A 250 -27.28 59.08 -3.27
C ALA A 250 -28.29 58.47 -2.31
N THR A 251 -28.39 57.15 -2.26
CA THR A 251 -29.25 56.50 -1.26
C THR A 251 -28.48 56.19 0.02
N VAL A 252 -27.25 55.66 -0.10
CA VAL A 252 -26.44 55.40 1.08
C VAL A 252 -25.95 56.68 1.76
N TYR A 253 -25.91 57.80 1.02
CA TYR A 253 -26.20 59.14 1.53
C TYR A 253 -27.38 59.28 2.50
N ARG A 254 -28.43 58.47 2.42
CA ARG A 254 -29.41 58.57 3.50
C ARG A 254 -28.98 57.75 4.71
N ALA A 255 -28.75 56.45 4.52
CA ALA A 255 -28.71 55.53 5.65
C ALA A 255 -27.42 55.64 6.45
N ALA A 256 -26.33 56.10 5.85
CA ALA A 256 -25.16 56.39 6.66
C ALA A 256 -25.32 57.68 7.45
N ALA A 257 -26.07 58.64 6.93
CA ALA A 257 -26.26 59.87 7.69
C ALA A 257 -27.21 59.65 8.86
N MET A 258 -28.20 58.76 8.69
CA MET A 258 -29.09 58.45 9.81
C MET A 258 -28.41 57.60 10.87
N LEU A 259 -27.44 56.76 10.49
CA LEU A 259 -26.73 55.97 11.48
C LEU A 259 -25.41 56.61 11.92
N ASP A 260 -25.08 57.79 11.40
CA ASP A 260 -23.80 58.48 11.64
C ASP A 260 -22.63 57.56 11.32
N MET A 261 -22.72 56.87 10.18
CA MET A 261 -21.60 56.08 9.70
C MET A 261 -20.84 56.79 8.59
N THR A 262 -20.93 58.12 8.53
CA THR A 262 -20.08 58.93 7.67
C THR A 262 -19.09 59.81 8.42
N GLY A 263 -19.16 59.85 9.75
CA GLY A 263 -18.20 60.62 10.51
C GLY A 263 -16.83 60.01 10.70
N SER A 264 -16.33 60.10 11.93
CA SER A 264 -14.91 59.87 12.20
C SER A 264 -14.54 58.40 12.08
N GLY A 265 -13.36 58.15 11.52
CA GLY A 265 -12.95 56.84 11.07
C GLY A 265 -13.53 56.29 9.78
N TYR A 266 -14.65 56.80 9.30
CA TYR A 266 -15.39 56.11 8.25
C TYR A 266 -14.85 56.56 6.90
N VAL A 267 -13.89 55.80 6.40
CA VAL A 267 -13.19 56.04 5.14
C VAL A 267 -13.96 55.38 4.01
N TRP A 268 -14.30 56.16 2.98
CA TRP A 268 -15.12 55.68 1.89
C TRP A 268 -14.21 55.44 0.69
N LEU A 269 -14.49 54.37 -0.03
CA LEU A 269 -13.77 53.98 -1.24
C LEU A 269 -14.72 53.70 -2.40
N VAL A 270 -15.05 54.76 -3.13
CA VAL A 270 -16.10 54.69 -4.13
C VAL A 270 -15.56 54.24 -5.50
N GLY A 271 -16.49 53.79 -6.35
CA GLY A 271 -16.20 53.39 -7.72
C GLY A 271 -16.17 54.58 -8.66
N GLU A 272 -16.32 54.29 -9.97
CA GLU A 272 -16.26 55.39 -10.94
C GLU A 272 -17.52 56.23 -10.89
N ARG A 273 -18.68 55.59 -10.75
CA ARG A 273 -19.95 56.33 -10.85
C ARG A 273 -20.38 56.83 -9.47
N GLU A 274 -19.44 57.44 -8.76
CA GLU A 274 -19.67 58.37 -7.67
C GLU A 274 -19.29 59.81 -7.96
N ILE A 275 -18.58 60.08 -9.07
CA ILE A 275 -18.22 61.46 -9.36
C ILE A 275 -19.38 62.11 -10.09
N SER A 276 -20.39 61.32 -10.45
CA SER A 276 -21.59 61.93 -10.99
C SER A 276 -22.48 62.28 -9.80
N GLY A 277 -22.35 61.49 -8.72
CA GLY A 277 -23.18 61.51 -7.52
C GLY A 277 -23.09 62.79 -6.72
N ASN A 278 -21.99 63.55 -6.86
CA ASN A 278 -21.82 64.89 -6.29
C ASN A 278 -22.90 65.87 -6.73
N ALA A 279 -23.58 65.58 -7.83
CA ALA A 279 -24.63 66.33 -8.50
C ALA A 279 -25.95 65.83 -7.96
N LEU A 280 -26.02 64.52 -7.75
CA LEU A 280 -27.09 63.68 -7.21
C LEU A 280 -27.29 63.93 -5.71
N ARG A 281 -26.35 64.67 -5.09
CA ARG A 281 -26.31 65.24 -3.72
C ARG A 281 -25.76 64.31 -2.66
N TYR A 282 -24.43 64.27 -2.56
CA TYR A 282 -23.71 63.35 -1.71
C TYR A 282 -22.97 64.22 -0.69
N ALA A 283 -23.06 63.81 0.57
CA ALA A 283 -22.46 64.16 1.85
C ALA A 283 -21.03 64.72 1.92
N PRO A 284 -20.82 65.70 2.82
CA PRO A 284 -19.50 66.31 3.05
C PRO A 284 -18.54 65.35 3.73
N ASP A 285 -17.29 65.83 3.82
CA ASP A 285 -16.08 65.25 3.27
C ASP A 285 -15.51 63.96 3.84
N GLY A 286 -14.32 63.67 3.35
CA GLY A 286 -13.45 62.56 3.67
C GLY A 286 -13.64 61.38 2.77
N ILE A 287 -14.46 61.51 1.73
CA ILE A 287 -14.60 60.47 0.72
C ILE A 287 -13.39 60.61 -0.19
N ILE A 288 -12.80 59.50 -0.62
CA ILE A 288 -11.68 59.52 -1.56
C ILE A 288 -12.12 59.00 -2.92
N GLY A 289 -11.95 59.80 -3.99
CA GLY A 289 -12.31 59.19 -5.25
C GLY A 289 -11.17 59.26 -6.25
N LEU A 290 -11.26 58.49 -7.32
CA LEU A 290 -10.28 58.47 -8.40
C LEU A 290 -10.84 59.00 -9.72
N GLN A 291 -9.94 59.35 -10.63
CA GLN A 291 -10.35 59.88 -11.93
C GLN A 291 -9.26 59.62 -12.93
N LEU A 292 -9.66 59.13 -14.08
CA LEU A 292 -8.75 58.70 -15.12
C LEU A 292 -8.26 59.89 -15.94
N ILE A 293 -7.07 59.75 -16.52
CA ILE A 293 -6.55 60.79 -17.40
C ILE A 293 -7.45 60.77 -18.64
N ASN A 294 -7.55 61.92 -19.34
CA ASN A 294 -8.56 62.30 -20.33
C ASN A 294 -9.20 61.20 -21.19
N GLY A 295 -10.53 61.18 -21.11
CA GLY A 295 -11.48 60.24 -21.66
C GLY A 295 -12.64 61.11 -22.08
N LYS A 296 -12.41 62.40 -21.88
CA LYS A 296 -13.24 63.51 -22.32
C LYS A 296 -12.53 64.35 -23.36
N ASN A 297 -11.20 64.33 -23.39
CA ASN A 297 -10.45 64.98 -24.46
C ASN A 297 -10.08 63.82 -25.38
N GLU A 298 -11.07 63.48 -26.21
CA GLU A 298 -11.10 62.32 -27.10
C GLU A 298 -10.20 62.46 -28.30
N SER A 299 -9.69 63.67 -28.58
CA SER A 299 -8.74 63.82 -29.68
C SER A 299 -7.45 63.07 -29.37
N ALA A 300 -7.02 63.11 -28.11
CA ALA A 300 -5.85 62.34 -27.68
C ALA A 300 -6.10 60.85 -27.79
N HIS A 301 -7.37 60.44 -27.62
CA HIS A 301 -7.73 59.04 -27.82
C HIS A 301 -7.67 58.66 -29.28
N ILE A 302 -8.20 59.51 -30.17
CA ILE A 302 -8.28 59.12 -31.57
C ILE A 302 -6.88 59.19 -32.16
N SER A 303 -6.04 60.04 -31.57
CA SER A 303 -4.66 60.20 -32.00
C SER A 303 -3.84 58.96 -31.62
N ASP A 304 -3.95 58.51 -30.36
CA ASP A 304 -3.29 57.28 -29.99
C ASP A 304 -3.90 56.06 -30.67
N ALA A 305 -5.16 56.16 -31.08
CA ALA A 305 -5.81 55.12 -31.86
C ALA A 305 -5.19 55.03 -33.24
N VAL A 306 -4.98 56.18 -33.87
CA VAL A 306 -4.40 56.22 -35.20
C VAL A 306 -2.92 55.87 -35.15
N GLY A 307 -2.24 56.13 -34.03
CA GLY A 307 -0.87 55.65 -33.91
C GLY A 307 -0.79 54.14 -33.78
N VAL A 308 -1.66 53.54 -32.97
CA VAL A 308 -1.57 52.09 -32.79
C VAL A 308 -2.18 51.32 -33.95
N VAL A 309 -3.01 51.97 -34.77
CA VAL A 309 -3.43 51.28 -35.99
C VAL A 309 -2.44 51.52 -37.11
N ALA A 310 -1.69 52.63 -37.10
CA ALA A 310 -0.71 52.79 -38.16
C ALA A 310 0.44 51.83 -37.92
N GLN A 311 0.76 51.59 -36.64
CA GLN A 311 1.76 50.59 -36.31
C GLN A 311 1.27 49.18 -36.66
N ALA A 312 -0.02 48.88 -36.42
CA ALA A 312 -0.51 47.55 -36.82
C ALA A 312 -0.62 47.35 -38.33
N VAL A 313 -1.02 48.38 -39.08
CA VAL A 313 -1.04 48.24 -40.55
C VAL A 313 0.37 48.08 -41.11
N HIS A 314 1.34 48.86 -40.62
CA HIS A 314 2.70 48.72 -41.08
C HIS A 314 3.29 47.37 -40.67
N GLU A 315 2.91 46.87 -39.48
CA GLU A 315 3.39 45.57 -39.05
C GLU A 315 2.79 44.43 -39.89
N LEU A 316 1.54 44.56 -40.32
CA LEU A 316 0.95 43.48 -41.09
C LEU A 316 1.35 43.54 -42.55
N LEU A 317 1.62 44.75 -43.06
CA LEU A 317 1.97 44.95 -44.45
C LEU A 317 3.34 44.37 -44.82
N GLU A 318 4.20 44.14 -43.85
CA GLU A 318 5.52 43.58 -44.14
C GLU A 318 5.55 42.07 -44.23
N LYS A 319 4.41 41.39 -44.23
CA LYS A 319 4.40 39.94 -44.25
C LYS A 319 3.96 39.48 -45.64
N GLU A 320 3.89 38.16 -45.82
CA GLU A 320 3.60 37.63 -47.15
C GLU A 320 2.24 36.96 -47.32
N ASN A 321 1.86 36.03 -46.44
CA ASN A 321 0.57 35.36 -46.59
C ASN A 321 -0.62 36.13 -46.00
N ILE A 322 -0.73 37.41 -46.34
CA ILE A 322 -1.86 38.23 -45.85
C ILE A 322 -3.01 37.98 -46.83
N THR A 323 -3.73 36.88 -46.60
CA THR A 323 -4.89 36.62 -47.44
C THR A 323 -6.03 37.56 -47.05
N ASP A 324 -6.93 37.76 -48.00
CA ASP A 324 -7.90 38.78 -47.72
C ASP A 324 -9.28 38.16 -47.54
N PRO A 325 -10.12 38.73 -46.69
CA PRO A 325 -11.50 38.25 -46.59
C PRO A 325 -12.29 38.50 -47.86
N PRO A 326 -13.42 37.82 -48.04
CA PRO A 326 -14.25 38.04 -49.22
C PRO A 326 -14.93 39.39 -49.10
N ARG A 327 -15.54 39.86 -50.19
CA ARG A 327 -16.14 41.17 -50.09
C ARG A 327 -17.61 41.02 -49.71
N GLY A 328 -18.26 42.15 -49.43
CA GLY A 328 -19.70 42.20 -49.27
C GLY A 328 -20.06 41.55 -47.93
N CYS A 329 -21.35 41.43 -47.66
CA CYS A 329 -21.76 40.33 -46.80
C CYS A 329 -22.82 39.45 -47.45
N VAL A 330 -22.69 39.14 -48.74
CA VAL A 330 -23.79 38.62 -49.54
C VAL A 330 -23.76 37.09 -49.43
N GLY A 331 -24.32 36.55 -48.36
CA GLY A 331 -24.24 35.13 -48.10
C GLY A 331 -22.89 34.62 -47.68
N ASN A 332 -21.93 35.49 -47.45
CA ASN A 332 -20.55 35.06 -47.29
C ASN A 332 -20.25 34.75 -45.82
N THR A 333 -19.13 34.06 -45.63
CA THR A 333 -18.58 33.79 -44.31
C THR A 333 -17.12 34.23 -44.34
N ASN A 334 -16.78 35.21 -43.51
CA ASN A 334 -15.42 35.74 -43.48
C ASN A 334 -14.60 34.89 -42.51
N ILE A 335 -14.27 33.69 -42.96
CA ILE A 335 -13.53 32.72 -42.16
C ILE A 335 -12.12 32.72 -42.73
N TRP A 336 -11.26 33.42 -42.00
CA TRP A 336 -10.08 34.07 -42.55
C TRP A 336 -8.93 33.92 -41.58
N LYS A 337 -7.89 33.21 -42.00
CA LYS A 337 -6.82 32.68 -41.16
C LYS A 337 -5.92 33.76 -40.59
N THR A 338 -5.99 35.00 -41.07
CA THR A 338 -5.14 36.05 -40.56
C THR A 338 -5.80 36.80 -39.39
N GLY A 339 -6.98 36.35 -38.97
CA GLY A 339 -7.67 36.90 -37.81
C GLY A 339 -6.89 36.74 -36.51
N PRO A 340 -6.50 35.50 -36.18
CA PRO A 340 -5.54 35.28 -35.08
C PRO A 340 -4.21 35.97 -35.27
N LEU A 341 -3.76 36.12 -36.52
CA LEU A 341 -2.56 36.87 -36.83
C LEU A 341 -2.70 38.35 -36.49
N PHE A 342 -3.90 38.92 -36.63
CA PHE A 342 -4.10 40.31 -36.21
C PHE A 342 -3.92 40.45 -34.70
N LYS A 343 -4.44 39.48 -33.94
CA LYS A 343 -4.23 39.46 -32.49
C LYS A 343 -2.77 39.26 -32.15
N ARG A 344 -2.07 38.47 -32.96
CA ARG A 344 -0.65 38.22 -32.77
C ARG A 344 0.18 39.47 -33.06
N VAL A 345 -0.16 40.20 -34.13
CA VAL A 345 0.62 41.36 -34.50
C VAL A 345 0.34 42.50 -33.53
N LEU A 346 -0.85 42.53 -32.93
CA LEU A 346 -1.10 43.57 -31.95
C LEU A 346 -0.47 43.23 -30.60
N MET A 347 -0.46 41.94 -30.26
CA MET A 347 0.03 41.48 -28.97
C MET A 347 1.54 41.43 -28.86
N SER A 348 2.28 41.55 -29.97
CA SER A 348 3.73 41.47 -29.92
C SER A 348 4.48 42.76 -30.20
N SER A 349 3.84 43.92 -30.10
CA SER A 349 4.54 45.15 -30.43
C SER A 349 4.24 46.13 -29.30
N LYS A 350 5.15 47.05 -29.03
CA LYS A 350 4.74 48.09 -28.11
C LYS A 350 4.09 49.24 -28.87
N TYR A 351 3.79 50.33 -28.16
CA TYR A 351 2.96 51.44 -28.62
C TYR A 351 3.30 52.67 -27.78
N ALA A 352 4.55 53.12 -27.81
CA ALA A 352 4.87 54.42 -27.21
C ALA A 352 4.42 55.63 -28.01
N ASP A 353 3.81 55.43 -29.17
CA ASP A 353 3.48 56.53 -30.06
C ASP A 353 2.27 57.28 -29.52
N GLY A 354 2.25 58.59 -29.73
CA GLY A 354 1.12 59.39 -29.30
C GLY A 354 1.41 60.80 -28.81
N VAL A 355 0.48 61.33 -28.02
CA VAL A 355 0.58 62.71 -27.54
C VAL A 355 0.79 62.79 -26.02
N THR A 356 -0.03 62.10 -25.22
CA THR A 356 0.04 62.29 -23.79
C THR A 356 0.50 61.09 -22.98
N GLY A 357 0.89 59.98 -23.60
CA GLY A 357 1.34 58.89 -22.76
C GLY A 357 1.45 57.49 -23.32
N ARG A 358 2.25 56.70 -22.61
CA ARG A 358 2.61 55.35 -23.05
C ARG A 358 1.37 54.45 -22.94
N VAL A 359 0.97 53.83 -24.05
CA VAL A 359 -0.22 52.99 -24.01
C VAL A 359 0.18 51.57 -24.41
N GLU A 360 -0.11 50.61 -23.54
CA GLU A 360 0.21 49.21 -23.72
C GLU A 360 -1.09 48.41 -23.71
N PHE A 361 -1.01 47.12 -24.03
CA PHE A 361 -2.21 46.27 -24.13
C PHE A 361 -1.92 44.94 -23.44
N ASN A 362 -2.94 44.43 -22.75
CA ASN A 362 -2.83 43.18 -22.01
C ASN A 362 -3.35 41.99 -22.82
N GLU A 363 -3.43 40.83 -22.15
CA GLU A 363 -3.96 39.62 -22.75
C GLU A 363 -5.47 39.68 -22.96
N ASP A 364 -6.17 40.43 -22.10
CA ASP A 364 -7.61 40.64 -22.27
C ASP A 364 -7.90 41.79 -23.22
N GLY A 365 -7.05 42.81 -23.20
CA GLY A 365 -7.22 43.99 -24.01
C GLY A 365 -7.35 45.28 -23.25
N ASP A 366 -6.91 45.24 -22.00
CA ASP A 366 -6.84 46.39 -21.13
C ASP A 366 -5.56 47.17 -21.45
N ARG A 367 -5.37 48.29 -20.77
CA ARG A 367 -4.34 49.27 -21.07
C ARG A 367 -3.04 48.95 -20.34
N LYS A 368 -3.12 48.12 -19.29
CA LYS A 368 -2.15 47.79 -18.24
C LYS A 368 -1.58 48.90 -17.38
N PHE A 369 -1.86 50.15 -17.68
CA PHE A 369 -1.21 51.24 -16.95
C PHE A 369 -2.29 51.96 -16.18
N ALA A 370 -1.97 52.51 -15.03
CA ALA A 370 -3.03 53.20 -14.31
C ALA A 370 -2.61 54.63 -14.03
N GLN A 371 -3.03 55.51 -14.92
CA GLN A 371 -2.75 56.94 -14.82
C GLN A 371 -3.99 57.61 -14.26
N TYR A 372 -3.85 58.23 -13.10
CA TYR A 372 -4.99 58.80 -12.38
C TYR A 372 -4.61 60.18 -11.93
N SER A 373 -5.55 61.13 -12.01
CA SER A 373 -5.69 62.13 -10.96
C SER A 373 -6.70 61.73 -9.89
N ILE A 374 -6.21 61.65 -8.66
CA ILE A 374 -7.00 61.19 -7.52
C ILE A 374 -7.59 62.42 -6.83
N MET A 375 -8.92 62.50 -6.74
CA MET A 375 -9.50 63.60 -5.99
C MET A 375 -9.99 63.15 -4.62
N ASN A 376 -10.74 64.06 -3.99
CA ASN A 376 -11.52 63.97 -2.77
C ASN A 376 -12.27 65.28 -2.66
N LEU A 377 -13.47 65.27 -2.11
CA LEU A 377 -14.22 66.52 -2.05
C LEU A 377 -13.88 67.10 -0.70
N GLN A 378 -13.06 68.15 -0.71
CA GLN A 378 -12.81 69.02 0.45
C GLN A 378 -13.77 70.19 0.57
N ASN A 379 -14.81 70.03 1.41
CA ASN A 379 -15.99 70.89 1.42
C ASN A 379 -16.56 71.22 0.04
N ARG A 380 -17.20 70.23 -0.58
CA ARG A 380 -18.08 70.29 -1.75
C ARG A 380 -17.26 70.39 -3.03
N LYS A 381 -15.94 70.54 -2.98
CA LYS A 381 -15.18 70.77 -4.20
C LYS A 381 -14.19 69.64 -4.28
N LEU A 382 -13.95 69.17 -5.50
CA LEU A 382 -12.94 68.15 -5.74
C LEU A 382 -11.53 68.73 -5.75
N VAL A 383 -10.86 68.74 -4.60
CA VAL A 383 -9.49 69.21 -4.64
C VAL A 383 -8.69 68.04 -5.18
N GLN A 384 -7.75 68.30 -6.07
CA GLN A 384 -6.82 67.25 -6.49
C GLN A 384 -5.65 67.03 -5.53
N VAL A 385 -5.39 65.76 -5.23
CA VAL A 385 -4.39 65.31 -4.26
C VAL A 385 -3.44 64.61 -5.21
N GLY A 386 -2.54 63.76 -4.72
CA GLY A 386 -1.51 63.17 -5.58
C GLY A 386 -2.06 62.34 -6.74
N ILE A 387 -1.14 61.94 -7.61
CA ILE A 387 -1.52 61.25 -8.85
C ILE A 387 -0.90 59.87 -8.92
N TYR A 388 -1.30 59.09 -9.91
CA TYR A 388 -0.95 57.68 -9.97
C TYR A 388 -0.25 57.41 -11.29
N ASN A 389 0.58 56.36 -11.29
CA ASN A 389 1.37 56.01 -12.46
C ASN A 389 1.82 54.55 -12.45
N GLY A 390 0.91 53.63 -12.13
CA GLY A 390 1.25 52.23 -12.31
C GLY A 390 1.78 51.58 -11.04
N THR A 391 3.10 51.54 -10.89
CA THR A 391 3.72 50.97 -9.70
C THR A 391 4.59 51.95 -8.94
N HIS A 392 4.67 53.20 -9.37
CA HIS A 392 5.53 54.19 -8.72
C HIS A 392 4.85 54.71 -7.45
N VAL A 393 5.40 55.79 -6.91
CA VAL A 393 4.78 56.43 -5.75
C VAL A 393 3.61 57.28 -6.23
N ILE A 394 2.75 57.65 -5.29
CA ILE A 394 1.55 58.43 -5.56
C ILE A 394 1.68 59.94 -5.35
N PRO A 395 2.64 60.67 -6.03
CA PRO A 395 3.33 61.83 -5.39
C PRO A 395 2.38 62.92 -4.94
N ASN A 396 2.23 63.18 -3.64
CA ASN A 396 1.14 64.09 -3.31
C ASN A 396 1.56 65.55 -3.47
N ASP A 397 0.56 66.43 -3.42
CA ASP A 397 0.82 67.86 -3.29
C ASP A 397 -0.18 68.54 -2.37
N ARG A 398 -1.05 67.80 -1.70
CA ARG A 398 -1.97 68.43 -0.77
C ARG A 398 -2.03 67.74 0.58
N LYS A 399 -3.01 68.15 1.38
CA LYS A 399 -3.19 67.66 2.73
C LYS A 399 -4.48 66.86 2.80
N ILE A 400 -4.43 65.71 3.45
CA ILE A 400 -5.62 64.88 3.58
C ILE A 400 -6.38 65.44 4.76
N ILE A 401 -7.68 65.70 4.59
CA ILE A 401 -8.44 66.21 5.71
C ILE A 401 -8.50 65.12 6.77
N TRP A 402 -9.39 64.13 6.57
CA TRP A 402 -9.73 62.87 7.24
C TRP A 402 -11.25 62.91 7.33
N PRO A 403 -11.99 61.76 7.42
CA PRO A 403 -13.45 61.86 7.32
C PRO A 403 -14.06 62.50 8.55
N GLY A 404 -15.00 63.41 8.27
CA GLY A 404 -15.80 64.12 9.24
C GLY A 404 -14.96 64.98 10.17
N GLY A 405 -14.81 64.62 11.44
CA GLY A 405 -14.34 65.58 12.42
C GLY A 405 -12.88 65.99 12.29
N GLU A 406 -11.98 65.05 12.14
CA GLU A 406 -10.62 65.17 12.65
C GLU A 406 -9.59 65.23 11.53
N THR A 407 -8.36 65.60 11.93
CA THR A 407 -7.23 65.82 11.04
C THR A 407 -6.13 65.02 11.75
N GLU A 408 -6.16 63.72 11.51
CA GLU A 408 -5.34 62.67 12.09
C GLU A 408 -5.69 61.42 11.31
N LYS A 409 -4.75 60.50 11.18
CA LYS A 409 -5.11 59.21 10.60
C LYS A 409 -5.89 58.39 11.62
N PRO A 410 -7.15 58.05 11.32
CA PRO A 410 -8.02 57.25 12.20
C PRO A 410 -7.78 55.76 12.02
N ARG A 411 -6.58 55.29 12.36
CA ARG A 411 -6.25 53.94 11.96
C ARG A 411 -6.82 52.95 12.96
N GLY A 412 -6.44 51.68 12.81
CA GLY A 412 -6.79 50.65 13.75
C GLY A 412 -8.29 50.39 13.69
N TYR A 413 -8.83 49.91 14.79
CA TYR A 413 -10.23 49.53 14.88
C TYR A 413 -10.56 49.47 16.36
N GLN A 414 -11.79 49.82 16.70
CA GLN A 414 -12.21 49.71 18.09
C GLN A 414 -12.36 48.23 18.41
N MET A 415 -11.29 47.67 18.98
CA MET A 415 -11.25 46.27 19.41
C MET A 415 -12.21 46.08 20.59
N SER A 416 -13.30 45.36 20.34
CA SER A 416 -14.36 45.27 21.31
C SER A 416 -13.95 44.39 22.49
N THR A 417 -14.57 44.64 23.63
CA THR A 417 -14.31 43.89 24.84
C THR A 417 -15.56 43.18 25.32
N ARG A 418 -16.68 43.34 24.61
CA ARG A 418 -17.91 42.62 24.87
C ARG A 418 -18.06 41.58 23.77
N LEU A 419 -17.98 40.32 24.15
CA LEU A 419 -17.93 39.19 23.23
C LEU A 419 -19.22 38.39 23.28
N LYS A 420 -19.50 37.68 22.19
CA LYS A 420 -20.67 36.82 22.09
C LYS A 420 -20.19 35.39 22.10
N ILE A 421 -20.71 34.61 23.03
CA ILE A 421 -20.30 33.23 23.23
C ILE A 421 -21.45 32.30 22.86
N VAL A 422 -21.15 31.22 22.16
CA VAL A 422 -22.15 30.24 21.78
C VAL A 422 -21.77 28.95 22.50
N THR A 423 -22.79 28.29 23.07
CA THR A 423 -22.59 27.13 23.91
C THR A 423 -23.62 26.10 23.48
N ILE A 424 -23.62 24.95 24.16
CA ILE A 424 -24.59 23.88 23.92
C ILE A 424 -24.84 23.21 25.27
N HIS A 425 -25.95 22.51 25.37
CA HIS A 425 -26.29 21.81 26.60
C HIS A 425 -25.51 20.52 26.70
N GLN A 426 -24.60 20.44 27.67
CA GLN A 426 -23.74 19.27 27.82
C GLN A 426 -23.34 19.21 29.29
N GLU A 427 -23.98 18.33 30.03
CA GLU A 427 -23.66 18.09 31.42
C GLU A 427 -22.51 17.08 31.52
N PRO A 428 -21.69 17.15 32.58
CA PRO A 428 -21.66 18.06 33.72
C PRO A 428 -20.87 19.32 33.42
N PHE A 429 -20.65 19.54 32.13
CA PHE A 429 -19.83 20.65 31.67
C PHE A 429 -20.64 21.93 31.66
N VAL A 430 -21.80 21.91 31.01
CA VAL A 430 -22.67 23.07 30.91
C VAL A 430 -24.08 22.59 31.26
N TYR A 431 -24.66 23.16 32.29
CA TYR A 431 -26.03 22.84 32.61
C TYR A 431 -26.97 23.84 31.94
N VAL A 432 -28.26 23.53 31.95
CA VAL A 432 -29.27 24.46 31.45
C VAL A 432 -30.42 24.43 32.43
N LYS A 433 -30.77 25.58 32.99
CA LYS A 433 -31.87 25.69 33.93
C LYS A 433 -32.74 26.89 33.62
N PRO A 434 -34.05 26.73 33.68
CA PRO A 434 -34.93 27.90 33.58
C PRO A 434 -34.81 28.72 34.85
N THR A 435 -35.01 30.02 34.74
CA THR A 435 -34.70 30.91 35.85
C THR A 435 -35.86 30.91 36.84
N MET A 436 -35.78 31.78 37.84
CA MET A 436 -36.90 31.97 38.75
C MET A 436 -37.92 32.89 38.11
N SER A 437 -38.92 33.27 38.88
CA SER A 437 -40.01 34.11 38.39
C SER A 437 -39.63 35.58 38.32
N ASP A 438 -38.51 35.98 38.91
CA ASP A 438 -38.08 37.37 38.93
C ASP A 438 -36.84 37.62 38.07
N GLY A 439 -36.61 36.82 37.03
CA GLY A 439 -35.47 37.15 36.18
C GLY A 439 -34.15 36.56 36.66
N THR A 440 -33.81 36.86 37.91
CA THR A 440 -32.60 36.35 38.54
C THR A 440 -32.82 34.89 38.91
N CYS A 441 -31.90 34.03 38.49
CA CYS A 441 -32.03 32.60 38.66
C CYS A 441 -31.62 32.21 40.07
N LYS A 442 -31.69 30.91 40.37
CA LYS A 442 -31.63 30.49 41.77
C LYS A 442 -30.19 30.55 42.27
N GLU A 443 -29.96 31.29 43.35
CA GLU A 443 -28.69 31.22 44.03
C GLU A 443 -28.57 29.89 44.76
N GLU A 444 -27.46 29.18 44.58
CA GLU A 444 -27.32 27.91 45.25
C GLU A 444 -25.98 27.81 45.99
N PHE A 445 -25.68 26.63 46.51
CA PHE A 445 -24.46 26.38 47.24
C PHE A 445 -23.94 24.99 46.91
N THR A 446 -22.64 24.80 47.11
CA THR A 446 -22.02 23.51 46.85
C THR A 446 -22.21 22.60 48.06
N VAL A 447 -21.48 21.48 48.07
CA VAL A 447 -21.43 20.62 49.25
C VAL A 447 -20.69 21.35 50.38
N ASN A 448 -19.72 22.19 50.04
CA ASN A 448 -18.97 22.99 50.99
C ASN A 448 -19.65 24.31 51.32
N GLY A 449 -20.84 24.55 50.78
CA GLY A 449 -21.50 25.82 51.00
C GLY A 449 -20.93 26.96 50.19
N ASP A 450 -20.24 26.66 49.11
CA ASP A 450 -19.67 27.75 48.34
C ASP A 450 -20.69 28.21 47.30
N PRO A 451 -20.75 29.49 46.99
CA PRO A 451 -21.78 29.99 46.05
C PRO A 451 -21.51 29.52 44.62
N VAL A 452 -22.49 28.80 44.07
CA VAL A 452 -22.40 28.31 42.70
C VAL A 452 -22.61 29.50 41.76
N LYS A 453 -21.53 29.96 41.15
CA LYS A 453 -21.61 31.14 40.29
C LYS A 453 -22.30 30.77 38.98
N LYS A 454 -23.41 31.43 38.71
CA LYS A 454 -24.19 31.20 37.50
C LYS A 454 -24.23 32.48 36.69
N VAL A 455 -24.59 32.32 35.41
CA VAL A 455 -24.81 33.43 34.49
C VAL A 455 -26.12 33.18 33.78
N ILE A 456 -26.77 34.26 33.37
CA ILE A 456 -28.08 34.17 32.74
C ILE A 456 -27.88 33.91 31.25
N CYS A 457 -28.04 32.67 30.80
CA CYS A 457 -27.89 32.38 29.38
C CYS A 457 -29.15 32.80 28.65
N THR A 458 -28.98 33.49 27.54
CA THR A 458 -30.06 33.71 26.58
C THR A 458 -30.37 32.41 25.89
N GLY A 459 -31.45 31.76 26.32
CA GLY A 459 -31.84 30.47 25.82
C GLY A 459 -32.32 30.50 24.39
N PRO A 460 -32.55 29.33 23.81
CA PRO A 460 -33.00 29.26 22.43
C PRO A 460 -34.45 29.71 22.31
N ASN A 461 -34.83 30.08 21.08
CA ASN A 461 -36.25 30.24 20.80
C ASN A 461 -36.99 28.92 20.86
N ASP A 462 -36.34 27.83 20.47
CA ASP A 462 -36.99 26.52 20.42
C ASP A 462 -36.90 25.87 21.81
N THR A 463 -37.63 26.47 22.76
CA THR A 463 -37.61 25.98 24.13
C THR A 463 -38.30 24.63 24.28
N SER A 464 -39.26 24.32 23.43
CA SER A 464 -39.81 22.97 23.31
C SER A 464 -39.56 22.47 21.90
N PRO A 465 -38.63 21.51 21.72
CA PRO A 465 -37.97 21.35 20.41
C PRO A 465 -38.83 20.73 19.31
N GLY A 466 -40.00 21.33 19.06
CA GLY A 466 -40.77 21.05 17.86
C GLY A 466 -41.00 22.32 17.07
N SER A 467 -42.22 22.83 17.09
CA SER A 467 -42.59 24.05 16.39
C SER A 467 -42.13 25.36 17.06
N PRO A 468 -42.54 25.70 18.30
CA PRO A 468 -42.61 27.11 18.66
C PRO A 468 -41.26 27.75 18.94
N ARG A 469 -41.21 29.06 18.73
CA ARG A 469 -39.97 29.83 18.81
C ARG A 469 -40.21 30.96 19.80
N HIS A 470 -39.80 30.75 21.04
CA HIS A 470 -39.95 31.76 22.09
C HIS A 470 -38.65 31.75 22.90
N THR A 471 -37.81 32.77 22.69
CA THR A 471 -36.55 32.83 23.42
C THR A 471 -36.78 33.39 24.81
N VAL A 472 -36.10 32.80 25.78
CA VAL A 472 -36.25 33.20 27.19
C VAL A 472 -34.89 33.29 27.83
N PRO A 473 -34.77 34.10 28.87
CA PRO A 473 -33.56 34.05 29.71
C PRO A 473 -33.62 32.79 30.55
N GLN A 474 -32.63 31.93 30.36
CA GLN A 474 -32.44 30.75 31.17
C GLN A 474 -31.21 30.95 32.05
N CYS A 475 -30.86 29.93 32.83
CA CYS A 475 -29.67 30.06 33.63
C CYS A 475 -28.81 28.80 33.54
N CYS A 476 -27.51 29.03 33.49
CA CYS A 476 -26.51 27.99 33.28
C CYS A 476 -25.46 28.01 34.39
N TYR A 477 -24.79 26.88 34.56
CA TYR A 477 -23.72 26.71 35.53
C TYR A 477 -22.96 25.44 35.16
N GLY A 478 -21.74 25.34 35.68
CA GLY A 478 -20.98 24.12 35.51
C GLY A 478 -19.48 24.28 35.31
N PHE A 479 -18.90 23.33 34.58
CA PHE A 479 -17.45 23.27 34.41
C PHE A 479 -16.93 24.40 33.55
N CYS A 480 -17.43 24.48 32.30
CA CYS A 480 -16.97 25.49 31.35
C CYS A 480 -17.34 26.89 31.79
N ILE A 481 -18.44 27.02 32.52
CA ILE A 481 -18.86 28.31 33.05
C ILE A 481 -17.88 28.79 34.10
N ASP A 482 -17.43 27.89 34.99
CA ASP A 482 -16.45 28.27 36.00
C ASP A 482 -15.09 28.61 35.38
N LEU A 483 -14.67 27.85 34.37
CA LEU A 483 -13.40 28.18 33.72
C LEU A 483 -13.50 29.48 32.94
N LEU A 484 -14.66 29.73 32.32
CA LEU A 484 -14.90 31.00 31.64
C LEU A 484 -14.91 32.16 32.62
N ILE A 485 -15.43 31.92 33.83
CA ILE A 485 -15.41 32.93 34.89
C ILE A 485 -13.97 33.29 35.22
N LYS A 486 -13.12 32.26 35.35
CA LYS A 486 -11.72 32.52 35.66
C LYS A 486 -11.00 33.20 34.51
N LEU A 487 -11.28 32.79 33.27
CA LEU A 487 -10.62 33.43 32.12
C LEU A 487 -11.11 34.86 31.90
N ALA A 488 -12.37 35.15 32.18
CA ALA A 488 -12.88 36.50 32.01
C ALA A 488 -12.36 37.40 33.10
N ARG A 489 -12.21 36.85 34.30
CA ARG A 489 -11.61 37.60 35.41
C ARG A 489 -10.12 37.80 35.17
N THR A 490 -9.49 36.89 34.43
CA THR A 490 -8.06 37.04 34.15
C THR A 490 -7.83 38.05 33.03
N MET A 491 -8.70 38.07 32.02
CA MET A 491 -8.39 38.82 30.82
C MET A 491 -9.34 39.98 30.56
N GLN A 492 -10.12 40.38 31.57
CA GLN A 492 -11.01 41.55 31.53
C GLN A 492 -12.00 41.44 30.37
N PHE A 493 -12.86 40.45 30.46
CA PHE A 493 -13.83 40.16 29.40
C PHE A 493 -15.24 40.52 29.81
N THR A 494 -15.88 41.37 29.02
CA THR A 494 -17.32 41.46 28.97
C THR A 494 -17.83 40.46 27.94
N TYR A 495 -18.87 39.74 28.28
CA TYR A 495 -19.26 38.58 27.50
C TYR A 495 -20.76 38.39 27.60
N GLU A 496 -21.36 37.90 26.53
CA GLU A 496 -22.71 37.39 26.58
C GLU A 496 -22.72 35.97 26.06
N VAL A 497 -23.69 35.19 26.52
CA VAL A 497 -23.78 33.79 26.16
C VAL A 497 -25.19 33.52 25.67
N HIS A 498 -25.32 33.12 24.42
CA HIS A 498 -26.59 32.71 23.85
C HIS A 498 -26.39 31.31 23.29
N LEU A 499 -27.43 30.48 23.42
CA LEU A 499 -27.31 29.08 23.04
C LEU A 499 -27.37 28.91 21.53
N VAL A 500 -27.22 27.65 21.11
CA VAL A 500 -27.08 27.32 19.70
C VAL A 500 -28.47 27.16 19.08
N ALA A 501 -28.50 27.17 17.74
CA ALA A 501 -29.77 27.09 17.02
C ALA A 501 -30.40 25.71 17.14
N ASP A 502 -29.69 24.68 16.68
CA ASP A 502 -30.24 23.34 16.59
C ASP A 502 -29.64 22.35 17.58
N GLY A 503 -28.32 22.30 17.71
CA GLY A 503 -27.73 21.33 18.61
C GLY A 503 -27.09 20.16 17.89
N LYS A 504 -26.38 20.42 16.79
CA LYS A 504 -25.81 19.34 15.98
C LYS A 504 -24.30 19.42 15.84
N PHE A 505 -23.65 20.18 16.72
CA PHE A 505 -22.21 20.17 16.98
C PHE A 505 -21.35 20.66 15.83
N GLY A 506 -21.92 20.98 14.67
CA GLY A 506 -21.14 21.49 13.58
C GLY A 506 -20.56 20.40 12.71
N THR A 507 -20.90 20.39 11.43
CA THR A 507 -20.30 19.46 10.48
C THR A 507 -20.39 20.09 9.10
N GLN A 508 -19.80 19.40 8.13
CA GLN A 508 -19.75 19.89 6.75
C GLN A 508 -20.52 18.95 5.85
N GLU A 509 -21.28 19.53 4.92
CA GLU A 509 -21.98 18.73 3.92
C GLU A 509 -22.26 19.60 2.71
N ARG A 510 -22.49 18.95 1.59
CA ARG A 510 -22.79 19.63 0.32
C ARG A 510 -24.30 19.83 0.26
N VAL A 511 -24.73 21.09 0.33
CA VAL A 511 -26.13 21.41 0.53
C VAL A 511 -26.62 22.11 -0.73
N GLN A 512 -27.95 22.10 -0.92
CA GLN A 512 -28.68 22.82 -1.96
C GLN A 512 -28.38 22.27 -3.34
N ASN A 513 -28.08 20.96 -3.42
CA ASN A 513 -27.75 20.15 -4.60
C ASN A 513 -26.86 20.89 -5.60
N SER A 514 -25.86 21.60 -5.07
CA SER A 514 -25.00 22.46 -5.86
C SER A 514 -23.57 22.28 -5.38
N ASN A 515 -22.71 23.25 -5.72
CA ASN A 515 -21.30 23.26 -5.36
C ASN A 515 -21.04 24.04 -4.09
N LYS A 516 -21.98 24.05 -3.15
CA LYS A 516 -21.85 24.81 -1.92
C LYS A 516 -21.76 23.85 -0.74
N LYS A 517 -20.77 24.09 0.11
CA LYS A 517 -20.59 23.34 1.34
C LYS A 517 -20.72 24.32 2.49
N GLU A 518 -21.83 24.26 3.21
CA GLU A 518 -21.96 25.07 4.40
C GLU A 518 -21.74 24.21 5.64
N TRP A 519 -21.54 24.88 6.77
CA TRP A 519 -21.24 24.21 8.01
C TRP A 519 -22.50 24.27 8.86
N ASN A 520 -23.06 23.11 9.18
CA ASN A 520 -24.28 23.07 9.95
C ASN A 520 -24.00 23.50 11.40
N GLY A 521 -25.07 23.85 12.10
CA GLY A 521 -25.01 23.88 13.56
C GLY A 521 -24.17 25.02 14.09
N MET A 522 -23.34 24.69 15.06
CA MET A 522 -22.61 25.70 15.84
C MET A 522 -21.49 26.32 15.02
N MET A 523 -20.74 25.50 14.28
CA MET A 523 -19.56 26.01 13.61
C MET A 523 -19.93 26.94 12.46
N GLY A 524 -21.11 26.75 11.85
CA GLY A 524 -21.56 27.73 10.88
C GLY A 524 -21.84 29.08 11.52
N GLU A 525 -22.34 29.08 12.75
CA GLU A 525 -22.54 30.31 13.50
C GLU A 525 -21.23 30.92 13.97
N LEU A 526 -20.18 30.11 14.06
CA LEU A 526 -18.87 30.68 14.27
C LEU A 526 -18.33 31.28 12.97
N LEU A 527 -18.64 30.64 11.85
CA LEU A 527 -18.16 31.09 10.56
C LEU A 527 -18.94 32.31 10.09
N SER A 528 -20.21 32.42 10.47
CA SER A 528 -21.07 33.49 10.00
C SER A 528 -20.98 34.75 10.86
N GLY A 529 -20.14 34.75 11.89
CA GLY A 529 -20.05 35.92 12.73
C GLY A 529 -21.10 36.02 13.80
N GLN A 530 -21.75 34.92 14.15
CA GLN A 530 -22.68 34.97 15.27
C GLN A 530 -21.94 34.91 16.61
N ALA A 531 -20.68 34.50 16.60
CA ALA A 531 -19.87 34.47 17.81
C ALA A 531 -18.41 34.62 17.40
N ASP A 532 -17.54 34.68 18.41
CA ASP A 532 -16.11 34.78 18.19
C ASP A 532 -15.31 33.78 19.01
N MET A 533 -15.92 33.09 19.97
CA MET A 533 -15.26 32.04 20.73
C MET A 533 -16.28 30.92 20.98
N ILE A 534 -15.78 29.70 21.02
CA ILE A 534 -16.58 28.53 21.36
C ILE A 534 -16.01 27.90 22.62
N VAL A 535 -16.76 27.98 23.71
CA VAL A 535 -16.35 27.38 24.97
C VAL A 535 -17.38 26.28 25.27
N ALA A 536 -17.06 25.06 24.86
CA ALA A 536 -17.98 23.93 24.96
C ALA A 536 -17.15 22.67 24.84
N PRO A 537 -17.71 21.49 25.15
CA PRO A 537 -17.00 20.26 24.82
C PRO A 537 -17.00 20.00 23.32
N LEU A 538 -16.12 20.68 22.60
CA LEU A 538 -16.03 20.58 21.15
C LEU A 538 -14.72 19.91 20.78
N THR A 539 -14.81 18.76 20.12
CA THR A 539 -13.62 17.96 19.89
C THR A 539 -12.73 18.62 18.83
N ILE A 540 -11.52 18.10 18.72
CA ILE A 540 -10.56 18.55 17.74
C ILE A 540 -10.48 17.54 16.60
N ASN A 541 -10.75 18.01 15.39
CA ASN A 541 -10.77 17.16 14.22
C ASN A 541 -9.85 17.80 13.19
N ASN A 542 -9.57 17.08 12.12
CA ASN A 542 -8.80 17.68 11.03
C ASN A 542 -9.67 18.59 10.18
N GLU A 543 -10.97 18.29 10.11
CA GLU A 543 -11.86 19.04 9.23
C GLU A 543 -12.31 20.36 9.84
N ARG A 544 -12.47 20.41 11.16
CA ARG A 544 -12.85 21.68 11.75
C ARG A 544 -11.66 22.62 11.90
N ALA A 545 -10.48 22.06 12.07
CA ALA A 545 -9.25 22.82 12.28
C ALA A 545 -8.59 23.25 10.98
N GLN A 546 -9.29 23.11 9.86
CA GLN A 546 -8.79 23.60 8.59
C GLN A 546 -8.64 25.12 8.60
N TYR A 547 -9.58 25.82 9.21
CA TYR A 547 -9.54 27.27 9.24
C TYR A 547 -10.07 27.85 10.55
N ILE A 548 -10.16 27.02 11.59
CA ILE A 548 -10.64 27.44 12.91
C ILE A 548 -9.55 27.12 13.91
N GLU A 549 -8.98 28.14 14.53
CA GLU A 549 -7.90 27.97 15.47
C GLU A 549 -8.44 27.47 16.81
N PHE A 550 -7.71 26.52 17.40
CA PHE A 550 -8.06 25.92 18.67
C PHE A 550 -7.06 26.34 19.74
N SER A 551 -7.18 25.73 20.92
CA SER A 551 -6.30 25.96 22.05
C SER A 551 -5.82 24.62 22.57
N LYS A 552 -5.05 24.66 23.65
CA LYS A 552 -4.62 23.42 24.28
C LYS A 552 -5.80 22.78 25.01
N PRO A 553 -6.09 21.51 24.75
CA PRO A 553 -7.47 21.03 24.73
C PRO A 553 -7.99 20.43 26.03
N PHE A 554 -7.88 21.18 27.12
CA PHE A 554 -8.67 21.03 28.35
C PHE A 554 -8.47 19.76 29.17
N LYS A 555 -8.02 18.69 28.52
CA LYS A 555 -8.37 17.34 28.95
C LYS A 555 -7.75 16.37 27.96
N TYR A 556 -7.81 15.09 28.31
CA TYR A 556 -7.48 14.02 27.38
C TYR A 556 -8.48 12.91 27.63
N GLN A 557 -9.13 12.46 26.56
CA GLN A 557 -10.20 11.50 26.61
C GLN A 557 -10.23 10.75 25.29
N GLY A 558 -11.21 9.87 25.14
CA GLY A 558 -11.36 9.12 23.90
C GLY A 558 -12.77 8.62 23.76
N LEU A 559 -13.03 7.92 22.67
CA LEU A 559 -14.36 7.38 22.43
C LEU A 559 -14.51 6.05 23.14
N THR A 560 -15.73 5.74 23.56
CA THR A 560 -15.99 4.46 24.20
C THR A 560 -17.44 4.09 24.00
N ILE A 561 -17.78 2.87 24.35
CA ILE A 561 -19.08 2.29 24.07
C ILE A 561 -19.83 2.18 25.37
N LEU A 562 -21.13 2.47 25.31
CA LEU A 562 -22.01 2.45 26.47
C LEU A 562 -23.05 1.35 26.28
N VAL A 563 -23.19 0.51 27.30
CA VAL A 563 -24.15 -0.58 27.27
C VAL A 563 -24.86 -0.59 28.62
N LYS A 564 -25.83 -1.49 28.78
CA LYS A 564 -26.70 -1.53 29.94
C LYS A 564 -26.28 -2.73 30.78
N LYS A 565 -26.05 -2.52 32.06
CA LYS A 565 -25.70 -3.64 32.93
C LYS A 565 -26.90 -4.55 33.10
N GLU A 566 -26.63 -5.82 33.38
CA GLU A 566 -27.66 -6.82 33.57
C GLU A 566 -28.14 -6.86 35.03
N ILE A 567 -28.90 -7.90 35.35
CA ILE A 567 -29.42 -8.16 36.69
C ILE A 567 -28.41 -8.76 37.67
N PRO A 568 -27.47 -9.64 37.22
CA PRO A 568 -27.36 -11.00 37.82
C PRO A 568 -27.60 -11.15 39.32
N ARG A 569 -28.30 -12.23 39.66
CA ARG A 569 -28.83 -12.49 40.98
C ARG A 569 -27.77 -13.00 41.94
N SER A 570 -28.14 -13.00 43.21
CA SER A 570 -27.50 -13.76 44.26
C SER A 570 -28.29 -15.05 44.49
N THR A 571 -27.78 -15.90 45.37
CA THR A 571 -28.39 -17.19 45.68
C THR A 571 -29.22 -17.10 46.96
N LEU A 572 -29.92 -15.97 47.12
CA LEU A 572 -30.79 -15.79 48.29
C LEU A 572 -32.02 -16.68 48.21
N ASP A 573 -32.56 -16.88 47.01
CA ASP A 573 -33.79 -17.66 46.84
C ASP A 573 -33.61 -19.14 47.16
N SER A 574 -32.37 -19.61 47.27
CA SER A 574 -32.08 -20.95 47.76
C SER A 574 -32.01 -20.96 49.28
N PHE A 575 -33.07 -20.48 49.95
CA PHE A 575 -33.13 -20.52 51.40
C PHE A 575 -33.28 -21.97 51.82
N MET A 576 -32.15 -22.57 52.22
CA MET A 576 -31.89 -24.01 52.43
C MET A 576 -32.48 -24.92 51.36
N GLN A 577 -32.61 -24.43 50.13
CA GLN A 577 -33.02 -25.25 48.99
C GLN A 577 -32.13 -24.98 47.78
N PRO A 578 -30.85 -25.40 47.81
CA PRO A 578 -30.07 -25.28 46.58
C PRO A 578 -30.34 -26.44 45.64
N PHE A 579 -30.65 -27.62 46.19
CA PHE A 579 -30.85 -28.83 45.41
C PHE A 579 -32.02 -29.61 45.97
N GLN A 580 -33.11 -28.92 46.33
CA GLN A 580 -34.23 -29.56 47.03
C GLN A 580 -34.99 -30.57 46.19
N SER A 581 -34.77 -30.59 44.86
CA SER A 581 -35.08 -31.77 44.06
C SER A 581 -34.35 -33.00 44.62
N THR A 582 -33.04 -32.90 44.76
CA THR A 582 -32.21 -34.03 45.14
C THR A 582 -31.58 -33.88 46.52
N LEU A 583 -31.98 -32.86 47.29
CA LEU A 583 -31.78 -32.86 48.74
C LEU A 583 -32.88 -33.73 49.36
N TRP A 584 -32.70 -35.03 49.19
CA TRP A 584 -33.80 -35.98 49.22
C TRP A 584 -34.32 -36.20 50.63
N LEU A 585 -35.59 -36.60 50.72
CA LEU A 585 -36.09 -37.26 51.92
C LEU A 585 -35.73 -38.74 51.95
N LEU A 586 -35.12 -39.24 50.86
CA LEU A 586 -34.59 -40.59 50.79
C LEU A 586 -33.51 -40.83 51.84
N VAL A 587 -32.74 -39.80 52.20
CA VAL A 587 -31.78 -39.96 53.27
C VAL A 587 -32.48 -40.10 54.62
N GLY A 588 -33.65 -39.49 54.79
CA GLY A 588 -34.39 -39.69 56.03
C GLY A 588 -34.99 -41.07 56.12
N LEU A 589 -35.42 -41.60 54.98
CA LEU A 589 -35.83 -43.01 54.91
C LEU A 589 -34.66 -43.94 55.18
N SER A 590 -33.45 -43.55 54.75
CA SER A 590 -32.25 -44.31 55.08
C SER A 590 -31.97 -44.29 56.58
N VAL A 591 -32.16 -43.13 57.22
CA VAL A 591 -32.11 -43.00 58.68
C VAL A 591 -33.07 -43.97 59.35
N HIS A 592 -34.31 -44.00 58.85
CA HIS A 592 -35.33 -44.85 59.46
C HIS A 592 -35.03 -46.32 59.29
N VAL A 593 -34.55 -46.73 58.11
CA VAL A 593 -34.29 -48.15 57.93
C VAL A 593 -33.00 -48.58 58.62
N VAL A 594 -32.03 -47.68 58.82
CA VAL A 594 -30.86 -48.10 59.59
C VAL A 594 -31.18 -48.10 61.08
N ALA A 595 -32.17 -47.29 61.50
CA ALA A 595 -32.66 -47.40 62.87
C ALA A 595 -33.37 -48.74 63.08
N VAL A 596 -34.14 -49.18 62.08
CA VAL A 596 -34.78 -50.50 62.15
C VAL A 596 -33.73 -51.60 62.17
N MET A 597 -32.64 -51.42 61.40
CA MET A 597 -31.57 -52.42 61.35
C MET A 597 -30.81 -52.49 62.66
N LEU A 598 -30.53 -51.35 63.29
CA LEU A 598 -29.88 -51.35 64.60
C LEU A 598 -30.80 -51.90 65.67
N TYR A 599 -32.10 -51.66 65.55
CA TYR A 599 -33.08 -52.24 66.47
C TYR A 599 -33.06 -53.75 66.39
N LEU A 600 -33.08 -54.30 65.18
CA LEU A 600 -33.04 -55.75 65.01
C LEU A 600 -31.69 -56.33 65.42
N LEU A 601 -30.59 -55.59 65.24
CA LEU A 601 -29.30 -56.07 65.69
C LEU A 601 -29.18 -56.06 67.21
N ASP A 602 -29.84 -55.11 67.87
CA ASP A 602 -29.84 -55.07 69.32
C ASP A 602 -30.87 -56.02 69.92
N ARG A 603 -31.86 -56.43 69.14
CA ARG A 603 -32.93 -57.28 69.66
C ARG A 603 -32.50 -58.74 69.75
N PHE A 604 -31.79 -59.24 68.74
CA PHE A 604 -31.59 -60.67 68.57
C PHE A 604 -30.13 -61.08 68.74
N SER A 605 -29.38 -60.33 69.55
CA SER A 605 -28.00 -60.68 69.84
C SER A 605 -27.91 -61.83 70.83
N THR A 623 -33.62 -48.83 75.19
CA THR A 623 -32.70 -48.59 74.09
C THR A 623 -33.29 -49.06 72.76
N LEU A 624 -34.59 -49.33 72.75
CA LEU A 624 -35.24 -49.96 71.61
C LEU A 624 -36.05 -48.94 70.81
N SER A 625 -36.98 -48.25 71.47
CA SER A 625 -37.81 -47.28 70.76
C SER A 625 -37.09 -45.96 70.59
N SER A 626 -35.98 -45.78 71.31
CA SER A 626 -35.22 -44.55 71.35
C SER A 626 -34.12 -44.51 70.30
N ALA A 627 -34.05 -45.52 69.44
CA ALA A 627 -32.93 -45.64 68.50
C ALA A 627 -32.88 -44.50 67.51
N MET A 628 -34.05 -44.05 67.03
CA MET A 628 -34.06 -42.87 66.17
C MET A 628 -33.67 -41.59 66.91
N TRP A 629 -34.02 -41.48 68.20
CA TRP A 629 -33.55 -40.37 69.01
C TRP A 629 -32.06 -40.43 69.33
N PHE A 630 -31.47 -41.62 69.26
CA PHE A 630 -30.02 -41.74 69.14
C PHE A 630 -29.54 -41.22 67.80
N SER A 631 -30.09 -41.77 66.71
CA SER A 631 -29.49 -41.66 65.38
C SER A 631 -29.57 -40.24 64.85
N TRP A 632 -30.69 -39.56 65.05
CA TRP A 632 -30.77 -38.14 64.72
C TRP A 632 -29.75 -37.33 65.52
N GLY A 633 -29.53 -37.68 66.80
CA GLY A 633 -28.47 -37.04 67.56
C GLY A 633 -27.07 -37.38 67.07
N VAL A 634 -26.94 -38.48 66.31
CA VAL A 634 -25.68 -38.78 65.62
C VAL A 634 -25.58 -37.87 64.42
N LEU A 635 -26.71 -37.54 63.81
CA LEU A 635 -26.69 -36.85 62.53
C LEU A 635 -26.42 -35.38 62.73
N LEU A 636 -27.17 -34.73 63.62
CA LEU A 636 -27.21 -33.28 63.65
C LEU A 636 -26.19 -32.70 64.61
N ASN A 637 -25.24 -33.53 65.09
CA ASN A 637 -24.18 -33.14 66.04
C ASN A 637 -24.78 -32.56 67.32
N SER A 638 -25.89 -33.12 67.74
CA SER A 638 -26.65 -32.70 68.91
C SER A 638 -26.62 -33.82 69.93
N GLY A 639 -26.01 -33.55 71.08
CA GLY A 639 -25.82 -34.60 72.06
C GLY A 639 -27.07 -34.83 72.88
N ILE A 640 -28.02 -35.53 72.26
CA ILE A 640 -29.31 -35.84 72.90
C ILE A 640 -29.13 -37.21 73.53
N GLY A 641 -28.58 -37.20 74.74
CA GLY A 641 -28.96 -38.05 75.87
C GLY A 641 -29.42 -39.48 75.65
N GLU A 642 -28.62 -40.29 74.96
CA GLU A 642 -28.98 -41.68 74.75
C GLU A 642 -27.82 -42.60 75.11
N GLY A 643 -27.97 -43.88 74.82
CA GLY A 643 -26.96 -44.87 75.11
C GLY A 643 -26.38 -45.46 73.84
N ALA A 644 -25.11 -45.85 73.92
CA ALA A 644 -24.48 -46.51 72.79
C ALA A 644 -25.08 -47.90 72.61
N PRO A 645 -25.07 -48.44 71.39
CA PRO A 645 -25.51 -49.82 71.19
C PRO A 645 -24.57 -50.80 71.86
N ARG A 646 -25.14 -51.86 72.43
CA ARG A 646 -24.33 -52.78 73.22
C ARG A 646 -23.53 -53.69 72.31
N SER A 647 -24.11 -54.13 71.20
CA SER A 647 -23.40 -55.00 70.28
C SER A 647 -22.42 -54.16 69.46
N PHE A 648 -21.30 -54.76 69.09
CA PHE A 648 -20.33 -54.07 68.26
C PHE A 648 -20.75 -54.01 66.80
N SER A 649 -21.62 -54.92 66.36
CA SER A 649 -22.09 -54.93 64.98
C SER A 649 -22.92 -53.69 64.65
N ALA A 650 -23.63 -53.13 65.63
CA ALA A 650 -24.28 -51.86 65.41
C ALA A 650 -23.29 -50.69 65.51
N ARG A 651 -22.23 -50.88 66.31
CA ARG A 651 -21.25 -49.83 66.52
C ARG A 651 -20.42 -49.59 65.26
N ILE A 652 -20.07 -50.67 64.56
CA ILE A 652 -19.29 -50.55 63.32
C ILE A 652 -20.14 -49.91 62.23
N LEU A 653 -21.46 -50.09 62.29
CA LEU A 653 -22.33 -49.37 61.37
C LEU A 653 -22.40 -47.90 61.74
N GLY A 654 -22.42 -47.60 63.04
CA GLY A 654 -22.48 -46.21 63.48
C GLY A 654 -21.21 -45.44 63.12
N MET A 655 -20.07 -46.14 63.10
CA MET A 655 -18.80 -45.53 62.68
C MET A 655 -18.90 -44.99 61.25
N VAL A 656 -19.30 -45.85 60.32
CA VAL A 656 -19.39 -45.42 58.93
C VAL A 656 -20.61 -44.54 58.70
N TRP A 657 -21.59 -44.59 59.60
CA TRP A 657 -22.71 -43.67 59.53
C TRP A 657 -22.27 -42.26 59.85
N ALA A 658 -21.46 -42.09 60.89
CA ALA A 658 -20.90 -40.78 61.21
C ALA A 658 -19.94 -40.32 60.12
N GLY A 659 -19.17 -41.24 59.54
CA GLY A 659 -18.35 -40.88 58.39
C GLY A 659 -19.16 -40.42 57.19
N PHE A 660 -20.31 -41.03 56.98
CA PHE A 660 -21.21 -40.63 55.90
C PHE A 660 -21.82 -39.26 56.20
N ALA A 661 -22.14 -39.02 57.47
CA ALA A 661 -22.69 -37.73 57.88
C ALA A 661 -21.68 -36.61 57.65
N MET A 662 -20.41 -36.87 57.97
CA MET A 662 -19.35 -35.92 57.70
C MET A 662 -19.21 -35.68 56.20
N ILE A 663 -19.37 -36.75 55.40
CA ILE A 663 -19.24 -36.64 53.95
C ILE A 663 -20.34 -35.75 53.38
N ILE A 664 -21.58 -35.96 53.81
CA ILE A 664 -22.67 -35.17 53.24
C ILE A 664 -22.64 -33.73 53.72
N VAL A 665 -22.19 -33.48 54.97
CA VAL A 665 -22.13 -32.09 55.38
C VAL A 665 -20.96 -31.37 54.70
N ALA A 666 -19.87 -32.08 54.42
CA ALA A 666 -18.76 -31.47 53.71
C ALA A 666 -19.14 -31.18 52.26
N SER A 667 -19.88 -32.11 51.64
CA SER A 667 -20.37 -31.89 50.29
C SER A 667 -21.36 -30.75 50.23
N TYR A 668 -22.20 -30.60 51.26
CA TYR A 668 -23.12 -29.47 51.31
C TYR A 668 -22.37 -28.14 51.46
N THR A 669 -21.30 -28.12 52.25
CA THR A 669 -20.51 -26.89 52.39
C THR A 669 -19.85 -26.52 51.07
N ALA A 670 -19.27 -27.51 50.40
CA ALA A 670 -18.58 -27.23 49.14
C ALA A 670 -19.56 -26.83 48.05
N ASN A 671 -20.73 -27.47 48.01
CA ASN A 671 -21.73 -27.10 47.02
C ASN A 671 -22.42 -25.78 47.36
N LEU A 672 -22.40 -25.37 48.62
CA LEU A 672 -22.84 -24.02 48.95
C LEU A 672 -21.82 -22.98 48.53
N ALA A 673 -20.54 -23.30 48.67
CA ALA A 673 -19.49 -22.41 48.18
C ALA A 673 -19.45 -22.31 46.66
N ALA A 674 -19.87 -23.38 45.97
CA ALA A 674 -19.85 -23.39 44.50
C ALA A 674 -20.84 -22.41 43.90
N PHE A 675 -21.97 -22.21 44.56
CA PHE A 675 -22.95 -21.23 44.10
C PHE A 675 -22.42 -19.81 44.28
N LEU A 676 -21.55 -19.60 45.28
CA LEU A 676 -21.15 -18.26 45.65
C LEU A 676 -19.79 -17.86 45.11
N VAL A 677 -19.06 -18.81 44.51
CA VAL A 677 -17.81 -18.44 43.85
C VAL A 677 -18.00 -18.23 42.36
N LEU A 678 -19.06 -18.79 41.78
CA LEU A 678 -19.26 -18.77 40.34
C LEU A 678 -20.16 -17.61 39.94
N GLU A 683 -20.30 -12.27 29.16
CA GLU A 683 -19.21 -11.40 28.76
C GLU A 683 -19.67 -10.44 27.66
N ARG A 684 -19.45 -9.15 27.88
CA ARG A 684 -19.98 -8.13 27.00
C ARG A 684 -19.01 -7.83 25.86
N ILE A 685 -19.37 -6.84 25.05
CA ILE A 685 -18.71 -6.57 23.78
C ILE A 685 -17.38 -5.88 24.05
N THR A 686 -16.39 -6.13 23.20
CA THR A 686 -15.04 -5.63 23.43
C THR A 686 -14.54 -4.88 22.19
N GLY A 687 -14.70 -3.56 22.19
CA GLY A 687 -14.16 -2.72 21.15
C GLY A 687 -14.86 -2.85 19.80
N ILE A 688 -14.21 -2.25 18.79
CA ILE A 688 -14.74 -2.27 17.43
C ILE A 688 -14.32 -3.54 16.71
N ASN A 689 -13.47 -4.36 17.35
CA ASN A 689 -13.03 -5.63 16.79
C ASN A 689 -13.89 -6.79 17.26
N ASP A 690 -15.14 -6.53 17.56
CA ASP A 690 -16.09 -7.53 18.00
C ASP A 690 -16.96 -7.90 16.82
N PRO A 691 -17.21 -9.19 16.56
CA PRO A 691 -18.08 -9.54 15.43
C PRO A 691 -19.54 -9.25 15.68
N ARG A 692 -19.92 -8.91 16.91
CA ARG A 692 -21.24 -8.33 17.14
C ARG A 692 -21.34 -6.95 16.51
N LEU A 693 -20.23 -6.23 16.44
CA LEU A 693 -20.20 -4.85 15.99
C LEU A 693 -19.50 -4.65 14.65
N ARG A 694 -18.45 -5.41 14.38
CA ARG A 694 -17.74 -5.25 13.12
C ARG A 694 -18.61 -5.77 11.98
N ASN A 695 -18.99 -7.04 12.07
CA ASN A 695 -19.95 -7.61 11.13
C ASN A 695 -21.35 -7.31 11.66
N PRO A 696 -22.15 -6.52 10.96
CA PRO A 696 -23.43 -6.09 11.52
C PRO A 696 -24.46 -7.22 11.52
N SER A 697 -25.58 -6.95 12.18
CA SER A 697 -26.69 -7.90 12.24
C SER A 697 -27.95 -7.13 12.57
N ASP A 698 -29.04 -7.87 12.81
CA ASP A 698 -30.28 -7.28 13.32
C ASP A 698 -30.39 -7.33 14.83
N LYS A 699 -29.71 -8.27 15.49
CA LYS A 699 -29.87 -8.47 16.92
C LYS A 699 -29.21 -7.38 17.76
N PHE A 700 -28.40 -6.53 17.14
CA PHE A 700 -27.80 -5.39 17.80
C PHE A 700 -28.09 -4.12 17.02
N ILE A 701 -28.38 -3.06 17.75
CA ILE A 701 -28.70 -1.76 17.18
C ILE A 701 -27.65 -0.79 17.68
N TYR A 702 -27.07 -0.03 16.77
CA TYR A 702 -26.03 0.92 17.09
C TYR A 702 -26.44 2.31 16.64
N ALA A 703 -26.00 3.31 17.41
CA ALA A 703 -26.42 4.68 17.18
C ALA A 703 -25.39 5.63 17.76
N THR A 704 -25.32 6.82 17.17
CA THR A 704 -24.57 7.94 17.74
C THR A 704 -25.36 9.21 17.47
N VAL A 705 -24.87 10.32 18.02
CA VAL A 705 -25.54 11.60 17.79
C VAL A 705 -25.21 12.04 16.37
N LYS A 706 -26.23 12.49 15.65
CA LYS A 706 -26.06 12.91 14.27
C LYS A 706 -25.16 14.14 14.18
N GLN A 707 -24.47 14.25 13.04
CA GLN A 707 -23.68 15.40 12.63
C GLN A 707 -22.52 15.69 13.58
N SER A 708 -22.07 14.69 14.32
CA SER A 708 -21.08 14.86 15.37
C SER A 708 -19.73 14.39 14.84
N SER A 709 -18.73 14.36 15.72
CA SER A 709 -17.41 13.91 15.31
C SER A 709 -17.33 12.41 15.09
N VAL A 710 -18.21 11.64 15.72
CA VAL A 710 -18.22 10.19 15.51
C VAL A 710 -18.67 9.87 14.08
N ASP A 711 -19.61 10.65 13.55
CA ASP A 711 -20.05 10.47 12.18
C ASP A 711 -18.98 10.90 11.18
N ILE A 712 -18.09 11.80 11.60
CA ILE A 712 -16.96 12.22 10.78
C ILE A 712 -15.90 11.13 10.79
N TYR A 713 -15.64 10.56 11.96
CA TYR A 713 -14.61 9.55 12.09
C TYR A 713 -15.03 8.29 11.34
N PHE A 714 -16.32 7.97 11.36
CA PHE A 714 -16.80 6.79 10.67
C PHE A 714 -16.86 7.01 9.17
N ARG A 715 -17.27 8.20 8.71
CA ARG A 715 -17.32 8.39 7.27
C ARG A 715 -15.93 8.59 6.69
N ARG A 716 -14.98 9.02 7.51
CA ARG A 716 -13.59 9.14 7.07
C ARG A 716 -12.98 7.77 6.84
N GLN A 717 -13.22 6.84 7.77
CA GLN A 717 -12.69 5.50 7.67
C GLN A 717 -13.42 4.71 6.59
N VAL A 718 -12.64 3.96 5.81
CA VAL A 718 -13.21 3.10 4.78
C VAL A 718 -13.49 1.70 5.33
N GLU A 719 -12.63 1.21 6.24
CA GLU A 719 -12.84 -0.13 6.77
C GLU A 719 -14.09 -0.21 7.64
N LEU A 720 -14.49 0.91 8.24
CA LEU A 720 -15.71 0.98 9.03
C LEU A 720 -16.92 1.44 8.23
N SER A 721 -16.78 1.58 6.89
CA SER A 721 -17.81 2.20 6.08
C SER A 721 -19.13 1.41 6.14
N THR A 722 -19.04 0.08 6.05
CA THR A 722 -20.21 -0.78 6.18
C THR A 722 -20.88 -0.63 7.54
N MET A 723 -20.08 -0.52 8.61
CA MET A 723 -20.62 -0.21 9.93
C MET A 723 -21.36 1.12 9.93
N TYR A 724 -20.79 2.13 9.26
CA TYR A 724 -21.47 3.42 9.16
C TYR A 724 -22.74 3.30 8.34
N ARG A 725 -22.75 2.39 7.37
CA ARG A 725 -23.93 2.17 6.57
C ARG A 725 -24.98 1.44 7.39
N HIS A 726 -24.56 0.72 8.44
CA HIS A 726 -25.52 0.14 9.37
C HIS A 726 -25.91 1.15 10.42
N MET A 727 -25.18 2.25 10.49
CA MET A 727 -25.37 3.25 11.53
C MET A 727 -26.30 4.34 11.03
N GLU A 728 -26.54 4.35 9.72
CA GLU A 728 -27.24 5.47 9.11
C GLU A 728 -28.74 5.43 9.38
N LYS A 729 -29.27 4.29 9.80
CA LYS A 729 -30.71 4.12 9.94
C LYS A 729 -31.17 4.18 11.38
N HIS A 730 -30.27 4.48 12.32
CA HIS A 730 -30.68 4.45 13.72
C HIS A 730 -30.14 5.61 14.55
N ASN A 731 -29.51 6.61 13.92
CA ASN A 731 -28.85 7.66 14.69
C ASN A 731 -29.86 8.59 15.37
N TYR A 732 -29.38 9.31 16.37
CA TYR A 732 -30.19 10.19 17.18
C TYR A 732 -29.68 11.62 17.03
N GLU A 733 -30.39 12.54 17.67
CA GLU A 733 -30.11 13.96 17.53
C GLU A 733 -29.46 14.57 18.77
N SER A 734 -29.61 13.94 19.94
CA SER A 734 -29.06 14.47 21.17
C SER A 734 -28.48 13.34 22.00
N ALA A 735 -27.68 13.72 22.98
CA ALA A 735 -27.03 12.73 23.85
C ALA A 735 -28.03 12.08 24.79
N ALA A 736 -28.93 12.88 25.38
CA ALA A 736 -29.85 12.35 26.38
C ALA A 736 -30.89 11.43 25.75
N GLU A 737 -31.17 11.62 24.45
CA GLU A 737 -32.14 10.78 23.76
C GLU A 737 -31.63 9.35 23.70
N ALA A 738 -30.38 9.19 23.26
CA ALA A 738 -29.79 7.86 23.18
C ALA A 738 -29.49 7.30 24.56
N ILE A 739 -29.17 8.15 25.53
CA ILE A 739 -28.90 7.68 26.89
C ILE A 739 -30.18 7.12 27.52
N GLN A 740 -31.31 7.80 27.34
CA GLN A 740 -32.58 7.24 27.79
C GLN A 740 -33.00 6.03 26.96
N ALA A 741 -32.63 6.00 25.67
CA ALA A 741 -33.07 4.90 24.82
C ALA A 741 -32.26 3.63 25.04
N VAL A 742 -31.04 3.74 25.59
CA VAL A 742 -30.29 2.55 25.94
C VAL A 742 -30.94 1.84 27.13
N ARG A 743 -31.41 2.61 28.11
CA ARG A 743 -32.04 2.03 29.29
C ARG A 743 -33.43 1.49 29.03
N ASP A 744 -34.02 1.75 27.87
CA ASP A 744 -35.30 1.17 27.53
C ASP A 744 -35.15 -0.04 26.60
N ASN A 745 -33.92 -0.52 26.42
CA ASN A 745 -33.56 -1.73 25.67
C ASN A 745 -34.00 -1.68 24.21
N LYS A 746 -34.23 -0.50 23.65
CA LYS A 746 -34.52 -0.32 22.24
C LYS A 746 -33.24 -0.17 21.44
N LEU A 747 -32.11 -0.03 22.12
CA LEU A 747 -30.84 0.34 21.53
C LEU A 747 -29.78 -0.31 22.40
N HIS A 748 -29.13 -1.35 21.87
CA HIS A 748 -28.27 -2.14 22.73
C HIS A 748 -26.94 -1.48 23.02
N ALA A 749 -26.51 -0.53 22.19
CA ALA A 749 -25.21 0.09 22.41
C ALA A 749 -25.22 1.52 21.93
N PHE A 750 -24.24 2.27 22.39
CA PHE A 750 -24.10 3.69 22.07
C PHE A 750 -22.62 4.01 22.08
N ILE A 751 -22.22 4.91 21.18
CA ILE A 751 -20.83 5.30 21.02
C ILE A 751 -20.72 6.80 21.25
N TRP A 752 -19.90 7.20 22.22
CA TRP A 752 -19.69 8.63 22.49
C TRP A 752 -18.37 8.77 23.21
N ASP A 753 -18.08 9.96 23.73
CA ASP A 753 -16.81 10.22 24.39
C ASP A 753 -16.77 9.61 25.79
N SER A 754 -15.54 9.36 26.25
CA SER A 754 -15.37 8.82 27.60
C SER A 754 -15.62 9.86 28.68
N ALA A 755 -15.36 11.15 28.41
CA ALA A 755 -15.51 12.14 29.47
C ALA A 755 -16.96 12.54 29.75
N VAL A 756 -17.93 11.93 29.07
CA VAL A 756 -19.34 12.10 29.39
C VAL A 756 -19.95 10.77 29.80
N LEU A 757 -19.58 9.69 29.11
CA LEU A 757 -20.16 8.38 29.37
C LEU A 757 -19.62 7.82 30.68
N GLU A 758 -18.37 8.13 31.01
CA GLU A 758 -17.80 7.67 32.28
C GLU A 758 -18.37 8.45 33.45
N PHE A 759 -18.87 9.66 33.22
CA PHE A 759 -19.58 10.38 34.26
C PHE A 759 -21.00 9.87 34.37
N GLU A 760 -21.62 9.56 33.24
CA GLU A 760 -23.01 9.13 33.21
C GLU A 760 -23.16 7.74 33.79
N ALA A 761 -22.13 6.92 33.68
CA ALA A 761 -22.13 5.58 34.26
C ALA A 761 -21.74 5.61 35.72
N SER A 762 -21.52 6.81 36.27
CA SER A 762 -21.21 7.03 37.67
C SER A 762 -22.36 7.73 38.38
N GLN A 763 -23.37 8.20 37.65
CA GLN A 763 -24.53 8.85 38.24
C GLN A 763 -25.80 8.05 38.02
N LYS A 764 -26.20 7.81 36.77
CA LYS A 764 -27.33 6.91 36.54
C LYS A 764 -26.81 5.48 36.59
N CYS A 765 -26.94 4.84 37.74
CA CYS A 765 -26.00 3.79 38.11
C CYS A 765 -26.57 2.43 37.75
N ASP A 766 -27.01 2.29 36.49
CA ASP A 766 -27.52 1.03 35.97
C ASP A 766 -26.83 0.60 34.69
N LEU A 767 -25.97 1.43 34.12
CA LEU A 767 -25.37 1.23 32.81
C LEU A 767 -23.88 1.10 33.02
N VAL A 768 -23.16 0.65 31.98
CA VAL A 768 -21.72 0.44 32.12
C VAL A 768 -21.06 0.69 30.78
N THR A 769 -19.80 1.11 30.83
CA THR A 769 -18.93 1.17 29.68
C THR A 769 -18.22 -0.17 29.52
N THR A 770 -17.35 -0.26 28.52
CA THR A 770 -16.64 -1.51 28.27
C THR A 770 -15.20 -1.29 27.85
N GLY A 771 -14.56 -0.24 28.38
CA GLY A 771 -13.11 -0.20 28.34
C GLY A 771 -12.41 0.76 27.40
N GLU A 772 -11.90 0.21 26.29
CA GLU A 772 -10.85 0.82 25.49
C GLU A 772 -11.34 2.05 24.73
N LEU A 773 -10.38 2.80 24.19
CA LEU A 773 -10.63 4.02 23.47
C LEU A 773 -10.12 3.89 22.04
N PHE A 774 -10.68 4.72 21.16
CA PHE A 774 -10.35 4.73 19.75
C PHE A 774 -9.66 6.03 19.35
N PHE A 775 -10.30 7.16 19.60
CA PHE A 775 -9.99 8.42 18.94
C PHE A 775 -9.65 9.38 20.06
N ARG A 776 -8.38 9.35 20.46
CA ARG A 776 -7.96 10.02 21.68
C ARG A 776 -7.69 11.49 21.36
N SER A 777 -8.47 12.38 21.97
CA SER A 777 -8.29 13.81 21.80
C SER A 777 -8.79 14.53 23.05
N GLY A 778 -8.94 15.84 22.92
CA GLY A 778 -9.43 16.66 24.01
C GLY A 778 -10.25 17.80 23.45
N PHE A 779 -11.25 18.21 24.20
CA PHE A 779 -12.11 19.32 23.80
C PHE A 779 -11.34 20.63 23.82
N GLY A 780 -11.40 21.38 22.72
CA GLY A 780 -10.67 22.62 22.69
C GLY A 780 -11.57 23.82 22.49
N ILE A 781 -11.03 25.00 22.79
CA ILE A 781 -11.75 26.24 22.57
C ILE A 781 -11.73 26.59 21.09
N GLY A 782 -12.90 26.72 20.49
CA GLY A 782 -12.98 27.06 19.09
C GLY A 782 -12.97 28.57 19.00
N MET A 783 -12.02 29.13 18.26
CA MET A 783 -11.95 30.56 18.10
C MET A 783 -12.09 30.91 16.62
N ARG A 784 -12.42 32.16 16.34
CA ARG A 784 -12.30 32.61 14.97
C ARG A 784 -10.81 32.66 14.60
N LYS A 785 -10.54 32.59 13.30
CA LYS A 785 -9.15 32.52 12.85
C LYS A 785 -8.46 33.86 13.00
N ASP A 786 -7.25 33.82 13.60
CA ASP A 786 -6.36 34.97 13.79
C ASP A 786 -7.00 36.07 14.62
N SER A 787 -7.77 35.69 15.62
CA SER A 787 -8.10 36.63 16.68
C SER A 787 -6.87 36.87 17.55
N PRO A 788 -6.72 38.08 18.12
CA PRO A 788 -5.52 38.39 18.91
C PRO A 788 -5.45 37.71 20.27
N TRP A 789 -6.46 36.96 20.68
CA TRP A 789 -6.44 36.26 21.96
C TRP A 789 -5.79 34.89 21.85
N LYS A 790 -5.36 34.51 20.65
CA LYS A 790 -4.86 33.19 20.34
C LYS A 790 -3.54 32.88 21.05
N GLN A 791 -2.86 33.90 21.54
CA GLN A 791 -1.64 33.73 22.31
C GLN A 791 -1.90 33.84 23.80
N GLN A 792 -3.01 34.45 24.18
CA GLN A 792 -3.34 34.62 25.59
C GLN A 792 -4.00 33.37 26.12
N VAL A 793 -5.03 32.90 25.43
CA VAL A 793 -5.78 31.74 25.88
C VAL A 793 -4.96 30.46 25.73
N SER A 794 -3.89 30.46 24.92
CA SER A 794 -3.07 29.26 24.91
C SER A 794 -2.12 29.22 26.09
N LEU A 795 -1.94 30.37 26.76
CA LEU A 795 -1.10 30.48 27.95
C LEU A 795 -1.93 30.15 29.18
N SER A 796 -3.04 30.87 29.35
CA SER A 796 -3.80 30.80 30.59
C SER A 796 -4.40 29.41 30.87
N ILE A 797 -4.80 28.68 29.82
CA ILE A 797 -5.20 27.28 29.96
C ILE A 797 -4.11 26.44 30.58
N LEU A 798 -2.88 26.59 30.06
CA LEU A 798 -1.72 25.93 30.63
C LEU A 798 -1.44 26.36 32.07
N LYS A 799 -1.62 27.65 32.36
CA LYS A 799 -1.48 28.15 33.72
C LYS A 799 -2.51 27.52 34.64
N SER A 800 -3.73 27.30 34.14
CA SER A 800 -4.76 26.65 34.93
C SER A 800 -4.48 25.16 35.08
N HIS A 801 -3.70 24.60 34.16
CA HIS A 801 -3.21 23.24 34.30
C HIS A 801 -2.01 23.16 35.22
N GLU A 802 -1.44 24.31 35.60
CA GLU A 802 -0.23 24.33 36.40
C GLU A 802 -0.53 24.44 37.90
N ASN A 803 -1.31 25.44 38.29
CA ASN A 803 -1.53 25.73 39.70
C ASN A 803 -2.68 24.96 40.33
N GLY A 804 -3.13 23.86 39.72
CA GLY A 804 -4.07 23.00 40.42
C GLY A 804 -5.51 23.43 40.37
N PHE A 805 -5.88 24.25 39.39
CA PHE A 805 -7.27 24.71 39.29
C PHE A 805 -8.20 23.62 38.76
N MET A 806 -7.77 22.93 37.70
CA MET A 806 -8.63 21.93 37.08
C MET A 806 -8.87 20.75 38.00
N GLU A 807 -7.93 20.44 38.90
CA GLU A 807 -8.17 19.36 39.85
C GLU A 807 -9.24 19.73 40.86
N ASP A 808 -9.30 21.00 41.26
CA ASP A 808 -10.40 21.45 42.09
C ASP A 808 -11.69 21.47 41.29
N LEU A 809 -11.59 21.77 40.00
CA LEU A 809 -12.78 21.94 39.18
C LEU A 809 -13.48 20.61 38.97
N ASP A 810 -12.71 19.59 38.54
CA ASP A 810 -13.34 18.29 38.33
C ASP A 810 -13.61 17.56 39.63
N LYS A 811 -12.91 17.91 40.73
CA LYS A 811 -13.32 17.36 42.01
C LYS A 811 -14.66 17.95 42.44
N THR A 812 -14.90 19.21 42.10
CA THR A 812 -16.17 19.84 42.40
C THR A 812 -17.28 19.38 41.47
N TRP A 813 -16.98 19.08 40.22
CA TRP A 813 -18.01 18.89 39.21
C TRP A 813 -18.09 17.48 38.67
N VAL A 814 -16.96 16.78 38.50
CA VAL A 814 -16.95 15.54 37.75
C VAL A 814 -16.98 14.33 38.67
N ARG A 815 -15.96 14.16 39.50
CA ARG A 815 -15.85 12.96 40.32
C ARG A 815 -16.47 13.12 41.69
N TYR A 816 -17.46 14.00 41.83
CA TYR A 816 -18.04 14.30 43.12
C TYR A 816 -19.01 13.22 43.61
N GLN A 817 -19.57 12.41 42.71
CA GLN A 817 -20.57 11.43 43.10
C GLN A 817 -20.34 10.08 42.44
N GLU A 818 -20.90 9.05 43.08
CA GLU A 818 -20.84 7.66 42.62
C GLU A 818 -22.11 6.95 43.08
N CYS A 819 -22.26 5.71 42.62
CA CYS A 819 -23.06 4.70 43.32
C CYS A 819 -22.14 3.59 43.79
N ASP A 820 -21.45 2.92 42.87
CA ASP A 820 -20.55 1.81 43.13
C ASP A 820 -19.81 1.50 41.83
N SER A 821 -18.50 1.29 41.94
CA SER A 821 -17.70 0.94 40.78
C SER A 821 -17.97 -0.50 40.37
N ARG A 822 -18.45 -0.68 39.14
CA ARG A 822 -18.81 -2.00 38.63
C ARG A 822 -17.59 -2.84 38.30
N SER A 823 -16.90 -3.35 39.32
CA SER A 823 -15.79 -4.25 39.14
C SER A 823 -16.23 -5.70 39.04
N ASN A 824 -17.55 -5.94 39.11
CA ASN A 824 -18.18 -7.26 39.08
C ASN A 824 -17.62 -8.16 40.18
N ALA A 825 -17.85 -7.73 41.41
CA ALA A 825 -17.47 -8.51 42.58
C ALA A 825 -18.72 -9.13 43.19
N PRO A 826 -19.02 -10.41 42.92
CA PRO A 826 -20.19 -11.02 43.55
C PRO A 826 -19.95 -11.38 45.00
N ALA A 827 -18.69 -11.30 45.46
CA ALA A 827 -18.31 -11.51 46.85
C ALA A 827 -18.74 -10.30 47.66
N THR A 828 -20.02 -10.29 48.01
CA THR A 828 -20.58 -9.27 48.89
C THR A 828 -21.88 -9.82 49.46
N LEU A 829 -22.39 -9.12 50.47
CA LEU A 829 -23.69 -9.42 51.03
C LEU A 829 -24.80 -8.76 50.24
N THR A 830 -25.97 -8.58 50.85
CA THR A 830 -27.33 -9.05 50.52
C THR A 830 -27.57 -10.42 51.19
N CYS A 831 -27.30 -10.48 52.49
CA CYS A 831 -28.05 -11.37 53.38
C CYS A 831 -29.24 -10.66 54.02
N GLU A 832 -29.91 -9.81 53.23
CA GLU A 832 -30.99 -8.95 53.71
C GLU A 832 -32.17 -9.77 54.23
N ASN A 833 -32.72 -10.64 53.40
CA ASN A 833 -33.85 -11.43 53.83
C ASN A 833 -33.40 -12.81 54.31
N MET A 834 -34.15 -13.35 55.26
CA MET A 834 -33.93 -14.68 55.83
C MET A 834 -35.24 -15.44 55.95
N ALA A 835 -36.20 -15.15 55.07
CA ALA A 835 -37.59 -15.54 55.33
C ALA A 835 -37.79 -17.04 55.13
N GLY A 836 -37.22 -17.60 54.07
CA GLY A 836 -37.43 -19.00 53.76
C GLY A 836 -36.70 -19.95 54.69
N VAL A 837 -35.72 -19.46 55.44
CA VAL A 837 -34.95 -20.31 56.34
C VAL A 837 -35.50 -20.15 57.76
N PHE A 838 -36.02 -18.95 58.06
CA PHE A 838 -36.68 -18.74 59.35
C PHE A 838 -38.13 -19.21 59.38
N MET A 839 -38.74 -19.45 58.22
CA MET A 839 -40.14 -19.84 58.22
C MET A 839 -40.33 -21.28 58.68
N LEU A 840 -39.26 -22.08 58.65
CA LEU A 840 -39.35 -23.44 59.14
C LEU A 840 -39.46 -23.45 60.66
N VAL A 841 -38.73 -22.55 61.32
CA VAL A 841 -38.88 -22.47 62.77
C VAL A 841 -40.12 -21.67 63.13
N ALA A 842 -40.57 -20.78 62.22
CA ALA A 842 -41.82 -20.05 62.48
C ALA A 842 -43.03 -20.97 62.36
N GLY A 843 -42.91 -22.05 61.59
CA GLY A 843 -43.98 -23.03 61.56
C GLY A 843 -43.79 -24.09 62.65
N GLY A 844 -42.53 -24.32 63.03
CA GLY A 844 -42.25 -25.25 64.12
C GLY A 844 -42.75 -24.75 65.47
N ILE A 845 -42.64 -23.44 65.72
CA ILE A 845 -43.09 -22.89 67.01
C ILE A 845 -44.61 -22.96 67.12
N VAL A 846 -45.31 -22.99 65.99
CA VAL A 846 -46.77 -23.04 65.99
C VAL A 846 -47.23 -24.48 66.10
N ALA A 847 -46.63 -25.39 65.33
CA ALA A 847 -47.05 -26.79 65.37
C ALA A 847 -46.58 -27.51 66.62
N GLY A 848 -45.56 -26.99 67.31
CA GLY A 848 -45.00 -27.70 68.44
C GLY A 848 -45.91 -27.77 69.64
N ILE A 849 -46.70 -26.72 69.87
CA ILE A 849 -47.62 -26.73 71.01
C ILE A 849 -48.77 -27.70 70.76
N PHE A 850 -49.17 -27.85 69.49
CA PHE A 850 -50.21 -28.81 69.14
C PHE A 850 -49.69 -30.24 69.27
N LEU A 851 -48.45 -30.49 68.84
CA LEU A 851 -47.88 -31.81 69.04
C LEU A 851 -47.62 -32.11 70.52
N ILE A 852 -47.30 -31.09 71.32
CA ILE A 852 -47.14 -31.29 72.76
C ILE A 852 -48.47 -31.62 73.40
N PHE A 853 -49.55 -30.98 72.93
CA PHE A 853 -50.90 -31.30 73.44
C PHE A 853 -51.32 -32.72 73.05
N ILE A 854 -51.01 -33.15 71.83
CA ILE A 854 -51.30 -34.52 71.42
C ILE A 854 -50.46 -35.53 72.21
N GLU A 855 -49.20 -35.19 72.47
CA GLU A 855 -48.33 -36.07 73.25
C GLU A 855 -48.79 -36.20 74.70
N ILE A 856 -49.23 -35.10 75.31
CA ILE A 856 -49.71 -35.23 76.68
C ILE A 856 -51.10 -35.86 76.74
N ALA A 857 -51.89 -35.75 75.68
CA ALA A 857 -53.13 -36.53 75.60
C ALA A 857 -52.85 -38.02 75.47
N TYR A 858 -51.75 -38.38 74.79
CA TYR A 858 -51.31 -39.78 74.78
C TYR A 858 -50.79 -40.20 76.15
N LYS A 859 -50.07 -39.31 76.83
CA LYS A 859 -49.54 -39.63 78.16
C LYS A 859 -50.68 -39.83 79.14
N SER A 860 -51.75 -39.06 78.99
CA SER A 860 -52.90 -39.20 79.87
C SER A 860 -53.66 -40.48 79.53
N ARG A 861 -53.72 -40.82 78.23
CA ARG A 861 -54.42 -42.03 77.82
C ARG A 861 -53.60 -43.27 78.15
N ALA A 862 -52.35 -43.29 77.74
CA ALA A 862 -51.46 -44.42 78.01
C ALA A 862 -50.01 -43.96 78.10
N SER B 65 -55.79 34.27 -30.29
CA SER B 65 -54.84 33.64 -31.19
C SER B 65 -53.41 34.05 -30.82
N ILE B 66 -52.43 33.19 -31.10
CA ILE B 66 -51.03 33.59 -31.07
C ILE B 66 -50.34 33.19 -32.37
N GLY B 67 -49.22 33.86 -32.64
CA GLY B 67 -48.53 33.67 -33.90
C GLY B 67 -47.23 32.90 -33.82
N ILE B 68 -47.13 31.74 -34.47
CA ILE B 68 -45.93 30.92 -34.37
C ILE B 68 -45.39 30.79 -35.78
N ALA B 69 -44.17 31.25 -36.00
CA ALA B 69 -43.56 31.17 -37.32
C ALA B 69 -42.46 30.11 -37.32
N VAL B 70 -42.49 29.23 -38.31
CA VAL B 70 -41.45 28.22 -38.45
C VAL B 70 -40.63 28.58 -39.68
N ILE B 71 -39.31 28.43 -39.56
CA ILE B 71 -38.37 28.74 -40.62
C ILE B 71 -37.42 27.57 -40.77
N LEU B 72 -37.26 27.08 -41.99
CA LEU B 72 -36.32 26.01 -42.23
C LEU B 72 -35.29 26.58 -43.16
N VAL B 73 -34.01 26.38 -42.83
CA VAL B 73 -32.90 26.86 -43.64
C VAL B 73 -32.02 25.66 -43.99
N GLY B 74 -31.79 25.43 -45.27
CA GLY B 74 -30.91 24.35 -45.65
C GLY B 74 -31.66 23.08 -46.00
N THR B 75 -31.07 22.32 -46.93
CA THR B 75 -31.63 21.05 -47.35
C THR B 75 -31.03 19.91 -46.52
N SER B 76 -36.10 20.59 -43.76
CA SER B 76 -36.05 20.12 -45.15
C SER B 76 -37.44 19.70 -45.63
N ASP B 77 -37.83 18.47 -45.29
CA ASP B 77 -39.14 17.96 -45.69
C ASP B 77 -40.24 18.66 -44.92
N GLU B 78 -40.70 19.80 -45.44
CA GLU B 78 -41.76 20.59 -44.82
C GLU B 78 -43.13 19.94 -44.91
N VAL B 79 -43.29 18.81 -45.59
CA VAL B 79 -44.60 18.20 -45.69
C VAL B 79 -44.90 17.37 -44.44
N ALA B 80 -43.95 16.51 -44.03
CA ALA B 80 -44.11 15.76 -42.79
C ALA B 80 -44.20 16.69 -41.58
N ILE B 81 -43.50 17.82 -41.64
CA ILE B 81 -43.52 18.79 -40.55
C ILE B 81 -44.86 19.53 -40.55
N LYS B 82 -45.39 19.85 -41.73
CA LYS B 82 -46.69 20.50 -41.82
C LYS B 82 -47.77 19.57 -41.31
N ASP B 83 -47.76 18.32 -41.80
CA ASP B 83 -48.82 17.35 -41.55
C ASP B 83 -48.85 16.95 -40.08
N ALA B 84 -47.67 16.93 -39.44
CA ALA B 84 -47.59 16.52 -38.05
C ALA B 84 -48.37 17.50 -37.16
N HIS B 85 -48.16 18.80 -37.35
CA HIS B 85 -48.83 19.75 -36.48
C HIS B 85 -50.30 19.93 -36.89
N GLU B 86 -50.64 19.93 -38.23
CA GLU B 86 -52.05 20.27 -38.52
C GLU B 86 -53.07 19.13 -38.15
N LYS B 87 -52.67 18.02 -37.55
CA LYS B 87 -53.61 17.09 -36.93
C LYS B 87 -53.67 17.21 -35.42
N ASP B 88 -52.87 18.12 -34.85
CA ASP B 88 -52.84 18.30 -33.40
C ASP B 88 -53.99 19.25 -33.06
N ASP B 89 -54.97 18.73 -32.33
CA ASP B 89 -56.20 19.48 -32.04
C ASP B 89 -55.92 20.20 -30.72
N PHE B 90 -55.59 21.49 -30.83
CA PHE B 90 -55.28 22.36 -29.71
C PHE B 90 -56.50 22.98 -29.04
N HIS B 91 -57.71 22.61 -29.46
CA HIS B 91 -58.91 22.91 -28.69
C HIS B 91 -58.89 22.11 -27.39
N HIS B 92 -59.74 22.56 -26.45
CA HIS B 92 -59.77 22.36 -24.98
C HIS B 92 -58.83 23.39 -24.37
N LEU B 93 -58.28 24.29 -25.17
CA LEU B 93 -57.48 25.41 -24.70
C LEU B 93 -58.17 26.69 -25.15
N SER B 94 -57.79 27.79 -24.48
CA SER B 94 -58.33 29.11 -24.75
C SER B 94 -57.75 29.80 -25.99
N VAL B 95 -56.48 29.58 -26.29
CA VAL B 95 -55.86 30.17 -27.47
C VAL B 95 -55.42 29.09 -28.46
N VAL B 96 -55.39 29.46 -29.75
CA VAL B 96 -55.04 28.57 -30.85
C VAL B 96 -53.88 29.16 -31.68
N PRO B 97 -53.01 28.32 -32.25
CA PRO B 97 -51.79 28.81 -32.93
C PRO B 97 -52.08 29.39 -34.31
N ARG B 98 -50.99 29.85 -34.97
CA ARG B 98 -51.05 30.43 -36.31
C ARG B 98 -49.71 30.21 -37.01
N VAL B 99 -49.61 29.15 -37.82
CA VAL B 99 -48.33 28.73 -38.40
C VAL B 99 -47.99 29.60 -39.61
N GLU B 100 -46.69 29.67 -39.93
CA GLU B 100 -46.21 30.40 -41.12
C GLU B 100 -44.86 29.86 -41.58
N LEU B 101 -44.87 29.16 -42.72
CA LEU B 101 -43.68 28.56 -43.32
C LEU B 101 -42.87 29.56 -44.17
N VAL B 102 -41.54 29.44 -44.10
CA VAL B 102 -40.58 30.25 -44.85
C VAL B 102 -39.35 29.40 -45.16
N ALA B 103 -39.02 29.24 -46.45
CA ALA B 103 -37.91 28.43 -46.95
C ALA B 103 -36.67 29.30 -47.21
N MET B 104 -35.71 28.81 -48.01
CA MET B 104 -34.42 28.52 -47.37
C MET B 104 -33.08 28.65 -48.09
N ASN B 105 -32.99 29.03 -49.37
CA ASN B 105 -31.64 29.02 -49.92
C ASN B 105 -30.89 30.31 -49.61
N GLU B 106 -31.55 31.26 -48.95
CA GLU B 106 -30.98 32.56 -48.60
C GLU B 106 -30.19 32.41 -47.32
N THR B 107 -28.87 32.65 -47.33
CA THR B 107 -28.13 32.41 -46.10
C THR B 107 -27.19 33.56 -45.74
N ASP B 108 -27.69 34.81 -45.74
CA ASP B 108 -26.84 35.77 -45.05
C ASP B 108 -27.49 36.11 -43.71
N PRO B 109 -26.73 36.58 -42.71
CA PRO B 109 -27.36 36.95 -41.42
C PRO B 109 -28.37 38.08 -41.55
N LYS B 110 -27.98 39.10 -42.31
CA LYS B 110 -28.79 40.31 -42.48
C LYS B 110 -30.09 40.00 -43.21
N SER B 111 -30.02 39.14 -44.24
CA SER B 111 -31.23 38.71 -44.93
C SER B 111 -32.15 37.94 -43.99
N ILE B 112 -31.57 37.17 -43.07
CA ILE B 112 -32.38 36.40 -42.13
C ILE B 112 -33.13 37.33 -41.18
N ILE B 113 -32.42 38.30 -40.60
CA ILE B 113 -33.08 39.23 -39.67
C ILE B 113 -34.04 40.14 -40.39
N THR B 114 -33.62 40.66 -41.55
CA THR B 114 -34.40 41.59 -42.35
C THR B 114 -35.52 40.89 -43.09
N ARG B 115 -35.53 39.57 -43.08
CA ARG B 115 -36.64 38.77 -43.56
C ARG B 115 -37.61 38.56 -42.42
N ILE B 116 -37.08 38.29 -41.22
CA ILE B 116 -37.95 37.98 -40.09
C ILE B 116 -38.76 39.24 -39.77
N CYS B 117 -38.06 40.37 -39.66
CA CYS B 117 -38.71 41.62 -39.32
C CYS B 117 -39.30 42.27 -40.56
N ASP B 118 -38.96 41.76 -41.75
CA ASP B 118 -39.69 42.11 -42.95
C ASP B 118 -41.09 41.56 -42.87
N LEU B 119 -41.22 40.27 -42.47
CA LEU B 119 -42.55 39.75 -42.26
C LEU B 119 -43.15 40.51 -41.09
N MET B 120 -42.87 40.10 -39.83
CA MET B 120 -43.21 40.79 -38.55
C MET B 120 -44.01 42.09 -38.50
N SER B 121 -44.86 42.37 -39.47
CA SER B 121 -45.65 43.60 -39.52
C SER B 121 -47.02 43.27 -40.07
N ASP B 122 -47.06 42.30 -40.97
CA ASP B 122 -48.33 41.91 -41.57
C ASP B 122 -49.07 41.00 -40.61
N ARG B 123 -48.40 39.99 -40.10
CA ARG B 123 -49.03 39.02 -39.26
C ARG B 123 -48.52 39.28 -37.85
N LYS B 124 -49.36 38.99 -36.85
CA LYS B 124 -48.96 39.04 -35.45
C LYS B 124 -48.12 37.84 -35.05
N ILE B 125 -46.81 37.89 -35.25
CA ILE B 125 -45.97 36.72 -35.03
C ILE B 125 -45.40 36.87 -33.61
N GLN B 126 -45.68 35.90 -32.75
CA GLN B 126 -45.14 35.88 -31.38
C GLN B 126 -43.76 35.19 -31.34
N GLY B 127 -43.22 34.79 -32.49
CA GLY B 127 -41.97 34.07 -32.39
C GLY B 127 -41.56 33.18 -33.55
N VAL B 128 -40.30 32.72 -33.51
CA VAL B 128 -39.69 32.00 -34.62
C VAL B 128 -39.05 30.69 -34.13
N VAL B 129 -39.36 29.62 -34.84
CA VAL B 129 -38.76 28.29 -34.74
C VAL B 129 -37.87 28.01 -35.94
N PHE B 130 -36.55 27.93 -35.73
CA PHE B 130 -35.64 27.76 -36.85
C PHE B 130 -35.15 26.31 -36.87
N ALA B 131 -34.06 26.02 -37.59
CA ALA B 131 -33.88 24.70 -38.18
C ALA B 131 -32.55 24.05 -37.82
N ASP B 132 -32.48 22.75 -38.15
CA ASP B 132 -31.35 21.85 -37.91
C ASP B 132 -30.46 21.56 -39.13
N ASP B 133 -30.42 22.44 -40.13
CA ASP B 133 -29.44 22.21 -41.20
C ASP B 133 -28.60 23.44 -41.45
N THR B 134 -28.35 24.18 -40.38
CA THR B 134 -27.53 25.38 -40.32
C THR B 134 -26.36 25.14 -39.38
N ASP B 135 -25.67 26.24 -39.06
CA ASP B 135 -24.58 26.28 -38.11
C ASP B 135 -24.98 27.44 -37.22
N GLN B 136 -25.57 27.09 -36.08
CA GLN B 136 -26.05 28.07 -35.12
C GLN B 136 -25.06 28.53 -34.06
N GLU B 137 -23.77 28.20 -34.13
CA GLU B 137 -22.95 28.76 -33.06
C GLU B 137 -22.81 30.27 -33.28
N ALA B 138 -22.79 30.67 -34.56
CA ALA B 138 -22.53 32.01 -35.07
C ALA B 138 -23.57 33.14 -35.02
N ILE B 139 -24.55 33.04 -35.94
CA ILE B 139 -25.79 33.83 -35.95
C ILE B 139 -26.62 33.70 -34.68
N ALA B 140 -26.86 32.48 -34.21
CA ALA B 140 -27.92 32.18 -33.24
C ALA B 140 -27.73 32.85 -31.89
N GLN B 141 -26.51 33.00 -31.39
CA GLN B 141 -26.31 33.68 -30.11
C GLN B 141 -26.94 35.08 -30.10
N ILE B 142 -26.88 35.81 -31.21
CA ILE B 142 -27.53 37.13 -31.35
C ILE B 142 -29.07 37.08 -31.22
N LEU B 143 -29.66 35.87 -31.19
CA LEU B 143 -31.09 35.74 -30.91
C LEU B 143 -31.44 36.25 -29.53
N ASP B 144 -30.62 36.00 -28.50
CA ASP B 144 -30.93 36.55 -27.19
C ASP B 144 -30.84 38.07 -27.16
N PHE B 145 -30.06 38.64 -28.09
CA PHE B 145 -30.00 40.09 -28.23
C PHE B 145 -31.31 40.56 -28.84
N ILE B 146 -31.81 39.85 -29.83
CA ILE B 146 -32.89 40.44 -30.61
C ILE B 146 -34.15 40.11 -29.82
N SER B 147 -34.08 39.01 -29.05
CA SER B 147 -35.18 38.52 -28.23
C SER B 147 -35.48 39.52 -27.13
N ALA B 148 -34.44 39.94 -26.39
CA ALA B 148 -34.61 41.01 -25.42
C ALA B 148 -34.96 42.34 -26.06
N GLN B 149 -34.60 42.54 -27.33
CA GLN B 149 -35.05 43.73 -28.03
C GLN B 149 -36.51 43.64 -28.45
N THR B 150 -37.06 42.43 -28.57
CA THR B 150 -38.39 42.23 -29.08
C THR B 150 -39.36 41.61 -28.10
N LEU B 151 -38.85 41.08 -26.96
CA LEU B 151 -39.68 40.48 -25.90
C LEU B 151 -40.55 39.32 -26.41
N THR B 152 -40.01 38.54 -27.33
CA THR B 152 -40.82 37.47 -27.87
C THR B 152 -40.12 36.12 -27.72
N PRO B 153 -40.87 35.08 -27.39
CA PRO B 153 -40.25 33.79 -27.09
C PRO B 153 -39.75 33.05 -28.32
N ILE B 154 -38.61 32.38 -28.16
CA ILE B 154 -38.03 31.59 -29.23
C ILE B 154 -37.52 30.31 -28.57
N LEU B 155 -37.98 29.17 -29.08
CA LEU B 155 -37.59 27.89 -28.49
C LEU B 155 -36.87 27.07 -29.55
N GLY B 156 -36.53 25.84 -29.17
CA GLY B 156 -35.91 24.93 -30.11
C GLY B 156 -34.65 24.17 -29.74
N ILE B 157 -34.30 23.26 -30.65
CA ILE B 157 -33.34 22.19 -30.40
C ILE B 157 -32.08 22.35 -31.24
N HIS B 158 -32.09 23.28 -32.18
CA HIS B 158 -31.73 23.01 -33.57
C HIS B 158 -30.31 23.43 -33.94
N GLY B 159 -29.78 22.73 -34.94
CA GLY B 159 -28.53 23.04 -35.64
C GLY B 159 -27.24 22.97 -34.86
N GLY B 160 -26.42 23.99 -35.11
CA GLY B 160 -25.12 24.21 -34.51
C GLY B 160 -25.14 24.56 -33.04
N SER B 161 -26.27 25.07 -32.55
CA SER B 161 -26.48 25.32 -31.13
C SER B 161 -26.66 24.06 -30.29
N SER B 162 -25.57 23.31 -30.15
CA SER B 162 -25.55 22.09 -29.36
C SER B 162 -24.94 22.46 -28.02
N MET B 163 -25.84 22.74 -27.05
CA MET B 163 -25.53 22.99 -25.64
C MET B 163 -24.73 24.27 -25.43
N ILE B 164 -25.25 25.37 -25.97
CA ILE B 164 -24.47 26.61 -26.00
C ILE B 164 -24.52 27.20 -24.60
N MET B 165 -23.36 27.56 -24.06
CA MET B 165 -23.25 28.21 -22.77
C MET B 165 -22.77 29.64 -22.97
N ALA B 166 -23.60 30.61 -22.58
CA ALA B 166 -23.16 31.99 -22.63
C ALA B 166 -23.89 32.82 -21.58
N ASP B 167 -23.45 34.07 -21.49
CA ASP B 167 -23.96 35.08 -20.57
C ASP B 167 -25.03 35.90 -21.31
N LYS B 168 -26.10 35.20 -21.67
CA LYS B 168 -27.21 35.87 -22.33
C LYS B 168 -27.91 36.85 -21.38
N ASP B 169 -28.71 37.73 -21.97
CA ASP B 169 -29.36 38.77 -21.19
C ASP B 169 -30.51 38.27 -20.33
N GLU B 170 -30.80 39.09 -19.33
CA GLU B 170 -31.82 38.85 -18.31
C GLU B 170 -33.22 38.98 -18.90
N SER B 171 -33.40 39.97 -19.78
CA SER B 171 -34.68 40.25 -20.39
C SER B 171 -34.90 39.52 -21.71
N SER B 172 -34.04 38.56 -22.04
CA SER B 172 -34.25 37.82 -23.27
C SER B 172 -35.34 36.79 -22.97
N MET B 173 -36.11 36.45 -23.99
CA MET B 173 -37.18 35.48 -23.82
C MET B 173 -36.91 34.32 -24.78
N PHE B 174 -36.19 33.31 -24.28
CA PHE B 174 -35.75 32.20 -25.10
C PHE B 174 -35.16 31.03 -24.30
N PHE B 175 -35.63 29.82 -24.56
CA PHE B 175 -35.06 28.68 -23.87
C PHE B 175 -34.76 27.67 -24.97
N GLN B 176 -33.77 26.81 -24.77
CA GLN B 176 -33.47 25.94 -25.91
C GLN B 176 -33.38 24.45 -25.64
N PHE B 177 -32.29 24.06 -25.00
CA PHE B 177 -31.54 22.87 -25.45
C PHE B 177 -31.98 21.50 -24.96
N GLY B 178 -31.75 21.24 -23.67
CA GLY B 178 -32.08 20.00 -23.02
C GLY B 178 -31.30 20.04 -21.73
N PRO B 179 -30.42 19.08 -21.47
CA PRO B 179 -29.65 19.13 -20.23
C PRO B 179 -28.54 20.17 -20.30
N SER B 180 -28.10 20.62 -19.12
CA SER B 180 -26.96 21.51 -19.00
C SER B 180 -25.67 20.72 -19.20
N ILE B 181 -24.53 21.44 -19.25
CA ILE B 181 -23.24 20.75 -19.39
C ILE B 181 -22.82 20.14 -18.07
N GLU B 182 -23.46 20.51 -16.98
CA GLU B 182 -23.11 19.93 -15.70
C GLU B 182 -24.08 18.81 -15.41
N GLN B 183 -25.32 18.93 -15.94
CA GLN B 183 -26.24 17.82 -15.83
C GLN B 183 -25.72 16.69 -16.72
N GLN B 184 -25.01 17.07 -17.79
CA GLN B 184 -24.32 16.13 -18.67
C GLN B 184 -23.17 15.50 -17.91
N ALA B 185 -22.51 16.30 -17.07
CA ALA B 185 -21.45 15.76 -16.23
C ALA B 185 -22.02 14.83 -15.16
N SER B 186 -23.24 15.11 -14.70
CA SER B 186 -23.92 14.26 -13.72
C SER B 186 -24.26 12.90 -14.35
N VAL B 187 -24.74 12.90 -15.59
CA VAL B 187 -24.98 11.61 -16.25
C VAL B 187 -23.64 10.93 -16.58
N MET B 188 -22.58 11.72 -16.79
CA MET B 188 -21.25 11.14 -16.96
C MET B 188 -20.74 10.55 -15.65
N LEU B 189 -21.22 11.08 -14.53
CA LEU B 189 -20.94 10.49 -13.23
C LEU B 189 -21.75 9.21 -13.06
N ASN B 190 -23.00 9.20 -13.52
CA ASN B 190 -23.79 7.98 -13.40
C ASN B 190 -23.23 6.88 -14.30
N ILE B 191 -22.54 7.30 -15.36
CA ILE B 191 -21.83 6.37 -16.21
C ILE B 191 -20.62 5.83 -15.46
N MET B 192 -19.84 6.72 -14.82
CA MET B 192 -18.69 6.17 -14.14
C MET B 192 -19.08 5.40 -12.88
N GLU B 193 -20.28 5.62 -12.33
CA GLU B 193 -20.80 4.79 -11.26
C GLU B 193 -21.52 3.55 -11.78
N GLU B 194 -21.38 3.20 -13.06
CA GLU B 194 -21.87 1.89 -13.46
C GLU B 194 -20.80 0.82 -13.46
N TYR B 195 -19.56 1.19 -13.75
CA TYR B 195 -18.43 0.30 -13.90
C TYR B 195 -17.29 0.70 -12.96
N ASP B 196 -17.59 1.61 -12.03
CA ASP B 196 -16.70 2.18 -11.00
C ASP B 196 -15.44 2.76 -11.63
N TRP B 197 -15.65 3.50 -12.70
CA TRP B 197 -14.53 4.10 -13.42
C TRP B 197 -14.11 5.36 -12.70
N TYR B 198 -12.81 5.59 -12.60
CA TYR B 198 -12.26 6.64 -11.75
C TYR B 198 -11.27 7.45 -12.55
N ILE B 199 -11.45 8.77 -12.52
CA ILE B 199 -10.75 9.68 -13.43
C ILE B 199 -9.33 9.89 -12.93
N PHE B 200 -8.36 9.58 -13.77
CA PHE B 200 -6.98 9.83 -13.38
C PHE B 200 -6.43 11.16 -13.90
N SER B 201 -7.09 11.79 -14.87
CA SER B 201 -6.51 12.90 -15.62
C SER B 201 -7.60 13.62 -16.40
N ILE B 202 -7.58 14.95 -16.37
CA ILE B 202 -8.41 15.77 -17.25
C ILE B 202 -7.48 16.69 -18.03
N VAL B 203 -7.80 16.91 -19.32
CA VAL B 203 -7.02 17.80 -20.18
C VAL B 203 -7.99 18.68 -20.98
N THR B 204 -7.96 19.98 -20.72
CA THR B 204 -8.83 20.92 -21.39
C THR B 204 -8.04 22.17 -21.75
N THR B 205 -8.28 22.70 -22.95
CA THR B 205 -7.57 23.91 -23.34
C THR B 205 -8.20 25.13 -22.68
N TYR B 206 -7.62 26.31 -22.89
CA TYR B 206 -8.18 27.49 -22.24
C TYR B 206 -9.24 28.07 -23.17
N PHE B 207 -10.44 27.52 -23.07
CA PHE B 207 -11.62 28.17 -23.58
C PHE B 207 -11.96 29.38 -22.72
N PRO B 208 -12.74 30.33 -23.23
CA PRO B 208 -13.31 31.36 -22.36
C PRO B 208 -14.26 30.85 -21.29
N GLY B 209 -14.84 29.66 -21.44
CA GLY B 209 -15.67 29.17 -20.35
C GLY B 209 -15.58 27.69 -20.05
N TYR B 210 -14.36 27.15 -20.08
CA TYR B 210 -14.11 25.75 -19.76
C TYR B 210 -13.74 25.57 -18.30
N GLN B 211 -12.83 26.41 -17.81
CA GLN B 211 -12.19 26.19 -16.52
C GLN B 211 -13.19 26.32 -15.38
N ASP B 212 -14.26 27.11 -15.55
CA ASP B 212 -15.28 27.14 -14.51
C ASP B 212 -16.07 25.84 -14.55
N PHE B 213 -16.16 25.24 -15.74
CA PHE B 213 -17.02 24.07 -15.93
C PHE B 213 -16.36 22.89 -15.26
N VAL B 214 -15.06 22.75 -15.48
CA VAL B 214 -14.30 21.67 -14.89
C VAL B 214 -14.15 21.94 -13.40
N ASN B 215 -14.07 23.20 -12.98
CA ASN B 215 -13.98 23.50 -11.56
C ASN B 215 -15.33 23.37 -10.87
N LYS B 216 -16.40 23.19 -11.64
CA LYS B 216 -17.67 22.81 -11.04
C LYS B 216 -17.86 21.32 -11.05
N ILE B 217 -17.25 20.60 -12.00
CA ILE B 217 -17.45 19.16 -11.95
C ILE B 217 -16.47 18.63 -10.90
N ARG B 218 -15.42 19.40 -10.65
CA ARG B 218 -14.48 19.10 -9.59
C ARG B 218 -15.12 19.39 -8.23
N SER B 219 -15.78 20.55 -8.10
CA SER B 219 -16.43 20.87 -6.83
C SER B 219 -17.68 20.05 -6.58
N THR B 220 -18.24 19.37 -7.58
CA THR B 220 -19.35 18.45 -7.32
C THR B 220 -18.70 17.23 -6.71
N ILE B 221 -18.49 17.26 -5.40
CA ILE B 221 -17.88 16.12 -4.75
C ILE B 221 -18.85 14.95 -4.71
N GLU B 222 -18.29 13.76 -4.73
CA GLU B 222 -19.04 12.53 -4.63
C GLU B 222 -18.67 11.90 -3.31
N ASN B 223 -19.66 11.45 -2.57
CA ASN B 223 -19.40 10.96 -1.23
C ASN B 223 -18.94 9.52 -1.37
N SER B 224 -18.17 9.06 -0.39
CA SER B 224 -17.55 7.74 -0.44
C SER B 224 -18.60 6.63 -0.43
N PHE B 225 -18.09 5.39 -0.42
CA PHE B 225 -18.45 4.19 -1.21
C PHE B 225 -17.63 4.05 -2.48
N VAL B 226 -16.82 5.06 -2.83
CA VAL B 226 -16.32 5.23 -4.20
C VAL B 226 -15.03 6.03 -4.13
N GLY B 227 -14.24 5.93 -5.19
CA GLY B 227 -12.97 6.61 -5.23
C GLY B 227 -13.26 7.96 -5.85
N TRP B 228 -12.72 9.03 -5.30
CA TRP B 228 -13.12 10.36 -5.77
C TRP B 228 -12.09 10.97 -6.68
N GLU B 229 -10.81 10.60 -6.51
CA GLU B 229 -9.91 10.27 -7.61
C GLU B 229 -9.84 11.26 -8.76
N LEU B 230 -9.14 12.37 -8.57
CA LEU B 230 -9.03 13.37 -9.63
C LEU B 230 -7.64 13.27 -10.23
N GLU B 231 -6.63 13.47 -9.38
CA GLU B 231 -5.18 13.44 -9.52
C GLU B 231 -4.55 14.43 -10.48
N GLU B 232 -5.29 14.92 -11.48
CA GLU B 232 -4.73 15.93 -12.37
C GLU B 232 -5.79 16.64 -13.21
N VAL B 233 -6.04 17.90 -13.01
CA VAL B 233 -6.61 18.65 -14.12
C VAL B 233 -5.50 19.29 -14.96
N LEU B 234 -5.69 19.45 -16.26
CA LEU B 234 -4.66 20.10 -17.08
C LEU B 234 -5.23 21.15 -18.01
N LEU B 235 -4.91 22.40 -17.72
CA LEU B 235 -5.21 23.50 -18.61
C LEU B 235 -3.94 23.74 -19.42
N LEU B 236 -4.07 23.67 -20.75
CA LEU B 236 -3.00 24.02 -21.67
C LEU B 236 -3.40 25.18 -22.56
N ASP B 237 -2.48 26.13 -22.73
CA ASP B 237 -2.70 27.26 -23.62
C ASP B 237 -2.44 26.77 -25.03
N MET B 238 -3.44 26.87 -25.89
CA MET B 238 -3.29 26.45 -27.28
C MET B 238 -2.98 27.64 -28.20
N SER B 239 -2.80 28.85 -27.66
CA SER B 239 -2.24 29.95 -28.46
C SER B 239 -0.85 29.51 -28.88
N LEU B 240 0.07 29.43 -27.93
CA LEU B 240 1.42 28.92 -28.21
C LEU B 240 1.25 27.41 -28.32
N ASP B 241 0.85 26.95 -29.50
CA ASP B 241 0.61 25.52 -29.68
C ASP B 241 1.87 24.71 -29.97
N ASP B 242 2.95 24.96 -29.24
CA ASP B 242 4.16 24.18 -29.39
C ASP B 242 3.89 22.82 -28.78
N GLY B 243 3.56 21.81 -29.60
CA GLY B 243 3.30 20.50 -29.04
C GLY B 243 4.54 19.80 -28.53
N ASP B 244 5.72 20.25 -28.94
CA ASP B 244 6.97 19.74 -28.40
C ASP B 244 7.27 20.29 -27.00
N SER B 245 7.32 21.61 -26.84
CA SER B 245 7.69 22.14 -25.54
C SER B 245 6.50 22.43 -24.62
N LYS B 246 5.28 22.05 -24.98
CA LYS B 246 4.20 22.26 -24.01
C LYS B 246 3.36 21.03 -23.69
N ILE B 247 2.79 20.41 -24.73
CA ILE B 247 2.11 19.13 -24.58
C ILE B 247 3.03 17.97 -24.22
N GLN B 248 4.32 18.05 -24.52
CA GLN B 248 5.19 17.02 -23.95
C GLN B 248 5.53 17.31 -22.50
N ASN B 249 5.61 18.57 -22.10
CA ASN B 249 6.05 18.75 -20.74
C ASN B 249 4.84 18.57 -19.83
N GLN B 250 3.63 18.73 -20.38
CA GLN B 250 2.44 18.56 -19.58
C GLN B 250 2.00 17.10 -19.52
N LEU B 251 2.54 16.22 -20.37
CA LEU B 251 2.22 14.79 -20.19
C LEU B 251 2.86 14.09 -19.00
N LYS B 252 3.05 12.77 -19.16
CA LYS B 252 3.76 11.75 -18.37
C LYS B 252 2.78 11.22 -17.34
N LYS B 253 1.63 11.88 -17.23
CA LYS B 253 0.44 11.61 -16.45
C LYS B 253 -0.49 10.68 -17.23
N LEU B 254 -0.06 10.28 -18.43
CA LEU B 254 -0.78 9.36 -19.30
C LEU B 254 -0.40 7.90 -19.11
N GLN B 255 0.21 7.55 -17.98
CA GLN B 255 0.61 6.18 -17.70
C GLN B 255 -0.55 5.45 -17.02
N SER B 256 -1.60 6.21 -16.75
CA SER B 256 -2.85 6.09 -16.03
C SER B 256 -3.92 5.62 -17.01
N PRO B 257 -4.90 4.82 -16.57
CA PRO B 257 -5.95 4.38 -17.51
C PRO B 257 -7.05 5.36 -17.90
N ILE B 258 -7.37 6.41 -17.15
CA ILE B 258 -8.49 7.27 -17.53
C ILE B 258 -8.03 8.71 -17.69
N ILE B 259 -8.32 9.29 -18.86
CA ILE B 259 -7.98 10.68 -19.16
C ILE B 259 -9.23 11.35 -19.72
N LEU B 260 -9.66 12.44 -19.09
CA LEU B 260 -10.75 13.22 -19.67
C LEU B 260 -10.22 14.29 -20.59
N LEU B 261 -10.97 14.57 -21.66
CA LEU B 261 -10.53 15.50 -22.70
C LEU B 261 -11.74 16.27 -23.21
N TYR B 262 -11.85 17.54 -22.83
CA TYR B 262 -12.96 18.39 -23.26
C TYR B 262 -12.50 19.44 -24.26
N CYS B 263 -12.86 19.29 -25.53
CA CYS B 263 -12.30 20.17 -26.54
C CYS B 263 -13.30 20.32 -27.69
N THR B 264 -12.82 20.86 -28.81
CA THR B 264 -13.52 20.91 -30.10
C THR B 264 -12.87 19.94 -31.08
N LYS B 265 -13.51 19.77 -32.24
CA LYS B 265 -13.05 18.75 -33.20
C LYS B 265 -11.73 19.16 -33.86
N GLU B 266 -11.57 20.44 -34.18
CA GLU B 266 -10.37 20.87 -34.92
C GLU B 266 -9.15 20.81 -34.02
N GLU B 267 -9.29 21.26 -32.77
CA GLU B 267 -8.17 21.23 -31.86
C GLU B 267 -7.94 19.81 -31.36
N ALA B 268 -8.96 18.95 -31.39
CA ALA B 268 -8.75 17.52 -31.17
C ALA B 268 -7.98 16.91 -32.33
N THR B 269 -8.27 17.34 -33.56
CA THR B 269 -7.51 16.89 -34.72
C THR B 269 -6.05 17.30 -34.62
N TYR B 270 -5.76 18.46 -34.02
CA TYR B 270 -4.37 18.82 -33.74
C TYR B 270 -3.82 17.94 -32.63
N ILE B 271 -4.58 17.79 -31.55
CA ILE B 271 -3.99 17.27 -30.33
C ILE B 271 -3.94 15.75 -30.40
N PHE B 272 -4.72 15.16 -31.30
CA PHE B 272 -4.63 13.72 -31.50
C PHE B 272 -3.40 13.36 -32.32
N GLU B 273 -2.96 14.26 -33.19
CA GLU B 273 -1.65 14.14 -33.81
C GLU B 273 -0.53 14.26 -32.79
N VAL B 274 -0.68 15.17 -31.83
CA VAL B 274 0.34 15.27 -30.78
C VAL B 274 0.34 14.03 -29.90
N ALA B 275 -0.84 13.52 -29.57
CA ALA B 275 -0.97 12.30 -28.77
C ALA B 275 -0.47 11.06 -29.50
N ASN B 276 -0.64 11.02 -30.83
CA ASN B 276 0.00 9.97 -31.62
C ASN B 276 1.50 10.16 -31.70
N SER B 277 1.97 11.41 -31.64
CA SER B 277 3.40 11.67 -31.72
C SER B 277 4.11 11.24 -30.44
N VAL B 278 3.45 11.36 -29.29
CA VAL B 278 4.09 10.92 -28.06
C VAL B 278 3.91 9.42 -27.86
N GLY B 279 2.74 8.87 -28.24
CA GLY B 279 2.51 7.46 -28.02
C GLY B 279 1.24 7.21 -27.23
N LEU B 280 0.30 8.15 -27.27
CA LEU B 280 -0.99 7.94 -26.61
C LEU B 280 -2.00 7.29 -27.56
N THR B 281 -1.68 6.07 -27.97
CA THR B 281 -2.49 5.34 -28.94
C THR B 281 -2.83 4.07 -28.18
N GLY B 282 -1.82 3.22 -28.01
CA GLY B 282 -1.99 2.00 -27.25
C GLY B 282 -1.81 2.43 -25.81
N TYR B 283 -2.51 1.75 -24.89
CA TYR B 283 -3.49 2.30 -23.92
C TYR B 283 -4.95 2.05 -24.30
N GLY B 284 -5.22 1.55 -25.50
CA GLY B 284 -6.62 1.39 -25.82
C GLY B 284 -7.42 2.58 -26.31
N TYR B 285 -8.03 3.27 -25.35
CA TYR B 285 -8.92 4.39 -25.60
C TYR B 285 -8.51 5.52 -24.67
N THR B 286 -8.91 6.75 -25.04
CA THR B 286 -8.74 7.93 -24.20
C THR B 286 -10.11 8.59 -24.05
N TRP B 287 -10.47 8.90 -22.81
CA TRP B 287 -11.74 8.41 -22.27
C TRP B 287 -12.97 9.23 -22.65
N ILE B 288 -13.06 10.48 -22.25
CA ILE B 288 -14.23 11.29 -22.57
C ILE B 288 -14.05 12.20 -23.79
N VAL B 289 -14.98 12.04 -24.72
CA VAL B 289 -14.98 12.58 -26.07
C VAL B 289 -16.38 13.19 -26.08
N PRO B 290 -16.59 14.37 -25.49
CA PRO B 290 -17.95 14.91 -25.35
C PRO B 290 -18.61 15.32 -26.66
N SER B 291 -19.71 14.63 -26.96
CA SER B 291 -20.28 14.62 -28.30
C SER B 291 -20.94 15.96 -28.59
N LEU B 292 -21.47 16.62 -27.55
CA LEU B 292 -22.31 17.79 -27.72
C LEU B 292 -21.52 19.04 -28.06
N VAL B 293 -20.20 18.97 -28.01
CA VAL B 293 -19.35 20.13 -28.27
C VAL B 293 -18.96 20.13 -29.73
N ALA B 294 -18.40 19.00 -30.16
CA ALA B 294 -17.91 18.79 -31.52
C ALA B 294 -18.83 17.68 -31.99
N GLY B 295 -20.05 18.07 -32.36
CA GLY B 295 -21.07 17.20 -32.89
C GLY B 295 -21.18 16.74 -34.32
N ASP B 296 -20.12 16.31 -35.01
CA ASP B 296 -20.42 15.87 -36.38
C ASP B 296 -19.84 14.47 -36.58
N THR B 297 -20.68 13.46 -36.33
CA THR B 297 -20.21 12.08 -36.29
C THR B 297 -19.88 11.56 -37.68
N ASP B 298 -20.38 12.24 -38.72
CA ASP B 298 -20.24 11.84 -40.11
C ASP B 298 -18.88 12.25 -40.68
N THR B 299 -18.40 13.43 -40.33
CA THR B 299 -17.23 14.02 -40.98
C THR B 299 -16.14 14.32 -39.97
N VAL B 300 -16.10 13.54 -38.89
CA VAL B 300 -15.00 13.72 -37.93
C VAL B 300 -13.75 13.04 -38.47
N PRO B 301 -12.60 13.70 -38.44
CA PRO B 301 -11.34 13.02 -38.76
C PRO B 301 -11.00 12.06 -37.62
N SER B 302 -10.12 11.08 -37.88
CA SER B 302 -9.98 10.09 -36.82
C SER B 302 -8.61 9.57 -36.39
N GLU B 303 -7.46 9.92 -37.01
CA GLU B 303 -6.15 10.18 -36.35
C GLU B 303 -5.89 9.72 -34.91
N PHE B 304 -6.52 8.62 -34.45
CA PHE B 304 -6.50 8.04 -33.12
C PHE B 304 -7.15 6.67 -33.31
N PRO B 305 -7.34 5.84 -32.28
CA PRO B 305 -8.33 4.76 -32.45
C PRO B 305 -9.74 5.20 -32.09
N THR B 306 -10.63 4.21 -31.95
CA THR B 306 -12.10 4.30 -31.97
C THR B 306 -12.81 5.56 -31.50
N GLY B 307 -12.67 5.96 -30.23
CA GLY B 307 -13.45 7.06 -29.66
C GLY B 307 -14.96 7.00 -29.84
N LEU B 308 -15.63 8.14 -29.64
CA LEU B 308 -17.08 8.29 -29.46
C LEU B 308 -17.76 7.38 -28.41
N ILE B 309 -17.40 7.52 -27.14
CA ILE B 309 -18.26 6.83 -26.15
C ILE B 309 -19.55 7.59 -25.84
N SER B 310 -19.58 8.91 -25.99
CA SER B 310 -20.21 9.73 -24.97
C SER B 310 -21.70 9.96 -25.23
N VAL B 311 -22.26 10.99 -24.60
CA VAL B 311 -23.70 11.21 -24.58
C VAL B 311 -24.02 12.53 -25.27
N SER B 312 -25.07 12.52 -26.08
CA SER B 312 -25.88 13.68 -26.42
C SER B 312 -27.33 13.25 -26.30
N TYR B 313 -28.27 14.15 -26.61
CA TYR B 313 -29.59 13.61 -26.79
C TYR B 313 -29.77 13.20 -28.25
N ASP B 314 -28.73 13.38 -29.06
CA ASP B 314 -28.84 13.50 -30.50
C ASP B 314 -28.96 12.13 -31.16
N GLU B 315 -29.90 11.34 -30.67
CA GLU B 315 -30.60 10.38 -31.49
C GLU B 315 -31.07 11.10 -32.75
N TRP B 316 -30.81 10.48 -33.90
CA TRP B 316 -31.25 11.02 -35.18
C TRP B 316 -32.75 11.16 -35.15
N ASP B 317 -33.24 12.41 -35.22
CA ASP B 317 -34.33 12.83 -34.36
C ASP B 317 -35.67 12.22 -34.74
N TYR B 318 -35.89 10.99 -34.27
CA TYR B 318 -37.21 10.40 -34.27
C TYR B 318 -38.00 11.10 -33.19
N GLY B 319 -38.65 12.20 -33.55
CA GLY B 319 -39.26 13.06 -32.56
C GLY B 319 -39.16 14.52 -32.96
N LEU B 320 -38.43 14.82 -34.03
CA LEU B 320 -38.28 16.20 -34.48
C LEU B 320 -39.61 16.90 -34.81
N PRO B 321 -40.56 16.31 -35.58
CA PRO B 321 -41.85 16.99 -35.71
C PRO B 321 -42.64 16.92 -34.43
N ALA B 322 -42.42 15.86 -33.65
CA ALA B 322 -43.01 15.77 -32.32
C ALA B 322 -42.42 16.80 -31.39
N ARG B 323 -41.13 17.12 -31.56
CA ARG B 323 -40.53 18.21 -30.80
C ARG B 323 -41.17 19.55 -31.17
N VAL B 324 -41.42 19.75 -32.47
CA VAL B 324 -42.10 20.98 -32.91
C VAL B 324 -43.52 21.08 -32.34
N ARG B 325 -44.28 19.98 -32.39
CA ARG B 325 -45.64 19.98 -31.84
C ARG B 325 -45.64 20.16 -30.33
N ASP B 326 -44.66 19.55 -29.63
CA ASP B 326 -44.54 19.69 -28.19
C ASP B 326 -44.22 21.13 -27.82
N GLY B 327 -43.32 21.77 -28.59
CA GLY B 327 -43.00 23.15 -28.32
C GLY B 327 -44.17 24.09 -28.57
N ILE B 328 -44.95 23.81 -29.62
CA ILE B 328 -46.15 24.59 -29.89
C ILE B 328 -47.14 24.44 -28.73
N ALA B 329 -47.27 23.21 -28.22
CA ALA B 329 -48.13 22.95 -27.07
C ALA B 329 -47.61 23.67 -25.83
N ILE B 330 -46.29 23.79 -25.68
CA ILE B 330 -45.68 24.50 -24.55
C ILE B 330 -46.08 25.97 -24.59
N ILE B 331 -45.93 26.58 -25.78
CA ILE B 331 -46.23 28.00 -25.97
C ILE B 331 -47.72 28.24 -25.74
N THR B 332 -48.56 27.37 -26.27
CA THR B 332 -50.00 27.52 -26.16
C THR B 332 -50.43 27.30 -24.71
N THR B 333 -49.74 26.42 -23.99
CA THR B 333 -50.04 26.19 -22.58
C THR B 333 -49.66 27.40 -21.75
N ALA B 334 -48.55 28.06 -22.09
CA ALA B 334 -48.14 29.27 -21.38
C ALA B 334 -49.13 30.39 -21.62
N ALA B 335 -49.60 30.52 -22.86
CA ALA B 335 -50.57 31.56 -23.17
C ALA B 335 -51.92 31.25 -22.52
N SER B 336 -52.24 29.95 -22.39
CA SER B 336 -53.45 29.54 -21.69
C SER B 336 -53.32 29.84 -20.20
N ASP B 337 -52.12 29.72 -19.65
CA ASP B 337 -51.89 30.08 -18.25
C ASP B 337 -52.07 31.56 -18.04
N MET B 338 -51.63 32.37 -19.01
CA MET B 338 -51.81 33.82 -18.91
C MET B 338 -53.27 34.19 -19.01
N LEU B 339 -54.01 33.49 -19.88
CA LEU B 339 -55.45 33.74 -19.97
C LEU B 339 -56.20 33.21 -18.76
N SER B 340 -55.69 32.17 -18.10
CA SER B 340 -56.36 31.71 -16.89
C SER B 340 -56.09 32.59 -15.69
N GLU B 341 -54.94 33.27 -15.66
CA GLU B 341 -54.57 34.05 -14.48
C GLU B 341 -54.79 35.55 -14.58
N HIS B 342 -54.63 36.16 -15.76
CA HIS B 342 -54.72 37.61 -15.89
C HIS B 342 -55.72 38.13 -16.91
N SER B 343 -56.44 37.26 -17.61
CA SER B 343 -56.42 37.19 -19.06
C SER B 343 -56.20 38.47 -19.84
N PHE B 344 -55.00 38.58 -20.42
CA PHE B 344 -54.66 39.60 -21.38
C PHE B 344 -53.56 39.04 -22.25
N ILE B 345 -53.67 39.26 -23.56
CA ILE B 345 -52.67 38.82 -24.52
C ILE B 345 -51.74 39.99 -24.81
N PRO B 346 -50.45 39.91 -24.50
CA PRO B 346 -49.56 40.99 -24.94
C PRO B 346 -49.50 40.94 -26.46
N GLU B 347 -49.76 42.08 -27.09
CA GLU B 347 -49.58 42.15 -28.53
C GLU B 347 -48.13 42.06 -28.96
N PRO B 348 -47.82 41.27 -29.99
CA PRO B 348 -46.43 41.05 -30.41
C PRO B 348 -45.90 42.32 -31.06
N LYS B 349 -44.58 42.37 -31.24
CA LYS B 349 -44.00 43.57 -31.84
C LYS B 349 -44.36 43.60 -33.33
N SER B 350 -44.48 44.81 -33.89
CA SER B 350 -44.84 44.95 -35.29
C SER B 350 -43.80 45.57 -36.21
N SER B 351 -42.55 45.75 -35.77
CA SER B 351 -41.56 46.38 -36.64
C SER B 351 -40.17 46.05 -36.15
N CYS B 352 -39.17 46.39 -36.97
CA CYS B 352 -37.78 46.31 -36.52
C CYS B 352 -36.97 47.60 -36.70
N TYR B 353 -37.01 48.15 -37.91
CA TYR B 353 -36.40 49.45 -38.25
C TYR B 353 -37.27 50.67 -37.96
N ASN B 354 -38.58 50.53 -37.74
CA ASN B 354 -39.33 51.77 -37.56
C ASN B 354 -40.13 51.80 -36.28
N THR B 355 -40.03 52.93 -35.55
CA THR B 355 -40.54 53.12 -34.19
C THR B 355 -40.29 51.89 -33.33
N HIS B 356 -39.01 51.53 -33.20
CA HIS B 356 -38.63 50.20 -32.73
C HIS B 356 -38.89 49.96 -31.25
N GLU B 357 -39.49 50.90 -30.52
CA GLU B 357 -39.67 50.70 -29.10
C GLU B 357 -40.91 49.86 -28.82
N LYS B 358 -42.03 50.16 -29.50
CA LYS B 358 -43.14 49.23 -29.75
C LYS B 358 -43.77 48.69 -28.46
N ARG B 359 -44.53 49.58 -27.80
CA ARG B 359 -45.19 49.41 -26.49
C ARG B 359 -44.16 48.94 -25.46
N ILE B 360 -43.18 49.82 -25.19
CA ILE B 360 -41.85 49.55 -24.64
C ILE B 360 -41.85 48.64 -23.41
N TYR B 361 -42.64 48.93 -22.38
CA TYR B 361 -42.59 48.10 -21.19
C TYR B 361 -43.63 47.00 -21.32
N GLN B 362 -43.27 45.81 -20.84
CA GLN B 362 -44.09 44.63 -20.96
C GLN B 362 -43.96 43.85 -19.66
N SER B 363 -45.04 43.14 -19.32
CA SER B 363 -45.04 42.33 -18.11
C SER B 363 -44.06 41.17 -18.23
N ASN B 364 -43.12 41.09 -17.28
CA ASN B 364 -42.18 39.99 -17.07
C ASN B 364 -42.83 38.69 -16.56
N MET B 365 -44.14 38.59 -16.67
CA MET B 365 -44.89 37.39 -16.31
C MET B 365 -44.61 36.23 -17.25
N LEU B 366 -44.33 36.52 -18.53
CA LEU B 366 -43.98 35.48 -19.50
C LEU B 366 -42.67 34.75 -19.20
N ASN B 367 -41.65 35.41 -18.64
CA ASN B 367 -40.44 34.65 -18.29
C ASN B 367 -40.73 33.66 -17.15
N ARG B 368 -41.61 34.05 -16.22
CA ARG B 368 -42.04 33.18 -15.14
C ARG B 368 -42.96 32.08 -15.66
N TYR B 369 -43.71 32.37 -16.73
CA TYR B 369 -44.65 31.42 -17.28
C TYR B 369 -43.93 30.41 -18.17
N LEU B 370 -42.76 30.77 -18.69
CA LEU B 370 -42.05 29.90 -19.61
C LEU B 370 -41.42 28.74 -18.84
N ILE B 371 -41.30 28.91 -17.53
CA ILE B 371 -40.61 27.97 -16.66
C ILE B 371 -41.60 27.09 -15.92
N ASN B 372 -42.68 27.70 -15.44
CA ASN B 372 -43.77 26.97 -14.79
C ASN B 372 -44.56 26.08 -15.73
N VAL B 373 -44.37 26.16 -17.04
CA VAL B 373 -45.14 25.29 -17.91
C VAL B 373 -44.36 23.99 -18.02
N THR B 374 -45.12 22.89 -18.10
CA THR B 374 -44.74 21.51 -18.34
C THR B 374 -45.80 20.81 -19.17
N PHE B 375 -45.35 19.91 -20.03
CA PHE B 375 -46.27 19.16 -20.87
C PHE B 375 -46.18 17.71 -20.40
N GLU B 376 -47.35 17.06 -20.42
CA GLU B 376 -47.69 15.85 -19.68
C GLU B 376 -46.67 14.73 -19.80
N GLY B 377 -45.92 14.59 -18.71
CA GLY B 377 -44.89 13.60 -18.47
C GLY B 377 -43.67 13.73 -19.36
N ARG B 378 -43.59 14.78 -20.18
CA ARG B 378 -42.56 14.87 -21.20
C ARG B 378 -41.67 16.10 -21.08
N ASP B 379 -42.24 17.29 -21.24
CA ASP B 379 -41.52 18.54 -21.00
C ASP B 379 -41.28 18.84 -19.53
N LEU B 380 -40.06 19.28 -19.23
CA LEU B 380 -39.57 19.56 -17.90
C LEU B 380 -39.65 21.07 -17.64
N SER B 381 -39.57 21.44 -16.37
CA SER B 381 -39.68 22.85 -16.00
C SER B 381 -38.49 23.78 -16.32
N PHE B 382 -37.97 23.75 -17.57
CA PHE B 382 -37.58 24.91 -18.39
C PHE B 382 -37.06 26.13 -17.62
N SER B 383 -36.24 25.94 -16.59
CA SER B 383 -35.69 27.07 -15.85
C SER B 383 -34.36 27.69 -16.30
N GLU B 384 -33.28 26.91 -16.24
CA GLU B 384 -31.98 27.45 -16.65
C GLU B 384 -31.70 27.70 -18.12
N ASP B 385 -32.03 28.89 -18.63
CA ASP B 385 -31.87 29.23 -20.04
C ASP B 385 -32.45 28.30 -21.10
N GLY B 386 -33.29 27.32 -20.78
CA GLY B 386 -33.30 26.12 -21.57
C GLY B 386 -32.52 24.91 -21.11
N TYR B 387 -32.14 24.83 -19.83
CA TYR B 387 -31.49 23.62 -19.35
C TYR B 387 -32.44 22.95 -18.36
N GLN B 388 -33.07 21.90 -18.87
CA GLN B 388 -34.04 20.95 -18.36
C GLN B 388 -33.36 19.92 -17.47
N MET B 389 -34.18 19.12 -16.80
CA MET B 389 -33.67 18.11 -15.89
C MET B 389 -33.63 16.73 -16.52
N HIS B 390 -34.76 16.22 -17.01
CA HIS B 390 -34.68 14.84 -17.47
C HIS B 390 -35.14 14.59 -18.91
N PRO B 391 -34.62 15.31 -19.92
CA PRO B 391 -34.92 14.93 -21.30
C PRO B 391 -34.24 13.62 -21.71
N LYS B 392 -34.72 13.05 -22.81
CA LYS B 392 -34.22 11.75 -23.26
C LYS B 392 -32.79 11.95 -23.77
N LEU B 393 -31.90 11.04 -23.39
CA LEU B 393 -30.49 11.13 -23.76
C LEU B 393 -30.05 9.80 -24.36
N VAL B 394 -29.06 9.85 -25.26
CA VAL B 394 -28.55 8.63 -25.86
C VAL B 394 -27.04 8.54 -25.68
N ILE B 395 -26.52 7.33 -25.93
CA ILE B 395 -25.12 6.92 -25.79
C ILE B 395 -24.70 6.30 -27.11
N ILE B 396 -23.49 6.59 -27.57
CA ILE B 396 -22.99 6.28 -28.90
C ILE B 396 -21.84 5.28 -28.78
N LEU B 397 -21.75 4.43 -29.80
CA LEU B 397 -20.70 3.44 -29.98
C LEU B 397 -19.80 3.76 -31.17
N LEU B 398 -18.70 3.00 -31.22
CA LEU B 398 -17.36 3.45 -30.90
C LEU B 398 -16.36 3.08 -31.99
N ASN B 399 -16.39 3.83 -33.09
CA ASN B 399 -15.28 4.00 -34.02
C ASN B 399 -15.62 5.16 -34.93
N LYS B 400 -14.62 5.96 -35.27
CA LYS B 400 -14.86 7.03 -36.22
C LYS B 400 -14.38 6.70 -37.62
N GLU B 401 -13.47 5.73 -37.79
CA GLU B 401 -13.26 5.25 -39.15
C GLU B 401 -14.25 4.20 -39.62
N ARG B 402 -15.36 3.96 -38.93
CA ARG B 402 -16.47 3.15 -39.44
C ARG B 402 -17.81 3.58 -38.87
N LYS B 403 -18.01 4.91 -38.69
CA LYS B 403 -19.28 5.62 -38.42
C LYS B 403 -20.30 4.82 -37.60
N TRP B 404 -19.83 4.23 -36.51
CA TRP B 404 -20.70 3.55 -35.57
C TRP B 404 -21.69 4.50 -34.87
N GLU B 405 -22.78 3.89 -34.38
CA GLU B 405 -24.07 4.44 -34.05
C GLU B 405 -24.35 4.33 -32.54
N ARG B 406 -25.61 4.49 -32.16
CA ARG B 406 -25.99 4.57 -30.75
C ARG B 406 -26.02 3.17 -30.16
N VAL B 407 -25.45 3.02 -28.96
CA VAL B 407 -25.54 1.77 -28.21
C VAL B 407 -26.14 1.91 -26.81
N GLY B 408 -26.48 3.11 -26.33
CA GLY B 408 -27.10 3.19 -25.03
C GLY B 408 -28.44 3.91 -24.98
N LYS B 409 -29.02 3.85 -23.79
CA LYS B 409 -30.36 4.32 -23.46
C LYS B 409 -30.31 5.02 -22.12
N TRP B 410 -30.86 6.23 -22.04
CA TRP B 410 -30.95 6.95 -20.77
C TRP B 410 -32.33 7.57 -20.65
N LYS B 411 -32.95 7.39 -19.48
CA LYS B 411 -34.28 7.94 -19.26
C LYS B 411 -34.38 8.33 -17.79
N ASP B 412 -34.24 9.63 -17.53
CA ASP B 412 -34.71 10.38 -16.37
C ASP B 412 -34.10 10.06 -15.00
N LYS B 413 -33.51 8.88 -14.80
CA LYS B 413 -32.45 8.64 -13.84
C LYS B 413 -31.50 7.58 -14.36
N SER B 414 -32.05 6.72 -15.22
CA SER B 414 -31.55 5.38 -15.43
C SER B 414 -30.72 5.25 -16.69
N LEU B 415 -29.79 4.31 -16.64
CA LEU B 415 -28.85 4.02 -17.72
C LEU B 415 -28.92 2.54 -18.04
N GLN B 416 -28.98 2.23 -19.34
CA GLN B 416 -28.98 0.85 -19.83
C GLN B 416 -27.94 0.80 -20.93
N MET B 417 -26.99 -0.10 -20.80
CA MET B 417 -25.85 -0.16 -21.69
C MET B 417 -25.65 -1.60 -22.12
N LYS B 418 -25.58 -1.87 -23.42
CA LYS B 418 -25.56 -3.22 -23.95
C LYS B 418 -24.23 -3.57 -24.60
N TYR B 419 -23.13 -3.23 -23.94
CA TYR B 419 -21.82 -3.76 -24.31
C TYR B 419 -21.16 -4.60 -23.22
N TYR B 420 -21.25 -4.17 -21.97
CA TYR B 420 -20.65 -4.77 -20.76
C TYR B 420 -19.14 -5.00 -20.69
N VAL B 421 -18.34 -4.66 -21.70
CA VAL B 421 -16.91 -4.94 -21.59
C VAL B 421 -16.10 -3.79 -22.21
N TRP B 422 -14.95 -3.50 -21.65
CA TRP B 422 -14.10 -2.47 -22.22
C TRP B 422 -13.17 -3.03 -23.28
N PRO B 423 -13.20 -2.54 -24.51
CA PRO B 423 -12.20 -2.96 -25.50
C PRO B 423 -10.83 -2.41 -25.12
N ARG B 424 -9.79 -2.99 -25.72
CA ARG B 424 -8.42 -2.75 -25.26
C ARG B 424 -7.48 -2.94 -26.44
N MET B 425 -6.55 -2.02 -26.61
CA MET B 425 -5.66 -2.01 -27.76
C MET B 425 -4.21 -1.93 -27.29
N ASP B 434 -5.85 -14.32 -23.56
CA ASP B 434 -7.17 -14.45 -22.96
C ASP B 434 -7.07 -14.65 -21.44
N ASP B 435 -7.70 -13.73 -20.70
CA ASP B 435 -7.77 -13.80 -19.25
C ASP B 435 -9.19 -13.46 -18.80
N HIS B 436 -10.18 -13.99 -19.52
CA HIS B 436 -11.58 -13.81 -19.15
C HIS B 436 -12.22 -15.15 -18.84
N LEU B 437 -12.67 -15.29 -17.59
CA LEU B 437 -13.15 -16.53 -17.03
C LEU B 437 -14.62 -16.39 -16.69
N SER B 438 -15.38 -17.45 -16.90
CA SER B 438 -16.69 -17.55 -16.28
C SER B 438 -16.47 -18.32 -14.98
N ILE B 439 -17.23 -17.96 -13.96
CA ILE B 439 -17.04 -18.56 -12.65
C ILE B 439 -18.41 -18.78 -12.03
N VAL B 440 -18.69 -20.03 -11.65
CA VAL B 440 -19.99 -20.41 -11.14
C VAL B 440 -19.83 -20.73 -9.65
N THR B 441 -20.74 -20.24 -8.84
CA THR B 441 -20.60 -20.38 -7.40
C THR B 441 -21.86 -20.87 -6.68
N LEU B 442 -21.87 -20.71 -5.36
CA LEU B 442 -22.93 -21.19 -4.49
C LEU B 442 -22.92 -20.35 -3.22
N GLU B 443 -24.11 -19.97 -2.75
CA GLU B 443 -24.25 -19.21 -1.51
C GLU B 443 -24.07 -20.14 -0.31
N GLU B 444 -23.28 -19.70 0.67
CA GLU B 444 -23.21 -20.40 1.95
C GLU B 444 -22.81 -19.43 3.04
N ALA B 445 -22.52 -19.98 4.22
CA ALA B 445 -21.98 -19.25 5.37
C ALA B 445 -20.51 -18.89 5.08
N PRO B 446 -19.77 -18.11 5.96
CA PRO B 446 -19.06 -16.93 5.44
C PRO B 446 -17.90 -17.23 4.49
N PHE B 447 -18.20 -17.85 3.35
CA PHE B 447 -17.26 -18.03 2.27
C PHE B 447 -17.75 -17.33 1.01
N VAL B 448 -19.03 -17.53 0.66
CA VAL B 448 -19.71 -16.78 -0.37
C VAL B 448 -21.06 -16.42 0.22
N ILE B 449 -21.21 -15.17 0.64
CA ILE B 449 -22.44 -14.67 1.22
C ILE B 449 -23.15 -13.90 0.13
N VAL B 450 -24.43 -14.20 -0.11
CA VAL B 450 -25.22 -13.47 -1.09
C VAL B 450 -26.18 -12.54 -0.37
N GLU B 451 -26.08 -11.24 -0.68
CA GLU B 451 -26.99 -10.22 -0.18
C GLU B 451 -27.60 -9.45 -1.35
N SER B 452 -28.64 -8.68 -1.04
CA SER B 452 -29.37 -7.93 -2.05
C SER B 452 -28.58 -6.66 -2.40
N VAL B 453 -29.14 -5.85 -3.29
CA VAL B 453 -28.45 -4.70 -3.82
C VAL B 453 -28.91 -3.46 -3.07
N ASP B 454 -28.20 -2.36 -3.25
CA ASP B 454 -28.64 -1.10 -2.68
C ASP B 454 -29.85 -0.56 -3.43
N PRO B 455 -30.86 -0.04 -2.72
CA PRO B 455 -32.06 0.48 -3.41
C PRO B 455 -31.89 1.87 -4.01
N LEU B 456 -30.69 2.47 -3.91
CA LEU B 456 -30.45 3.79 -4.48
C LEU B 456 -29.46 3.77 -5.64
N SER B 457 -28.67 2.72 -5.78
CA SER B 457 -27.59 2.72 -6.75
C SER B 457 -27.61 1.48 -7.64
N GLY B 458 -28.17 0.38 -7.15
CA GLY B 458 -28.23 -0.85 -7.94
C GLY B 458 -26.98 -1.70 -7.80
N THR B 459 -25.81 -1.07 -7.78
CA THR B 459 -24.53 -1.75 -7.75
C THR B 459 -24.21 -2.17 -6.32
N CYS B 460 -22.99 -2.62 -6.09
CA CYS B 460 -22.57 -3.05 -4.77
C CYS B 460 -21.22 -2.43 -4.47
N MET B 461 -21.08 -1.93 -3.24
CA MET B 461 -19.88 -1.19 -2.87
C MET B 461 -18.73 -2.08 -2.44
N ARG B 462 -18.90 -2.77 -1.32
CA ARG B 462 -17.79 -3.57 -0.82
C ARG B 462 -17.77 -4.93 -1.47
N ASN B 463 -18.88 -5.30 -2.11
CA ASN B 463 -19.07 -6.65 -2.64
C ASN B 463 -18.51 -6.79 -4.05
N THR B 464 -18.55 -5.73 -4.86
CA THR B 464 -17.76 -5.55 -6.08
C THR B 464 -18.01 -6.62 -7.15
N VAL B 465 -19.15 -7.31 -7.12
CA VAL B 465 -19.39 -8.38 -8.09
C VAL B 465 -20.80 -8.28 -8.63
N PRO B 466 -20.98 -8.69 -9.90
CA PRO B 466 -22.34 -8.88 -10.42
C PRO B 466 -23.10 -10.03 -9.78
N CYS B 467 -22.57 -11.25 -9.87
CA CYS B 467 -23.29 -12.48 -9.56
C CYS B 467 -24.64 -12.54 -10.30
N GLN B 468 -24.54 -12.65 -11.62
CA GLN B 468 -25.71 -12.59 -12.48
C GLN B 468 -26.51 -13.89 -12.35
N LYS B 469 -27.43 -13.90 -11.40
CA LYS B 469 -28.20 -15.09 -11.11
C LYS B 469 -29.28 -15.30 -12.16
N ARG B 470 -29.40 -16.53 -12.62
CA ARG B 470 -30.43 -16.90 -13.57
C ARG B 470 -31.71 -17.32 -12.84
N ILE B 471 -32.84 -17.04 -13.47
CA ILE B 471 -34.11 -17.49 -12.94
C ILE B 471 -34.59 -18.73 -13.70
N GLU B 479 -33.97 -18.60 -19.66
CA GLU B 479 -33.64 -18.12 -18.33
C GLU B 479 -33.41 -16.62 -18.33
N GLU B 480 -32.96 -16.07 -17.19
CA GLU B 480 -32.81 -14.64 -16.99
C GLU B 480 -31.39 -14.28 -16.60
N PRO B 481 -30.49 -14.09 -17.59
CA PRO B 481 -29.22 -13.40 -17.30
C PRO B 481 -29.33 -11.90 -17.43
N GLY B 482 -30.42 -11.33 -16.92
CA GLY B 482 -30.66 -9.91 -16.90
C GLY B 482 -31.40 -9.60 -15.63
N TYR B 483 -31.59 -10.66 -14.84
CA TYR B 483 -32.02 -10.53 -13.46
C TYR B 483 -30.97 -9.76 -12.66
N ILE B 484 -31.45 -8.99 -11.68
CA ILE B 484 -30.66 -7.92 -11.07
C ILE B 484 -29.46 -8.52 -10.33
N LYS B 485 -28.33 -7.85 -10.45
CA LYS B 485 -27.04 -8.45 -10.13
C LYS B 485 -26.83 -8.44 -8.62
N LYS B 486 -27.29 -9.52 -7.98
CA LYS B 486 -27.28 -9.65 -6.53
C LYS B 486 -25.86 -9.67 -5.98
N CYS B 487 -25.64 -8.92 -4.91
CA CYS B 487 -24.30 -8.76 -4.38
C CYS B 487 -23.83 -10.02 -3.67
N CYS B 488 -22.56 -10.34 -3.84
CA CYS B 488 -21.94 -11.47 -3.16
C CYS B 488 -20.78 -11.00 -2.29
N LYS B 489 -20.78 -11.45 -1.04
CA LYS B 489 -19.71 -11.19 -0.09
C LYS B 489 -19.07 -12.51 0.33
N GLY B 490 -18.12 -12.42 1.25
CA GLY B 490 -17.55 -13.56 1.95
C GLY B 490 -16.07 -13.74 1.70
N PHE B 491 -15.58 -14.90 2.16
CA PHE B 491 -14.14 -15.17 2.26
C PHE B 491 -13.47 -15.46 0.92
N CYS B 492 -14.05 -16.37 0.13
CA CYS B 492 -13.44 -16.81 -1.12
C CYS B 492 -13.41 -15.71 -2.15
N ILE B 493 -14.39 -14.80 -2.08
CA ILE B 493 -14.40 -13.65 -2.98
C ILE B 493 -13.26 -12.71 -2.62
N ASP B 494 -12.98 -12.56 -1.33
CA ASP B 494 -11.84 -11.76 -0.91
C ASP B 494 -10.53 -12.43 -1.30
N ILE B 495 -10.50 -13.76 -1.39
CA ILE B 495 -9.31 -14.43 -1.91
C ILE B 495 -9.14 -14.21 -3.41
N LEU B 496 -10.25 -14.32 -4.16
CA LEU B 496 -10.21 -14.16 -5.62
C LEU B 496 -9.84 -12.74 -6.03
N LYS B 497 -10.25 -11.75 -5.24
CA LYS B 497 -9.90 -10.37 -5.58
C LYS B 497 -8.42 -10.09 -5.38
N LYS B 498 -7.72 -10.93 -4.62
CA LYS B 498 -6.27 -10.82 -4.57
C LYS B 498 -5.64 -11.62 -5.70
N ILE B 499 -6.22 -12.78 -6.03
CA ILE B 499 -5.68 -13.61 -7.11
C ILE B 499 -5.87 -12.96 -8.48
N SER B 500 -6.86 -12.07 -8.62
CA SER B 500 -7.07 -11.35 -9.87
C SER B 500 -5.92 -10.38 -10.12
N LYS B 501 -5.55 -9.61 -9.11
CA LYS B 501 -4.40 -8.74 -9.24
C LYS B 501 -3.09 -9.51 -9.22
N SER B 502 -3.11 -10.76 -8.74
CA SER B 502 -1.88 -11.55 -8.71
C SER B 502 -1.41 -11.90 -10.12
N VAL B 503 -2.29 -12.47 -10.96
CA VAL B 503 -1.80 -12.79 -12.29
C VAL B 503 -2.36 -11.84 -13.34
N LYS B 504 -3.57 -12.13 -13.83
CA LYS B 504 -4.50 -11.35 -14.66
C LYS B 504 -5.83 -12.08 -14.78
N PHE B 505 -6.94 -11.45 -14.41
CA PHE B 505 -8.24 -12.10 -14.49
C PHE B 505 -9.27 -11.19 -15.13
N THR B 506 -10.45 -11.76 -15.34
CA THR B 506 -11.70 -11.06 -15.63
C THR B 506 -12.81 -12.03 -15.27
N TYR B 507 -13.73 -11.59 -14.41
CA TYR B 507 -14.81 -12.44 -13.95
C TYR B 507 -15.95 -12.53 -14.95
N ASP B 508 -16.66 -13.66 -14.91
CA ASP B 508 -18.08 -13.70 -15.27
C ASP B 508 -18.77 -14.52 -14.18
N LEU B 509 -19.17 -13.84 -13.11
CA LEU B 509 -19.58 -14.50 -11.89
C LEU B 509 -21.08 -14.73 -11.93
N TYR B 510 -21.52 -15.96 -11.69
CA TYR B 510 -22.94 -16.28 -11.63
C TYR B 510 -23.19 -17.48 -10.73
N LEU B 511 -24.45 -17.63 -10.33
CA LEU B 511 -24.90 -18.63 -9.37
C LEU B 511 -25.40 -19.88 -10.08
N VAL B 512 -25.51 -20.98 -9.33
CA VAL B 512 -26.12 -22.20 -9.85
C VAL B 512 -27.64 -22.06 -9.83
N THR B 513 -28.30 -22.86 -10.67
CA THR B 513 -29.75 -22.79 -10.82
C THR B 513 -30.46 -24.04 -10.36
N ASN B 514 -29.95 -25.22 -10.70
CA ASN B 514 -30.57 -26.47 -10.29
C ASN B 514 -30.41 -26.77 -8.80
N GLY B 515 -29.50 -26.08 -8.12
CA GLY B 515 -29.33 -26.17 -6.69
C GLY B 515 -28.79 -27.50 -6.21
N LYS B 516 -28.07 -28.21 -7.06
CA LYS B 516 -27.63 -29.58 -6.78
C LYS B 516 -26.11 -29.64 -6.78
N HIS B 517 -25.49 -28.69 -6.07
CA HIS B 517 -24.04 -28.59 -5.99
C HIS B 517 -23.41 -29.87 -5.46
N GLY B 518 -22.43 -30.37 -6.21
CA GLY B 518 -21.66 -31.54 -5.83
C GLY B 518 -22.49 -32.80 -5.74
N LYS B 519 -23.07 -33.21 -6.87
CA LYS B 519 -23.92 -34.38 -6.91
C LYS B 519 -23.71 -35.09 -8.24
N LYS B 520 -23.65 -36.42 -8.19
CA LYS B 520 -23.56 -37.26 -9.37
C LYS B 520 -24.73 -38.23 -9.39
N ILE B 521 -25.62 -38.08 -10.35
CA ILE B 521 -26.73 -39.00 -10.54
C ILE B 521 -26.38 -39.87 -11.72
N ASN B 522 -27.24 -40.85 -12.03
CA ASN B 522 -26.97 -41.88 -13.01
C ASN B 522 -26.65 -41.29 -14.39
N GLY B 523 -25.38 -41.40 -14.78
CA GLY B 523 -24.92 -40.82 -16.02
C GLY B 523 -24.15 -39.51 -15.90
N THR B 524 -24.59 -38.60 -15.04
CA THR B 524 -24.14 -37.22 -15.14
C THR B 524 -23.90 -36.60 -13.77
N TRP B 525 -23.44 -35.35 -13.79
CA TRP B 525 -23.21 -34.53 -12.61
C TRP B 525 -24.15 -33.35 -12.64
N ASN B 526 -24.45 -32.81 -11.45
CA ASN B 526 -25.36 -31.68 -11.35
C ASN B 526 -24.70 -30.58 -10.53
N GLY B 527 -25.33 -29.40 -10.55
CA GLY B 527 -24.85 -28.29 -9.75
C GLY B 527 -23.57 -27.71 -10.31
N MET B 528 -22.64 -27.41 -9.41
CA MET B 528 -21.38 -26.79 -9.81
C MET B 528 -20.53 -27.77 -10.62
N ILE B 529 -20.46 -29.03 -10.17
CA ILE B 529 -19.80 -30.04 -10.99
C ILE B 529 -20.61 -30.34 -12.24
N GLY B 530 -21.92 -30.11 -12.21
CA GLY B 530 -22.71 -30.24 -13.42
C GLY B 530 -22.39 -29.20 -14.46
N GLU B 531 -22.02 -28.00 -14.04
CA GLU B 531 -21.55 -26.98 -14.96
C GLU B 531 -20.05 -27.07 -15.18
N VAL B 532 -19.38 -27.97 -14.46
CA VAL B 532 -18.01 -28.33 -14.78
C VAL B 532 -17.97 -29.33 -15.92
N VAL B 533 -18.82 -30.37 -15.85
CA VAL B 533 -18.80 -31.40 -16.87
C VAL B 533 -19.38 -30.91 -18.19
N MET B 534 -20.08 -29.77 -18.18
CA MET B 534 -20.66 -29.22 -19.38
C MET B 534 -19.72 -28.27 -20.10
N LYS B 535 -18.46 -28.16 -19.65
CA LYS B 535 -17.37 -27.43 -20.31
C LYS B 535 -17.71 -25.96 -20.55
N ARG B 536 -18.08 -25.26 -19.48
CA ARG B 536 -18.55 -23.88 -19.60
C ARG B 536 -17.53 -22.85 -19.15
N ALA B 537 -16.24 -23.12 -19.38
CA ALA B 537 -15.13 -22.15 -19.25
C ALA B 537 -15.07 -21.58 -17.83
N TYR B 538 -14.78 -22.47 -16.90
CA TYR B 538 -15.30 -22.37 -15.55
C TYR B 538 -14.22 -22.36 -14.49
N MET B 539 -14.62 -21.85 -13.33
CA MET B 539 -14.05 -22.20 -12.03
C MET B 539 -15.23 -22.48 -11.11
N ALA B 540 -14.94 -22.85 -9.87
CA ALA B 540 -16.03 -23.17 -8.95
C ALA B 540 -15.74 -22.70 -7.54
N VAL B 541 -15.12 -21.52 -7.40
CA VAL B 541 -14.76 -20.97 -6.09
C VAL B 541 -16.00 -20.83 -5.19
N GLY B 542 -15.78 -20.99 -3.89
CA GLY B 542 -16.87 -21.14 -2.95
C GLY B 542 -16.52 -22.25 -1.99
N SER B 543 -17.53 -22.74 -1.28
CA SER B 543 -17.34 -23.85 -0.36
C SER B 543 -17.53 -25.12 -1.19
N LEU B 544 -16.44 -25.85 -1.38
CA LEU B 544 -16.44 -27.04 -2.21
C LEU B 544 -15.30 -27.92 -1.75
N THR B 545 -15.61 -29.12 -1.29
CA THR B 545 -14.59 -29.94 -0.67
C THR B 545 -13.80 -30.67 -1.76
N ILE B 546 -12.84 -31.47 -1.32
CA ILE B 546 -12.03 -32.27 -2.22
C ILE B 546 -12.27 -33.72 -1.84
N ASN B 547 -12.50 -34.57 -2.82
CA ASN B 547 -12.59 -36.00 -2.55
C ASN B 547 -12.13 -36.75 -3.79
N GLU B 548 -12.34 -38.07 -3.77
CA GLU B 548 -11.90 -38.91 -4.86
C GLU B 548 -12.95 -39.00 -5.95
N GLU B 549 -14.23 -38.97 -5.57
CA GLU B 549 -15.33 -39.13 -6.52
C GLU B 549 -15.43 -37.95 -7.48
N ARG B 550 -14.86 -36.80 -7.11
CA ARG B 550 -14.83 -35.65 -8.00
C ARG B 550 -13.51 -35.51 -8.73
N SER B 551 -12.43 -36.07 -8.19
CA SER B 551 -11.11 -35.92 -8.78
C SER B 551 -10.94 -36.75 -10.05
N GLU B 552 -11.85 -37.68 -10.32
CA GLU B 552 -11.75 -38.47 -11.54
C GLU B 552 -12.15 -37.65 -12.76
N VAL B 553 -13.15 -36.79 -12.59
CA VAL B 553 -13.66 -35.99 -13.69
C VAL B 553 -12.94 -34.66 -13.79
N VAL B 554 -12.71 -34.03 -12.64
CA VAL B 554 -12.20 -32.68 -12.55
C VAL B 554 -10.76 -32.73 -12.04
N ASP B 555 -9.96 -31.80 -12.54
CA ASP B 555 -8.65 -31.55 -11.97
C ASP B 555 -8.82 -30.53 -10.85
N PHE B 556 -7.88 -30.54 -9.90
CA PHE B 556 -8.02 -29.68 -8.74
C PHE B 556 -6.77 -28.85 -8.52
N SER B 557 -6.96 -27.78 -7.76
CA SER B 557 -5.92 -26.85 -7.38
C SER B 557 -5.25 -27.36 -6.11
N VAL B 558 -4.46 -26.50 -5.48
CA VAL B 558 -3.87 -26.86 -4.18
C VAL B 558 -4.97 -26.81 -3.12
N PRO B 559 -4.95 -27.72 -2.14
CA PRO B 559 -5.87 -27.62 -1.00
C PRO B 559 -5.80 -26.27 -0.30
N PHE B 560 -6.95 -25.84 0.19
CA PHE B 560 -7.21 -24.41 0.35
C PHE B 560 -7.64 -24.00 1.74
N ILE B 561 -8.48 -24.79 2.41
CA ILE B 561 -8.86 -24.58 3.79
C ILE B 561 -8.99 -25.96 4.43
N GLU B 562 -8.31 -26.16 5.56
CA GLU B 562 -8.37 -27.42 6.26
C GLU B 562 -9.79 -27.65 6.80
N THR B 563 -10.29 -28.87 6.61
CA THR B 563 -11.66 -29.22 6.98
C THR B 563 -11.77 -30.72 7.16
N GLY B 564 -12.99 -31.18 7.41
CA GLY B 564 -13.24 -32.60 7.53
C GLY B 564 -14.68 -32.85 7.93
N ILE B 565 -14.92 -34.03 8.45
CA ILE B 565 -16.23 -34.43 8.95
C ILE B 565 -16.20 -34.33 10.46
N SER B 566 -17.01 -33.44 11.01
CA SER B 566 -17.13 -33.28 12.45
C SER B 566 -18.57 -33.53 12.86
N VAL B 567 -18.84 -33.35 14.15
CA VAL B 567 -20.14 -33.63 14.71
C VAL B 567 -20.49 -32.57 15.75
N MET B 568 -21.67 -31.97 15.60
CA MET B 568 -22.16 -30.98 16.55
C MET B 568 -23.02 -31.69 17.59
N VAL B 569 -22.67 -31.54 18.85
CA VAL B 569 -23.38 -32.20 19.92
C VAL B 569 -24.36 -31.20 20.53
N SER B 570 -25.29 -31.71 21.34
CA SER B 570 -26.31 -30.88 21.94
C SER B 570 -25.71 -29.99 23.03
N ARG B 571 -26.55 -29.10 23.56
CA ARG B 571 -26.09 -28.07 24.49
C ARG B 571 -26.44 -28.46 25.92
N SER B 572 -25.82 -29.56 26.36
CA SER B 572 -26.23 -30.25 27.57
C SER B 572 -25.86 -29.46 28.82
N ASN B 573 -26.47 -29.86 29.93
CA ASN B 573 -26.22 -29.23 31.22
C ASN B 573 -24.85 -29.61 31.76
N GLY B 574 -24.32 -28.76 32.64
CA GLY B 574 -23.02 -29.01 33.21
C GLY B 574 -23.05 -30.18 34.19
N THR B 575 -21.96 -30.94 34.22
CA THR B 575 -21.85 -32.11 35.09
C THR B 575 -20.56 -32.08 35.88
N VAL B 576 -20.67 -32.36 37.18
CA VAL B 576 -19.54 -32.64 38.07
C VAL B 576 -19.14 -34.10 37.88
N SER B 577 -18.04 -34.52 38.52
CA SER B 577 -17.56 -35.89 38.48
C SER B 577 -18.62 -36.88 38.97
N PRO B 578 -18.68 -38.08 38.39
CA PRO B 578 -19.67 -39.08 38.81
C PRO B 578 -19.40 -39.73 40.17
N SER B 579 -18.38 -39.31 40.91
CA SER B 579 -18.14 -39.81 42.24
C SER B 579 -17.73 -38.66 43.15
N ALA B 580 -17.87 -38.88 44.45
CA ALA B 580 -17.25 -38.01 45.43
C ALA B 580 -15.73 -38.10 45.35
N PHE B 581 -15.05 -37.09 45.88
CA PHE B 581 -13.60 -36.98 45.76
C PHE B 581 -12.91 -37.96 46.71
N LEU B 582 -12.99 -39.23 46.34
CA LEU B 582 -12.33 -40.32 47.03
C LEU B 582 -11.01 -40.69 46.38
N GLU B 583 -10.52 -39.83 45.48
CA GLU B 583 -9.23 -40.00 44.84
C GLU B 583 -8.12 -39.68 45.86
N PRO B 584 -6.80 -39.98 45.56
CA PRO B 584 -6.02 -40.83 46.49
C PRO B 584 -5.75 -40.25 47.88
N PHE B 585 -6.78 -39.98 48.68
CA PHE B 585 -6.59 -40.01 50.13
C PHE B 585 -6.44 -41.44 50.62
N SER B 586 -7.05 -42.40 49.94
CA SER B 586 -6.94 -43.81 50.33
C SER B 586 -5.55 -44.37 50.11
N ALA B 587 -4.74 -43.75 49.25
CA ALA B 587 -3.38 -44.21 49.01
C ALA B 587 -2.49 -44.01 50.23
N CYS B 588 -2.63 -42.87 50.90
CA CYS B 588 -1.73 -42.61 52.03
C CYS B 588 -2.47 -42.24 53.30
N VAL B 589 -3.55 -41.46 53.22
CA VAL B 589 -4.11 -40.86 54.42
C VAL B 589 -5.03 -41.86 55.12
N TRP B 590 -5.95 -42.46 54.37
CA TRP B 590 -6.92 -43.41 54.91
C TRP B 590 -6.28 -44.67 55.47
N VAL B 591 -5.04 -44.97 55.10
CA VAL B 591 -4.38 -46.14 55.67
C VAL B 591 -3.47 -45.76 56.83
N MET B 592 -2.91 -44.54 56.79
CA MET B 592 -2.18 -44.08 57.96
C MET B 592 -3.09 -43.76 59.14
N MET B 593 -4.37 -43.46 58.87
CA MET B 593 -5.33 -43.12 59.92
C MET B 593 -5.52 -44.28 60.89
N PHE B 594 -5.72 -45.50 60.37
CA PHE B 594 -5.94 -46.67 61.23
C PHE B 594 -4.70 -47.02 62.04
N VAL B 595 -3.52 -46.98 61.42
CA VAL B 595 -2.34 -47.45 62.11
C VAL B 595 -1.82 -46.42 63.10
N MET B 596 -2.13 -45.13 62.90
CA MET B 596 -1.84 -44.18 63.96
C MET B 596 -2.98 -44.06 64.95
N LEU B 597 -4.15 -44.62 64.63
CA LEU B 597 -5.28 -44.58 65.54
C LEU B 597 -5.21 -45.69 66.57
N LEU B 598 -4.82 -46.90 66.16
CA LEU B 598 -4.90 -48.06 67.03
C LEU B 598 -3.85 -48.10 68.12
N ILE B 599 -2.84 -47.22 68.07
CA ILE B 599 -1.69 -47.32 68.98
C ILE B 599 -1.98 -46.82 70.39
N VAL B 600 -3.11 -46.15 70.62
CA VAL B 600 -3.39 -45.57 71.93
C VAL B 600 -3.96 -46.57 72.94
N SER B 601 -4.21 -47.81 72.53
CA SER B 601 -4.74 -48.81 73.45
C SER B 601 -3.76 -49.13 74.58
N ALA B 602 -2.46 -49.03 74.32
CA ALA B 602 -1.46 -49.29 75.35
C ALA B 602 -1.52 -48.23 76.44
N VAL B 603 -1.65 -46.97 76.06
CA VAL B 603 -1.72 -45.90 77.05
C VAL B 603 -3.09 -45.91 77.71
N ALA B 604 -4.13 -46.35 76.99
CA ALA B 604 -5.45 -46.50 77.57
C ALA B 604 -5.49 -47.61 78.62
N VAL B 605 -4.66 -48.64 78.45
CA VAL B 605 -4.49 -49.65 79.49
C VAL B 605 -3.65 -49.06 80.63
N PHE B 606 -2.61 -48.32 80.29
CA PHE B 606 -1.65 -47.80 81.28
C PHE B 606 -2.27 -46.77 82.21
N VAL B 607 -3.29 -46.04 81.77
CA VAL B 607 -3.90 -45.05 82.66
C VAL B 607 -4.87 -45.71 83.64
N PHE B 608 -5.51 -46.82 83.25
CA PHE B 608 -6.34 -47.55 84.20
C PHE B 608 -5.50 -48.39 85.16
N GLU B 609 -4.34 -48.85 84.70
CA GLU B 609 -3.40 -49.52 85.58
C GLU B 609 -2.86 -48.58 86.66
N TYR B 610 -2.71 -47.30 86.32
CA TYR B 610 -2.16 -46.33 87.25
C TYR B 610 -2.96 -45.03 87.21
N VAL B 631 -12.85 -50.79 79.01
CA VAL B 631 -12.65 -49.35 78.88
C VAL B 631 -11.69 -49.05 77.74
N THR B 632 -11.17 -50.12 77.14
CA THR B 632 -10.16 -50.01 76.09
C THR B 632 -10.59 -50.92 74.95
N ILE B 633 -11.33 -51.98 75.31
CA ILE B 633 -11.68 -53.01 74.35
C ILE B 633 -12.73 -52.49 73.37
N GLY B 634 -13.74 -51.79 73.87
CA GLY B 634 -14.78 -51.28 73.00
C GLY B 634 -14.96 -49.78 73.14
N LYS B 635 -14.58 -49.23 74.28
CA LYS B 635 -14.90 -47.83 74.57
C LYS B 635 -13.87 -46.89 73.97
N ALA B 636 -12.64 -47.37 73.73
CA ALA B 636 -11.55 -46.50 73.34
C ALA B 636 -11.74 -45.99 71.91
N ILE B 637 -11.97 -46.90 70.97
CA ILE B 637 -12.19 -46.48 69.59
C ILE B 637 -13.56 -45.82 69.44
N TRP B 638 -14.50 -46.17 70.32
CA TRP B 638 -15.81 -45.52 70.32
C TRP B 638 -15.70 -44.07 70.76
N LEU B 639 -14.76 -43.77 71.65
CA LEU B 639 -14.43 -42.38 71.95
C LEU B 639 -13.67 -41.75 70.79
N LEU B 640 -12.67 -42.46 70.26
CA LEU B 640 -11.73 -41.88 69.31
C LEU B 640 -12.30 -41.70 67.92
N TRP B 641 -13.49 -42.22 67.65
CA TRP B 641 -14.15 -41.90 66.41
C TRP B 641 -15.06 -40.69 66.52
N GLY B 642 -15.62 -40.43 67.71
CA GLY B 642 -16.60 -39.38 67.86
C GLY B 642 -16.04 -37.98 67.70
N LEU B 643 -14.79 -37.78 68.12
CA LEU B 643 -14.18 -36.46 68.03
C LEU B 643 -13.39 -36.26 66.75
N VAL B 644 -13.00 -37.33 66.06
CA VAL B 644 -12.30 -37.13 64.80
C VAL B 644 -13.29 -36.79 63.70
N PHE B 645 -14.56 -37.17 63.82
CA PHE B 645 -15.53 -36.81 62.80
C PHE B 645 -16.54 -35.79 63.30
N ASN B 646 -16.17 -35.00 64.32
CA ASN B 646 -16.89 -33.80 64.79
C ASN B 646 -18.33 -34.15 65.20
N ASN B 647 -18.45 -34.94 66.26
CA ASN B 647 -19.77 -35.33 66.73
C ASN B 647 -19.81 -35.41 68.24
N SER B 648 -20.92 -34.93 68.81
CA SER B 648 -21.16 -35.07 70.24
C SER B 648 -22.00 -36.31 70.52
N VAL B 649 -21.46 -37.45 70.12
CA VAL B 649 -22.02 -38.76 70.48
C VAL B 649 -21.93 -38.94 71.99
N PRO B 650 -22.96 -39.46 72.68
CA PRO B 650 -22.83 -39.66 74.13
C PRO B 650 -21.85 -40.76 74.52
N VAL B 651 -20.68 -40.32 74.97
CA VAL B 651 -19.50 -41.15 75.17
C VAL B 651 -18.90 -40.77 76.53
N GLN B 652 -18.67 -41.75 77.38
CA GLN B 652 -18.04 -41.48 78.67
C GLN B 652 -16.56 -41.19 78.45
N ASN B 653 -16.08 -40.10 79.05
CA ASN B 653 -14.66 -39.79 79.00
C ASN B 653 -13.87 -40.77 79.86
N PRO B 654 -12.59 -40.98 79.56
CA PRO B 654 -11.78 -41.84 80.41
C PRO B 654 -11.45 -41.19 81.74
N LYS B 655 -11.02 -42.02 82.68
CA LYS B 655 -10.79 -41.59 84.05
C LYS B 655 -9.47 -40.85 84.13
N GLY B 656 -9.37 -39.93 85.10
CA GLY B 656 -8.08 -39.31 85.34
C GLY B 656 -7.70 -38.20 84.39
N THR B 657 -6.90 -37.26 84.89
CA THR B 657 -6.43 -36.16 84.06
C THR B 657 -5.29 -36.57 83.14
N THR B 658 -4.61 -37.68 83.45
CA THR B 658 -3.54 -38.16 82.58
C THR B 658 -4.06 -38.76 81.28
N SER B 659 -5.30 -39.24 81.26
CA SER B 659 -5.85 -39.70 80.00
C SER B 659 -6.30 -38.55 79.11
N LYS B 660 -6.48 -37.37 79.70
CA LYS B 660 -7.06 -36.23 79.00
C LYS B 660 -6.11 -35.59 77.98
N ILE B 661 -4.84 -36.01 77.92
CA ILE B 661 -3.89 -35.30 77.07
C ILE B 661 -4.03 -35.75 75.61
N MET B 662 -4.07 -37.07 75.39
CA MET B 662 -3.98 -37.60 74.02
C MET B 662 -5.24 -37.30 73.23
N VAL B 663 -6.40 -37.30 73.89
CA VAL B 663 -7.63 -36.84 73.26
C VAL B 663 -7.54 -35.36 72.87
N SER B 664 -6.89 -34.55 73.71
CA SER B 664 -6.68 -33.15 73.36
C SER B 664 -5.65 -32.96 72.24
N VAL B 665 -4.80 -33.95 71.99
CA VAL B 665 -4.00 -33.93 70.77
C VAL B 665 -4.84 -34.37 69.57
N TRP B 666 -5.66 -35.40 69.78
CA TRP B 666 -6.46 -35.97 68.70
C TRP B 666 -7.49 -34.98 68.18
N ALA B 667 -8.07 -34.17 69.07
CA ALA B 667 -8.96 -33.10 68.65
C ALA B 667 -8.26 -32.08 67.76
N PHE B 668 -7.01 -31.74 68.07
CA PHE B 668 -6.26 -30.87 67.18
C PHE B 668 -5.86 -31.56 65.88
N PHE B 669 -5.76 -32.89 65.90
CA PHE B 669 -5.59 -33.60 64.66
C PHE B 669 -6.88 -33.65 63.87
N ALA B 670 -8.00 -33.56 64.57
CA ALA B 670 -9.30 -33.67 63.91
C ALA B 670 -9.58 -32.36 63.21
N VAL B 671 -9.33 -31.25 63.92
CA VAL B 671 -9.63 -29.94 63.38
C VAL B 671 -8.67 -29.67 62.21
N ILE B 672 -7.43 -30.18 62.28
CA ILE B 672 -6.56 -30.04 61.11
C ILE B 672 -7.08 -30.93 59.98
N PHE B 673 -7.67 -32.07 60.35
CA PHE B 673 -8.01 -33.12 59.38
C PHE B 673 -9.21 -32.72 58.54
N LEU B 674 -10.34 -32.45 59.20
CA LEU B 674 -11.57 -32.18 58.48
C LEU B 674 -11.47 -30.87 57.69
N ALA B 675 -10.81 -29.85 58.27
CA ALA B 675 -10.55 -28.63 57.53
C ALA B 675 -9.60 -28.83 56.34
N SER B 676 -8.73 -29.85 56.41
CA SER B 676 -7.98 -30.25 55.23
C SER B 676 -8.89 -30.89 54.17
N TYR B 677 -9.71 -31.85 54.59
CA TYR B 677 -10.43 -32.61 53.57
C TYR B 677 -11.52 -31.75 52.93
N THR B 678 -12.10 -30.83 53.71
CA THR B 678 -13.03 -29.85 53.15
C THR B 678 -12.30 -28.87 52.26
N ALA B 679 -11.03 -28.60 52.56
CA ALA B 679 -10.26 -27.64 51.77
C ALA B 679 -9.99 -28.25 50.41
N ASN B 680 -9.40 -29.45 50.40
CA ASN B 680 -9.04 -30.12 49.16
C ASN B 680 -10.29 -30.39 48.30
N LEU B 681 -11.38 -30.84 48.93
CA LEU B 681 -12.64 -31.03 48.20
C LEU B 681 -13.20 -29.74 47.62
N ALA B 682 -13.15 -28.64 48.38
CA ALA B 682 -13.57 -27.33 47.87
C ALA B 682 -12.63 -26.78 46.82
N ALA B 683 -11.36 -27.19 46.82
CA ALA B 683 -10.50 -26.84 45.70
C ALA B 683 -10.86 -27.67 44.49
N PHE B 684 -11.32 -28.90 44.70
CA PHE B 684 -11.47 -29.84 43.61
C PHE B 684 -12.74 -29.59 42.82
N MET B 685 -13.81 -29.20 43.52
CA MET B 685 -15.11 -29.12 42.87
C MET B 685 -15.43 -27.75 42.27
N ILE B 686 -14.45 -26.85 42.16
CA ILE B 686 -14.68 -25.60 41.45
C ILE B 686 -13.60 -25.40 40.39
N GLN B 687 -12.89 -26.49 40.05
CA GLN B 687 -11.93 -26.45 38.97
C GLN B 687 -12.09 -27.61 38.00
N GLU B 688 -13.03 -28.52 38.22
CA GLU B 688 -13.15 -29.69 37.38
C GLU B 688 -14.06 -29.41 36.20
N GLU B 689 -13.68 -29.94 35.05
CA GLU B 689 -14.28 -29.65 33.76
C GLU B 689 -15.26 -30.73 33.34
N TYR B 690 -16.30 -30.31 32.62
CA TYR B 690 -17.30 -31.23 32.07
C TYR B 690 -16.68 -32.11 30.98
N VAL B 691 -17.02 -33.39 31.01
CA VAL B 691 -16.37 -34.39 30.14
C VAL B 691 -17.45 -34.99 29.24
N ASP B 692 -17.67 -34.34 28.09
CA ASP B 692 -17.74 -34.94 26.75
C ASP B 692 -18.29 -36.36 26.67
N GLN B 693 -19.56 -36.52 27.07
CA GLN B 693 -20.15 -37.84 27.32
C GLN B 693 -20.21 -38.75 26.10
N VAL B 694 -20.12 -38.19 24.89
CA VAL B 694 -19.97 -38.95 23.65
C VAL B 694 -18.64 -38.57 23.03
N SER B 695 -17.89 -39.58 22.56
CA SER B 695 -16.59 -39.35 21.95
C SER B 695 -16.35 -40.33 20.81
N GLY B 696 -16.06 -39.80 19.63
CA GLY B 696 -15.73 -40.59 18.46
C GLY B 696 -16.96 -41.21 17.79
N LEU B 697 -16.78 -41.54 16.51
CA LEU B 697 -17.83 -42.18 15.75
C LEU B 697 -17.84 -43.69 15.91
N SER B 698 -16.87 -44.24 16.63
CA SER B 698 -16.78 -45.67 16.87
C SER B 698 -17.49 -46.09 18.14
N ASP B 699 -18.21 -45.17 18.78
CA ASP B 699 -18.91 -45.49 20.01
C ASP B 699 -20.17 -46.29 19.70
N LYS B 700 -20.66 -47.00 20.73
CA LYS B 700 -21.89 -47.79 20.58
C LYS B 700 -23.09 -46.87 20.39
N LYS B 701 -23.00 -45.63 20.87
CA LYS B 701 -24.08 -44.67 20.67
C LYS B 701 -24.17 -44.31 19.20
N PHE B 702 -23.03 -44.20 18.53
CA PHE B 702 -23.00 -43.92 17.10
C PHE B 702 -23.08 -45.18 16.26
N GLN B 703 -23.10 -46.36 16.89
CA GLN B 703 -23.46 -47.58 16.19
C GLN B 703 -24.98 -47.71 16.19
N ARG B 704 -25.48 -48.91 15.92
CA ARG B 704 -26.91 -49.21 15.89
C ARG B 704 -27.52 -48.92 17.26
N PRO B 705 -28.39 -47.92 17.37
CA PRO B 705 -28.88 -47.50 18.69
C PRO B 705 -29.98 -48.41 19.22
N ASN B 706 -29.53 -49.53 19.79
CA ASN B 706 -30.41 -50.59 20.26
C ASN B 706 -30.96 -50.30 21.65
N ASP B 707 -30.06 -50.17 22.63
CA ASP B 707 -30.38 -50.31 24.05
C ASP B 707 -30.63 -48.97 24.73
N PHE B 708 -31.23 -48.01 24.02
CA PHE B 708 -31.29 -46.64 24.50
C PHE B 708 -32.73 -46.19 24.51
N SER B 709 -33.25 -45.88 25.71
CA SER B 709 -34.48 -45.13 25.85
C SER B 709 -34.34 -43.82 25.09
N PRO B 710 -35.43 -43.27 24.54
CA PRO B 710 -35.54 -43.07 23.07
C PRO B 710 -34.20 -42.81 22.41
N PRO B 711 -33.86 -43.60 21.38
CA PRO B 711 -32.46 -43.69 20.94
C PRO B 711 -31.93 -42.47 20.20
N PHE B 712 -30.66 -42.56 19.84
CA PHE B 712 -29.94 -41.43 19.27
C PHE B 712 -30.45 -41.09 17.88
N ARG B 713 -30.56 -39.79 17.61
CA ARG B 713 -31.03 -39.27 16.34
C ARG B 713 -29.93 -38.42 15.73
N PHE B 714 -29.36 -38.90 14.63
CA PHE B 714 -28.26 -38.24 13.95
C PHE B 714 -28.82 -37.44 12.79
N GLY B 715 -28.36 -36.21 12.64
CA GLY B 715 -28.76 -35.34 11.56
C GLY B 715 -27.67 -35.19 10.53
N THR B 716 -28.07 -35.04 9.28
CA THR B 716 -27.19 -34.78 8.16
C THR B 716 -28.01 -34.19 7.03
N VAL B 717 -27.32 -33.55 6.09
CA VAL B 717 -27.94 -33.02 4.88
C VAL B 717 -27.75 -34.06 3.79
N PRO B 718 -28.82 -34.56 3.17
CA PRO B 718 -28.73 -35.80 2.38
C PRO B 718 -28.25 -35.61 0.94
N ASN B 719 -27.69 -34.45 0.60
CA ASN B 719 -27.17 -34.23 -0.74
C ASN B 719 -25.79 -33.58 -0.62
N GLY B 720 -24.75 -34.33 -0.96
CA GLY B 720 -23.41 -33.78 -0.90
C GLY B 720 -22.36 -34.87 -0.72
N SER B 721 -21.23 -34.46 -0.16
CA SER B 721 -20.06 -35.32 -0.05
C SER B 721 -20.11 -36.23 1.16
N THR B 722 -20.64 -35.72 2.27
CA THR B 722 -20.65 -36.50 3.52
C THR B 722 -21.57 -37.70 3.43
N GLU B 723 -22.66 -37.59 2.67
CA GLU B 723 -23.53 -38.74 2.45
C GLU B 723 -22.81 -39.81 1.63
N ARG B 724 -22.10 -39.39 0.58
CA ARG B 724 -21.38 -40.34 -0.25
C ARG B 724 -20.15 -40.91 0.43
N ASN B 725 -19.66 -40.25 1.48
CA ASN B 725 -18.58 -40.85 2.27
C ASN B 725 -19.14 -41.79 3.31
N ILE B 726 -20.34 -41.50 3.84
CA ILE B 726 -20.88 -42.32 4.93
C ILE B 726 -21.60 -43.52 4.35
N ARG B 727 -21.90 -43.51 3.06
CA ARG B 727 -22.57 -44.64 2.43
C ARG B 727 -21.57 -45.70 2.00
N ASN B 728 -20.27 -45.43 2.11
CA ASN B 728 -19.25 -46.37 1.70
C ASN B 728 -18.47 -46.93 2.88
N ASN B 729 -18.83 -46.57 4.10
CA ASN B 729 -18.14 -47.11 5.26
C ASN B 729 -19.11 -47.74 6.25
N TYR B 730 -20.26 -47.12 6.48
CA TYR B 730 -21.28 -47.58 7.42
C TYR B 730 -22.63 -47.52 6.71
N ALA B 731 -23.08 -48.65 6.16
CA ALA B 731 -24.33 -48.66 5.40
C ALA B 731 -25.52 -48.53 6.32
N GLU B 732 -25.55 -49.30 7.41
CA GLU B 732 -26.69 -49.28 8.32
C GLU B 732 -26.81 -47.97 9.08
N MET B 733 -25.72 -47.21 9.20
CA MET B 733 -25.76 -45.90 9.85
C MET B 733 -26.60 -44.93 9.04
N HIS B 734 -26.31 -44.80 7.75
CA HIS B 734 -27.11 -43.93 6.92
C HIS B 734 -28.47 -44.54 6.60
N ALA B 735 -28.58 -45.87 6.64
CA ALA B 735 -29.88 -46.52 6.49
C ALA B 735 -30.80 -46.17 7.65
N TYR B 736 -30.24 -45.97 8.85
CA TYR B 736 -31.03 -45.44 9.95
C TYR B 736 -31.18 -43.93 9.87
N MET B 737 -30.17 -43.23 9.36
CA MET B 737 -30.23 -41.78 9.28
C MET B 737 -31.15 -41.27 8.19
N GLY B 738 -31.56 -42.14 7.27
CA GLY B 738 -32.43 -41.75 6.16
C GLY B 738 -33.78 -41.22 6.60
N LYS B 739 -34.21 -41.57 7.82
CA LYS B 739 -35.43 -41.04 8.38
C LYS B 739 -35.20 -39.69 9.03
N PHE B 740 -33.95 -39.24 9.14
CA PHE B 740 -33.64 -38.04 9.89
C PHE B 740 -32.96 -37.02 8.99
N ASN B 741 -33.49 -36.82 7.80
CA ASN B 741 -32.88 -35.85 6.89
C ASN B 741 -33.18 -34.43 7.35
N GLN B 742 -32.29 -33.51 7.01
CA GLN B 742 -32.51 -32.11 7.30
C GLN B 742 -32.49 -31.29 6.01
N ARG B 743 -33.14 -30.14 6.05
CA ARG B 743 -33.32 -29.34 4.85
C ARG B 743 -32.52 -28.04 4.90
N GLY B 744 -31.60 -27.91 5.87
CA GLY B 744 -30.86 -26.69 6.01
C GLY B 744 -30.08 -26.62 7.31
N VAL B 745 -29.09 -25.73 7.37
CA VAL B 745 -28.20 -25.66 8.53
C VAL B 745 -28.94 -25.06 9.71
N ASP B 746 -29.67 -23.96 9.45
CA ASP B 746 -30.44 -23.34 10.52
C ASP B 746 -31.63 -24.20 10.92
N ASP B 747 -32.18 -24.97 9.98
CA ASP B 747 -33.21 -25.91 10.37
C ASP B 747 -32.63 -27.05 11.19
N ALA B 748 -31.36 -27.40 10.97
CA ALA B 748 -30.69 -28.36 11.84
C ALA B 748 -30.47 -27.80 13.24
N LEU B 749 -30.13 -26.51 13.35
CA LEU B 749 -29.96 -25.92 14.68
C LEU B 749 -31.29 -25.78 15.40
N LEU B 750 -32.35 -25.41 14.67
CA LEU B 750 -33.67 -25.33 15.27
C LEU B 750 -34.21 -26.70 15.67
N SER B 751 -33.87 -27.73 14.90
CA SER B 751 -34.24 -29.08 15.31
C SER B 751 -33.37 -29.59 16.45
N LEU B 752 -32.17 -29.07 16.62
CA LEU B 752 -31.35 -29.48 17.74
C LEU B 752 -31.74 -28.74 19.01
N LYS B 753 -32.28 -27.54 18.89
CA LYS B 753 -32.65 -26.76 20.07
C LYS B 753 -33.99 -27.17 20.62
N THR B 754 -34.86 -27.74 19.79
CA THR B 754 -36.21 -28.11 20.22
C THR B 754 -36.30 -29.58 20.61
N GLY B 755 -35.18 -30.25 20.81
CA GLY B 755 -35.20 -31.65 21.16
C GLY B 755 -35.54 -32.60 20.04
N LYS B 756 -35.65 -32.10 18.80
CA LYS B 756 -35.99 -32.97 17.69
C LYS B 756 -34.79 -33.77 17.18
N LEU B 757 -33.58 -33.34 17.50
CA LEU B 757 -32.36 -33.97 17.04
C LEU B 757 -31.36 -34.03 18.18
N ASP B 758 -30.65 -35.15 18.28
CA ASP B 758 -29.67 -35.35 19.33
C ASP B 758 -28.28 -34.92 18.90
N ALA B 759 -27.91 -35.17 17.64
CA ALA B 759 -26.59 -34.82 17.16
C ALA B 759 -26.64 -34.57 15.66
N PHE B 760 -25.71 -33.76 15.18
CA PHE B 760 -25.68 -33.32 13.79
C PHE B 760 -24.29 -33.58 13.26
N ILE B 761 -24.19 -33.99 12.00
CA ILE B 761 -22.93 -34.32 11.36
C ILE B 761 -22.81 -33.53 10.07
N TYR B 762 -21.74 -32.76 9.93
CA TYR B 762 -21.57 -31.90 8.77
C TYR B 762 -20.08 -31.60 8.64
N ASP B 763 -19.74 -30.61 7.81
CA ASP B 763 -18.36 -30.21 7.62
C ASP B 763 -17.82 -29.50 8.85
N ALA B 764 -16.49 -29.40 8.90
CA ALA B 764 -15.87 -28.88 10.12
C ALA B 764 -15.90 -27.36 10.17
N ALA B 765 -15.68 -26.69 9.02
CA ALA B 765 -15.53 -25.25 9.06
C ALA B 765 -16.85 -24.53 9.32
N VAL B 766 -17.93 -24.99 8.68
CA VAL B 766 -19.24 -24.37 8.88
C VAL B 766 -19.74 -24.63 10.29
N LEU B 767 -19.47 -25.81 10.82
CA LEU B 767 -19.88 -26.13 12.19
C LEU B 767 -19.05 -25.35 13.20
N ASN B 768 -17.76 -25.18 12.93
CA ASN B 768 -16.91 -24.39 13.80
C ASN B 768 -17.21 -22.91 13.73
N TYR B 769 -17.78 -22.43 12.61
CA TYR B 769 -18.29 -21.06 12.59
C TYR B 769 -19.57 -20.96 13.41
N MET B 770 -20.55 -21.83 13.13
CA MET B 770 -21.83 -21.71 13.81
C MET B 770 -21.76 -22.08 15.28
N ALA B 771 -20.69 -22.75 15.71
CA ALA B 771 -20.45 -22.93 17.14
C ALA B 771 -20.08 -21.61 17.78
N GLY B 772 -19.42 -20.74 17.03
CA GLY B 772 -18.91 -19.51 17.56
C GLY B 772 -19.85 -18.36 17.34
N ARG B 773 -20.94 -18.61 16.60
CA ARG B 773 -21.86 -17.53 16.27
C ARG B 773 -23.28 -17.83 16.75
N ASP B 774 -23.43 -18.70 17.74
CA ASP B 774 -24.71 -18.88 18.41
C ASP B 774 -24.88 -17.77 19.44
N GLU B 775 -26.15 -17.45 19.76
CA GLU B 775 -26.41 -16.38 20.71
C GLU B 775 -25.98 -16.75 22.13
N GLY B 776 -26.13 -18.03 22.50
CA GLY B 776 -25.48 -18.57 23.68
C GLY B 776 -24.22 -19.29 23.28
N CYS B 777 -23.41 -19.63 24.27
CA CYS B 777 -22.21 -20.40 23.97
C CYS B 777 -22.15 -21.63 24.87
N LYS B 778 -23.24 -22.38 24.86
CA LYS B 778 -23.35 -23.69 25.48
C LYS B 778 -22.61 -24.73 24.64
N LEU B 779 -22.82 -26.01 24.96
CA LEU B 779 -21.98 -27.08 24.41
C LEU B 779 -22.19 -27.22 22.91
N VAL B 780 -21.12 -27.54 22.19
CA VAL B 780 -21.16 -27.44 20.74
C VAL B 780 -20.76 -28.74 20.02
N THR B 781 -19.48 -29.12 20.13
CA THR B 781 -18.91 -30.17 19.30
C THR B 781 -18.15 -31.18 20.15
N ILE B 782 -18.13 -32.42 19.66
CA ILE B 782 -17.52 -33.52 20.38
C ILE B 782 -16.00 -33.37 20.35
N GLY B 783 -15.39 -33.46 21.53
CA GLY B 783 -13.97 -33.18 21.69
C GLY B 783 -13.65 -31.70 21.59
N SER B 784 -12.60 -31.37 20.85
CA SER B 784 -12.29 -29.99 20.52
C SER B 784 -12.32 -29.73 19.02
N GLY B 785 -11.55 -30.47 18.24
CA GLY B 785 -11.53 -30.29 16.80
C GLY B 785 -11.33 -31.59 16.07
N LYS B 786 -11.63 -32.70 16.75
CA LYS B 786 -11.43 -34.04 16.20
C LYS B 786 -12.35 -34.24 15.01
N VAL B 787 -11.77 -34.36 13.83
CA VAL B 787 -12.51 -34.56 12.59
C VAL B 787 -12.28 -35.99 12.14
N PHE B 788 -13.27 -36.52 11.42
CA PHE B 788 -13.19 -37.93 11.04
C PHE B 788 -12.35 -38.12 9.78
N ALA B 789 -12.74 -37.47 8.68
CA ALA B 789 -12.06 -37.62 7.40
C ALA B 789 -11.47 -36.27 7.03
N SER B 790 -10.22 -36.05 7.44
CA SER B 790 -9.56 -34.76 7.25
C SER B 790 -9.25 -34.54 5.78
N THR B 791 -9.82 -33.49 5.19
CA THR B 791 -9.56 -33.12 3.81
C THR B 791 -9.43 -31.60 3.76
N GLY B 792 -9.50 -31.04 2.55
CA GLY B 792 -9.41 -29.61 2.38
C GLY B 792 -10.48 -29.09 1.43
N TYR B 793 -10.54 -27.76 1.33
CA TYR B 793 -11.25 -27.10 0.25
C TYR B 793 -10.33 -26.94 -0.94
N GLY B 794 -10.85 -26.29 -1.99
CA GLY B 794 -10.06 -26.09 -3.18
C GLY B 794 -10.78 -25.21 -4.17
N ILE B 795 -10.19 -25.11 -5.35
CA ILE B 795 -10.72 -24.33 -6.46
C ILE B 795 -10.79 -25.24 -7.66
N ALA B 796 -12.00 -25.52 -8.14
CA ALA B 796 -12.09 -26.38 -9.30
C ALA B 796 -11.75 -25.59 -10.57
N ILE B 797 -11.34 -26.34 -11.59
CA ILE B 797 -10.67 -25.80 -12.77
C ILE B 797 -10.92 -26.76 -13.92
N GLN B 798 -10.70 -26.30 -15.14
CA GLN B 798 -10.78 -27.19 -16.28
C GLN B 798 -9.68 -28.24 -16.18
N LYS B 799 -9.98 -29.45 -16.64
CA LYS B 799 -9.05 -30.56 -16.46
C LYS B 799 -7.80 -30.38 -17.32
N ASP B 800 -6.64 -30.53 -16.67
CA ASP B 800 -5.28 -30.33 -17.16
C ASP B 800 -5.10 -29.08 -18.03
N SER B 801 -5.78 -28.00 -17.67
CA SER B 801 -5.55 -26.72 -18.32
C SER B 801 -4.22 -26.12 -17.86
N GLY B 802 -3.68 -25.21 -18.69
CA GLY B 802 -2.42 -24.59 -18.36
C GLY B 802 -2.50 -23.58 -17.23
N TRP B 803 -3.72 -23.14 -16.88
CA TRP B 803 -3.90 -22.12 -15.87
C TRP B 803 -3.88 -22.70 -14.46
N LYS B 804 -3.66 -24.01 -14.35
CA LYS B 804 -3.60 -24.66 -13.05
C LYS B 804 -2.32 -24.29 -12.30
N ARG B 805 -1.16 -24.51 -12.94
CA ARG B 805 0.15 -24.34 -12.32
C ARG B 805 0.46 -22.90 -11.89
N GLN B 806 -0.20 -21.92 -12.50
CA GLN B 806 -0.07 -20.55 -12.04
C GLN B 806 -0.79 -20.33 -10.72
N VAL B 807 -2.05 -20.76 -10.63
CA VAL B 807 -2.78 -20.56 -9.37
C VAL B 807 -2.11 -21.39 -8.28
N ASP B 808 -1.60 -22.59 -8.64
CA ASP B 808 -0.80 -23.41 -7.73
C ASP B 808 0.42 -22.67 -7.21
N LEU B 809 0.99 -21.77 -8.01
CA LEU B 809 2.06 -20.95 -7.45
C LEU B 809 1.47 -19.88 -6.53
N ALA B 810 0.41 -19.21 -7.00
CA ALA B 810 -0.01 -17.96 -6.40
C ALA B 810 -0.60 -18.19 -5.00
N ILE B 811 -1.37 -19.27 -4.86
CA ILE B 811 -1.91 -19.67 -3.57
C ILE B 811 -0.79 -19.95 -2.56
N LEU B 812 0.26 -20.66 -3.00
CA LEU B 812 1.39 -20.88 -2.11
C LEU B 812 2.08 -19.57 -1.76
N GLN B 813 2.09 -18.60 -2.68
CA GLN B 813 2.65 -17.30 -2.34
C GLN B 813 1.83 -16.62 -1.26
N LEU B 814 0.49 -16.84 -1.30
CA LEU B 814 -0.40 -16.31 -0.27
C LEU B 814 -0.11 -16.97 1.06
N PHE B 815 0.19 -18.26 1.02
CA PHE B 815 0.63 -18.95 2.22
C PHE B 815 1.97 -18.41 2.68
N GLY B 816 2.76 -17.88 1.74
CA GLY B 816 4.02 -17.27 2.06
C GLY B 816 3.91 -15.90 2.69
N ASP B 817 2.75 -15.25 2.62
CA ASP B 817 2.70 -13.88 3.12
C ASP B 817 1.87 -13.71 4.39
N GLY B 818 1.17 -14.73 4.86
CA GLY B 818 0.33 -14.52 6.04
C GLY B 818 -0.95 -13.73 5.89
N GLU B 819 -1.45 -13.52 4.67
CA GLU B 819 -2.64 -12.69 4.47
C GLU B 819 -3.95 -13.38 4.84
N MET B 820 -3.97 -14.67 5.11
CA MET B 820 -5.19 -15.29 5.61
C MET B 820 -5.48 -14.87 7.05
N GLU B 821 -4.44 -14.74 7.88
CA GLU B 821 -4.67 -14.20 9.22
C GLU B 821 -4.97 -12.70 9.19
N GLU B 822 -4.63 -11.99 8.12
CA GLU B 822 -5.15 -10.65 7.97
C GLU B 822 -6.58 -10.65 7.46
N LEU B 823 -6.96 -11.70 6.75
CA LEU B 823 -8.32 -11.95 6.30
C LEU B 823 -9.14 -12.71 7.32
N GLU B 824 -8.61 -12.89 8.53
CA GLU B 824 -9.33 -13.55 9.61
C GLU B 824 -10.46 -12.70 10.17
N ALA B 825 -10.40 -11.37 9.97
CA ALA B 825 -11.36 -10.45 10.57
C ALA B 825 -12.76 -10.55 9.98
N LEU B 826 -12.95 -11.37 8.94
CA LEU B 826 -14.24 -11.60 8.31
C LEU B 826 -14.62 -13.07 8.37
N TRP B 827 -13.71 -13.93 8.81
CA TRP B 827 -13.58 -15.29 8.30
C TRP B 827 -14.07 -16.34 9.29
N LEU B 828 -13.44 -16.42 10.45
CA LEU B 828 -13.83 -17.43 11.44
C LEU B 828 -13.77 -16.92 12.87
N THR B 829 -13.62 -15.63 13.09
CA THR B 829 -13.57 -15.18 14.47
C THR B 829 -14.99 -15.16 15.05
N GLY B 830 -15.06 -15.14 16.37
CA GLY B 830 -16.37 -15.17 17.00
C GLY B 830 -16.32 -14.93 18.49
N ILE B 831 -17.40 -15.38 19.12
CA ILE B 831 -17.67 -15.21 20.54
C ILE B 831 -17.76 -16.59 21.17
N CYS B 832 -17.05 -16.78 22.30
CA CYS B 832 -17.01 -18.03 23.07
C CYS B 832 -16.48 -19.20 22.24
N HIS B 833 -15.22 -19.10 21.88
CA HIS B 833 -14.51 -20.20 21.23
C HIS B 833 -13.71 -20.98 22.27
N ASN B 834 -14.48 -21.60 23.19
CA ASN B 834 -13.96 -22.34 24.36
C ASN B 834 -13.04 -21.46 25.20
N GLU B 835 -13.40 -20.19 25.32
CA GLU B 835 -12.56 -19.20 25.97
C GLU B 835 -12.81 -19.16 27.48
N SER B 842 -25.80 -26.32 39.08
CA SER B 842 -26.73 -26.88 40.05
C SER B 842 -26.64 -28.40 40.07
N GLN B 843 -26.62 -28.96 41.28
CA GLN B 843 -26.42 -30.40 41.47
C GLN B 843 -27.75 -31.10 41.67
N LEU B 844 -28.54 -31.06 40.59
CA LEU B 844 -29.54 -32.09 40.33
C LEU B 844 -28.88 -33.39 39.92
N ASP B 845 -27.64 -33.31 39.43
CA ASP B 845 -26.77 -34.44 39.14
C ASP B 845 -25.96 -34.89 40.36
N ILE B 846 -26.44 -34.61 41.57
CA ILE B 846 -25.77 -35.06 42.78
C ILE B 846 -26.12 -36.51 43.10
N ASP B 847 -27.05 -37.09 42.33
CA ASP B 847 -27.44 -38.49 42.33
C ASP B 847 -26.35 -39.44 41.80
N ASN B 848 -25.18 -38.91 41.44
CA ASN B 848 -23.93 -39.64 41.24
C ASN B 848 -23.32 -40.18 42.53
N MET B 849 -23.90 -39.89 43.69
CA MET B 849 -23.48 -40.39 44.99
C MET B 849 -23.70 -41.90 45.18
N ALA B 850 -24.17 -42.62 44.15
CA ALA B 850 -24.45 -44.04 44.28
C ALA B 850 -23.20 -44.84 44.64
N GLY B 851 -22.00 -44.36 44.31
CA GLY B 851 -20.79 -45.02 44.77
C GLY B 851 -20.66 -45.08 46.29
N VAL B 852 -20.96 -43.97 46.97
CA VAL B 852 -20.97 -44.00 48.43
C VAL B 852 -22.22 -44.66 48.97
N PHE B 853 -23.31 -44.68 48.21
CA PHE B 853 -24.42 -45.57 48.57
C PHE B 853 -24.05 -47.05 48.45
N TYR B 854 -23.19 -47.40 47.49
CA TYR B 854 -22.61 -48.73 47.44
C TYR B 854 -21.65 -48.98 48.59
N MET B 855 -21.03 -47.92 49.11
CA MET B 855 -20.23 -48.04 50.32
C MET B 855 -21.10 -48.09 51.57
N LEU B 856 -22.38 -47.75 51.42
CA LEU B 856 -23.35 -47.89 52.50
C LEU B 856 -23.78 -49.35 52.50
N GLY B 857 -24.38 -49.79 51.40
CA GLY B 857 -25.01 -51.10 51.36
C GLY B 857 -24.01 -52.25 51.47
N ALA B 858 -22.74 -52.02 51.08
CA ALA B 858 -21.72 -53.04 51.34
C ALA B 858 -21.55 -53.28 52.83
N ALA B 859 -21.54 -52.20 53.62
CA ALA B 859 -21.56 -52.34 55.08
C ALA B 859 -22.87 -52.94 55.58
N MET B 860 -23.98 -52.64 54.91
CA MET B 860 -25.24 -53.31 55.23
C MET B 860 -25.23 -54.80 54.93
N ALA B 861 -24.37 -55.25 54.01
CA ALA B 861 -24.07 -56.67 53.87
C ALA B 861 -23.23 -57.17 55.04
N LEU B 862 -22.16 -56.45 55.36
CA LEU B 862 -21.18 -56.93 56.34
C LEU B 862 -21.79 -57.01 57.73
N SER B 863 -22.73 -56.11 58.05
CA SER B 863 -23.43 -56.18 59.33
C SER B 863 -24.27 -57.45 59.47
N LEU B 864 -24.77 -57.98 58.34
CA LEU B 864 -25.41 -59.28 58.38
C LEU B 864 -24.37 -60.37 58.51
N ILE B 865 -23.21 -60.17 57.86
CA ILE B 865 -22.19 -61.20 57.84
C ILE B 865 -21.66 -61.41 59.26
N THR B 866 -21.30 -60.29 59.92
CA THR B 866 -20.95 -60.33 61.34
C THR B 866 -22.11 -60.83 62.22
N PHE B 867 -23.36 -60.55 61.85
CA PHE B 867 -24.48 -61.15 62.58
C PHE B 867 -24.44 -62.67 62.52
N ILE B 868 -24.12 -63.22 61.36
CA ILE B 868 -23.96 -64.67 61.19
C ILE B 868 -22.79 -65.20 62.02
N SER B 869 -21.67 -64.46 62.03
CA SER B 869 -20.56 -64.89 62.88
C SER B 869 -20.75 -64.49 64.35
N GLU B 870 -21.87 -63.88 64.69
CA GLU B 870 -22.34 -63.77 66.07
C GLU B 870 -23.23 -64.93 66.46
N HIS B 871 -23.21 -66.03 65.72
CA HIS B 871 -23.76 -67.29 66.15
C HIS B 871 -22.68 -68.25 66.61
N LEU B 872 -21.46 -67.77 66.84
CA LEU B 872 -20.30 -68.61 67.11
C LEU B 872 -20.09 -68.86 68.59
N PHE B 873 -20.75 -68.11 69.48
CA PHE B 873 -20.75 -68.50 70.88
C PHE B 873 -21.71 -69.66 71.14
N TYR B 874 -22.61 -69.95 70.20
CA TYR B 874 -23.46 -71.12 70.28
C TYR B 874 -22.63 -72.40 70.18
N TRP B 875 -21.50 -72.35 69.48
CA TRP B 875 -20.53 -73.43 69.45
C TRP B 875 -19.35 -73.21 70.38
N GLN B 876 -19.25 -72.03 71.01
CA GLN B 876 -18.17 -71.74 71.95
C GLN B 876 -18.74 -71.37 73.32
N LYS C 25 35.41 4.20 -61.29
CA LYS C 25 34.36 3.22 -61.57
C LYS C 25 34.95 1.96 -62.18
N ILE C 26 36.12 1.53 -61.68
CA ILE C 26 36.72 0.26 -62.06
C ILE C 26 37.12 -0.43 -60.75
N VAL C 27 36.19 -1.20 -60.20
CA VAL C 27 36.30 -1.79 -58.86
C VAL C 27 37.34 -2.91 -58.86
N ASN C 28 37.72 -3.34 -57.65
CA ASN C 28 38.81 -4.29 -57.43
C ASN C 28 38.18 -5.54 -56.81
N ILE C 29 38.79 -6.72 -57.01
CA ILE C 29 38.38 -7.94 -56.32
C ILE C 29 39.54 -8.78 -55.78
N GLY C 30 39.60 -8.87 -54.45
CA GLY C 30 40.61 -9.66 -53.76
C GLY C 30 40.36 -11.16 -53.77
N ALA C 31 41.43 -11.90 -53.44
CA ALA C 31 41.41 -13.37 -53.26
C ALA C 31 42.57 -13.74 -52.33
N VAL C 32 42.40 -14.85 -51.58
CA VAL C 32 43.49 -15.41 -50.75
C VAL C 32 44.03 -16.84 -50.99
N LEU C 33 43.26 -17.76 -51.58
CA LEU C 33 43.73 -19.14 -51.70
C LEU C 33 43.61 -19.66 -53.13
N SER C 34 44.18 -20.85 -53.36
CA SER C 34 45.38 -21.01 -54.17
C SER C 34 45.13 -20.94 -55.68
N THR C 35 46.26 -20.93 -56.40
CA THR C 35 46.34 -20.74 -57.84
C THR C 35 45.93 -21.95 -58.66
N ARG C 36 44.74 -22.46 -58.39
CA ARG C 36 43.88 -22.96 -59.45
C ARG C 36 42.59 -22.17 -59.51
N LYS C 37 41.97 -21.94 -58.36
CA LYS C 37 40.67 -21.27 -58.35
C LYS C 37 40.76 -19.80 -58.68
N HIS C 38 41.92 -19.16 -58.56
CA HIS C 38 42.05 -17.80 -59.07
C HIS C 38 41.91 -17.69 -60.58
N GLU C 39 42.42 -18.70 -61.28
CA GLU C 39 42.31 -18.72 -62.74
C GLU C 39 40.92 -18.94 -63.31
N GLN C 40 40.05 -19.72 -62.68
CA GLN C 40 38.71 -19.77 -63.28
C GLN C 40 37.90 -18.47 -63.19
N MET C 41 36.88 -18.45 -62.33
CA MET C 41 36.59 -17.74 -61.08
C MET C 41 37.21 -16.36 -60.82
N PHE C 42 38.28 -15.96 -61.50
CA PHE C 42 38.67 -14.59 -61.27
C PHE C 42 38.63 -13.78 -62.55
N ARG C 43 39.33 -14.24 -63.60
CA ARG C 43 39.23 -13.57 -64.88
C ARG C 43 37.86 -13.78 -65.49
N GLU C 44 37.26 -14.96 -65.23
CA GLU C 44 35.90 -15.20 -65.67
C GLU C 44 34.88 -14.42 -64.87
N ALA C 45 35.13 -14.24 -63.58
CA ALA C 45 34.23 -13.47 -62.73
C ALA C 45 34.23 -11.97 -62.95
N VAL C 46 35.37 -11.37 -63.33
CA VAL C 46 35.31 -9.96 -63.68
C VAL C 46 34.50 -9.74 -64.96
N ASN C 47 34.64 -10.64 -65.93
CA ASN C 47 33.81 -10.55 -67.13
C ASN C 47 32.34 -10.89 -66.87
N GLN C 48 32.05 -11.77 -65.91
CA GLN C 48 30.66 -12.01 -65.52
C GLN C 48 30.02 -10.79 -64.87
N ALA C 49 30.70 -10.15 -63.92
CA ALA C 49 30.13 -8.96 -63.31
C ALA C 49 30.19 -7.73 -64.20
N ASN C 50 30.95 -7.76 -65.29
CA ASN C 50 31.03 -6.63 -66.22
C ASN C 50 29.73 -6.35 -66.96
N LYS C 51 28.75 -7.25 -66.92
CA LYS C 51 27.43 -6.99 -67.50
C LYS C 51 26.62 -5.96 -66.75
N ARG C 52 27.02 -5.56 -65.55
CA ARG C 52 26.29 -4.54 -64.80
C ARG C 52 26.40 -3.15 -65.43
N ILE C 58 30.83 -0.05 -62.77
CA ILE C 58 30.27 -1.34 -63.12
C ILE C 58 31.31 -2.21 -63.84
N GLN C 59 32.55 -1.76 -63.81
CA GLN C 59 33.70 -2.43 -64.39
C GLN C 59 34.68 -2.84 -63.29
N LEU C 60 35.49 -3.85 -63.57
CA LEU C 60 36.32 -4.46 -62.55
C LEU C 60 37.71 -4.74 -63.09
N GLN C 61 38.68 -4.82 -62.17
CA GLN C 61 39.93 -5.51 -62.44
C GLN C 61 40.43 -6.24 -61.19
N ALA C 62 41.74 -6.38 -61.02
CA ALA C 62 42.31 -7.64 -60.54
C ALA C 62 43.60 -7.37 -59.79
N THR C 63 43.71 -7.92 -58.58
CA THR C 63 44.97 -8.43 -58.05
C THR C 63 44.67 -9.50 -57.01
N SER C 64 45.51 -10.55 -56.97
CA SER C 64 45.25 -11.67 -56.09
C SER C 64 46.53 -12.44 -55.83
N VAL C 65 46.59 -13.11 -54.68
CA VAL C 65 47.81 -13.70 -54.16
C VAL C 65 47.45 -14.94 -53.35
N THR C 66 48.42 -15.85 -53.17
CA THR C 66 48.26 -16.94 -52.20
C THR C 66 49.48 -17.11 -51.29
N HIS C 67 49.57 -16.27 -50.26
CA HIS C 67 49.48 -16.67 -48.87
C HIS C 67 49.92 -18.09 -48.50
N LYS C 68 51.10 -18.54 -48.90
CA LYS C 68 51.41 -19.95 -48.70
C LYS C 68 51.80 -20.38 -47.27
N PRO C 69 52.61 -19.66 -46.50
CA PRO C 69 52.83 -20.08 -45.10
C PRO C 69 51.76 -19.61 -44.14
N ASN C 70 51.79 -20.23 -42.95
CA ASN C 70 50.91 -20.08 -41.81
C ASN C 70 51.48 -18.95 -40.97
N ALA C 71 51.35 -19.01 -39.64
CA ALA C 71 51.30 -17.85 -38.76
C ALA C 71 52.69 -17.19 -38.74
N ILE C 72 52.89 -16.10 -38.03
CA ILE C 72 52.75 -14.83 -38.75
C ILE C 72 53.88 -14.71 -39.75
N GLN C 73 53.51 -15.10 -40.97
CA GLN C 73 54.19 -14.76 -42.19
C GLN C 73 53.10 -14.35 -43.17
N MET C 74 51.94 -15.03 -43.08
CA MET C 74 50.76 -14.60 -43.81
C MET C 74 50.14 -13.33 -43.28
N ALA C 75 50.26 -13.10 -41.97
CA ALA C 75 49.94 -11.83 -41.34
C ALA C 75 50.96 -10.75 -41.63
N LEU C 76 52.18 -11.13 -42.03
CA LEU C 76 53.16 -10.14 -42.47
C LEU C 76 52.74 -9.51 -43.78
N SER C 77 52.25 -10.29 -44.74
CA SER C 77 52.01 -9.73 -46.05
C SER C 77 50.63 -9.09 -46.18
N VAL C 78 50.02 -8.70 -45.05
CA VAL C 78 48.84 -7.86 -45.08
C VAL C 78 49.31 -6.47 -45.48
N CYS C 79 48.48 -5.78 -46.28
CA CYS C 79 48.69 -4.40 -46.75
C CYS C 79 49.95 -4.25 -47.57
N GLU C 80 50.50 -5.34 -48.12
CA GLU C 80 51.22 -5.25 -49.37
C GLU C 80 50.30 -5.31 -50.58
N ASP C 81 49.10 -5.83 -50.40
CA ASP C 81 48.06 -5.86 -51.42
C ASP C 81 46.97 -4.83 -51.22
N LEU C 82 46.73 -4.44 -49.97
CA LEU C 82 45.71 -3.49 -49.54
C LEU C 82 46.09 -2.04 -49.81
N ILE C 83 47.22 -1.78 -50.46
CA ILE C 83 47.68 -0.40 -50.66
C ILE C 83 46.70 0.39 -51.53
N SER C 84 45.99 -0.27 -52.43
CA SER C 84 44.87 0.40 -53.08
C SER C 84 43.70 -0.55 -53.31
N SER C 85 43.87 -1.83 -52.98
CA SER C 85 42.72 -2.73 -53.00
C SER C 85 41.70 -2.47 -51.90
N GLN C 86 42.10 -1.94 -50.74
CA GLN C 86 41.11 -1.91 -49.67
C GLN C 86 40.16 -0.73 -49.74
N VAL C 87 40.24 0.05 -50.80
CA VAL C 87 39.27 1.10 -51.04
C VAL C 87 37.98 0.49 -51.56
N TYR C 88 38.14 -0.57 -52.38
CA TYR C 88 37.07 -1.25 -53.07
C TYR C 88 37.06 -2.77 -52.96
N ALA C 89 38.00 -3.39 -52.26
CA ALA C 89 37.98 -4.85 -52.16
C ALA C 89 38.72 -5.38 -50.95
N ILE C 90 38.13 -6.42 -50.39
CA ILE C 90 38.71 -7.15 -49.27
C ILE C 90 38.97 -8.54 -49.83
N LEU C 91 40.20 -9.02 -49.62
CA LEU C 91 40.61 -10.32 -50.15
C LEU C 91 39.86 -11.44 -49.46
N VAL C 92 39.31 -12.35 -50.25
CA VAL C 92 38.44 -13.38 -49.71
C VAL C 92 38.81 -14.75 -50.28
N SER C 93 38.72 -15.80 -49.43
CA SER C 93 38.90 -17.22 -49.74
C SER C 93 38.77 -18.04 -48.47
N HIS C 94 39.13 -19.32 -48.56
CA HIS C 94 39.11 -20.20 -47.40
C HIS C 94 40.19 -19.80 -46.40
N THR C 103 42.52 -21.65 -37.85
CA THR C 103 43.51 -21.65 -38.92
C THR C 103 43.19 -20.65 -40.09
N PRO C 104 41.93 -20.49 -40.55
CA PRO C 104 41.62 -19.31 -41.37
C PRO C 104 41.58 -17.99 -40.62
N THR C 105 41.92 -17.98 -39.34
CA THR C 105 41.72 -16.94 -38.33
C THR C 105 42.75 -15.81 -38.21
N PRO C 106 44.10 -15.97 -38.54
CA PRO C 106 45.00 -14.83 -38.32
C PRO C 106 44.84 -13.62 -39.23
N VAL C 107 44.72 -13.83 -40.54
CA VAL C 107 44.59 -12.69 -41.45
C VAL C 107 43.27 -11.94 -41.28
N SER C 108 42.25 -12.60 -40.75
CA SER C 108 40.99 -11.95 -40.42
C SER C 108 41.13 -10.99 -39.25
N TYR C 109 42.09 -11.26 -38.37
CA TYR C 109 42.35 -10.40 -37.23
C TYR C 109 43.20 -9.22 -37.65
N THR C 110 44.19 -9.45 -38.50
CA THR C 110 45.04 -8.35 -38.94
C THR C 110 44.25 -7.44 -39.86
N ALA C 111 43.72 -7.97 -40.96
CA ALA C 111 42.97 -7.13 -41.87
C ALA C 111 41.50 -6.96 -41.46
N GLY C 112 41.18 -7.18 -40.17
CA GLY C 112 39.85 -6.89 -39.67
C GLY C 112 39.90 -5.75 -38.67
N PHE C 113 41.12 -5.26 -38.41
CA PHE C 113 41.32 -4.08 -37.57
C PHE C 113 40.71 -2.83 -38.19
N TYR C 114 40.80 -2.69 -39.50
CA TYR C 114 40.68 -1.38 -40.14
C TYR C 114 39.24 -0.94 -40.40
N ARG C 115 38.26 -1.41 -39.60
CA ARG C 115 36.83 -1.13 -39.80
C ARG C 115 36.53 -1.68 -41.19
N ILE C 116 36.43 -2.99 -41.25
CA ILE C 116 36.26 -3.79 -42.46
C ILE C 116 34.93 -4.51 -42.40
N PRO C 117 34.01 -4.20 -43.33
CA PRO C 117 32.69 -4.82 -43.32
C PRO C 117 32.68 -6.32 -43.54
N VAL C 118 31.46 -6.85 -43.54
CA VAL C 118 31.25 -8.28 -43.51
C VAL C 118 31.68 -9.01 -44.77
N LEU C 119 32.52 -10.04 -44.58
CA LEU C 119 33.08 -10.88 -45.63
C LEU C 119 32.52 -12.30 -45.53
N GLY C 120 32.38 -12.98 -46.66
CA GLY C 120 31.82 -14.33 -46.69
C GLY C 120 32.96 -15.20 -47.17
N LEU C 121 33.47 -16.16 -46.39
CA LEU C 121 34.68 -16.86 -46.81
C LEU C 121 34.75 -18.39 -46.81
N THR C 122 33.66 -19.11 -46.49
CA THR C 122 33.59 -20.60 -46.50
C THR C 122 34.62 -21.18 -45.51
N THR C 123 34.68 -20.60 -44.32
CA THR C 123 35.55 -21.10 -43.27
C THR C 123 34.86 -22.12 -42.36
N ARG C 124 35.58 -22.46 -41.29
CA ARG C 124 35.16 -23.41 -40.25
C ARG C 124 35.31 -22.75 -38.88
N MET C 125 35.21 -21.42 -38.88
CA MET C 125 35.03 -20.59 -37.70
C MET C 125 33.66 -20.76 -37.05
N SER C 126 33.68 -21.38 -35.87
CA SER C 126 32.53 -21.33 -34.97
C SER C 126 32.44 -19.95 -34.33
N ILE C 127 33.56 -19.23 -34.28
CA ILE C 127 33.91 -18.12 -33.38
C ILE C 127 33.58 -16.83 -34.14
N TYR C 128 32.59 -16.97 -35.03
CA TYR C 128 32.05 -15.98 -35.93
C TYR C 128 30.73 -15.41 -35.42
N SER C 129 30.40 -15.64 -34.16
CA SER C 129 29.29 -14.92 -33.54
C SER C 129 29.72 -13.99 -32.41
N ASP C 130 30.87 -13.34 -32.61
CA ASP C 130 31.60 -12.65 -31.57
C ASP C 130 31.81 -11.29 -32.25
N LYS C 131 30.71 -10.56 -32.32
CA LYS C 131 30.54 -9.39 -33.18
C LYS C 131 31.32 -8.16 -32.74
N SER C 132 31.94 -8.18 -31.57
CA SER C 132 32.95 -7.16 -31.30
C SER C 132 34.27 -7.51 -31.95
N ILE C 133 34.82 -8.68 -31.63
CA ILE C 133 36.15 -9.07 -32.10
C ILE C 133 36.22 -9.30 -33.62
N HIS C 134 35.09 -9.33 -34.32
CA HIS C 134 35.08 -9.21 -35.76
C HIS C 134 33.84 -8.50 -36.27
N LEU C 135 34.03 -7.32 -36.87
CA LEU C 135 33.03 -6.65 -37.68
C LEU C 135 32.93 -7.22 -39.09
N SER C 136 33.53 -8.37 -39.38
CA SER C 136 33.70 -8.79 -40.76
C SER C 136 33.30 -10.22 -41.13
N PHE C 137 32.67 -11.00 -40.26
CA PHE C 137 32.48 -12.39 -40.68
C PHE C 137 31.06 -12.63 -41.17
N LEU C 138 30.94 -13.58 -42.10
CA LEU C 138 29.68 -14.06 -42.66
C LEU C 138 29.89 -15.49 -43.13
N ARG C 139 29.09 -16.42 -42.63
CA ARG C 139 29.42 -17.76 -43.08
C ARG C 139 28.73 -17.95 -44.43
N THR C 140 29.20 -18.94 -45.18
CA THR C 140 28.52 -19.41 -46.38
C THR C 140 28.28 -20.90 -46.30
N VAL C 141 28.36 -21.45 -45.10
CA VAL C 141 28.28 -22.86 -44.77
C VAL C 141 27.91 -22.77 -43.31
N PRO C 142 27.03 -23.61 -42.80
CA PRO C 142 26.73 -23.58 -41.37
C PRO C 142 27.86 -24.09 -40.52
N PRO C 143 27.98 -23.59 -39.30
CA PRO C 143 29.10 -23.94 -38.42
C PRO C 143 28.88 -25.32 -37.81
N TYR C 144 29.90 -25.69 -37.04
CA TYR C 144 29.89 -26.88 -36.21
C TYR C 144 28.71 -26.96 -35.24
N SER C 145 28.41 -25.87 -34.52
CA SER C 145 27.17 -25.92 -33.72
C SER C 145 25.86 -25.88 -34.50
N HIS C 146 25.81 -25.48 -35.77
CA HIS C 146 24.51 -25.21 -36.39
C HIS C 146 23.74 -26.48 -36.78
N GLN C 147 24.26 -27.67 -36.46
CA GLN C 147 23.47 -28.89 -36.57
C GLN C 147 22.36 -29.00 -35.54
N SER C 148 22.17 -28.00 -34.68
CA SER C 148 21.30 -28.17 -33.53
C SER C 148 19.83 -28.08 -33.91
N SER C 149 19.41 -27.05 -34.66
CA SER C 149 18.02 -27.06 -35.11
C SER C 149 17.73 -28.19 -36.08
N VAL C 150 18.75 -28.67 -36.79
CA VAL C 150 18.68 -29.90 -37.59
C VAL C 150 18.36 -31.11 -36.73
N TRP C 151 18.85 -31.09 -35.49
CA TRP C 151 18.45 -32.03 -34.46
C TRP C 151 17.06 -31.73 -33.95
N PHE C 152 16.73 -30.46 -33.76
CA PHE C 152 15.45 -30.05 -33.18
C PHE C 152 14.30 -30.47 -34.08
N GLU C 153 14.50 -30.54 -35.39
CA GLU C 153 13.43 -31.04 -36.25
C GLU C 153 13.32 -32.57 -36.14
N MET C 154 14.35 -33.23 -35.62
CA MET C 154 14.32 -34.67 -35.38
C MET C 154 13.40 -34.98 -34.21
N MET C 155 13.16 -34.03 -33.32
CA MET C 155 12.36 -34.30 -32.14
C MET C 155 10.92 -34.59 -32.52
N ARG C 156 10.40 -33.95 -33.57
CA ARG C 156 9.07 -34.25 -34.06
C ARG C 156 8.89 -35.63 -34.72
N VAL C 157 9.58 -35.89 -35.83
CA VAL C 157 9.60 -37.25 -36.38
C VAL C 157 10.49 -38.11 -35.49
N TYR C 158 9.90 -39.17 -34.92
CA TYR C 158 10.46 -40.06 -33.88
C TYR C 158 10.58 -39.21 -32.63
N ASN C 159 9.43 -38.78 -32.10
CA ASN C 159 9.32 -38.16 -30.79
C ASN C 159 9.75 -39.07 -29.67
N TRP C 160 10.91 -38.76 -29.09
CA TRP C 160 11.55 -39.48 -28.01
C TRP C 160 11.92 -38.43 -26.98
N ASN C 161 11.83 -38.76 -25.69
CA ASN C 161 11.98 -37.72 -24.67
C ASN C 161 13.00 -38.07 -23.59
N HIS C 162 13.84 -39.05 -23.84
CA HIS C 162 14.81 -39.54 -22.87
C HIS C 162 16.16 -39.37 -23.57
N ILE C 163 16.85 -38.27 -23.29
CA ILE C 163 18.07 -37.96 -24.02
C ILE C 163 19.19 -37.66 -23.04
N ILE C 164 20.25 -38.46 -23.12
CA ILE C 164 21.55 -38.11 -22.58
C ILE C 164 22.36 -37.45 -23.69
N LEU C 165 22.81 -36.23 -23.44
CA LEU C 165 23.46 -35.39 -24.42
C LEU C 165 24.88 -35.14 -23.93
N LEU C 166 25.85 -35.79 -24.57
CA LEU C 166 27.25 -35.58 -24.27
C LEU C 166 27.78 -34.38 -25.04
N VAL C 167 28.44 -33.49 -24.31
CA VAL C 167 28.86 -32.18 -24.77
C VAL C 167 30.25 -31.91 -24.18
N SER C 168 31.17 -31.51 -25.05
CA SER C 168 32.52 -31.22 -24.65
C SER C 168 32.59 -29.89 -23.90
N ASP C 169 33.65 -29.72 -23.14
CA ASP C 169 33.87 -28.54 -22.32
C ASP C 169 34.50 -27.38 -23.07
N ASP C 170 34.40 -27.30 -24.39
CA ASP C 170 35.01 -26.17 -25.06
C ASP C 170 34.04 -24.99 -25.07
N HIS C 171 34.53 -23.85 -25.58
CA HIS C 171 33.65 -22.72 -25.83
C HIS C 171 32.67 -23.05 -26.94
N GLU C 172 33.12 -23.86 -27.90
CA GLU C 172 32.24 -24.40 -28.96
C GLU C 172 31.12 -25.21 -28.34
N GLY C 173 31.44 -26.03 -27.34
CA GLY C 173 30.44 -26.86 -26.70
C GLY C 173 29.45 -26.02 -25.93
N ARG C 174 29.93 -24.98 -25.25
CA ARG C 174 29.05 -24.08 -24.52
C ARG C 174 28.19 -23.25 -25.48
N ALA C 175 28.72 -22.89 -26.65
CA ALA C 175 27.95 -22.17 -27.65
C ALA C 175 26.84 -23.05 -28.21
N ALA C 176 27.16 -24.32 -28.48
CA ALA C 176 26.17 -25.26 -28.98
C ALA C 176 25.14 -25.53 -27.91
N GLN C 177 25.58 -25.56 -26.65
CA GLN C 177 24.70 -25.72 -25.50
C GLN C 177 23.71 -24.56 -25.41
N LYS C 178 24.20 -23.34 -25.60
CA LYS C 178 23.34 -22.15 -25.54
C LYS C 178 22.34 -22.16 -26.68
N ARG C 179 22.76 -22.62 -27.86
CA ARG C 179 21.87 -22.68 -29.01
C ARG C 179 20.80 -23.74 -28.81
N LEU C 180 21.18 -24.89 -28.27
CA LEU C 180 20.23 -25.97 -28.06
C LEU C 180 19.31 -25.68 -26.88
N GLU C 181 19.73 -24.81 -25.96
CA GLU C 181 18.82 -24.38 -24.90
C GLU C 181 17.89 -23.30 -25.40
N THR C 182 18.34 -22.53 -26.40
CA THR C 182 17.45 -21.58 -27.05
C THR C 182 16.40 -22.32 -27.86
N LEU C 183 16.75 -23.51 -28.32
CA LEU C 183 15.81 -24.38 -29.01
C LEU C 183 14.88 -25.10 -28.05
N LEU C 184 15.39 -25.52 -26.89
CA LEU C 184 14.57 -26.08 -25.83
C LEU C 184 13.56 -25.08 -25.28
N GLU C 185 13.92 -23.80 -25.21
CA GLU C 185 12.98 -22.79 -24.74
C GLU C 185 12.11 -22.31 -25.90
N GLU C 186 11.28 -23.22 -26.39
CA GLU C 186 10.30 -22.94 -27.43
C GLU C 186 9.02 -23.69 -27.07
N ARG C 187 8.06 -23.66 -28.00
CA ARG C 187 6.75 -24.33 -27.88
C ARG C 187 5.98 -23.86 -26.66
N GLU C 188 6.09 -22.56 -26.36
CA GLU C 188 5.46 -21.97 -25.18
C GLU C 188 4.07 -21.43 -25.53
N SER C 189 3.20 -22.35 -25.92
CA SER C 189 1.78 -22.05 -26.14
C SER C 189 0.99 -23.33 -25.90
N LYS C 190 0.18 -23.36 -24.84
CA LYS C 190 0.03 -22.25 -23.90
C LYS C 190 0.74 -22.53 -22.58
N ASP C 205 0.77 -33.62 -27.18
CA ASP C 205 0.06 -32.63 -26.39
C ASP C 205 0.33 -32.81 -24.90
N ASN C 206 0.94 -33.94 -24.54
CA ASN C 206 1.31 -34.19 -23.16
C ASN C 206 2.54 -33.42 -22.72
N LYS C 207 3.23 -32.76 -23.65
CA LYS C 207 4.41 -31.96 -23.34
C LYS C 207 4.50 -30.83 -24.35
N ARG C 208 5.15 -29.73 -23.95
CA ARG C 208 5.50 -28.70 -24.92
C ARG C 208 6.52 -29.21 -25.92
N GLY C 209 7.52 -29.94 -25.44
CA GLY C 209 8.27 -30.85 -26.26
C GLY C 209 9.03 -31.82 -25.39
N PRO C 210 9.80 -32.71 -26.01
CA PRO C 210 10.75 -33.52 -25.24
C PRO C 210 11.85 -32.71 -24.60
N LYS C 211 11.79 -32.61 -23.28
CA LYS C 211 12.90 -32.11 -22.51
C LYS C 211 13.86 -33.26 -22.19
N ALA C 212 15.16 -33.02 -22.38
CA ALA C 212 16.14 -34.08 -22.35
C ALA C 212 16.36 -34.51 -20.90
N GLU C 213 16.87 -35.73 -20.72
CA GLU C 213 17.28 -36.20 -19.40
C GLU C 213 18.29 -35.26 -18.74
N LYS C 214 19.50 -35.19 -19.27
CA LYS C 214 20.57 -34.39 -18.68
C LYS C 214 21.69 -34.29 -19.70
N VAL C 215 22.67 -33.43 -19.38
CA VAL C 215 23.85 -33.25 -20.20
C VAL C 215 25.07 -33.40 -19.28
N LEU C 216 26.21 -33.76 -19.87
CA LEU C 216 27.47 -33.79 -19.15
C LEU C 216 28.41 -32.71 -19.70
N GLN C 217 29.61 -32.65 -19.14
CA GLN C 217 30.54 -31.57 -19.41
C GLN C 217 31.82 -32.09 -20.04
N PHE C 218 32.31 -33.20 -19.51
CA PHE C 218 33.28 -34.12 -20.11
C PHE C 218 34.61 -33.43 -20.43
N ASP C 219 35.32 -33.03 -19.37
CA ASP C 219 36.69 -32.55 -19.51
C ASP C 219 37.65 -33.63 -20.02
N PRO C 220 37.77 -34.87 -19.34
CA PRO C 220 38.77 -35.84 -19.80
C PRO C 220 38.46 -36.53 -21.12
N GLY C 221 38.52 -35.80 -22.24
CA GLY C 221 38.27 -36.41 -23.54
C GLY C 221 39.12 -37.64 -23.79
N THR C 222 40.44 -37.46 -23.74
CA THR C 222 41.37 -38.53 -24.06
C THR C 222 41.70 -39.40 -22.84
N LYS C 223 41.05 -39.19 -21.69
CA LYS C 223 41.43 -39.91 -20.48
C LYS C 223 40.34 -40.79 -19.90
N ASN C 224 39.12 -40.29 -19.75
CA ASN C 224 38.09 -41.02 -19.01
C ASN C 224 36.78 -40.92 -19.77
N VAL C 225 36.26 -42.08 -20.18
CA VAL C 225 34.88 -42.22 -20.60
C VAL C 225 34.08 -43.21 -19.74
N THR C 226 34.75 -44.15 -19.06
CA THR C 226 34.04 -45.22 -18.37
C THR C 226 33.22 -44.77 -17.17
N ALA C 227 33.71 -43.82 -16.36
CA ALA C 227 32.95 -43.45 -15.17
C ALA C 227 31.67 -42.68 -15.55
N LEU C 228 31.79 -41.80 -16.53
CA LEU C 228 30.66 -41.01 -17.00
C LEU C 228 29.63 -41.87 -17.68
N LEU C 229 30.08 -42.84 -18.49
CA LEU C 229 29.16 -43.75 -19.16
C LEU C 229 28.55 -44.76 -18.20
N MET C 230 29.29 -45.16 -17.17
CA MET C 230 28.71 -46.03 -16.15
C MET C 230 27.60 -45.32 -15.39
N GLU C 231 27.77 -44.03 -15.15
CA GLU C 231 26.68 -43.30 -14.54
C GLU C 231 25.53 -43.03 -15.51
N ALA C 232 25.86 -42.82 -16.79
CA ALA C 232 24.82 -42.57 -17.78
C ALA C 232 24.04 -43.81 -18.22
N ARG C 233 24.54 -45.02 -17.96
CA ARG C 233 23.78 -46.21 -18.32
C ARG C 233 22.54 -46.35 -17.45
N GLU C 234 22.62 -45.90 -16.20
CA GLU C 234 21.56 -46.08 -15.22
C GLU C 234 20.33 -45.22 -15.48
N LEU C 235 20.47 -44.11 -16.19
CA LEU C 235 19.37 -43.15 -16.29
C LEU C 235 18.16 -43.57 -17.18
N GLU C 236 18.00 -44.81 -17.70
CA GLU C 236 16.90 -45.27 -18.57
C GLU C 236 16.84 -44.67 -19.97
N ALA C 237 17.56 -43.60 -20.25
CA ALA C 237 17.55 -43.02 -21.58
C ALA C 237 18.32 -43.89 -22.56
N ARG C 238 17.84 -43.88 -23.81
CA ARG C 238 18.39 -44.67 -24.90
C ARG C 238 18.85 -43.80 -26.05
N VAL C 239 18.74 -42.49 -25.95
CA VAL C 239 19.11 -41.55 -27.01
C VAL C 239 20.42 -40.90 -26.60
N ILE C 240 21.41 -40.96 -27.48
CA ILE C 240 22.72 -40.43 -27.20
C ILE C 240 22.97 -39.27 -28.16
N ILE C 241 23.34 -38.12 -27.60
CA ILE C 241 23.82 -37.01 -28.41
C ILE C 241 25.29 -36.83 -28.04
N LEU C 242 26.16 -36.97 -29.03
CA LEU C 242 27.60 -36.93 -28.80
C LEU C 242 28.23 -35.84 -29.65
N SER C 243 28.79 -34.81 -29.01
CA SER C 243 29.44 -33.74 -29.76
C SER C 243 30.85 -33.58 -29.18
N ALA C 244 31.81 -34.24 -29.81
CA ALA C 244 33.20 -34.19 -29.37
C ALA C 244 34.09 -34.30 -30.61
N SER C 245 35.37 -34.56 -30.37
CA SER C 245 36.31 -34.66 -31.46
C SER C 245 36.23 -36.06 -32.06
N GLU C 246 36.85 -36.22 -33.23
CA GLU C 246 36.83 -37.53 -33.89
C GLU C 246 37.68 -38.56 -33.15
N ASP C 247 38.74 -38.11 -32.48
CA ASP C 247 39.50 -39.01 -31.63
C ASP C 247 38.72 -39.35 -30.36
N ASP C 248 37.89 -38.42 -29.90
CA ASP C 248 37.00 -38.74 -28.79
C ASP C 248 35.88 -39.67 -29.24
N ALA C 249 35.46 -39.55 -30.50
CA ALA C 249 34.54 -40.51 -31.08
C ALA C 249 35.17 -41.90 -31.19
N ALA C 250 36.45 -41.96 -31.55
CA ALA C 250 37.16 -43.23 -31.54
C ALA C 250 37.50 -43.71 -30.13
N THR C 251 37.29 -42.87 -29.13
CA THR C 251 37.47 -43.30 -27.74
C THR C 251 36.17 -43.83 -27.16
N VAL C 252 35.05 -43.15 -27.40
CA VAL C 252 33.76 -43.64 -26.91
C VAL C 252 33.28 -44.88 -27.67
N TYR C 253 33.80 -45.11 -28.87
CA TYR C 253 34.11 -46.44 -29.43
C TYR C 253 34.73 -47.46 -28.47
N ARG C 254 35.51 -47.08 -27.48
CA ARG C 254 35.91 -48.09 -26.51
C ARG C 254 34.83 -48.32 -25.46
N ALA C 255 34.46 -47.25 -24.75
CA ALA C 255 33.74 -47.42 -23.50
C ALA C 255 32.28 -47.81 -23.69
N ALA C 256 31.68 -47.47 -24.84
CA ALA C 256 30.36 -48.00 -25.12
C ALA C 256 30.41 -49.46 -25.53
N ALA C 257 31.49 -49.89 -26.16
CA ALA C 257 31.57 -51.30 -26.53
C ALA C 257 31.83 -52.17 -25.30
N MET C 258 32.59 -51.66 -24.33
CA MET C 258 32.80 -52.42 -23.11
C MET C 258 31.57 -52.46 -22.22
N LEU C 259 30.73 -51.43 -22.26
CA LEU C 259 29.50 -51.45 -21.48
C LEU C 259 28.29 -51.92 -22.27
N ASP C 260 28.46 -52.28 -23.54
CA ASP C 260 27.38 -52.65 -24.46
C ASP C 260 26.32 -51.57 -24.51
N MET C 261 26.76 -50.32 -24.59
CA MET C 261 25.84 -49.21 -24.81
C MET C 261 25.81 -48.75 -26.25
N THR C 262 26.18 -49.62 -27.19
CA THR C 262 25.99 -49.39 -28.61
C THR C 262 24.97 -50.32 -29.26
N GLY C 263 24.44 -51.30 -28.54
CA GLY C 263 23.43 -52.17 -29.07
C GLY C 263 22.03 -51.60 -29.16
N SER C 264 21.06 -52.43 -28.76
CA SER C 264 19.66 -52.18 -29.08
C SER C 264 19.08 -51.03 -28.26
N GLY C 265 18.26 -50.23 -28.92
CA GLY C 265 17.83 -48.93 -28.42
C GLY C 265 18.80 -47.77 -28.48
N TYR C 266 20.10 -48.01 -28.62
CA TYR C 266 21.06 -46.93 -28.37
C TYR C 266 21.29 -46.18 -29.67
N VAL C 267 20.52 -45.11 -29.83
CA VAL C 267 20.52 -44.25 -31.02
C VAL C 267 21.56 -43.16 -30.83
N TRP C 268 22.46 -43.03 -31.79
CA TRP C 268 23.57 -42.09 -31.68
C TRP C 268 23.26 -40.90 -32.58
N LEU C 269 23.60 -39.72 -32.09
CA LEU C 269 23.43 -38.46 -32.81
C LEU C 269 24.73 -37.65 -32.83
N VAL C 270 25.56 -37.90 -33.82
CA VAL C 270 26.90 -37.37 -33.87
C VAL C 270 26.94 -35.98 -34.53
N GLY C 271 28.05 -35.26 -34.27
CA GLY C 271 28.32 -33.97 -34.88
C GLY C 271 28.96 -34.10 -36.24
N GLU C 272 29.61 -33.02 -36.69
CA GLU C 272 30.21 -33.06 -38.03
C GLU C 272 31.46 -33.92 -38.03
N ARG C 273 32.28 -33.83 -37.00
CA ARG C 273 33.58 -34.51 -37.01
C ARG C 273 33.44 -35.90 -36.41
N GLU C 274 32.43 -36.63 -36.87
CA GLU C 274 32.33 -38.08 -36.83
C GLU C 274 32.42 -38.77 -38.18
N ILE C 275 32.35 -38.03 -39.28
CA ILE C 275 32.44 -38.68 -40.59
C ILE C 275 33.91 -38.84 -40.94
N SER C 276 34.79 -38.27 -40.13
CA SER C 276 36.19 -38.54 -40.33
C SER C 276 36.52 -39.79 -39.52
N GLY C 277 35.77 -39.99 -38.43
CA GLY C 277 35.97 -41.03 -37.42
C GLY C 277 35.78 -42.45 -37.92
N ASN C 278 35.04 -42.63 -39.02
CA ASN C 278 34.91 -43.90 -39.73
C ASN C 278 36.25 -44.48 -40.20
N ALA C 279 37.27 -43.64 -40.29
CA ALA C 279 38.63 -43.89 -40.73
C ALA C 279 39.45 -44.21 -39.48
N LEU C 280 39.16 -43.49 -38.41
CA LEU C 280 39.67 -43.52 -37.05
C LEU C 280 39.24 -44.78 -36.32
N ARG C 281 38.29 -45.53 -36.92
CA ARG C 281 37.77 -46.87 -36.58
C ARG C 281 36.63 -46.88 -35.58
N TYR C 282 35.42 -46.67 -36.09
CA TYR C 282 34.21 -46.50 -35.29
C TYR C 282 33.29 -47.65 -35.67
N ALA C 283 32.72 -48.28 -34.65
CA ALA C 283 31.70 -49.30 -34.47
C ALA C 283 30.53 -49.44 -35.45
N PRO C 284 30.15 -50.70 -35.73
CA PRO C 284 29.03 -51.00 -36.63
C PRO C 284 27.68 -50.64 -36.01
N ASP C 285 26.65 -50.77 -36.84
CA ASP C 285 25.73 -49.73 -37.28
C ASP C 285 24.71 -49.16 -36.31
N GLY C 286 23.83 -48.37 -36.89
CA GLY C 286 22.70 -47.68 -36.33
C GLY C 286 23.03 -46.27 -35.88
N ILE C 287 24.24 -45.79 -36.18
CA ILE C 287 24.60 -44.40 -35.95
C ILE C 287 23.97 -43.60 -37.09
N ILE C 288 23.42 -42.42 -36.80
CA ILE C 288 22.87 -41.56 -37.83
C ILE C 288 23.76 -40.33 -38.02
N GLY C 289 24.25 -40.09 -39.24
CA GLY C 289 25.01 -38.85 -39.34
C GLY C 289 24.47 -37.96 -40.44
N LEU C 290 24.86 -36.69 -40.45
CA LEU C 290 24.49 -35.72 -41.46
C LEU C 290 25.66 -35.26 -42.31
N GLN C 291 25.35 -34.67 -43.47
CA GLN C 291 26.39 -34.19 -44.36
C GLN C 291 25.83 -33.08 -45.23
N LEU C 292 26.60 -32.01 -45.33
CA LEU C 292 26.17 -30.80 -46.00
C LEU C 292 26.35 -30.93 -47.50
N ILE C 293 25.54 -30.18 -48.26
CA ILE C 293 25.70 -30.16 -49.70
C ILE C 293 27.02 -29.46 -49.97
N ASN C 294 27.65 -29.76 -51.12
CA ASN C 294 29.04 -29.52 -51.49
C ASN C 294 29.77 -28.29 -50.90
N GLY C 295 30.89 -28.61 -50.26
CA GLY C 295 31.77 -27.78 -49.47
C GLY C 295 33.15 -28.31 -49.81
N LYS C 296 33.11 -29.28 -50.71
CA LYS C 296 34.26 -29.88 -51.37
C LYS C 296 34.28 -29.57 -52.86
N ASN C 297 33.13 -29.26 -53.44
CA ASN C 297 33.08 -28.79 -54.82
C ASN C 297 32.93 -27.29 -54.68
N GLU C 298 34.09 -26.67 -54.44
CA GLU C 298 34.28 -25.27 -54.11
C GLU C 298 34.05 -24.34 -55.27
N SER C 299 33.97 -24.84 -56.50
CA SER C 299 33.66 -23.98 -57.63
C SER C 299 32.26 -23.42 -57.51
N ALA C 300 31.32 -24.25 -57.03
CA ALA C 300 29.96 -23.80 -56.77
C ALA C 300 29.92 -22.77 -55.65
N HIS C 301 30.87 -22.87 -54.71
CA HIS C 301 30.99 -21.85 -53.66
C HIS C 301 31.51 -20.55 -54.24
N ILE C 302 32.54 -20.60 -55.09
CA ILE C 302 33.16 -19.36 -55.54
C ILE C 302 32.21 -18.70 -56.54
N SER C 303 31.39 -19.53 -57.19
CA SER C 303 30.40 -19.05 -58.15
C SER C 303 29.27 -18.31 -57.43
N ASP C 304 28.73 -18.93 -56.37
CA ASP C 304 27.72 -18.21 -55.59
C ASP C 304 28.32 -17.04 -54.83
N ALA C 305 29.63 -17.07 -54.57
CA ALA C 305 30.32 -15.93 -53.97
C ALA C 305 30.39 -14.77 -54.94
N VAL C 306 30.71 -15.07 -56.20
CA VAL C 306 30.79 -14.04 -57.20
C VAL C 306 29.42 -13.53 -57.59
N GLY C 307 28.38 -14.35 -57.47
CA GLY C 307 27.03 -13.84 -57.66
C GLY C 307 26.59 -12.89 -56.56
N VAL C 308 26.88 -13.25 -55.30
CA VAL C 308 26.43 -12.38 -54.22
C VAL C 308 27.33 -11.15 -54.03
N VAL C 309 28.54 -11.17 -54.58
CA VAL C 309 29.31 -9.95 -54.57
C VAL C 309 28.99 -9.10 -55.80
N ALA C 310 28.56 -9.70 -56.91
CA ALA C 310 28.20 -8.87 -58.04
C ALA C 310 26.90 -8.16 -57.74
N GLN C 311 26.00 -8.84 -57.02
CA GLN C 311 24.79 -8.18 -56.56
C GLN C 311 25.08 -7.09 -55.54
N ALA C 312 26.04 -7.31 -54.62
CA ALA C 312 26.37 -6.24 -53.68
C ALA C 312 27.10 -5.05 -54.32
N VAL C 313 28.00 -5.29 -55.29
CA VAL C 313 28.64 -4.18 -55.99
C VAL C 313 27.63 -3.37 -56.79
N HIS C 314 26.73 -4.06 -57.51
CA HIS C 314 25.70 -3.36 -58.28
C HIS C 314 24.73 -2.62 -57.36
N GLU C 315 24.44 -3.19 -56.18
CA GLU C 315 23.57 -2.51 -55.24
C GLU C 315 24.23 -1.27 -54.63
N LEU C 316 25.54 -1.32 -54.41
CA LEU C 316 26.18 -0.15 -53.79
C LEU C 316 26.48 0.92 -54.82
N LEU C 317 26.72 0.51 -56.07
CA LEU C 317 27.08 1.44 -57.14
C LEU C 317 25.94 2.37 -57.53
N GLU C 318 24.70 2.02 -57.22
CA GLU C 318 23.56 2.86 -57.57
C GLU C 318 23.27 3.96 -56.56
N LYS C 319 24.14 4.18 -55.57
CA LYS C 319 23.85 5.18 -54.55
C LYS C 319 24.77 6.38 -54.80
N GLU C 320 24.65 7.39 -53.94
CA GLU C 320 25.38 8.63 -54.15
C GLU C 320 26.50 8.93 -53.17
N ASN C 321 26.27 8.84 -51.87
CA ASN C 321 27.33 9.15 -50.90
C ASN C 321 28.25 7.98 -50.60
N ILE C 322 28.77 7.31 -51.63
CA ILE C 322 29.69 6.19 -51.45
C ILE C 322 31.07 6.82 -51.30
N THR C 323 31.38 7.25 -50.08
CA THR C 323 32.72 7.79 -49.84
C THR C 323 33.74 6.65 -49.79
N ASP C 324 34.98 7.00 -50.04
CA ASP C 324 35.91 5.91 -50.19
C ASP C 324 36.90 5.92 -49.05
N PRO C 325 37.39 4.76 -48.61
CA PRO C 325 38.44 4.73 -47.60
C PRO C 325 39.74 5.29 -48.13
N PRO C 326 40.67 5.66 -47.24
CA PRO C 326 41.97 6.17 -47.68
C PRO C 326 42.79 5.04 -48.27
N ARG C 327 43.89 5.37 -48.92
CA ARG C 327 44.63 4.28 -49.53
C ARG C 327 45.72 3.83 -48.57
N GLY C 328 46.38 2.72 -48.92
CA GLY C 328 47.58 2.28 -48.24
C GLY C 328 47.18 1.71 -46.87
N CYS C 329 48.17 1.33 -46.07
CA CYS C 329 47.91 1.38 -44.64
C CYS C 329 48.94 2.22 -43.91
N VAL C 330 49.35 3.37 -44.45
CA VAL C 330 50.55 4.07 -44.04
C VAL C 330 50.17 5.03 -42.91
N GLY C 331 50.08 4.52 -41.69
CA GLY C 331 49.61 5.31 -40.57
C GLY C 331 48.13 5.64 -40.58
N ASN C 332 47.37 5.08 -41.50
CA ASN C 332 46.01 5.53 -41.72
C ASN C 332 45.04 4.77 -40.83
N THR C 333 43.83 5.33 -40.72
CA THR C 333 42.70 4.70 -40.06
C THR C 333 41.54 4.72 -41.03
N ASN C 334 41.07 3.53 -41.42
CA ASN C 334 39.98 3.43 -42.38
C ASN C 334 38.66 3.49 -41.60
N ILE C 335 38.32 4.69 -41.15
CA ILE C 335 37.13 4.92 -40.35
C ILE C 335 36.16 5.62 -41.29
N TRP C 336 35.22 4.81 -41.77
CA TRP C 336 34.57 5.00 -43.05
C TRP C 336 33.10 4.64 -42.91
N LYS C 337 32.24 5.63 -43.10
CA LYS C 337 30.82 5.61 -42.74
C LYS C 337 29.99 4.66 -43.60
N THR C 338 30.53 4.16 -44.71
CA THR C 338 29.77 3.25 -45.55
C THR C 338 29.98 1.79 -45.14
N GLY C 339 30.73 1.55 -44.07
CA GLY C 339 30.92 0.22 -43.52
C GLY C 339 29.63 -0.44 -43.04
N PRO C 340 28.89 0.25 -42.15
CA PRO C 340 27.53 -0.18 -41.81
C PRO C 340 26.59 -0.25 -42.99
N LEU C 341 26.79 0.63 -43.98
CA LEU C 341 26.02 0.58 -45.22
C LEU C 341 26.30 -0.69 -46.02
N PHE C 342 27.52 -1.21 -45.96
CA PHE C 342 27.78 -2.49 -46.63
C PHE C 342 26.98 -3.62 -45.98
N LYS C 343 26.91 -3.61 -44.65
CA LYS C 343 26.08 -4.58 -43.93
C LYS C 343 24.61 -4.38 -44.25
N ARG C 344 24.20 -3.13 -44.44
CA ARG C 344 22.82 -2.80 -44.79
C ARG C 344 22.48 -3.28 -46.20
N VAL C 345 23.40 -3.09 -47.15
CA VAL C 345 23.11 -3.46 -48.52
C VAL C 345 23.16 -4.97 -48.68
N LEU C 346 23.94 -5.65 -47.83
CA LEU C 346 23.92 -7.10 -47.93
C LEU C 346 22.71 -7.69 -47.22
N MET C 347 22.29 -7.06 -46.12
CA MET C 347 21.20 -7.57 -45.30
C MET C 347 19.82 -7.30 -45.89
N SER C 348 19.70 -6.44 -46.91
CA SER C 348 18.38 -6.13 -47.45
C SER C 348 18.11 -6.66 -48.87
N SER C 349 18.87 -7.64 -49.35
CA SER C 349 18.65 -8.11 -50.70
C SER C 349 18.61 -9.61 -50.64
N LYS C 350 17.87 -10.25 -51.56
CA LYS C 350 18.03 -11.69 -51.60
C LYS C 350 19.17 -12.06 -52.55
N TYR C 351 19.33 -13.36 -52.80
CA TYR C 351 20.49 -13.96 -53.46
C TYR C 351 20.07 -15.31 -54.03
N ALA C 352 19.07 -15.35 -54.92
CA ALA C 352 18.79 -16.58 -55.64
C ALA C 352 19.79 -16.92 -56.75
N ASP C 353 20.80 -16.09 -56.98
CA ASP C 353 21.70 -16.27 -58.10
C ASP C 353 22.66 -17.42 -57.80
N GLY C 354 23.05 -18.16 -58.83
CA GLY C 354 24.00 -19.24 -58.65
C GLY C 354 23.81 -20.47 -59.51
N VAL C 355 24.38 -21.58 -59.04
CA VAL C 355 24.37 -22.84 -59.80
C VAL C 355 23.52 -23.91 -59.11
N THR C 356 23.73 -24.18 -57.82
CA THR C 356 23.07 -25.32 -57.20
C THR C 356 22.07 -24.98 -56.11
N GLY C 357 21.79 -23.71 -55.83
CA GLY C 357 20.81 -23.47 -54.80
C GLY C 357 20.67 -22.11 -54.17
N ARG C 358 19.50 -21.91 -53.57
CA ARG C 358 19.10 -20.62 -53.02
C ARG C 358 19.95 -20.33 -51.79
N VAL C 359 20.67 -19.22 -51.77
CA VAL C 359 21.53 -18.92 -50.61
C VAL C 359 21.08 -17.59 -50.01
N GLU C 360 20.75 -17.62 -48.73
CA GLU C 360 20.27 -16.46 -47.97
C GLU C 360 21.23 -16.21 -46.82
N PHE C 361 21.05 -15.09 -46.12
CA PHE C 361 21.96 -14.69 -45.05
C PHE C 361 21.14 -14.22 -43.85
N ASN C 362 21.62 -14.56 -42.65
CA ASN C 362 20.94 -14.21 -41.43
C ASN C 362 21.51 -12.95 -40.79
N GLU C 363 21.06 -12.66 -39.57
CA GLU C 363 21.55 -11.51 -38.80
C GLU C 363 22.97 -11.72 -38.30
N ASP C 364 23.35 -12.97 -38.04
CA ASP C 364 24.72 -13.30 -37.65
C ASP C 364 25.62 -13.46 -38.85
N GLY C 365 25.09 -13.99 -39.94
CA GLY C 365 25.83 -14.24 -41.15
C GLY C 365 25.86 -15.69 -41.59
N ASP C 366 24.92 -16.45 -41.07
CA ASP C 366 24.70 -17.84 -41.44
C ASP C 366 23.88 -17.88 -42.73
N ARG C 367 23.64 -19.07 -43.23
CA ARG C 367 23.07 -19.32 -44.55
C ARG C 367 21.54 -19.35 -44.49
N LYS C 368 20.98 -19.54 -43.29
CA LYS C 368 19.61 -19.86 -42.91
C LYS C 368 18.95 -21.12 -43.48
N PHE C 369 19.57 -21.82 -44.41
CA PHE C 369 18.90 -22.92 -45.06
C PHE C 369 19.65 -24.17 -44.66
N ALA C 370 18.97 -25.31 -44.56
CA ALA C 370 19.72 -26.49 -44.20
C ALA C 370 19.50 -27.57 -45.24
N GLN C 371 20.45 -27.63 -46.17
CA GLN C 371 20.44 -28.60 -47.24
C GLN C 371 21.41 -29.71 -46.87
N TYR C 372 20.91 -30.92 -46.73
CA TYR C 372 21.70 -32.04 -46.22
C TYR C 372 21.44 -33.22 -47.14
N SER C 373 22.49 -33.99 -47.42
CA SER C 373 22.35 -35.44 -47.50
C SER C 373 22.66 -36.13 -46.18
N ILE C 374 21.68 -36.86 -45.67
CA ILE C 374 21.76 -37.52 -44.36
C ILE C 374 22.23 -38.96 -44.58
N MET C 375 23.36 -39.34 -44.01
CA MET C 375 23.77 -40.74 -44.12
C MET C 375 23.50 -41.50 -42.83
N ASN C 376 24.04 -42.72 -42.79
CA ASN C 376 24.16 -43.68 -41.70
C ASN C 376 25.04 -44.79 -42.26
N LEU C 377 25.85 -45.41 -41.40
CA LEU C 377 26.73 -46.46 -41.92
C LEU C 377 25.94 -47.74 -41.75
N GLN C 378 25.43 -48.27 -42.85
CA GLN C 378 24.87 -49.62 -42.95
C GLN C 378 25.90 -50.71 -43.28
N ASN C 379 26.40 -51.40 -42.26
CA ASN C 379 27.60 -52.23 -42.33
C ASN C 379 28.78 -51.59 -43.06
N ARG C 380 29.41 -50.61 -42.42
CA ARG C 380 30.70 -50.02 -42.71
C ARG C 380 30.60 -49.00 -43.86
N LYS C 381 29.45 -48.88 -44.53
CA LYS C 381 29.37 -48.02 -45.69
C LYS C 381 28.31 -46.99 -45.38
N LEU C 382 28.54 -45.75 -45.82
CA LEU C 382 27.57 -44.69 -45.68
C LEU C 382 26.46 -44.80 -46.72
N VAL C 383 25.37 -45.48 -46.39
CA VAL C 383 24.28 -45.48 -47.36
C VAL C 383 23.58 -44.15 -47.17
N GLN C 384 23.21 -43.50 -48.27
CA GLN C 384 22.38 -42.31 -48.16
C GLN C 384 20.89 -42.60 -48.00
N VAL C 385 20.27 -41.89 -47.05
CA VAL C 385 18.88 -42.07 -46.65
C VAL C 385 18.33 -40.73 -47.09
N GLY C 386 17.14 -40.32 -46.62
CA GLY C 386 16.52 -39.11 -47.13
C GLY C 386 17.35 -37.84 -46.94
N ILE C 387 16.84 -36.76 -47.54
CA ILE C 387 17.59 -35.51 -47.57
C ILE C 387 16.80 -34.39 -46.90
N TYR C 388 17.44 -33.24 -46.72
CA TYR C 388 16.87 -32.18 -45.89
C TYR C 388 16.78 -30.91 -46.74
N ASN C 389 15.86 -30.04 -46.37
CA ASN C 389 15.62 -28.81 -47.11
C ASN C 389 14.93 -27.74 -46.27
N GLY C 390 15.39 -27.53 -45.04
CA GLY C 390 14.89 -26.39 -44.30
C GLY C 390 13.73 -26.73 -43.38
N THR C 391 12.51 -26.55 -43.86
CA THR C 391 11.33 -26.87 -43.07
C THR C 391 10.42 -27.90 -43.73
N HIS C 392 10.79 -28.41 -44.90
CA HIS C 392 9.97 -29.37 -45.62
C HIS C 392 10.09 -30.75 -44.99
N VAL C 393 9.58 -31.77 -45.69
CA VAL C 393 9.74 -33.14 -45.25
C VAL C 393 11.14 -33.62 -45.59
N ILE C 394 11.55 -34.71 -44.95
CA ILE C 394 12.88 -35.28 -45.12
C ILE C 394 12.99 -36.43 -46.13
N PRO C 395 12.60 -36.26 -47.45
CA PRO C 395 11.94 -37.35 -48.21
C PRO C 395 12.79 -38.61 -48.32
N ASN C 396 12.40 -39.73 -47.73
CA ASN C 396 13.38 -40.79 -47.70
C ASN C 396 13.38 -41.58 -49.01
N ASP C 397 14.40 -42.42 -49.17
CA ASP C 397 14.41 -43.42 -50.22
C ASP C 397 15.01 -44.74 -49.75
N ARG C 398 15.33 -44.89 -48.47
CA ARG C 398 15.85 -46.16 -48.00
C ARG C 398 15.15 -46.66 -46.75
N LYS C 399 15.73 -47.70 -46.16
CA LYS C 399 15.20 -48.36 -44.99
C LYS C 399 16.13 -48.13 -43.82
N ILE C 400 15.57 -47.81 -42.67
CA ILE C 400 16.37 -47.58 -41.48
C ILE C 400 16.63 -48.96 -40.89
N ILE C 401 17.89 -49.27 -40.61
CA ILE C 401 18.17 -50.56 -40.00
C ILE C 401 17.52 -50.59 -38.63
N TRP C 402 18.18 -49.96 -37.63
CA TRP C 402 17.93 -49.64 -36.22
C TRP C 402 19.23 -50.04 -35.52
N PRO C 403 19.60 -49.48 -34.34
CA PRO C 403 20.95 -49.77 -33.81
C PRO C 403 21.06 -51.21 -33.32
N GLY C 404 22.19 -51.80 -33.70
CA GLY C 404 22.60 -53.15 -33.32
C GLY C 404 21.64 -54.21 -33.80
N GLY C 405 20.87 -54.84 -32.90
CA GLY C 405 20.20 -56.08 -33.25
C GLY C 405 19.07 -55.99 -34.26
N GLU C 406 18.16 -55.05 -34.07
CA GLU C 406 16.77 -55.21 -34.49
C GLU C 406 16.39 -54.25 -35.60
N THR C 407 15.21 -54.54 -36.18
CA THR C 407 14.66 -53.82 -37.33
C THR C 407 13.23 -53.56 -36.87
N GLU C 408 13.09 -52.52 -36.07
CA GLU C 408 11.91 -52.05 -35.36
C GLU C 408 12.31 -50.72 -34.75
N LYS C 409 11.36 -49.81 -34.58
CA LYS C 409 11.68 -48.60 -33.84
C LYS C 409 11.74 -48.93 -32.35
N PRO C 410 12.90 -48.75 -31.71
CA PRO C 410 13.11 -49.00 -30.27
C PRO C 410 12.67 -47.81 -29.42
N ARG C 411 11.39 -47.51 -29.43
CA ARG C 411 11.00 -46.23 -28.85
C ARG C 411 10.85 -46.39 -27.35
N GLY C 412 10.35 -45.35 -26.70
CA GLY C 412 10.02 -45.37 -25.29
C GLY C 412 11.29 -45.46 -24.48
N TYR C 413 11.19 -46.04 -23.30
CA TYR C 413 12.29 -46.12 -22.36
C TYR C 413 11.91 -47.20 -21.36
N GLN C 414 12.91 -47.92 -20.86
CA GLN C 414 12.63 -48.92 -19.84
C GLN C 414 12.31 -48.17 -18.55
N MET C 415 11.01 -47.98 -18.32
CA MET C 415 10.51 -47.34 -17.11
C MET C 415 10.79 -48.23 -15.90
N SER C 416 11.71 -47.80 -15.06
CA SER C 416 12.18 -48.63 -13.96
C SER C 416 11.12 -48.79 -12.89
N THR C 417 11.21 -49.89 -12.16
CA THR C 417 10.29 -50.19 -11.08
C THR C 417 11.03 -50.29 -9.76
N ARG C 418 12.35 -50.13 -9.77
CA ARG C 418 13.17 -50.08 -8.56
C ARG C 418 13.59 -48.63 -8.37
N LEU C 419 13.09 -48.03 -7.30
CA LEU C 419 13.22 -46.61 -7.03
C LEU C 419 14.16 -46.36 -5.86
N LYS C 420 14.76 -45.16 -5.85
CA LYS C 420 15.64 -44.75 -4.77
C LYS C 420 14.93 -43.69 -3.96
N ILE C 421 14.82 -43.92 -2.66
CA ILE C 421 14.09 -43.05 -1.76
C ILE C 421 15.08 -42.40 -0.80
N VAL C 422 14.90 -41.12 -0.55
CA VAL C 422 15.74 -40.38 0.38
C VAL C 422 14.85 -39.94 1.53
N THR C 423 15.34 -40.10 2.74
CA THR C 423 14.56 -39.87 3.94
C THR C 423 15.44 -39.08 4.91
N ILE C 424 14.91 -38.79 6.08
CA ILE C 424 15.65 -38.09 7.14
C ILE C 424 15.12 -38.64 8.46
N HIS C 425 15.92 -38.45 9.51
CA HIS C 425 15.53 -38.94 10.84
C HIS C 425 14.54 -37.96 11.46
N GLN C 426 13.29 -38.41 11.64
CA GLN C 426 12.25 -37.56 12.17
C GLN C 426 11.23 -38.48 12.84
N GLU C 427 11.29 -38.53 14.15
CA GLU C 427 10.34 -39.28 14.95
C GLU C 427 9.09 -38.44 15.22
N PRO C 428 7.92 -39.07 15.39
CA PRO C 428 7.56 -40.49 15.36
C PRO C 428 7.26 -40.96 13.94
N PHE C 429 7.68 -40.15 12.98
CA PHE C 429 7.40 -40.42 11.58
C PHE C 429 8.37 -41.45 11.02
N VAL C 430 9.67 -41.21 11.21
CA VAL C 430 10.71 -42.09 10.71
C VAL C 430 11.68 -42.30 11.86
N TYR C 431 11.85 -43.54 12.28
CA TYR C 431 12.84 -43.83 13.29
C TYR C 431 14.15 -44.22 12.63
N VAL C 432 15.22 -44.29 13.42
CA VAL C 432 16.51 -44.75 12.94
C VAL C 432 17.07 -45.68 14.02
N LYS C 433 17.35 -46.92 13.66
CA LYS C 433 17.92 -47.87 14.59
C LYS C 433 19.07 -48.65 13.95
N PRO C 434 20.15 -48.85 14.68
CA PRO C 434 21.20 -49.75 14.18
C PRO C 434 20.69 -51.18 14.25
N THR C 435 21.17 -52.02 13.35
CA THR C 435 20.58 -53.35 13.20
C THR C 435 21.16 -54.28 14.25
N MET C 436 20.83 -55.56 14.15
CA MET C 436 21.43 -56.56 15.02
C MET C 436 22.80 -56.94 14.46
N SER C 437 23.41 -57.96 15.06
CA SER C 437 24.74 -58.39 14.68
C SER C 437 24.74 -59.25 13.43
N ASP C 438 23.57 -59.72 12.98
CA ASP C 438 23.47 -60.58 11.81
C ASP C 438 22.82 -59.90 10.61
N GLY C 439 22.92 -58.58 10.51
CA GLY C 439 22.37 -57.96 9.30
C GLY C 439 20.89 -57.63 9.41
N THR C 440 20.10 -58.65 9.73
CA THR C 440 18.66 -58.50 9.90
C THR C 440 18.39 -57.82 11.23
N CYS C 441 17.59 -56.76 11.19
CA CYS C 441 17.35 -55.94 12.37
C CYS C 441 16.29 -56.59 13.24
N LYS C 442 15.95 -55.94 14.35
CA LYS C 442 15.19 -56.62 15.39
C LYS C 442 13.73 -56.73 14.98
N GLU C 443 13.20 -57.94 14.96
CA GLU C 443 11.76 -58.11 14.82
C GLU C 443 11.08 -57.72 16.11
N GLU C 444 10.05 -56.87 16.01
CA GLU C 444 9.35 -56.46 17.23
C GLU C 444 7.86 -56.65 17.10
N PHE C 445 7.12 -56.16 18.09
CA PHE C 445 5.67 -56.25 18.13
C PHE C 445 5.09 -54.97 18.70
N THR C 446 3.83 -54.72 18.37
CA THR C 446 3.14 -53.53 18.86
C THR C 446 2.59 -53.81 20.26
N VAL C 447 1.73 -52.91 20.74
CA VAL C 447 0.98 -53.17 21.97
C VAL C 447 -0.02 -54.29 21.75
N ASN C 448 -0.54 -54.43 20.54
CA ASN C 448 -1.46 -55.49 20.16
C ASN C 448 -0.76 -56.75 19.71
N GLY C 449 0.57 -56.78 19.76
CA GLY C 449 1.30 -57.93 19.28
C GLY C 449 1.40 -58.01 17.79
N ASP C 450 1.22 -56.90 17.09
CA ASP C 450 1.28 -56.97 15.63
C ASP C 450 2.72 -56.76 15.20
N PRO C 451 3.18 -57.42 14.13
CA PRO C 451 4.59 -57.30 13.73
C PRO C 451 4.90 -55.93 13.17
N VAL C 452 5.86 -55.25 13.80
CA VAL C 452 6.28 -53.93 13.35
C VAL C 452 7.12 -54.11 12.10
N LYS C 453 6.55 -53.76 10.95
CA LYS C 453 7.24 -53.97 9.68
C LYS C 453 8.34 -52.95 9.53
N LYS C 454 9.58 -53.43 9.40
CA LYS C 454 10.73 -52.57 9.24
C LYS C 454 11.40 -52.87 7.91
N VAL C 455 12.25 -51.93 7.48
CA VAL C 455 13.07 -52.08 6.29
C VAL C 455 14.47 -51.67 6.66
N ILE C 456 15.44 -52.25 5.95
CA ILE C 456 16.85 -52.01 6.25
C ILE C 456 17.28 -50.73 5.52
N CYS C 457 17.37 -49.61 6.23
CA CYS C 457 17.82 -48.37 5.59
C CYS C 457 19.32 -48.40 5.45
N THR C 458 19.81 -48.05 4.27
CA THR C 458 21.22 -47.75 4.07
C THR C 458 21.54 -46.43 4.74
N GLY C 459 22.15 -46.52 5.92
CA GLY C 459 22.46 -45.38 6.74
C GLY C 459 23.52 -44.48 6.13
N PRO C 460 23.75 -43.32 6.76
CA PRO C 460 24.74 -42.39 6.23
C PRO C 460 26.15 -42.90 6.49
N ASN C 461 27.10 -42.36 5.72
CA ASN C 461 28.49 -42.57 6.08
C ASN C 461 28.85 -41.86 7.38
N ASP C 462 28.23 -40.72 7.65
CA ASP C 462 28.55 -39.93 8.84
C ASP C 462 27.74 -40.45 10.02
N THR C 463 28.08 -41.67 10.45
CA THR C 463 27.35 -42.32 11.54
C THR C 463 27.61 -41.64 12.89
N SER C 464 28.77 -41.03 13.05
CA SER C 464 29.03 -40.16 14.20
C SER C 464 29.32 -38.76 13.66
N PRO C 465 28.41 -37.79 13.83
CA PRO C 465 28.38 -36.61 12.94
C PRO C 465 29.50 -35.60 13.13
N GLY C 466 30.74 -36.06 13.11
CA GLY C 466 31.90 -35.20 12.98
C GLY C 466 32.70 -35.54 11.74
N SER C 467 33.86 -36.15 11.95
CA SER C 467 34.74 -36.55 10.85
C SER C 467 34.29 -37.81 10.09
N PRO C 468 34.19 -38.99 10.71
CA PRO C 468 34.38 -40.24 9.95
C PRO C 468 33.19 -40.58 9.06
N ARG C 469 33.50 -41.31 7.99
CA ARG C 469 32.54 -41.64 6.93
C ARG C 469 32.55 -43.15 6.78
N HIS C 470 31.60 -43.80 7.44
CA HIS C 470 31.45 -45.26 7.35
C HIS C 470 29.97 -45.56 7.24
N THR C 471 29.52 -45.93 6.03
CA THR C 471 28.12 -46.23 5.82
C THR C 471 27.81 -47.65 6.30
N VAL C 472 26.66 -47.79 6.96
CA VAL C 472 26.25 -49.08 7.50
C VAL C 472 24.79 -49.32 7.19
N PRO C 473 24.39 -50.58 7.13
CA PRO C 473 22.96 -50.90 7.10
C PRO C 473 22.38 -50.65 8.48
N GLN C 474 21.43 -49.74 8.55
CA GLN C 474 20.66 -49.47 9.75
C GLN C 474 19.24 -49.97 9.53
N CYS C 475 18.39 -49.76 10.53
CA CYS C 475 17.01 -50.17 10.36
C CYS C 475 16.05 -49.08 10.81
N CYS C 476 14.98 -48.94 10.04
CA CYS C 476 13.99 -47.89 10.22
C CYS C 476 12.59 -48.47 10.35
N TYR C 477 11.71 -47.68 10.95
CA TYR C 477 10.30 -48.04 11.14
C TYR C 477 9.55 -46.77 11.49
N GLY C 478 8.23 -46.81 11.30
CA GLY C 478 7.40 -45.71 11.74
C GLY C 478 6.21 -45.38 10.86
N PHE C 479 5.83 -44.10 10.87
CA PHE C 479 4.63 -43.64 10.18
C PHE C 479 4.79 -43.69 8.67
N CYS C 480 5.80 -42.97 8.15
CA CYS C 480 6.01 -42.88 6.71
C CYS C 480 6.43 -44.21 6.13
N ILE C 481 7.09 -45.04 6.92
CA ILE C 481 7.47 -46.37 6.47
C ILE C 481 6.24 -47.25 6.29
N ASP C 482 5.29 -47.17 7.21
CA ASP C 482 4.06 -47.94 7.06
C ASP C 482 3.22 -47.46 5.89
N LEU C 483 3.14 -46.14 5.68
CA LEU C 483 2.39 -45.65 4.53
C LEU C 483 3.10 -45.99 3.21
N LEU C 484 4.43 -45.97 3.22
CA LEU C 484 5.19 -46.40 2.05
C LEU C 484 5.00 -47.88 1.78
N ILE C 485 4.86 -48.68 2.84
CA ILE C 485 4.58 -50.10 2.69
C ILE C 485 3.25 -50.28 1.98
N LYS C 486 2.24 -49.51 2.40
CA LYS C 486 0.93 -49.61 1.78
C LYS C 486 0.95 -49.11 0.33
N LEU C 487 1.67 -48.02 0.07
CA LEU C 487 1.73 -47.51 -1.30
C LEU C 487 2.54 -48.41 -2.23
N ALA C 488 3.58 -49.07 -1.70
CA ALA C 488 4.38 -49.96 -2.53
C ALA C 488 3.61 -51.24 -2.80
N ARG C 489 2.84 -51.69 -1.82
CA ARG C 489 1.97 -52.85 -2.01
C ARG C 489 0.82 -52.52 -2.94
N THR C 490 0.41 -51.25 -2.99
CA THR C 490 -0.68 -50.87 -3.88
C THR C 490 -0.18 -50.71 -5.31
N MET C 491 1.03 -50.19 -5.50
CA MET C 491 1.44 -49.77 -6.82
C MET C 491 2.62 -50.58 -7.37
N GLN C 492 2.94 -51.72 -6.75
CA GLN C 492 3.97 -52.67 -7.21
C GLN C 492 5.33 -51.97 -7.32
N PHE C 493 5.85 -51.53 -6.19
CA PHE C 493 7.09 -50.80 -6.15
C PHE C 493 8.22 -51.61 -5.54
N THR C 494 9.31 -51.75 -6.30
CA THR C 494 10.61 -52.08 -5.75
C THR C 494 11.29 -50.77 -5.39
N TYR C 495 11.92 -50.74 -4.22
CA TYR C 495 12.36 -49.49 -3.66
C TYR C 495 13.60 -49.73 -2.81
N GLU C 496 14.49 -48.76 -2.79
CA GLU C 496 15.55 -48.73 -1.79
C GLU C 496 15.50 -47.40 -1.07
N VAL C 497 15.98 -47.40 0.17
CA VAL C 497 15.94 -46.21 1.00
C VAL C 497 17.33 -45.97 1.55
N HIS C 498 17.92 -44.85 1.18
CA HIS C 498 19.20 -44.42 1.73
C HIS C 498 19.00 -43.04 2.33
N LEU C 499 19.67 -42.78 3.45
CA LEU C 499 19.45 -41.54 4.18
C LEU C 499 20.15 -40.36 3.50
N VAL C 500 19.96 -39.19 4.09
CA VAL C 500 20.39 -37.94 3.49
C VAL C 500 21.85 -37.67 3.87
N ALA C 501 22.48 -36.74 3.15
CA ALA C 501 23.89 -36.44 3.37
C ALA C 501 24.10 -35.72 4.69
N ASP C 502 23.47 -34.55 4.85
CA ASP C 502 23.73 -33.69 6.00
C ASP C 502 22.57 -33.60 6.98
N GLY C 503 21.34 -33.39 6.49
CA GLY C 503 20.24 -33.25 7.42
C GLY C 503 19.77 -31.81 7.57
N LYS C 504 19.68 -31.07 6.46
CA LYS C 504 19.33 -29.65 6.53
C LYS C 504 18.09 -29.30 5.73
N PHE C 505 17.28 -30.30 5.38
CA PHE C 505 15.89 -30.18 4.89
C PHE C 505 15.76 -29.52 3.53
N GLY C 506 16.84 -29.04 2.93
CA GLY C 506 16.75 -28.45 1.61
C GLY C 506 16.41 -26.98 1.67
N THR C 507 17.28 -26.14 1.10
CA THR C 507 16.99 -24.72 0.98
C THR C 507 17.80 -24.18 -0.18
N GLN C 508 17.58 -22.91 -0.49
CA GLN C 508 18.25 -22.27 -1.62
C GLN C 508 19.13 -21.14 -1.10
N GLU C 509 20.32 -21.02 -1.69
CA GLU C 509 21.21 -19.92 -1.36
C GLU C 509 22.17 -19.72 -2.53
N ARG C 510 22.74 -18.51 -2.57
CA ARG C 510 23.70 -18.15 -3.61
C ARG C 510 25.08 -18.55 -3.13
N VAL C 511 25.69 -19.53 -3.79
CA VAL C 511 26.88 -20.19 -3.29
C VAL C 511 28.02 -19.86 -4.27
N GLN C 512 29.26 -20.00 -3.77
CA GLN C 512 30.50 -19.89 -4.52
C GLN C 512 30.74 -18.48 -5.03
N ASN C 513 30.26 -17.48 -4.27
CA ASN C 513 30.33 -16.04 -4.50
C ASN C 513 30.14 -15.64 -5.97
N SER C 514 29.18 -16.30 -6.62
CA SER C 514 28.95 -16.14 -8.05
C SER C 514 27.45 -16.07 -8.28
N ASN C 515 27.05 -16.31 -9.54
CA ASN C 515 25.66 -16.28 -9.98
C ASN C 515 25.03 -17.67 -9.94
N LYS C 516 25.43 -18.52 -9.01
CA LYS C 516 24.93 -19.88 -8.94
C LYS C 516 24.14 -20.05 -7.66
N LYS C 517 22.94 -20.61 -7.79
CA LYS C 517 22.07 -20.93 -6.65
C LYS C 517 21.88 -22.44 -6.67
N GLU C 518 22.52 -23.13 -5.74
CA GLU C 518 22.27 -24.55 -5.59
C GLU C 518 21.34 -24.80 -4.41
N TRP C 519 20.81 -26.01 -4.36
CA TRP C 519 19.86 -26.38 -3.33
C TRP C 519 20.59 -27.28 -2.35
N ASN C 520 20.70 -26.83 -1.10
CA ASN C 520 21.41 -27.60 -0.11
C ASN C 520 20.62 -28.85 0.26
N GLY C 521 21.31 -29.81 0.87
CA GLY C 521 20.62 -30.85 1.63
C GLY C 521 19.89 -31.82 0.74
N MET C 522 18.65 -32.12 1.15
CA MET C 522 17.88 -33.20 0.54
C MET C 522 17.38 -32.82 -0.85
N MET C 523 16.90 -31.59 -1.01
CA MET C 523 16.26 -31.21 -2.26
C MET C 523 17.29 -31.11 -3.39
N GLY C 524 18.55 -30.78 -3.08
CA GLY C 524 19.57 -30.85 -4.10
C GLY C 524 19.81 -32.27 -4.58
N GLU C 525 19.69 -33.25 -3.68
CA GLU C 525 19.78 -34.65 -4.04
C GLU C 525 18.56 -35.13 -4.81
N LEU C 526 17.44 -34.43 -4.65
CA LEU C 526 16.31 -34.70 -5.53
C LEU C 526 16.54 -34.07 -6.89
N LEU C 527 17.18 -32.91 -6.92
CA LEU C 527 17.43 -32.20 -8.16
C LEU C 527 18.56 -32.86 -8.94
N SER C 528 19.52 -33.47 -8.24
CA SER C 528 20.70 -34.03 -8.89
C SER C 528 20.49 -35.46 -9.33
N GLY C 529 19.30 -36.02 -9.14
CA GLY C 529 19.08 -37.39 -9.56
C GLY C 529 19.53 -38.43 -8.57
N GLN C 530 19.74 -38.07 -7.31
CA GLN C 530 20.05 -39.09 -6.32
C GLN C 530 18.81 -39.84 -5.86
N ALA C 531 17.62 -39.29 -6.14
CA ALA C 531 16.37 -39.96 -5.81
C ALA C 531 15.31 -39.48 -6.79
N ASP C 532 14.12 -40.07 -6.67
CA ASP C 532 12.99 -39.68 -7.48
C ASP C 532 11.72 -39.42 -6.69
N MET C 533 11.69 -39.77 -5.39
CA MET C 533 10.56 -39.45 -4.51
C MET C 533 11.11 -39.08 -3.15
N ILE C 534 10.42 -38.17 -2.48
CA ILE C 534 10.73 -37.78 -1.10
C ILE C 534 9.55 -38.14 -0.23
N VAL C 535 9.73 -39.12 0.65
CA VAL C 535 8.69 -39.52 1.59
C VAL C 535 9.24 -39.20 2.98
N ALA C 536 8.90 -38.02 3.48
CA ALA C 536 9.43 -37.52 4.74
C ALA C 536 8.50 -36.40 5.21
N PRO C 537 8.62 -35.95 6.47
CA PRO C 537 7.89 -34.72 6.83
C PRO C 537 8.51 -33.49 6.19
N LEU C 538 8.20 -33.26 4.92
CA LEU C 538 8.74 -32.15 4.16
C LEU C 538 7.62 -31.17 3.84
N THR C 539 7.76 -29.93 4.33
CA THR C 539 6.67 -28.99 4.25
C THR C 539 6.50 -28.51 2.82
N ILE C 540 5.38 -27.84 2.59
CA ILE C 540 5.07 -27.25 1.29
C ILE C 540 5.30 -25.75 1.35
N ASN C 541 6.17 -25.26 0.47
CA ASN C 541 6.54 -23.86 0.43
C ASN C 541 6.31 -23.38 -0.99
N ASN C 542 6.41 -22.07 -1.18
CA ASN C 542 6.34 -21.56 -2.54
C ASN C 542 7.66 -21.75 -3.28
N GLU C 543 8.77 -21.76 -2.54
CA GLU C 543 10.08 -21.82 -3.15
C GLU C 543 10.48 -23.23 -3.54
N ARG C 544 10.04 -24.24 -2.79
CA ARG C 544 10.36 -25.60 -3.19
C ARG C 544 9.45 -26.10 -4.30
N ALA C 545 8.22 -25.60 -4.35
CA ALA C 545 7.21 -26.01 -5.30
C ALA C 545 7.30 -25.24 -6.61
N GLN C 546 8.38 -24.50 -6.82
CA GLN C 546 8.62 -23.84 -8.10
C GLN C 546 8.79 -24.84 -9.23
N TYR C 547 9.47 -25.94 -8.97
CA TYR C 547 9.72 -26.93 -10.00
C TYR C 547 9.70 -28.36 -9.45
N ILE C 548 9.17 -28.55 -8.27
CA ILE C 548 9.08 -29.86 -7.62
C ILE C 548 7.61 -30.13 -7.32
N GLU C 549 7.06 -31.15 -7.95
CA GLU C 549 5.65 -31.48 -7.79
C GLU C 549 5.42 -32.19 -6.47
N PHE C 550 4.35 -31.81 -5.79
CA PHE C 550 3.95 -32.38 -4.52
C PHE C 550 2.69 -33.23 -4.67
N SER C 551 2.16 -33.67 -3.54
CA SER C 551 0.93 -34.45 -3.47
C SER C 551 0.01 -33.80 -2.44
N LYS C 552 -1.13 -34.44 -2.22
CA LYS C 552 -2.04 -33.97 -1.18
C LYS C 552 -1.47 -34.28 0.19
N PRO C 553 -1.35 -33.29 1.08
CA PRO C 553 -0.23 -33.24 2.02
C PRO C 553 -0.48 -33.86 3.39
N PHE C 554 -0.90 -35.13 3.41
CA PHE C 554 -0.80 -36.06 4.53
C PHE C 554 -1.59 -35.73 5.80
N LYS C 555 -1.91 -34.45 6.01
CA LYS C 555 -2.06 -33.91 7.35
C LYS C 555 -2.36 -32.43 7.21
N TYR C 556 -2.72 -31.82 8.34
CA TYR C 556 -2.80 -30.38 8.45
C TYR C 556 -2.27 -30.01 9.81
N GLN C 557 -1.33 -29.08 9.82
CA GLN C 557 -0.60 -28.68 11.02
C GLN C 557 -0.15 -27.24 10.83
N GLY C 558 0.61 -26.74 11.80
CA GLY C 558 1.13 -25.38 11.71
C GLY C 558 2.33 -25.24 12.63
N LEU C 559 2.90 -24.04 12.63
CA LEU C 559 4.05 -23.78 13.46
C LEU C 559 3.59 -23.42 14.87
N THR C 560 4.41 -23.76 15.86
CA THR C 560 4.10 -23.39 17.23
C THR C 560 5.40 -23.29 18.02
N ILE C 561 5.27 -22.77 19.24
CA ILE C 561 6.42 -22.45 20.07
C ILE C 561 6.48 -23.46 21.20
N LEU C 562 7.70 -23.87 21.54
CA LEU C 562 7.94 -24.87 22.57
C LEU C 562 8.72 -24.20 23.70
N VAL C 563 8.22 -24.37 24.92
CA VAL C 563 8.85 -23.81 26.11
C VAL C 563 8.86 -24.91 27.18
N LYS C 564 9.46 -24.61 28.32
CA LYS C 564 9.69 -25.59 29.38
C LYS C 564 8.72 -25.27 30.50
N LYS C 565 7.98 -26.28 30.96
CA LYS C 565 7.07 -26.07 32.07
C LYS C 565 7.86 -25.81 33.34
N GLU C 566 7.24 -25.10 34.29
CA GLU C 566 7.85 -24.76 35.55
C GLU C 566 7.63 -25.86 36.58
N ILE C 567 7.93 -25.54 37.83
CA ILE C 567 7.74 -26.43 38.99
C ILE C 567 6.30 -26.51 39.50
N PRO C 568 5.50 -25.40 39.48
CA PRO C 568 4.87 -24.88 40.70
C PRO C 568 4.38 -25.89 41.74
N ARG C 569 4.62 -25.53 43.00
CA ARG C 569 4.45 -26.40 44.15
C ARG C 569 2.99 -26.53 44.56
N SER C 570 2.76 -27.50 45.44
CA SER C 570 1.57 -27.59 46.26
C SER C 570 1.90 -27.04 47.65
N THR C 571 0.89 -26.99 48.51
CA THR C 571 1.03 -26.46 49.87
C THR C 571 1.21 -27.61 50.88
N LEU C 572 1.98 -28.62 50.48
CA LEU C 572 2.24 -29.74 51.38
C LEU C 572 3.17 -29.34 52.51
N ASP C 573 4.14 -28.46 52.24
CA ASP C 573 5.13 -28.07 53.24
C ASP C 573 4.54 -27.25 54.38
N SER C 574 3.32 -26.75 54.22
CA SER C 574 2.56 -26.14 55.31
C SER C 574 1.83 -27.20 56.12
N PHE C 575 2.56 -28.20 56.61
CA PHE C 575 1.96 -29.22 57.48
C PHE C 575 1.61 -28.57 58.80
N MET C 576 0.32 -28.20 58.95
CA MET C 576 -0.30 -27.34 59.95
C MET C 576 0.52 -26.08 60.27
N GLN C 577 1.29 -25.57 59.31
CA GLN C 577 1.98 -24.29 59.45
C GLN C 577 1.80 -23.44 58.20
N PRO C 578 0.57 -22.91 57.94
CA PRO C 578 0.47 -21.96 56.84
C PRO C 578 0.89 -20.57 57.27
N PHE C 579 0.67 -20.23 58.54
CA PHE C 579 0.95 -18.90 59.06
C PHE C 579 1.57 -19.00 60.44
N GLN C 580 2.50 -19.94 60.62
CA GLN C 580 3.03 -20.24 61.96
C GLN C 580 3.87 -19.11 62.54
N SER C 581 4.27 -18.12 61.73
CA SER C 581 4.65 -16.82 62.27
C SER C 581 3.53 -16.24 63.12
N THR C 582 2.32 -16.13 62.54
CA THR C 582 1.21 -15.46 63.19
C THR C 582 0.09 -16.41 63.56
N LEU C 583 0.29 -17.73 63.44
CA LEU C 583 -0.53 -18.72 64.15
C LEU C 583 -0.03 -18.79 65.59
N TRP C 584 -0.36 -17.75 66.34
CA TRP C 584 0.40 -17.36 67.51
C TRP C 584 0.18 -18.31 68.68
N LEU C 585 1.16 -18.35 69.57
CA LEU C 585 0.94 -18.86 70.92
C LEU C 585 0.31 -17.81 71.82
N LEU C 586 0.17 -16.57 71.31
CA LEU C 586 -0.55 -15.51 71.99
C LEU C 586 -2.01 -15.87 72.27
N VAL C 587 -2.62 -16.65 71.39
CA VAL C 587 -3.97 -17.12 71.67
C VAL C 587 -3.99 -18.11 72.81
N GLY C 588 -2.92 -18.88 73.00
CA GLY C 588 -2.86 -19.79 74.15
C GLY C 588 -2.66 -19.02 75.44
N LEU C 589 -1.87 -17.94 75.39
CA LEU C 589 -1.78 -17.04 76.52
C LEU C 589 -3.11 -16.36 76.81
N SER C 590 -3.89 -16.07 75.76
CA SER C 590 -5.24 -15.54 75.96
C SER C 590 -6.14 -16.57 76.64
N VAL C 591 -6.02 -17.84 76.26
CA VAL C 591 -6.71 -18.95 76.94
C VAL C 591 -6.34 -18.96 78.42
N HIS C 592 -5.05 -18.84 78.72
CA HIS C 592 -4.60 -18.92 80.10
C HIS C 592 -5.10 -17.72 80.92
N VAL C 593 -5.06 -16.52 80.35
CA VAL C 593 -5.50 -15.37 81.14
C VAL C 593 -7.03 -15.31 81.26
N VAL C 594 -7.77 -15.87 80.30
CA VAL C 594 -9.22 -15.88 80.50
C VAL C 594 -9.59 -17.00 81.46
N ALA C 595 -8.77 -18.05 81.55
CA ALA C 595 -8.95 -19.04 82.60
C ALA C 595 -8.71 -18.43 83.97
N VAL C 596 -7.68 -17.58 84.09
CA VAL C 596 -7.41 -16.87 85.34
C VAL C 596 -8.57 -15.93 85.67
N MET C 597 -9.13 -15.28 84.64
CA MET C 597 -10.25 -14.36 84.84
C MET C 597 -11.52 -15.08 85.27
N LEU C 598 -11.81 -16.24 84.68
CA LEU C 598 -12.96 -17.03 85.12
C LEU C 598 -12.75 -17.60 86.51
N TYR C 599 -11.49 -17.95 86.84
CA TYR C 599 -11.17 -18.40 88.19
C TYR C 599 -11.46 -17.31 89.22
N LEU C 600 -11.01 -16.10 88.94
CA LEU C 600 -11.27 -14.99 89.85
C LEU C 600 -12.74 -14.60 89.90
N LEU C 601 -13.46 -14.75 88.79
CA LEU C 601 -14.90 -14.48 88.81
C LEU C 601 -15.67 -15.55 89.58
N ASP C 602 -15.21 -16.79 89.56
CA ASP C 602 -15.84 -17.85 90.33
C ASP C 602 -15.39 -17.84 91.79
N ARG C 603 -14.26 -17.21 92.09
CA ARG C 603 -13.74 -17.22 93.44
C ARG C 603 -14.44 -16.21 94.34
N PHE C 604 -14.72 -15.01 93.83
CA PHE C 604 -15.11 -13.88 94.66
C PHE C 604 -16.54 -13.43 94.40
N SER C 605 -17.40 -14.35 93.98
CA SER C 605 -18.81 -14.04 93.77
C SER C 605 -19.55 -13.95 95.10
N THR C 623 -13.88 -26.98 90.82
CA THR C 623 -14.16 -26.19 89.63
C THR C 623 -13.14 -25.06 89.49
N LEU C 624 -12.06 -25.13 90.26
CA LEU C 624 -11.11 -24.03 90.36
C LEU C 624 -9.85 -24.32 89.57
N SER C 625 -9.18 -25.43 89.85
CA SER C 625 -7.95 -25.76 89.14
C SER C 625 -8.24 -26.39 87.78
N SER C 626 -9.49 -26.79 87.56
CA SER C 626 -9.92 -27.50 86.38
C SER C 626 -10.40 -26.56 85.28
N ALA C 627 -10.29 -25.24 85.50
CA ALA C 627 -10.88 -24.28 84.58
C ALA C 627 -10.25 -24.34 83.20
N MET C 628 -8.93 -24.55 83.13
CA MET C 628 -8.29 -24.73 81.82
C MET C 628 -8.71 -26.04 81.16
N TRP C 629 -8.96 -27.09 81.94
CA TRP C 629 -9.50 -28.33 81.40
C TRP C 629 -10.96 -28.21 80.95
N PHE C 630 -11.67 -27.24 81.50
CA PHE C 630 -12.92 -26.77 80.88
C PHE C 630 -12.63 -26.07 79.55
N SER C 631 -11.78 -25.05 79.59
CA SER C 631 -11.69 -24.06 78.52
C SER C 631 -11.11 -24.66 77.25
N TRP C 632 -10.06 -25.49 77.38
CA TRP C 632 -9.57 -26.24 76.22
C TRP C 632 -10.66 -27.14 75.64
N GLY C 633 -11.48 -27.76 76.49
CA GLY C 633 -12.62 -28.52 75.98
C GLY C 633 -13.69 -27.65 75.35
N VAL C 634 -13.69 -26.36 75.65
CA VAL C 634 -14.54 -25.41 74.93
C VAL C 634 -13.92 -25.15 73.56
N LEU C 635 -12.59 -25.17 73.50
CA LEU C 635 -11.90 -24.73 72.30
C LEU C 635 -11.94 -25.82 71.24
N LEU C 636 -11.54 -27.02 71.61
CA LEU C 636 -11.23 -28.04 70.62
C LEU C 636 -12.43 -28.91 70.28
N ASN C 637 -13.64 -28.49 70.72
CA ASN C 637 -14.91 -29.20 70.50
C ASN C 637 -14.84 -30.63 71.04
N SER C 638 -14.16 -30.77 72.18
CA SER C 638 -13.94 -32.04 72.85
C SER C 638 -14.64 -32.00 74.19
N GLY C 639 -15.63 -32.87 74.36
CA GLY C 639 -16.44 -32.82 75.56
C GLY C 639 -15.76 -33.49 76.73
N ILE C 640 -14.80 -32.77 77.30
CA ILE C 640 -14.02 -33.27 78.44
C ILE C 640 -14.73 -32.76 79.69
N GLY C 641 -15.76 -33.51 80.11
CA GLY C 641 -16.08 -33.82 81.49
C GLY C 641 -15.88 -32.79 82.59
N GLU C 642 -16.43 -31.59 82.41
CA GLU C 642 -16.31 -30.57 83.45
C GLU C 642 -17.66 -29.96 83.78
N GLY C 643 -17.65 -28.92 84.60
CA GLY C 643 -18.87 -28.25 85.02
C GLY C 643 -18.93 -26.85 84.48
N ALA C 644 -20.15 -26.37 84.25
CA ALA C 644 -20.34 -25.00 83.81
C ALA C 644 -20.00 -24.05 84.96
N PRO C 645 -19.59 -22.82 84.66
CA PRO C 645 -19.38 -21.83 85.72
C PRO C 645 -20.70 -21.46 86.37
N ARG C 646 -20.66 -21.26 87.69
CA ARG C 646 -21.92 -21.02 88.40
C ARG C 646 -22.40 -19.60 88.20
N SER C 647 -21.48 -18.64 88.15
CA SER C 647 -21.88 -17.26 87.96
C SER C 647 -22.18 -17.04 86.48
N PHE C 648 -23.13 -16.15 86.21
CA PHE C 648 -23.47 -15.83 84.83
C PHE C 648 -22.44 -14.92 84.16
N SER C 649 -21.67 -14.18 84.96
CA SER C 649 -20.65 -13.29 84.41
C SER C 649 -19.53 -14.06 83.72
N ALA C 650 -19.23 -15.28 84.17
CA ALA C 650 -18.31 -16.12 83.43
C ALA C 650 -18.99 -16.77 82.24
N ARG C 651 -20.30 -16.99 82.34
CA ARG C 651 -21.03 -17.65 81.27
C ARG C 651 -21.16 -16.76 80.05
N ILE C 652 -21.37 -15.46 80.27
CA ILE C 652 -21.48 -14.51 79.16
C ILE C 652 -20.12 -14.33 78.48
N LEU C 653 -19.03 -14.53 79.23
CA LEU C 653 -17.71 -14.55 78.59
C LEU C 653 -17.52 -15.82 77.79
N GLY C 654 -18.02 -16.94 78.31
CA GLY C 654 -17.89 -18.20 77.59
C GLY C 654 -18.67 -18.22 76.29
N MET C 655 -19.81 -17.50 76.26
CA MET C 655 -20.60 -17.35 75.03
C MET C 655 -19.77 -16.73 73.91
N VAL C 656 -19.18 -15.56 74.18
CA VAL C 656 -18.41 -14.89 73.15
C VAL C 656 -17.06 -15.57 72.95
N TRP C 657 -16.61 -16.37 73.91
CA TRP C 657 -15.41 -17.17 73.72
C TRP C 657 -15.65 -18.27 72.69
N ALA C 658 -16.79 -18.95 72.80
CA ALA C 658 -17.17 -19.95 71.79
C ALA C 658 -17.42 -19.30 70.44
N GLY C 659 -18.02 -18.12 70.43
CA GLY C 659 -18.16 -17.37 69.18
C GLY C 659 -16.82 -17.01 68.55
N PHE C 660 -15.84 -16.66 69.39
CA PHE C 660 -14.51 -16.37 68.90
C PHE C 660 -13.83 -17.62 68.38
N ALA C 661 -14.07 -18.76 69.04
CA ALA C 661 -13.51 -20.03 68.59
C ALA C 661 -14.05 -20.41 67.22
N MET C 662 -15.37 -20.20 67.03
CA MET C 662 -15.98 -20.44 65.72
C MET C 662 -15.39 -19.51 64.67
N ILE C 663 -15.10 -18.26 65.06
CA ILE C 663 -14.55 -17.29 64.13
C ILE C 663 -13.16 -17.70 63.68
N ILE C 664 -12.31 -18.12 64.62
CA ILE C 664 -10.94 -18.48 64.23
C ILE C 664 -10.90 -19.78 63.45
N VAL C 665 -11.78 -20.73 63.76
CA VAL C 665 -11.75 -21.97 62.98
C VAL C 665 -12.32 -21.74 61.58
N ALA C 666 -13.29 -20.82 61.45
CA ALA C 666 -13.82 -20.51 60.13
C ALA C 666 -12.79 -19.76 59.30
N SER C 667 -12.05 -18.85 59.94
CA SER C 667 -10.99 -18.13 59.25
C SER C 667 -9.86 -19.07 58.86
N TYR C 668 -9.56 -20.08 59.69
CA TYR C 668 -8.54 -21.06 59.31
C TYR C 668 -8.99 -21.90 58.13
N THR C 669 -10.28 -22.27 58.08
CA THR C 669 -10.79 -23.04 56.94
C THR C 669 -10.70 -22.22 55.66
N ALA C 670 -11.10 -20.95 55.73
CA ALA C 670 -11.10 -20.11 54.53
C ALA C 670 -9.67 -19.81 54.09
N ASN C 671 -8.77 -19.58 55.04
CA ASN C 671 -7.38 -19.35 54.67
C ASN C 671 -6.66 -20.62 54.23
N LEU C 672 -7.16 -21.79 54.63
CA LEU C 672 -6.64 -23.02 54.05
C LEU C 672 -7.14 -23.21 52.62
N ALA C 673 -8.39 -22.83 52.36
CA ALA C 673 -8.91 -22.88 50.99
C ALA C 673 -8.24 -21.86 50.07
N ALA C 674 -7.78 -20.74 50.64
CA ALA C 674 -7.16 -19.69 49.83
C ALA C 674 -5.83 -20.13 49.23
N PHE C 675 -5.09 -20.96 49.96
CA PHE C 675 -3.84 -21.50 49.45
C PHE C 675 -4.09 -22.48 48.31
N LEU C 676 -5.24 -23.15 48.32
CA LEU C 676 -5.49 -24.25 47.40
C LEU C 676 -6.35 -23.84 46.22
N VAL C 677 -6.92 -22.64 46.23
CA VAL C 677 -7.66 -22.15 45.06
C VAL C 677 -6.77 -21.29 44.17
N LEU C 678 -5.71 -20.71 44.72
CA LEU C 678 -4.88 -19.75 44.00
C LEU C 678 -3.69 -20.44 43.35
N GLU C 683 2.29 -16.45 33.71
CA GLU C 683 1.70 -16.54 32.39
C GLU C 683 2.78 -16.50 31.32
N ARG C 684 2.75 -17.49 30.43
CA ARG C 684 3.81 -17.66 29.46
C ARG C 684 3.53 -16.86 28.19
N ILE C 685 4.40 -17.02 27.20
CA ILE C 685 4.44 -16.17 26.02
C ILE C 685 3.31 -16.58 25.09
N THR C 686 2.77 -15.60 24.36
CA THR C 686 1.58 -15.82 23.53
C THR C 686 1.85 -15.35 22.10
N GLY C 687 2.26 -16.27 21.24
CA GLY C 687 2.42 -16.00 19.82
C GLY C 687 3.60 -15.09 19.49
N ILE C 688 3.60 -14.67 18.23
CA ILE C 688 4.66 -13.79 17.73
C ILE C 688 4.36 -12.34 18.05
N ASN C 689 3.18 -12.06 18.60
CA ASN C 689 2.79 -10.71 18.99
C ASN C 689 3.09 -10.44 20.45
N ASP C 690 4.10 -11.09 20.98
CA ASP C 690 4.53 -10.91 22.36
C ASP C 690 5.74 -10.00 22.36
N PRO C 691 5.82 -9.00 23.24
CA PRO C 691 7.01 -8.14 23.25
C PRO C 691 8.23 -8.81 23.84
N ARG C 692 8.09 -9.99 24.44
CA ARG C 692 9.25 -10.81 24.74
C ARG C 692 9.89 -11.32 23.46
N LEU C 693 9.09 -11.52 22.41
CA LEU C 693 9.56 -12.14 21.17
C LEU C 693 9.58 -11.19 20.00
N ARG C 694 8.62 -10.27 19.91
CA ARG C 694 8.61 -9.33 18.79
C ARG C 694 9.75 -8.34 18.92
N ASN C 695 9.80 -7.63 20.04
CA ASN C 695 10.93 -6.78 20.36
C ASN C 695 11.98 -7.64 21.05
N PRO C 696 13.15 -7.84 20.46
CA PRO C 696 14.11 -8.80 21.04
C PRO C 696 14.78 -8.25 22.28
N SER C 697 15.51 -9.12 22.96
CA SER C 697 16.27 -8.75 24.15
C SER C 697 17.38 -9.76 24.35
N ASP C 698 18.08 -9.66 25.49
CA ASP C 698 19.04 -10.66 25.89
C ASP C 698 18.46 -11.72 26.81
N LYS C 699 17.40 -11.41 27.54
CA LYS C 699 16.85 -12.32 28.54
C LYS C 699 16.12 -13.51 27.94
N PHE C 700 15.86 -13.49 26.64
CA PHE C 700 15.27 -14.60 25.92
C PHE C 700 16.13 -14.97 24.73
N ILE C 701 16.26 -16.27 24.50
CA ILE C 701 17.06 -16.81 23.41
C ILE C 701 16.12 -17.61 22.53
N TYR C 702 16.17 -17.35 21.24
CA TYR C 702 15.31 -18.01 20.28
C TYR C 702 16.15 -18.73 19.23
N ALA C 703 15.62 -19.85 18.75
CA ALA C 703 16.37 -20.70 17.83
C ALA C 703 15.41 -21.54 17.02
N THR C 704 15.84 -21.92 15.83
CA THR C 704 15.17 -22.92 15.03
C THR C 704 16.23 -23.76 14.32
N VAL C 705 15.78 -24.80 13.63
CA VAL C 705 16.72 -25.63 12.89
C VAL C 705 17.16 -24.86 11.65
N LYS C 706 18.46 -24.87 11.40
CA LYS C 706 19.01 -24.15 10.26
C LYS C 706 18.51 -24.72 8.94
N GLN C 707 18.43 -23.84 7.93
CA GLN C 707 18.16 -24.18 6.53
C GLN C 707 16.79 -24.81 6.34
N SER C 708 15.86 -24.57 7.26
CA SER C 708 14.57 -25.22 7.27
C SER C 708 13.53 -24.26 6.71
N SER C 709 12.26 -24.65 6.78
CA SER C 709 11.20 -23.79 6.27
C SER C 709 10.93 -22.59 7.19
N VAL C 710 11.26 -22.70 8.48
CA VAL C 710 11.07 -21.57 9.39
C VAL C 710 12.02 -20.44 9.03
N ASP C 711 13.24 -20.79 8.59
CA ASP C 711 14.20 -19.78 8.16
C ASP C 711 13.80 -19.15 6.84
N ILE C 712 13.02 -19.88 6.04
CA ILE C 712 12.48 -19.35 4.80
C ILE C 712 11.33 -18.40 5.09
N TYR C 713 10.47 -18.80 6.03
CA TYR C 713 9.30 -17.98 6.36
C TYR C 713 9.75 -16.68 7.02
N PHE C 714 10.80 -16.76 7.83
CA PHE C 714 11.29 -15.57 8.50
C PHE C 714 12.06 -14.67 7.55
N ARG C 715 12.86 -15.23 6.64
CA ARG C 715 13.58 -14.35 5.74
C ARG C 715 12.66 -13.78 4.65
N ARG C 716 11.55 -14.46 4.38
CA ARG C 716 10.56 -13.95 3.45
C ARG C 716 9.85 -12.74 4.02
N GLN C 717 9.47 -12.82 5.28
CA GLN C 717 8.78 -11.73 5.95
C GLN C 717 9.73 -10.57 6.24
N VAL C 718 9.25 -9.36 6.00
CA VAL C 718 10.04 -8.17 6.29
C VAL C 718 9.75 -7.67 7.70
N GLU C 719 8.50 -7.79 8.17
CA GLU C 719 8.17 -7.32 9.51
C GLU C 719 8.86 -8.13 10.59
N LEU C 720 9.17 -9.40 10.31
CA LEU C 720 9.90 -10.24 11.23
C LEU C 720 11.40 -10.23 11.00
N SER C 721 11.90 -9.35 10.12
CA SER C 721 13.30 -9.40 9.69
C SER C 721 14.25 -9.19 10.85
N THR C 722 13.94 -8.21 11.71
CA THR C 722 14.74 -7.96 12.91
C THR C 722 14.75 -9.16 13.85
N MET C 723 13.60 -9.82 14.00
CA MET C 723 13.55 -11.09 14.75
C MET C 723 14.45 -12.13 14.13
N TYR C 724 14.45 -12.23 12.80
CA TYR C 724 15.35 -13.16 12.12
C TYR C 724 16.81 -12.77 12.33
N ARG C 725 17.06 -11.46 12.44
CA ARG C 725 18.41 -10.99 12.68
C ARG C 725 18.82 -11.29 14.12
N HIS C 726 17.84 -11.46 15.01
CA HIS C 726 18.14 -11.92 16.35
C HIS C 726 18.22 -13.42 16.40
N MET C 727 17.78 -14.08 15.33
CA MET C 727 17.68 -15.52 15.28
C MET C 727 18.93 -16.09 14.65
N GLU C 728 19.73 -15.23 14.03
CA GLU C 728 20.83 -15.70 13.21
C GLU C 728 22.01 -16.17 14.05
N LYS C 729 22.07 -15.80 15.32
CA LYS C 729 23.22 -16.07 16.15
C LYS C 729 22.99 -17.23 17.10
N HIS C 730 21.85 -17.92 17.02
CA HIS C 730 21.58 -18.97 17.98
C HIS C 730 20.98 -20.23 17.38
N ASN C 731 20.90 -20.34 16.06
CA ASN C 731 20.20 -21.45 15.43
C ASN C 731 20.98 -22.75 15.60
N TYR C 732 20.25 -23.85 15.43
CA TYR C 732 20.77 -25.20 15.60
C TYR C 732 20.68 -25.95 14.29
N GLU C 733 21.21 -27.18 14.30
CA GLU C 733 21.30 -27.98 13.10
C GLU C 733 20.32 -29.13 13.06
N SER C 734 19.79 -29.56 14.22
CA SER C 734 18.88 -30.69 14.26
C SER C 734 17.78 -30.38 15.28
N ALA C 735 16.71 -31.17 15.19
CA ALA C 735 15.56 -30.99 16.07
C ALA C 735 15.88 -31.42 17.50
N ALA C 736 16.58 -32.56 17.66
CA ALA C 736 16.83 -33.09 18.99
C ALA C 736 17.83 -32.24 19.75
N GLU C 737 18.69 -31.51 19.02
CA GLU C 737 19.68 -30.65 19.67
C GLU C 737 18.98 -29.53 20.43
N ALA C 738 18.04 -28.86 19.75
CA ALA C 738 17.29 -27.78 20.37
C ALA C 738 16.30 -28.31 21.40
N ILE C 739 15.76 -29.52 21.18
CA ILE C 739 14.83 -30.10 22.16
C ILE C 739 15.55 -30.43 23.47
N GLN C 740 16.75 -30.99 23.38
CA GLN C 740 17.54 -31.20 24.59
C GLN C 740 18.04 -29.88 25.17
N ALA C 741 18.29 -28.87 24.33
CA ALA C 741 18.82 -27.61 24.83
C ALA C 741 17.76 -26.74 25.49
N VAL C 742 16.49 -26.96 25.18
CA VAL C 742 15.42 -26.24 25.88
C VAL C 742 15.32 -26.74 27.32
N ARG C 743 15.46 -28.05 27.52
CA ARG C 743 15.36 -28.62 28.87
C ARG C 743 16.58 -28.35 29.73
N ASP C 744 17.67 -27.84 29.16
CA ASP C 744 18.82 -27.45 29.95
C ASP C 744 18.86 -25.95 30.23
N ASN C 745 17.77 -25.25 29.94
CA ASN C 745 17.55 -23.82 30.21
C ASN C 745 18.59 -22.91 29.57
N LYS C 746 19.27 -23.37 28.53
CA LYS C 746 20.18 -22.54 27.75
C LYS C 746 19.46 -21.82 26.64
N LEU C 747 18.20 -22.17 26.41
CA LEU C 747 17.42 -21.74 25.26
C LEU C 747 15.98 -21.70 25.73
N HIS C 748 15.44 -20.50 25.89
CA HIS C 748 14.16 -20.38 26.54
C HIS C 748 13.00 -20.77 25.65
N ALA C 749 13.18 -20.74 24.33
CA ALA C 749 12.07 -21.04 23.44
C ALA C 749 12.59 -21.68 22.16
N PHE C 750 11.66 -22.31 21.44
CA PHE C 750 11.98 -23.02 20.21
C PHE C 750 10.75 -22.93 19.33
N ILE C 751 10.98 -22.83 18.02
CA ILE C 751 9.92 -22.70 17.03
C ILE C 751 10.01 -23.86 16.05
N TRP C 752 8.95 -24.64 15.93
CA TRP C 752 8.94 -25.75 14.99
C TRP C 752 7.48 -26.10 14.70
N ASP C 753 7.25 -27.21 14.00
CA ASP C 753 5.89 -27.60 13.63
C ASP C 753 5.11 -28.16 14.81
N SER C 754 3.78 -28.07 14.70
CA SER C 754 2.93 -28.63 15.74
C SER C 754 2.88 -30.14 15.71
N ALA C 755 3.04 -30.76 14.53
CA ALA C 755 2.89 -32.22 14.49
C ALA C 755 4.11 -32.98 15.00
N VAL C 756 5.14 -32.29 15.48
CA VAL C 756 6.26 -32.91 16.17
C VAL C 756 6.35 -32.43 17.60
N LEU C 757 6.11 -31.13 17.82
CA LEU C 757 6.24 -30.56 19.15
C LEU C 757 5.07 -30.98 20.03
N GLU C 758 3.89 -31.18 19.44
CA GLU C 758 2.74 -31.65 20.20
C GLU C 758 2.87 -33.12 20.56
N PHE C 759 3.66 -33.87 19.79
CA PHE C 759 3.95 -35.24 20.16
C PHE C 759 5.06 -35.28 21.21
N GLU C 760 6.03 -34.37 21.09
CA GLU C 760 7.18 -34.36 21.99
C GLU C 760 6.77 -33.86 23.36
N ALA C 761 5.75 -33.00 23.43
CA ALA C 761 5.23 -32.52 24.69
C ALA C 761 4.24 -33.50 25.31
N SER C 762 4.05 -34.65 24.65
CA SER C 762 3.20 -35.72 25.14
C SER C 762 4.02 -36.93 25.53
N GLN C 763 5.32 -36.93 25.25
CA GLN C 763 6.20 -38.04 25.63
C GLN C 763 7.25 -37.60 26.64
N LYS C 764 8.11 -36.64 26.30
CA LYS C 764 9.02 -36.09 27.31
C LYS C 764 8.25 -35.06 28.11
N CYS C 765 7.73 -35.46 29.27
CA CYS C 765 6.53 -34.82 29.79
C CYS C 765 6.92 -33.75 30.81
N ASP C 766 7.83 -32.86 30.40
CA ASP C 766 8.25 -31.75 31.24
C ASP C 766 8.13 -30.41 30.53
N LEU C 767 7.81 -30.39 29.24
CA LEU C 767 7.82 -29.21 28.41
C LEU C 767 6.39 -28.96 27.95
N VAL C 768 6.14 -27.78 27.39
CA VAL C 768 4.78 -27.44 26.98
C VAL C 768 4.85 -26.52 25.77
N THR C 769 3.82 -26.59 24.95
CA THR C 769 3.58 -25.64 23.88
C THR C 769 2.75 -24.48 24.43
N THR C 770 2.42 -23.53 23.55
CA THR C 770 1.67 -22.36 23.98
C THR C 770 0.64 -21.92 22.95
N GLY C 771 0.05 -22.87 22.22
CA GLY C 771 -1.18 -22.58 21.53
C GLY C 771 -1.19 -22.42 20.02
N GLU C 772 -1.25 -21.17 19.59
CA GLU C 772 -1.69 -20.80 18.24
C GLU C 772 -0.67 -21.19 17.17
N LEU C 773 -1.13 -21.11 15.92
CA LEU C 773 -0.34 -21.47 14.76
C LEU C 773 -0.17 -20.28 13.85
N PHE C 774 0.87 -20.34 13.03
CA PHE C 774 1.21 -19.27 12.09
C PHE C 774 1.04 -19.73 10.65
N PHE C 775 1.72 -20.81 10.27
CA PHE C 775 2.00 -21.13 8.88
C PHE C 775 1.39 -22.51 8.66
N ARG C 776 0.11 -22.51 8.35
CA ARG C 776 -0.67 -23.74 8.35
C ARG C 776 -0.46 -24.44 7.02
N SER C 777 0.11 -25.63 7.07
CA SER C 777 0.33 -26.46 5.88
C SER C 777 0.36 -27.92 6.28
N GLY C 778 0.82 -28.75 5.36
CA GLY C 778 0.92 -30.18 5.58
C GLY C 778 2.12 -30.71 4.82
N PHE C 779 2.74 -31.73 5.40
CA PHE C 779 3.89 -32.38 4.78
C PHE C 779 3.47 -33.11 3.51
N GLY C 780 4.17 -32.85 2.42
CA GLY C 780 3.78 -33.53 1.19
C GLY C 780 4.89 -34.38 0.63
N ILE C 781 4.54 -35.29 -0.28
CA ILE C 781 5.52 -36.12 -0.96
C ILE C 781 6.22 -35.30 -2.04
N GLY C 782 7.54 -35.20 -1.93
CA GLY C 782 8.29 -34.45 -2.91
C GLY C 782 8.63 -35.41 -4.03
N MET C 783 8.23 -35.07 -5.25
CA MET C 783 8.54 -35.92 -6.40
C MET C 783 9.39 -35.14 -7.39
N ARG C 784 10.05 -35.86 -8.29
CA ARG C 784 10.65 -35.15 -9.41
C ARG C 784 9.53 -34.63 -10.30
N LYS C 785 9.84 -33.61 -11.09
CA LYS C 785 8.83 -32.95 -11.91
C LYS C 785 8.42 -33.83 -13.08
N ASP C 786 7.10 -33.98 -13.26
CA ASP C 786 6.47 -34.70 -14.37
C ASP C 786 6.87 -36.18 -14.41
N SER C 787 7.03 -36.79 -13.23
CA SER C 787 7.04 -38.23 -13.17
C SER C 787 5.63 -38.76 -13.40
N PRO C 788 5.49 -39.95 -14.02
CA PRO C 788 4.14 -40.48 -14.34
C PRO C 788 3.35 -40.96 -13.15
N TRP C 789 3.90 -40.95 -11.94
CA TRP C 789 3.17 -41.38 -10.75
C TRP C 789 2.37 -40.25 -10.13
N LYS C 790 2.46 -39.05 -10.71
CA LYS C 790 1.89 -37.83 -10.16
C LYS C 790 0.37 -37.86 -10.14
N GLN C 791 -0.25 -38.75 -10.90
CA GLN C 791 -1.69 -38.94 -10.89
C GLN C 791 -2.10 -40.12 -10.03
N GLN C 792 -1.18 -41.03 -9.76
CA GLN C 792 -1.48 -42.21 -8.97
C GLN C 792 -1.40 -41.87 -7.49
N VAL C 793 -0.28 -41.28 -7.09
CA VAL C 793 -0.06 -40.96 -5.69
C VAL C 793 -0.97 -39.82 -5.22
N SER C 794 -1.54 -39.02 -6.13
CA SER C 794 -2.49 -38.04 -5.66
C SER C 794 -3.86 -38.67 -5.41
N LEU C 795 -4.08 -39.86 -5.93
CA LEU C 795 -5.31 -40.62 -5.73
C LEU C 795 -5.21 -41.43 -4.44
N SER C 796 -4.17 -42.27 -4.37
CA SER C 796 -4.07 -43.25 -3.29
C SER C 796 -3.95 -42.63 -1.90
N ILE C 797 -3.28 -41.48 -1.79
CA ILE C 797 -3.26 -40.70 -0.54
C ILE C 797 -4.68 -40.36 -0.08
N LEU C 798 -5.49 -39.85 -1.01
CA LEU C 798 -6.89 -39.56 -0.76
C LEU C 798 -7.68 -40.81 -0.40
N LYS C 799 -7.39 -41.92 -1.07
CA LYS C 799 -8.02 -43.20 -0.73
C LYS C 799 -7.66 -43.64 0.68
N SER C 800 -6.42 -43.37 1.10
CA SER C 800 -6.00 -43.71 2.45
C SER C 800 -6.61 -42.75 3.46
N HIS C 801 -7.00 -41.57 3.00
CA HIS C 801 -7.76 -40.64 3.83
C HIS C 801 -9.24 -40.99 3.86
N GLU C 802 -9.67 -41.92 3.00
CA GLU C 802 -11.08 -42.26 2.89
C GLU C 802 -11.45 -43.44 3.78
N ASN C 803 -10.75 -44.57 3.62
CA ASN C 803 -11.13 -45.80 4.29
C ASN C 803 -10.55 -45.96 5.70
N GLY C 804 -10.11 -44.88 6.33
CA GLY C 804 -9.78 -44.98 7.74
C GLY C 804 -8.41 -45.54 8.05
N PHE C 805 -7.48 -45.47 7.09
CA PHE C 805 -6.14 -45.99 7.33
C PHE C 805 -5.31 -45.08 8.21
N MET C 806 -5.34 -43.76 7.94
CA MET C 806 -4.52 -42.82 8.68
C MET C 806 -4.97 -42.72 10.14
N GLU C 807 -6.24 -42.96 10.43
CA GLU C 807 -6.67 -42.95 11.82
C GLU C 807 -6.11 -44.14 12.59
N ASP C 808 -5.99 -45.29 11.93
CA ASP C 808 -5.30 -46.40 12.56
C ASP C 808 -3.82 -46.11 12.68
N LEU C 809 -3.27 -45.38 11.71
CA LEU C 809 -1.84 -45.17 11.67
C LEU C 809 -1.40 -44.25 12.81
N ASP C 810 -2.08 -43.11 12.96
CA ASP C 810 -1.70 -42.20 14.03
C ASP C 810 -2.19 -42.69 15.39
N LYS C 811 -3.21 -43.55 15.43
CA LYS C 811 -3.53 -44.18 16.70
C LYS C 811 -2.44 -45.15 17.12
N THR C 812 -1.82 -45.82 16.15
CA THR C 812 -0.72 -46.72 16.43
C THR C 812 0.57 -45.98 16.74
N TRP C 813 0.80 -44.81 16.13
CA TRP C 813 2.11 -44.18 16.16
C TRP C 813 2.13 -42.86 16.91
N VAL C 814 1.09 -42.05 16.80
CA VAL C 814 1.15 -40.67 17.26
C VAL C 814 0.54 -40.51 18.64
N ARG C 815 -0.77 -40.77 18.77
CA ARG C 815 -1.47 -40.51 20.01
C ARG C 815 -1.50 -41.73 20.93
N TYR C 816 -0.53 -42.61 20.81
CA TYR C 816 -0.53 -43.85 21.59
C TYR C 816 -0.12 -43.66 23.04
N GLN C 817 0.61 -42.59 23.37
CA GLN C 817 1.12 -42.42 24.72
C GLN C 817 0.93 -40.98 25.21
N GLU C 818 0.93 -40.85 26.54
CA GLU C 818 0.80 -39.59 27.24
C GLU C 818 1.56 -39.68 28.56
N CYS C 819 1.66 -38.54 29.25
CA CYS C 819 1.84 -38.52 30.71
C CYS C 819 0.60 -37.91 31.35
N ASP C 820 0.26 -36.66 31.00
CA ASP C 820 -0.86 -35.91 31.54
C ASP C 820 -0.99 -34.64 30.71
N SER C 821 -2.22 -34.31 30.34
CA SER C 821 -2.48 -33.08 29.60
C SER C 821 -2.36 -31.88 30.52
N ARG C 822 -1.42 -30.98 30.18
CA ARG C 822 -1.15 -29.81 31.00
C ARG C 822 -2.24 -28.75 30.87
N SER C 823 -3.39 -28.99 31.47
CA SER C 823 -4.46 -28.02 31.53
C SER C 823 -4.32 -27.05 32.70
N ASN C 824 -3.25 -27.21 33.48
CA ASN C 824 -2.95 -26.42 34.68
C ASN C 824 -4.11 -26.48 35.68
N ALA C 825 -4.38 -27.69 36.16
CA ALA C 825 -5.38 -27.92 37.18
C ALA C 825 -4.68 -28.18 38.51
N PRO C 826 -4.55 -27.19 39.39
CA PRO C 826 -3.95 -27.46 40.70
C PRO C 826 -4.87 -28.19 41.64
N ALA C 827 -6.15 -28.32 41.27
CA ALA C 827 -7.16 -29.08 42.01
C ALA C 827 -6.89 -30.56 41.80
N THR C 828 -5.92 -31.07 42.54
CA THR C 828 -5.62 -32.50 42.57
C THR C 828 -4.85 -32.80 43.84
N LEU C 829 -4.71 -34.09 44.12
CA LEU C 829 -3.89 -34.55 45.23
C LEU C 829 -2.43 -34.65 44.81
N THR C 830 -1.64 -35.46 45.54
CA THR C 830 -0.41 -35.17 46.30
C THR C 830 -0.78 -34.77 47.74
N CYS C 831 -1.59 -35.60 48.38
CA CYS C 831 -1.52 -35.77 49.83
C CYS C 831 -0.63 -36.96 50.20
N GLU C 832 0.48 -37.11 49.46
CA GLU C 832 1.39 -38.25 49.61
C GLU C 832 2.02 -38.30 50.99
N ASN C 833 2.70 -37.23 51.40
CA ASN C 833 3.34 -37.23 52.70
C ASN C 833 2.45 -36.54 53.72
N MET C 834 2.57 -37.01 54.97
CA MET C 834 1.86 -36.47 56.12
C MET C 834 2.80 -36.30 57.32
N ALA C 835 4.09 -36.08 57.05
CA ALA C 835 5.10 -36.28 58.07
C ALA C 835 5.06 -35.17 59.12
N GLY C 836 4.92 -33.92 58.67
CA GLY C 836 4.96 -32.79 59.60
C GLY C 836 3.72 -32.65 60.46
N VAL C 837 2.64 -33.32 60.09
CA VAL C 837 1.39 -33.23 60.84
C VAL C 837 1.27 -34.45 61.75
N PHE C 838 1.84 -35.59 61.31
CA PHE C 838 1.88 -36.77 62.16
C PHE C 838 3.04 -36.77 63.15
N MET C 839 4.04 -35.91 62.95
CA MET C 839 5.19 -35.94 63.85
C MET C 839 4.85 -35.32 65.20
N LEU C 840 3.78 -34.53 65.28
CA LEU C 840 3.35 -33.98 66.56
C LEU C 840 2.77 -35.07 67.44
N VAL C 841 2.02 -36.00 66.86
CA VAL C 841 1.52 -37.12 67.66
C VAL C 841 2.61 -38.17 67.83
N ALA C 842 3.59 -38.22 66.91
CA ALA C 842 4.71 -39.14 67.07
C ALA C 842 5.64 -38.69 68.19
N GLY C 843 5.66 -37.39 68.50
CA GLY C 843 6.40 -36.92 69.65
C GLY C 843 5.55 -36.94 70.91
N GLY C 844 4.23 -36.79 70.73
CA GLY C 844 3.31 -36.88 71.85
C GLY C 844 3.25 -38.26 72.46
N ILE C 845 3.30 -39.31 71.64
CA ILE C 845 3.24 -40.68 72.14
C ILE C 845 4.50 -41.03 72.92
N VAL C 846 5.60 -40.35 72.63
CA VAL C 846 6.86 -40.61 73.32
C VAL C 846 6.94 -39.82 74.61
N ALA C 847 6.57 -38.53 74.56
CA ALA C 847 6.65 -37.70 75.75
C ALA C 847 5.53 -37.99 76.75
N GLY C 848 4.44 -38.63 76.31
CA GLY C 848 3.30 -38.83 77.18
C GLY C 848 3.55 -39.82 78.30
N ILE C 849 4.35 -40.87 78.03
CA ILE C 849 4.63 -41.85 79.07
C ILE C 849 5.55 -41.24 80.12
N PHE C 850 6.43 -40.33 79.71
CA PHE C 850 7.31 -39.64 80.66
C PHE C 850 6.52 -38.67 81.52
N LEU C 851 5.57 -37.94 80.91
CA LEU C 851 4.72 -37.06 81.70
C LEU C 851 3.78 -37.85 82.61
N ILE C 852 3.35 -39.05 82.19
CA ILE C 852 2.52 -39.89 83.04
C ILE C 852 3.34 -40.40 84.22
N PHE C 853 4.61 -40.72 84.00
CA PHE C 853 5.49 -41.13 85.09
C PHE C 853 5.76 -39.99 86.08
N ILE C 854 5.94 -38.77 85.56
CA ILE C 854 6.10 -37.61 86.45
C ILE C 854 4.82 -37.32 87.22
N GLU C 855 3.66 -37.48 86.56
CA GLU C 855 2.38 -37.25 87.23
C GLU C 855 2.11 -38.28 88.32
N ILE C 856 2.45 -39.55 88.07
CA ILE C 856 2.22 -40.53 89.14
C ILE C 856 3.29 -40.43 90.23
N ALA C 857 4.49 -39.92 89.92
CA ALA C 857 5.44 -39.59 90.98
C ALA C 857 4.95 -38.41 91.83
N TYR C 858 4.22 -37.47 91.23
CA TYR C 858 3.56 -36.44 92.02
C TYR C 858 2.41 -37.00 92.83
N LYS C 859 1.65 -37.95 92.26
CA LYS C 859 0.54 -38.56 92.98
C LYS C 859 1.06 -39.35 94.18
N SER C 860 2.22 -39.98 94.02
CA SER C 860 2.81 -40.75 95.11
C SER C 860 3.36 -39.80 96.16
N ARG C 861 3.92 -38.67 95.72
CA ARG C 861 4.47 -37.70 96.65
C ARG C 861 3.37 -36.93 97.36
N ALA C 862 2.44 -36.36 96.60
CA ALA C 862 1.32 -35.61 97.16
C ALA C 862 0.11 -35.68 96.23
N SER D 65 69.07 -12.88 -16.24
CA SER D 65 68.50 -11.63 -16.72
C SER D 65 67.18 -11.88 -17.43
N ILE D 66 66.27 -10.91 -17.40
CA ILE D 66 65.11 -10.93 -18.30
C ILE D 66 64.99 -9.60 -19.03
N GLY D 67 64.27 -9.64 -20.15
CA GLY D 67 64.18 -8.50 -21.03
C GLY D 67 62.85 -7.77 -21.02
N ILE D 68 62.80 -6.51 -20.59
CA ILE D 68 61.55 -5.77 -20.50
C ILE D 68 61.67 -4.57 -21.42
N ALA D 69 60.79 -4.49 -22.41
CA ALA D 69 60.83 -3.38 -23.35
C ALA D 69 59.66 -2.45 -23.08
N VAL D 70 59.92 -1.15 -22.99
CA VAL D 70 58.87 -0.17 -22.83
C VAL D 70 58.77 0.62 -24.12
N ILE D 71 57.53 0.89 -24.53
CA ILE D 71 57.24 1.62 -25.75
C ILE D 71 56.24 2.71 -25.43
N LEU D 72 56.53 3.94 -25.83
CA LEU D 72 55.59 5.01 -25.61
C LEU D 72 55.21 5.48 -27.00
N VAL D 73 53.91 5.64 -27.24
CA VAL D 73 53.39 6.12 -28.51
C VAL D 73 52.52 7.34 -28.24
N GLY D 74 52.84 8.45 -28.88
CA GLY D 74 52.02 9.63 -28.73
C GLY D 74 52.57 10.59 -27.69
N THR D 75 52.32 11.87 -27.93
CA THR D 75 52.72 12.93 -27.01
C THR D 75 51.60 13.24 -26.01
N SER D 76 54.96 9.83 -22.73
CA SER D 76 55.43 11.13 -23.18
C SER D 76 56.77 11.48 -22.54
N ASP D 77 56.71 11.99 -21.31
CA ASP D 77 57.92 12.37 -20.60
C ASP D 77 58.70 11.13 -20.17
N GLU D 78 59.57 10.64 -21.07
CA GLU D 78 60.38 9.45 -20.81
C GLU D 78 61.49 9.69 -19.79
N VAL D 79 61.69 10.90 -19.30
CA VAL D 79 62.75 11.12 -18.33
C VAL D 79 62.30 10.74 -16.94
N ALA D 80 61.12 11.23 -16.52
CA ALA D 80 60.56 10.82 -15.24
C ALA D 80 60.30 9.32 -15.18
N ILE D 81 59.94 8.73 -16.32
CA ILE D 81 59.68 7.30 -16.41
C ILE D 81 60.99 6.52 -16.33
N LYS D 82 62.03 7.04 -16.97
CA LYS D 82 63.36 6.42 -16.91
C LYS D 82 63.89 6.47 -15.48
N ASP D 83 63.84 7.66 -14.88
CA ASP D 83 64.45 7.93 -13.59
C ASP D 83 63.75 7.17 -12.49
N ALA D 84 62.44 6.94 -12.64
CA ALA D 84 61.67 6.25 -11.61
C ALA D 84 62.16 4.82 -11.47
N HIS D 85 62.32 4.11 -12.59
CA HIS D 85 62.74 2.71 -12.47
C HIS D 85 64.24 2.59 -12.18
N GLU D 86 65.11 3.47 -12.78
CA GLU D 86 66.56 3.18 -12.55
C GLU D 86 67.05 3.48 -11.09
N LYS D 87 66.20 3.89 -10.14
CA LYS D 87 66.56 3.90 -8.73
C LYS D 87 65.97 2.72 -7.97
N ASP D 88 65.20 1.87 -8.63
CA ASP D 88 64.59 0.72 -7.98
C ASP D 88 65.63 -0.39 -7.95
N ASP D 89 66.07 -0.76 -6.75
CA ASP D 89 67.17 -1.70 -6.57
C ASP D 89 66.48 -3.06 -6.48
N PHE D 90 66.51 -3.80 -7.59
CA PHE D 90 65.93 -5.13 -7.73
C PHE D 90 66.83 -6.26 -7.26
N HIS D 91 68.00 -5.95 -6.69
CA HIS D 91 68.76 -6.94 -5.94
C HIS D 91 68.01 -7.31 -4.67
N HIS D 92 68.44 -8.45 -4.09
CA HIS D 92 67.79 -9.37 -3.13
C HIS D 92 66.89 -10.31 -3.93
N LEU D 93 66.95 -10.23 -5.26
CA LEU D 93 66.29 -11.17 -6.14
C LEU D 93 67.34 -11.87 -6.99
N SER D 94 66.94 -13.00 -7.56
CA SER D 94 67.80 -13.82 -8.41
C SER D 94 67.98 -13.28 -9.83
N VAL D 95 66.96 -12.67 -10.41
CA VAL D 95 67.05 -12.11 -11.75
C VAL D 95 66.88 -10.60 -11.73
N VAL D 96 67.49 -9.93 -12.72
CA VAL D 96 67.49 -8.47 -12.86
C VAL D 96 66.96 -8.06 -14.24
N PRO D 97 66.27 -6.92 -14.35
CA PRO D 97 65.61 -6.52 -15.61
C PRO D 97 66.59 -5.99 -16.66
N ARG D 98 66.02 -5.63 -17.82
CA ARG D 98 66.78 -5.08 -18.95
C ARG D 98 65.87 -4.17 -19.78
N VAL D 99 65.93 -2.85 -19.52
CA VAL D 99 64.97 -1.91 -20.10
C VAL D 99 65.37 -1.57 -21.54
N GLU D 100 64.39 -1.14 -22.35
CA GLU D 100 64.65 -0.70 -23.72
C GLU D 100 63.56 0.26 -24.21
N LEU D 101 63.93 1.55 -24.32
CA LEU D 101 63.03 2.61 -24.76
C LEU D 101 62.90 2.69 -26.29
N VAL D 102 61.68 2.99 -26.76
CA VAL D 102 61.33 3.16 -28.17
C VAL D 102 60.21 4.20 -28.29
N ALA D 103 60.47 5.29 -29.03
CA ALA D 103 59.54 6.40 -29.23
C ALA D 103 58.76 6.23 -30.54
N MET D 104 58.16 7.33 -31.06
CA MET D 104 56.70 7.33 -31.08
C MET D 104 55.87 8.01 -32.16
N ASN D 105 56.43 8.69 -33.16
CA ASN D 105 55.50 9.35 -34.07
C ASN D 105 54.96 8.40 -35.13
N GLU D 106 55.44 7.16 -35.15
CA GLU D 106 55.06 6.15 -36.13
C GLU D 106 53.76 5.49 -35.67
N THR D 107 52.68 5.60 -36.42
CA THR D 107 51.44 5.03 -35.90
C THR D 107 50.69 4.19 -36.93
N ASP D 108 51.38 3.25 -37.58
CA ASP D 108 50.53 2.27 -38.26
C ASP D 108 50.58 0.97 -37.48
N PRO D 109 49.57 0.08 -37.59
CA PRO D 109 49.63 -1.20 -36.86
C PRO D 109 50.79 -2.07 -37.29
N LYS D 110 51.01 -2.16 -38.61
CA LYS D 110 52.04 -3.01 -39.19
C LYS D 110 53.43 -2.53 -38.80
N SER D 111 53.64 -1.21 -38.79
CA SER D 111 54.92 -0.68 -38.33
C SER D 111 55.15 -1.00 -36.86
N ILE D 112 54.09 -1.01 -36.07
CA ILE D 112 54.22 -1.32 -34.65
C ILE D 112 54.66 -2.76 -34.45
N ILE D 113 53.98 -3.69 -35.12
CA ILE D 113 54.33 -5.11 -34.97
C ILE D 113 55.68 -5.41 -35.60
N THR D 114 55.92 -4.86 -36.79
CA THR D 114 57.15 -5.08 -37.53
C THR D 114 58.31 -4.30 -36.96
N ARG D 115 58.05 -3.41 -36.01
CA ARG D 115 59.07 -2.75 -35.23
C ARG D 115 59.36 -3.62 -34.02
N ILE D 116 58.32 -4.18 -33.40
CA ILE D 116 58.52 -4.93 -32.18
C ILE D 116 59.35 -6.17 -32.52
N CYS D 117 58.92 -6.88 -33.57
CA CYS D 117 59.59 -8.10 -33.98
C CYS D 117 60.78 -7.77 -34.86
N ASP D 118 60.91 -6.51 -35.31
CA ASP D 118 62.15 -6.04 -35.90
C ASP D 118 63.23 -6.01 -34.84
N LEU D 119 62.90 -5.44 -33.66
CA LEU D 119 63.87 -5.50 -32.57
C LEU D 119 64.03 -6.96 -32.20
N MET D 120 63.15 -7.53 -31.34
CA MET D 120 63.02 -8.96 -30.96
C MET D 120 63.97 -10.04 -31.50
N SER D 121 65.21 -9.71 -31.88
CA SER D 121 66.17 -10.65 -32.42
C SER D 121 67.54 -10.33 -31.88
N ASP D 122 67.77 -9.03 -31.67
CA ASP D 122 69.06 -8.59 -31.16
C ASP D 122 69.11 -8.80 -29.67
N ARG D 123 68.08 -8.35 -28.97
CA ARG D 123 68.07 -8.41 -27.52
C ARG D 123 67.05 -9.49 -27.16
N LYS D 124 67.29 -10.16 -26.05
CA LYS D 124 66.33 -11.11 -25.50
C LYS D 124 65.17 -10.42 -24.78
N ILE D 125 64.14 -10.05 -25.52
CA ILE D 125 63.06 -9.26 -24.93
C ILE D 125 61.98 -10.24 -24.51
N GLN D 126 61.64 -10.25 -23.22
CA GLN D 126 60.56 -11.10 -22.69
C GLN D 126 59.20 -10.39 -22.78
N GLY D 127 59.15 -9.20 -23.39
CA GLY D 127 57.86 -8.53 -23.37
C GLY D 127 57.83 -7.03 -23.56
N VAL D 128 56.61 -6.50 -23.77
CA VAL D 128 56.43 -5.10 -24.15
C VAL D 128 55.38 -4.43 -23.25
N VAL D 129 55.74 -3.26 -22.74
CA VAL D 129 54.90 -2.31 -22.00
C VAL D 129 54.59 -1.10 -22.86
N PHE D 130 53.33 -0.94 -23.28
CA PHE D 130 52.99 0.15 -24.18
C PHE D 130 52.28 1.25 -23.38
N ALA D 131 51.57 2.17 -24.06
CA ALA D 131 51.41 3.52 -23.53
C ALA D 131 49.95 3.97 -23.48
N ASP D 132 49.77 5.08 -22.75
CA ASP D 132 48.49 5.76 -22.48
C ASP D 132 48.20 6.98 -23.35
N ASP D 133 48.77 7.12 -24.54
CA ASP D 133 48.34 8.21 -25.40
C ASP D 133 47.97 7.72 -26.79
N THR D 134 47.43 6.52 -26.83
CA THR D 134 46.94 5.81 -28.00
C THR D 134 45.45 5.55 -27.83
N ASP D 135 44.94 4.72 -28.74
CA ASP D 135 43.56 4.24 -28.73
C ASP D 135 43.76 2.74 -28.87
N GLN D 136 43.71 2.04 -27.74
CA GLN D 136 43.90 0.60 -27.69
C GLN D 136 42.66 -0.25 -27.87
N GLU D 137 41.51 0.27 -28.24
CA GLU D 137 40.43 -0.71 -28.41
C GLU D 137 40.71 -1.54 -29.66
N ALA D 138 41.33 -0.91 -30.65
CA ALA D 138 41.61 -1.40 -32.00
C ALA D 138 42.73 -2.40 -32.32
N ILE D 139 43.97 -1.89 -32.32
CA ILE D 139 45.22 -2.65 -32.34
C ILE D 139 45.37 -3.63 -31.18
N ALA D 140 45.11 -3.19 -29.95
CA ALA D 140 45.56 -3.88 -28.73
C ALA D 140 44.94 -5.26 -28.54
N GLN D 141 43.68 -5.46 -28.92
CA GLN D 141 43.08 -6.80 -28.77
C GLN D 141 43.91 -7.88 -29.48
N ILE D 142 44.50 -7.57 -30.64
CA ILE D 142 45.40 -8.48 -31.35
C ILE D 142 46.68 -8.85 -30.57
N LEU D 143 46.93 -8.16 -29.44
CA LEU D 143 48.03 -8.56 -28.56
C LEU D 143 47.84 -9.97 -28.00
N ASP D 144 46.62 -10.35 -27.61
CA ASP D 144 46.43 -11.72 -27.13
C ASP D 144 46.65 -12.75 -28.23
N PHE D 145 46.49 -12.33 -29.50
CA PHE D 145 46.79 -13.19 -30.62
C PHE D 145 48.30 -13.35 -30.72
N ILE D 146 49.04 -12.26 -30.54
CA ILE D 146 50.43 -12.33 -30.90
C ILE D 146 51.12 -12.90 -29.67
N SER D 147 50.50 -12.69 -28.51
CA SER D 147 51.00 -13.15 -27.22
C SER D 147 51.00 -14.67 -27.19
N ALA D 148 49.84 -15.27 -27.54
CA ALA D 148 49.78 -16.72 -27.68
C ALA D 148 50.63 -17.23 -28.83
N GLN D 149 50.92 -16.40 -29.82
CA GLN D 149 51.87 -16.80 -30.85
C GLN D 149 53.31 -16.74 -30.37
N THR D 150 53.59 -15.94 -29.35
CA THR D 150 54.95 -15.70 -28.90
C THR D 150 55.22 -16.16 -27.48
N LEU D 151 54.18 -16.52 -26.71
CA LEU D 151 54.32 -17.03 -25.33
C LEU D 151 55.06 -16.06 -24.42
N THR D 152 54.84 -14.75 -24.61
CA THR D 152 55.57 -13.81 -23.79
C THR D 152 54.61 -12.86 -23.07
N PRO D 153 54.90 -12.54 -21.81
CA PRO D 153 53.96 -11.75 -21.01
C PRO D 153 53.92 -10.28 -21.39
N ILE D 154 52.72 -9.72 -21.34
CA ILE D 154 52.51 -8.31 -21.62
C ILE D 154 51.52 -7.82 -20.58
N LEU D 155 51.91 -6.78 -19.84
CA LEU D 155 51.05 -6.24 -18.80
C LEU D 155 50.72 -4.80 -19.12
N GLY D 156 50.00 -4.16 -18.19
CA GLY D 156 49.69 -2.76 -18.33
C GLY D 156 48.27 -2.26 -18.16
N ILE D 157 48.17 -0.93 -18.17
CA ILE D 157 47.00 -0.19 -17.71
C ILE D 157 46.30 0.54 -18.84
N HIS D 158 46.92 0.58 -20.01
CA HIS D 158 47.16 1.82 -20.73
C HIS D 158 46.17 2.08 -21.87
N GLY D 159 46.00 3.36 -22.17
CA GLY D 159 45.29 3.90 -23.33
C GLY D 159 43.79 3.65 -23.41
N GLY D 160 43.38 3.30 -24.64
CA GLY D 160 42.03 2.97 -25.03
C GLY D 160 41.48 1.69 -24.45
N SER D 161 42.36 0.77 -24.05
CA SER D 161 41.96 -0.43 -23.35
C SER D 161 41.49 -0.22 -21.92
N SER D 162 40.33 0.40 -21.79
CA SER D 162 39.72 0.69 -20.51
C SER D 162 38.67 -0.41 -20.29
N MET D 163 39.08 -1.45 -19.57
CA MET D 163 38.25 -2.56 -19.09
C MET D 163 37.72 -3.43 -20.24
N ILE D 164 38.64 -3.90 -21.09
CA ILE D 164 38.22 -4.55 -22.32
C ILE D 164 37.76 -5.96 -21.95
N MET D 165 36.59 -6.35 -22.41
CA MET D 165 36.07 -7.69 -22.20
C MET D 165 36.02 -8.42 -23.54
N ALA D 166 36.78 -9.51 -23.64
CA ALA D 166 36.69 -10.33 -24.83
C ALA D 166 37.04 -11.78 -24.52
N ASP D 167 36.87 -12.60 -25.55
CA ASP D 167 37.12 -14.04 -25.53
C ASP D 167 38.54 -14.28 -26.04
N LYS D 168 39.50 -13.77 -25.27
CA LYS D 168 40.90 -13.96 -25.62
C LYS D 168 41.29 -15.44 -25.48
N ASP D 169 42.43 -15.78 -26.07
CA ASP D 169 42.88 -17.15 -26.10
C ASP D 169 43.40 -17.66 -24.75
N GLU D 170 43.38 -18.99 -24.65
CA GLU D 170 43.77 -19.73 -23.47
C GLU D 170 45.28 -19.69 -23.28
N SER D 171 46.04 -19.77 -24.37
CA SER D 171 47.49 -19.78 -24.34
C SER D 171 48.10 -18.40 -24.45
N SER D 172 47.29 -17.34 -24.35
CA SER D 172 47.87 -16.01 -24.40
C SER D 172 48.47 -15.74 -23.04
N MET D 173 49.54 -14.95 -23.01
CA MET D 173 50.20 -14.61 -21.76
C MET D 173 50.13 -13.11 -21.59
N PHE D 174 49.08 -12.63 -20.92
CA PHE D 174 48.83 -11.20 -20.78
C PHE D 174 47.72 -10.86 -19.77
N PHE D 175 48.00 -9.95 -18.86
CA PHE D 175 46.97 -9.56 -17.92
C PHE D 175 47.00 -8.03 -17.95
N GLN D 176 45.86 -7.40 -17.67
CA GLN D 176 45.91 -5.94 -17.81
C GLN D 176 45.41 -5.10 -16.65
N PHE D 177 44.10 -5.08 -16.50
CA PHE D 177 43.40 -3.81 -16.25
C PHE D 177 43.28 -3.31 -14.80
N GLY D 178 42.47 -4.00 -14.02
CA GLY D 178 42.22 -3.68 -12.64
C GLY D 178 40.98 -4.47 -12.28
N PRO D 179 39.90 -3.83 -11.86
CA PRO D 179 38.69 -4.59 -11.55
C PRO D 179 37.97 -5.03 -12.82
N SER D 180 37.14 -6.09 -12.67
CA SER D 180 36.27 -6.55 -13.75
C SER D 180 35.07 -5.61 -13.87
N ILE D 181 34.25 -5.84 -14.90
CA ILE D 181 33.05 -5.02 -15.06
C ILE D 181 31.95 -5.46 -14.10
N GLU D 182 32.12 -6.62 -13.48
CA GLU D 182 31.14 -7.04 -12.51
C GLU D 182 31.64 -6.69 -11.13
N GLN D 183 32.97 -6.65 -10.97
CA GLN D 183 33.50 -6.15 -9.71
C GLN D 183 33.20 -4.66 -9.63
N GLN D 184 33.14 -4.02 -10.80
CA GLN D 184 32.73 -2.63 -10.93
C GLN D 184 31.25 -2.50 -10.58
N ALA D 185 30.47 -3.51 -10.97
CA ALA D 185 29.06 -3.53 -10.59
C ALA D 185 28.91 -3.77 -9.09
N SER D 186 29.83 -4.53 -8.50
CA SER D 186 29.83 -4.76 -7.06
C SER D 186 30.12 -3.48 -6.28
N VAL D 187 31.08 -2.68 -6.76
CA VAL D 187 31.32 -1.39 -6.12
C VAL D 187 30.16 -0.43 -6.41
N MET D 188 29.47 -0.62 -7.55
CA MET D 188 28.26 0.15 -7.82
C MET D 188 27.12 -0.27 -6.91
N LEU D 189 27.16 -1.51 -6.45
CA LEU D 189 26.22 -1.97 -5.44
C LEU D 189 26.60 -1.40 -4.09
N ASN D 190 27.88 -1.31 -3.78
CA ASN D 190 28.28 -0.72 -2.50
C ASN D 190 27.96 0.77 -2.47
N ILE D 191 27.90 1.37 -3.65
CA ILE D 191 27.46 2.75 -3.79
C ILE D 191 25.97 2.82 -3.53
N MET D 192 25.19 1.92 -4.14
CA MET D 192 23.77 2.04 -3.89
C MET D 192 23.40 1.58 -2.48
N GLU D 193 24.25 0.81 -1.79
CA GLU D 193 24.06 0.51 -0.38
C GLU D 193 24.67 1.58 0.53
N GLU D 194 25.04 2.74 0.00
CA GLU D 194 25.39 3.82 0.92
C GLU D 194 24.22 4.76 1.21
N TYR D 195 23.35 4.96 0.22
CA TYR D 195 22.23 5.89 0.27
C TYR D 195 20.91 5.18 0.00
N ASP D 196 20.95 3.84 0.01
CA ASP D 196 19.83 2.90 -0.21
C ASP D 196 19.12 3.21 -1.53
N TRP D 197 19.93 3.43 -2.56
CA TRP D 197 19.39 3.75 -3.86
C TRP D 197 18.97 2.46 -4.55
N TYR D 198 17.82 2.50 -5.23
CA TYR D 198 17.19 1.30 -5.74
C TYR D 198 16.84 1.50 -7.21
N ILE D 199 17.25 0.56 -8.05
CA ILE D 199 17.23 0.72 -9.49
C ILE D 199 15.80 0.51 -9.99
N PHE D 200 15.26 1.50 -10.67
CA PHE D 200 13.95 1.32 -11.24
C PHE D 200 13.97 0.90 -12.71
N SER D 201 15.10 1.03 -13.39
CA SER D 201 15.15 0.93 -14.84
C SER D 201 16.59 0.78 -15.31
N ILE D 202 16.82 -0.14 -16.24
CA ILE D 202 18.11 -0.24 -16.94
C ILE D 202 17.84 -0.12 -18.43
N VAL D 203 18.72 0.58 -19.15
CA VAL D 203 18.59 0.73 -20.61
C VAL D 203 19.97 0.52 -21.24
N THR D 204 20.09 -0.54 -22.04
CA THR D 204 21.36 -0.88 -22.68
C THR D 204 21.07 -1.30 -24.11
N THR D 205 21.91 -0.87 -25.04
CA THR D 205 21.71 -1.27 -26.43
C THR D 205 22.23 -2.69 -26.63
N TYR D 206 22.05 -3.23 -27.84
CA TYR D 206 22.50 -4.60 -28.09
C TYR D 206 23.95 -4.54 -28.53
N PHE D 207 24.84 -4.48 -27.55
CA PHE D 207 26.23 -4.79 -27.78
C PHE D 207 26.40 -6.29 -28.00
N PRO D 208 27.51 -6.71 -28.62
CA PRO D 208 27.83 -8.15 -28.61
C PRO D 208 28.09 -8.74 -27.23
N GLY D 209 28.41 -7.95 -26.21
CA GLY D 209 28.57 -8.55 -24.90
C GLY D 209 28.04 -7.75 -23.73
N TYR D 210 26.89 -7.11 -23.91
CA TYR D 210 26.24 -6.34 -22.85
C TYR D 210 25.23 -7.18 -22.07
N GLN D 211 24.39 -7.92 -22.81
CA GLN D 211 23.23 -8.56 -22.22
C GLN D 211 23.64 -9.66 -21.24
N ASP D 212 24.81 -10.28 -21.42
CA ASP D 212 25.25 -11.24 -20.41
C ASP D 212 25.68 -10.48 -19.17
N PHE D 213 26.16 -9.25 -19.36
CA PHE D 213 26.76 -8.49 -18.26
C PHE D 213 25.65 -8.04 -17.35
N VAL D 214 24.57 -7.54 -17.96
CA VAL D 214 23.43 -7.07 -17.19
C VAL D 214 22.70 -8.27 -16.61
N ASN D 215 22.70 -9.41 -17.32
CA ASN D 215 22.05 -10.60 -16.78
C ASN D 215 22.91 -11.27 -15.71
N LYS D 216 24.16 -10.81 -15.54
CA LYS D 216 24.93 -11.24 -14.38
C LYS D 216 24.79 -10.25 -13.25
N ILE D 217 24.52 -8.97 -13.54
CA ILE D 217 24.38 -8.07 -12.41
C ILE D 217 22.97 -8.26 -11.89
N ARG D 218 22.07 -8.76 -12.76
CA ARG D 218 20.73 -9.12 -12.37
C ARG D 218 20.76 -10.40 -11.54
N SER D 219 21.51 -11.41 -12.00
CA SER D 219 21.59 -12.65 -11.24
C SER D 219 22.41 -12.52 -9.96
N THR D 220 23.19 -11.45 -9.78
CA THR D 220 23.86 -11.25 -8.50
C THR D 220 22.78 -10.72 -7.59
N ILE D 221 22.03 -11.63 -6.98
CA ILE D 221 20.97 -11.19 -6.09
C ILE D 221 21.56 -10.63 -4.81
N GLU D 222 20.84 -9.69 -4.23
CA GLU D 222 21.20 -9.07 -2.98
C GLU D 222 20.16 -9.51 -1.97
N ASN D 223 20.61 -9.93 -0.80
CA ASN D 223 19.70 -10.50 0.18
C ASN D 223 19.06 -9.33 0.91
N SER D 224 17.87 -9.56 1.45
CA SER D 224 17.07 -8.51 2.07
C SER D 224 17.76 -7.97 3.32
N PHE D 225 17.05 -7.03 3.97
CA PHE D 225 17.47 -5.75 4.54
C PHE D 225 17.28 -4.58 3.58
N VAL D 226 16.93 -4.85 2.31
CA VAL D 226 17.14 -3.90 1.22
C VAL D 226 16.14 -4.24 0.13
N GLY D 227 15.91 -3.27 -0.75
CA GLY D 227 14.94 -3.44 -1.81
C GLY D 227 15.75 -3.98 -2.97
N TRP D 228 15.25 -4.99 -3.67
CA TRP D 228 16.07 -5.63 -4.69
C TRP D 228 15.70 -5.19 -6.08
N GLU D 229 14.43 -4.82 -6.29
CA GLU D 229 14.07 -3.64 -7.06
C GLU D 229 14.70 -3.48 -8.43
N LEU D 230 14.24 -4.22 -9.43
CA LEU D 230 14.81 -4.13 -10.76
C LEU D 230 13.84 -3.36 -11.64
N GLU D 231 12.62 -3.91 -11.74
CA GLU D 231 11.41 -3.50 -12.46
C GLU D 231 11.48 -3.37 -13.97
N GLU D 232 12.67 -3.14 -14.53
CA GLU D 232 12.78 -3.08 -15.99
C GLU D 232 14.22 -3.17 -16.48
N VAL D 233 14.61 -4.22 -17.15
CA VAL D 233 15.76 -4.04 -18.04
C VAL D 233 15.28 -3.67 -19.45
N LEU D 234 16.04 -2.90 -20.20
CA LEU D 234 15.63 -2.55 -21.55
C LEU D 234 16.75 -2.71 -22.57
N LEU D 235 16.61 -3.71 -23.43
CA LEU D 235 17.48 -3.88 -24.57
C LEU D 235 16.78 -3.21 -25.75
N LEU D 236 17.46 -2.25 -26.37
CA LEU D 236 17.00 -1.63 -27.59
C LEU D 236 17.99 -1.86 -28.74
N ASP D 237 17.45 -2.21 -29.90
CA ASP D 237 18.26 -2.39 -31.09
C ASP D 237 18.55 -1.00 -31.65
N MET D 238 19.83 -0.65 -31.75
CA MET D 238 20.22 0.64 -32.29
C MET D 238 20.60 0.56 -33.77
N SER D 239 20.45 -0.61 -34.41
CA SER D 239 20.53 -0.68 -35.87
C SER D 239 19.42 0.19 -36.42
N LEU D 240 18.17 -0.24 -36.24
CA LEU D 240 17.02 0.55 -36.63
C LEU D 240 16.91 1.63 -35.55
N ASP D 241 17.68 2.70 -35.70
CA ASP D 241 17.67 3.74 -34.68
C ASP D 241 16.54 4.75 -34.84
N ASP D 242 15.32 4.27 -35.08
CA ASP D 242 14.17 5.15 -35.15
C ASP D 242 13.85 5.58 -33.73
N GLY D 243 14.30 6.78 -33.32
CA GLY D 243 14.02 7.22 -31.98
C GLY D 243 12.56 7.57 -31.74
N ASP D 244 11.80 7.80 -32.82
CA ASP D 244 10.37 8.00 -32.71
C ASP D 244 9.60 6.70 -32.46
N SER D 245 9.75 5.71 -33.33
CA SER D 245 8.97 4.49 -33.14
C SER D 245 9.67 3.41 -32.31
N LYS D 246 10.82 3.68 -31.71
CA LYS D 246 11.37 2.65 -30.84
C LYS D 246 11.71 3.09 -29.42
N ILE D 247 12.54 4.12 -29.30
CA ILE D 247 12.82 4.76 -28.02
C ILE D 247 11.62 5.47 -27.40
N GLN D 248 10.63 5.88 -28.19
CA GLN D 248 9.41 6.35 -27.54
C GLN D 248 8.54 5.20 -27.09
N ASN D 249 8.55 4.07 -27.80
CA ASN D 249 7.61 3.06 -27.37
C ASN D 249 8.22 2.31 -26.21
N GLN D 250 9.56 2.35 -26.09
CA GLN D 250 10.21 1.67 -25.00
C GLN D 250 10.27 2.52 -23.73
N LEU D 251 9.99 3.83 -23.82
CA LEU D 251 9.91 4.61 -22.57
C LEU D 251 8.68 4.37 -21.70
N LYS D 252 8.31 5.41 -20.95
CA LYS D 252 7.13 5.68 -20.10
C LYS D 252 7.43 5.11 -18.73
N LYS D 253 8.53 4.37 -18.62
CA LYS D 253 9.17 3.76 -17.48
C LYS D 253 10.12 4.75 -16.83
N LEU D 254 10.20 5.96 -17.40
CA LEU D 254 11.03 7.06 -16.92
C LEU D 254 10.31 8.00 -15.95
N GLN D 255 9.21 7.56 -15.36
CA GLN D 255 8.46 8.36 -14.41
C GLN D 255 9.03 8.14 -13.01
N SER D 256 9.98 7.24 -12.92
CA SER D 256 10.73 6.55 -11.89
C SER D 256 12.00 7.36 -11.62
N PRO D 257 12.50 7.39 -10.38
CA PRO D 257 13.74 8.15 -10.13
C PRO D 257 15.08 7.54 -10.54
N ILE D 258 15.24 6.23 -10.72
CA ILE D 258 16.56 5.70 -11.04
C ILE D 258 16.53 4.94 -12.36
N ILE D 259 17.41 5.31 -13.29
CA ILE D 259 17.53 4.65 -14.60
C ILE D 259 19.00 4.35 -14.82
N LEU D 260 19.33 3.08 -15.05
CA LEU D 260 20.69 2.75 -15.43
C LEU D 260 20.86 2.77 -16.94
N LEU D 261 22.04 3.20 -17.39
CA LEU D 261 22.30 3.39 -18.82
C LEU D 261 23.74 3.00 -19.10
N TYR D 262 23.93 1.84 -19.75
CA TYR D 262 25.26 1.36 -20.09
C TYR D 262 25.51 1.43 -21.59
N CYS D 263 26.35 2.38 -22.03
CA CYS D 263 26.48 2.59 -23.46
C CYS D 263 27.89 3.12 -23.76
N THR D 264 28.09 3.64 -24.96
CA THR D 264 29.27 4.37 -25.41
C THR D 264 28.93 5.85 -25.55
N LYS D 265 29.97 6.67 -25.78
CA LYS D 265 29.79 8.12 -25.80
C LYS D 265 29.00 8.58 -27.03
N GLU D 266 29.26 7.98 -28.19
CA GLU D 266 28.63 8.44 -29.42
C GLU D 266 27.15 8.08 -29.43
N GLU D 267 26.83 6.87 -28.99
CA GLU D 267 25.43 6.46 -28.96
C GLU D 267 24.72 7.11 -27.79
N ALA D 268 25.45 7.52 -26.75
CA ALA D 268 24.87 8.37 -25.72
C ALA D 268 24.59 9.76 -26.26
N THR D 269 25.48 10.28 -27.11
CA THR D 269 25.23 11.56 -27.77
C THR D 269 23.98 11.50 -28.65
N TYR D 270 23.71 10.34 -29.28
CA TYR D 270 22.44 10.19 -29.99
C TYR D 270 21.29 10.09 -29.00
N ILE D 271 21.45 9.29 -27.95
CA ILE D 271 20.30 8.88 -27.17
C ILE D 271 19.97 9.97 -26.17
N PHE D 272 20.93 10.86 -25.89
CA PHE D 272 20.65 12.00 -25.04
C PHE D 272 19.86 13.05 -25.77
N GLU D 273 20.04 13.15 -27.09
CA GLU D 273 19.13 13.94 -27.92
C GLU D 273 17.74 13.35 -27.94
N VAL D 274 17.63 12.02 -27.98
CA VAL D 274 16.30 11.42 -27.94
C VAL D 274 15.64 11.63 -26.56
N ALA D 275 16.44 11.52 -25.50
CA ALA D 275 15.94 11.75 -24.14
C ALA D 275 15.59 13.20 -23.90
N ASN D 276 16.30 14.14 -24.51
CA ASN D 276 15.88 15.52 -24.49
C ASN D 276 14.64 15.76 -25.34
N SER D 277 14.46 14.97 -26.40
CA SER D 277 13.29 15.13 -27.26
C SER D 277 12.02 14.65 -26.57
N VAL D 278 12.12 13.62 -25.73
CA VAL D 278 10.93 13.18 -25.02
C VAL D 278 10.70 14.02 -23.76
N GLY D 279 11.76 14.43 -23.06
CA GLY D 279 11.59 15.19 -21.85
C GLY D 279 12.29 14.54 -20.68
N LEU D 280 13.34 13.74 -20.95
CA LEU D 280 14.12 13.17 -19.86
C LEU D 280 15.30 14.07 -19.48
N THR D 281 14.94 15.26 -18.99
CA THR D 281 15.93 16.28 -18.65
C THR D 281 15.64 16.53 -17.18
N GLY D 282 14.51 17.19 -16.93
CA GLY D 282 14.07 17.44 -15.58
C GLY D 282 13.36 16.16 -15.17
N TYR D 283 13.44 15.83 -13.86
CA TYR D 283 13.97 14.59 -13.28
C TYR D 283 15.36 14.74 -12.68
N GLY D 284 16.03 15.87 -12.87
CA GLY D 284 17.36 15.92 -12.30
C GLY D 284 18.52 15.31 -13.06
N TYR D 285 18.78 14.05 -12.75
CA TYR D 285 19.89 13.29 -13.28
C TYR D 285 19.36 11.95 -13.76
N THR D 286 20.12 11.30 -14.65
CA THR D 286 19.85 9.93 -15.09
C THR D 286 21.11 9.11 -14.87
N TRP D 287 20.95 7.95 -14.25
CA TRP D 287 21.72 7.65 -13.04
C TRP D 287 23.14 7.13 -13.27
N ILE D 288 23.29 5.97 -13.91
CA ILE D 288 24.62 5.41 -14.15
C ILE D 288 25.18 5.70 -15.54
N VAL D 289 26.38 6.28 -15.52
CA VAL D 289 27.08 6.87 -16.65
C VAL D 289 28.43 6.20 -16.46
N PRO D 290 28.59 4.93 -16.87
CA PRO D 290 29.84 4.20 -16.58
C PRO D 290 31.07 4.73 -17.30
N SER D 291 32.02 5.20 -16.50
CA SER D 291 33.11 6.03 -16.97
C SER D 291 34.09 5.20 -17.79
N LEU D 292 34.23 3.92 -17.45
CA LEU D 292 35.28 3.07 -17.99
C LEU D 292 34.99 2.62 -19.42
N VAL D 293 33.80 2.89 -19.93
CA VAL D 293 33.42 2.46 -21.26
C VAL D 293 33.71 3.57 -22.24
N ALA D 294 33.18 4.75 -21.94
CA ALA D 294 33.30 5.95 -22.75
C ALA D 294 34.08 6.86 -21.83
N GLY D 295 35.39 6.62 -21.76
CA GLY D 295 36.35 7.38 -20.98
C GLY D 295 36.99 8.69 -21.40
N ASP D 296 36.26 9.67 -21.94
CA ASP D 296 37.03 10.88 -22.26
C ASP D 296 36.33 12.08 -21.64
N THR D 297 36.75 12.42 -20.41
CA THR D 297 36.04 13.42 -19.62
C THR D 297 36.25 14.83 -20.18
N ASP D 298 37.29 14.99 -21.00
CA ASP D 298 37.69 16.29 -21.55
C ASP D 298 36.84 16.69 -22.76
N THR D 299 36.50 15.73 -23.61
CA THR D 299 35.90 16.01 -24.91
C THR D 299 34.55 15.32 -25.03
N VAL D 300 33.89 15.09 -23.92
CA VAL D 300 32.55 14.51 -23.99
C VAL D 300 31.55 15.60 -24.37
N PRO D 301 30.66 15.35 -25.33
CA PRO D 301 29.56 16.28 -25.58
C PRO D 301 28.57 16.20 -24.42
N SER D 302 27.71 17.21 -24.26
CA SER D 302 26.92 17.17 -23.04
C SER D 302 25.42 17.49 -23.04
N GLU D 303 24.76 17.92 -24.14
CA GLU D 303 23.38 17.53 -24.54
C GLU D 303 22.41 16.88 -23.53
N PHE D 304 22.56 17.16 -22.23
CA PHE D 304 21.83 16.62 -21.09
C PHE D 304 22.20 17.55 -19.94
N PRO D 305 21.74 17.35 -18.70
CA PRO D 305 22.46 18.02 -17.60
C PRO D 305 23.63 17.18 -17.08
N THR D 306 24.15 17.57 -15.91
CA THR D 306 25.45 17.24 -15.33
C THR D 306 26.12 15.91 -15.66
N GLY D 307 25.53 14.77 -15.30
CA GLY D 307 26.18 13.47 -15.40
C GLY D 307 27.57 13.33 -14.80
N LEU D 308 28.30 12.29 -15.20
CA LEU D 308 29.53 11.77 -14.55
C LEU D 308 29.47 11.51 -13.04
N ILE D 309 28.63 10.58 -12.58
CA ILE D 309 28.81 10.18 -11.18
C ILE D 309 29.95 9.19 -10.97
N SER D 310 30.32 8.39 -11.98
CA SER D 310 30.58 6.99 -11.71
C SER D 310 32.05 6.73 -11.37
N VAL D 311 32.48 5.48 -11.49
CA VAL D 311 33.77 5.03 -11.00
C VAL D 311 34.62 4.55 -12.16
N SER D 312 35.89 4.93 -12.14
CA SER D 312 36.99 4.22 -12.79
C SER D 312 38.12 4.15 -11.78
N TYR D 313 39.25 3.56 -12.17
CA TYR D 313 40.39 3.81 -11.30
C TYR D 313 41.10 5.07 -11.74
N ASP D 314 40.59 5.73 -12.78
CA ASP D 314 41.34 6.66 -13.61
C ASP D 314 41.45 8.03 -12.96
N GLU D 315 41.89 8.03 -11.71
CA GLU D 315 42.68 9.12 -11.17
C GLU D 315 43.78 9.44 -12.17
N TRP D 316 43.94 10.71 -12.48
CA TRP D 316 44.99 11.19 -13.39
C TRP D 316 46.33 10.76 -12.80
N ASP D 317 47.03 9.88 -13.50
CA ASP D 317 47.70 8.76 -12.84
C ASP D 317 48.91 9.18 -12.03
N TYR D 318 48.64 9.64 -10.80
CA TYR D 318 49.68 9.79 -9.80
C TYR D 318 50.04 8.38 -9.35
N GLY D 319 50.99 7.76 -10.04
CA GLY D 319 51.26 6.36 -9.83
C GLY D 319 51.65 5.67 -11.11
N LEU D 320 51.55 6.38 -12.25
CA LEU D 320 51.90 5.78 -13.54
C LEU D 320 53.35 5.29 -13.62
N PRO D 321 54.38 6.04 -13.21
CA PRO D 321 55.72 5.43 -13.20
C PRO D 321 55.84 4.40 -12.09
N ALA D 322 55.08 4.61 -11.01
CA ALA D 322 55.00 3.62 -9.95
C ALA D 322 54.28 2.37 -10.43
N ARG D 323 53.29 2.53 -11.32
CA ARG D 323 52.66 1.37 -11.93
C ARG D 323 53.65 0.61 -12.79
N VAL D 324 54.49 1.33 -13.55
CA VAL D 324 55.53 0.68 -14.36
C VAL D 324 56.53 -0.07 -13.48
N ARG D 325 57.00 0.56 -12.40
CA ARG D 325 57.95 -0.10 -11.50
C ARG D 325 57.31 -1.29 -10.78
N ASP D 326 56.03 -1.18 -10.40
CA ASP D 326 55.32 -2.28 -9.76
C ASP D 326 55.17 -3.45 -10.71
N GLY D 327 54.86 -3.15 -11.98
CA GLY D 327 54.74 -4.22 -12.96
C GLY D 327 56.06 -4.91 -13.23
N ILE D 328 57.15 -4.14 -13.28
CA ILE D 328 58.48 -4.71 -13.44
C ILE D 328 58.80 -5.62 -12.26
N ALA D 329 58.44 -5.17 -11.06
CA ALA D 329 58.64 -5.98 -9.85
C ALA D 329 57.79 -7.25 -9.91
N ILE D 330 56.58 -7.17 -10.49
CA ILE D 330 55.71 -8.34 -10.64
C ILE D 330 56.37 -9.37 -11.52
N ILE D 331 56.89 -8.92 -12.68
CA ILE D 331 57.52 -9.81 -13.65
C ILE D 331 58.76 -10.43 -13.03
N THR D 332 59.56 -9.62 -12.35
CA THR D 332 60.80 -10.09 -11.75
C THR D 332 60.51 -11.06 -10.60
N THR D 333 59.40 -10.84 -9.89
CA THR D 333 58.99 -11.73 -8.81
C THR D 333 58.54 -13.07 -9.38
N ALA D 334 57.85 -13.05 -10.53
CA ALA D 334 57.43 -14.29 -11.16
C ALA D 334 58.63 -15.09 -11.66
N ALA D 335 59.62 -14.38 -12.22
CA ALA D 335 60.83 -15.06 -12.70
C ALA D 335 61.64 -15.58 -11.53
N SER D 336 61.62 -14.86 -10.40
CA SER D 336 62.27 -15.31 -9.18
C SER D 336 61.57 -16.53 -8.62
N ASP D 337 60.24 -16.61 -8.78
CA ASP D 337 59.50 -17.80 -8.35
C ASP D 337 59.88 -19.00 -9.21
N MET D 338 60.08 -18.77 -10.51
CA MET D 338 60.48 -19.86 -11.40
C MET D 338 61.90 -20.32 -11.06
N LEU D 339 62.78 -19.38 -10.73
CA LEU D 339 64.13 -19.77 -10.32
C LEU D 339 64.14 -20.41 -8.93
N SER D 340 63.19 -20.08 -8.07
CA SER D 340 63.16 -20.75 -6.78
C SER D 340 62.57 -22.15 -6.86
N GLU D 341 61.69 -22.39 -7.83
CA GLU D 341 61.01 -23.69 -7.90
C GLU D 341 61.55 -24.68 -8.91
N HIS D 342 62.06 -24.23 -10.06
CA HIS D 342 62.49 -25.13 -11.12
C HIS D 342 63.92 -24.96 -11.60
N SER D 343 64.68 -24.02 -11.06
CA SER D 343 65.28 -22.93 -11.82
C SER D 343 65.68 -23.22 -13.25
N PHE D 344 64.91 -22.64 -14.17
CA PHE D 344 65.26 -22.59 -15.58
C PHE D 344 64.56 -21.37 -16.15
N ILE D 345 65.28 -20.61 -16.97
CA ILE D 345 64.74 -19.43 -17.65
C ILE D 345 64.29 -19.85 -19.04
N PRO D 346 63.00 -19.76 -19.39
CA PRO D 346 62.63 -20.00 -20.79
C PRO D 346 63.24 -18.88 -21.62
N GLU D 347 63.98 -19.25 -22.66
CA GLU D 347 64.48 -18.25 -23.58
C GLU D 347 63.36 -17.59 -24.40
N PRO D 348 63.40 -16.27 -24.54
CA PRO D 348 62.32 -15.55 -25.23
C PRO D 348 62.40 -15.84 -26.72
N LYS D 349 61.34 -15.48 -27.45
CA LYS D 349 61.34 -15.75 -28.88
C LYS D 349 62.31 -14.79 -29.56
N SER D 350 62.90 -15.24 -30.68
CA SER D 350 63.88 -14.41 -31.38
C SER D 350 63.48 -13.98 -32.80
N SER D 351 62.24 -14.17 -33.23
CA SER D 351 61.89 -13.78 -34.59
C SER D 351 60.38 -13.64 -34.71
N CYS D 352 59.94 -13.09 -35.85
CA CYS D 352 58.52 -13.08 -36.14
C CYS D 352 58.15 -13.65 -37.52
N TYR D 353 58.83 -13.18 -38.56
CA TYR D 353 58.71 -13.71 -39.93
C TYR D 353 59.59 -14.91 -40.25
N ASN D 354 60.60 -15.22 -39.46
CA ASN D 354 61.44 -16.33 -39.90
C ASN D 354 61.59 -17.43 -38.86
N THR D 355 61.41 -18.69 -39.30
CA THR D 355 61.30 -19.88 -38.46
C THR D 355 60.44 -19.60 -37.22
N HIS D 356 59.20 -19.21 -37.47
CA HIS D 356 58.38 -18.55 -36.44
C HIS D 356 57.91 -19.49 -35.33
N GLU D 357 58.30 -20.77 -35.34
CA GLU D 357 57.80 -21.69 -34.32
C GLU D 357 58.59 -21.55 -33.03
N LYS D 358 59.93 -21.49 -33.12
CA LYS D 358 60.82 -20.91 -32.10
C LYS D 358 60.70 -21.58 -30.74
N ARG D 359 61.26 -22.80 -30.66
CA ARG D 359 61.21 -23.74 -29.53
C ARG D 359 59.76 -23.95 -29.08
N ILE D 360 58.98 -24.54 -30.00
CA ILE D 360 57.53 -24.49 -30.08
C ILE D 360 56.79 -24.75 -28.76
N TYR D 361 57.09 -25.82 -28.05
CA TYR D 361 56.35 -26.10 -26.82
C TYR D 361 57.09 -25.47 -25.65
N GLN D 362 56.32 -24.93 -24.72
CA GLN D 362 56.86 -24.20 -23.58
C GLN D 362 56.02 -24.57 -22.36
N SER D 363 56.64 -24.55 -21.20
CA SER D 363 55.95 -24.86 -19.96
C SER D 363 54.91 -23.78 -19.65
N ASN D 364 53.66 -24.23 -19.47
CA ASN D 364 52.52 -23.44 -19.00
C ASN D 364 52.60 -23.05 -17.52
N MET D 365 53.78 -23.16 -16.92
CA MET D 365 54.03 -22.74 -15.55
C MET D 365 53.96 -21.23 -15.37
N LEU D 366 54.34 -20.47 -16.41
CA LEU D 366 54.24 -19.01 -16.36
C LEU D 366 52.82 -18.48 -16.25
N ASN D 367 51.81 -19.12 -16.86
CA ASN D 367 50.44 -18.61 -16.67
C ASN D 367 50.00 -18.81 -15.21
N ARG D 368 50.44 -19.89 -14.60
CA ARG D 368 50.16 -20.17 -13.19
C ARG D 368 50.97 -19.24 -12.29
N TYR D 369 52.14 -18.82 -12.75
CA TYR D 369 53.02 -17.96 -11.97
C TYR D 369 52.59 -16.52 -12.06
N LEU D 370 51.86 -16.16 -13.13
CA LEU D 370 51.46 -14.78 -13.34
C LEU D 370 50.34 -14.42 -12.37
N ILE D 371 49.69 -15.43 -11.82
CA ILE D 371 48.51 -15.28 -10.98
C ILE D 371 48.87 -15.40 -9.51
N ASN D 372 49.74 -16.36 -9.19
CA ASN D 372 50.25 -16.55 -7.84
C ASN D 372 51.17 -15.44 -7.37
N VAL D 373 51.60 -14.51 -8.25
CA VAL D 373 52.48 -13.47 -7.77
C VAL D 373 51.57 -12.35 -7.25
N THR D 374 52.06 -11.70 -6.19
CA THR D 374 51.54 -10.53 -5.51
C THR D 374 52.70 -9.67 -5.02
N PHE D 375 52.49 -8.37 -5.05
CA PHE D 375 53.50 -7.43 -4.57
C PHE D 375 52.93 -6.77 -3.34
N GLU D 376 53.82 -6.54 -2.37
CA GLU D 376 53.55 -6.31 -0.95
C GLU D 376 52.48 -5.27 -0.68
N GLY D 377 51.32 -5.80 -0.31
CA GLY D 377 50.11 -5.09 0.07
C GLY D 377 49.47 -4.31 -1.05
N ARG D 378 49.97 -4.43 -2.28
CA ARG D 378 49.54 -3.57 -3.38
C ARG D 378 48.95 -4.31 -4.57
N ASP D 379 49.76 -5.12 -5.25
CA ASP D 379 49.28 -5.99 -6.31
C ASP D 379 48.49 -7.19 -5.82
N LEU D 380 47.37 -7.45 -6.51
CA LEU D 380 46.42 -8.50 -6.19
C LEU D 380 46.68 -9.71 -7.07
N SER D 381 46.14 -10.86 -6.67
CA SER D 381 46.36 -12.10 -7.41
C SER D 381 45.66 -12.25 -8.76
N PHE D 382 45.75 -11.25 -9.66
CA PHE D 382 45.99 -11.38 -11.12
C PHE D 382 45.45 -12.64 -11.78
N SER D 383 44.25 -13.09 -11.43
CA SER D 383 43.67 -14.27 -12.08
C SER D 383 42.83 -14.11 -13.35
N GLU D 384 41.71 -13.41 -13.25
CA GLU D 384 40.85 -13.23 -14.42
C GLU D 384 41.30 -12.30 -15.53
N ASP D 385 42.07 -12.81 -16.50
CA ASP D 385 42.61 -12.01 -17.61
C ASP D 385 43.40 -10.74 -17.28
N GLY D 386 43.79 -10.47 -16.04
CA GLY D 386 43.90 -9.09 -15.62
C GLY D 386 42.76 -8.46 -14.85
N TYR D 387 41.86 -9.23 -14.26
CA TYR D 387 40.83 -8.63 -13.42
C TYR D 387 41.09 -9.07 -11.98
N GLN D 388 41.65 -8.11 -11.25
CA GLN D 388 42.07 -8.02 -9.87
C GLN D 388 40.87 -7.82 -8.95
N MET D 389 41.14 -7.90 -7.65
CA MET D 389 40.09 -7.76 -6.66
C MET D 389 40.05 -6.37 -6.05
N HIS D 390 41.14 -5.91 -5.46
CA HIS D 390 40.99 -4.64 -4.77
C HIS D 390 41.97 -3.54 -5.19
N PRO D 391 42.12 -3.20 -6.49
CA PRO D 391 42.91 -2.02 -6.84
C PRO D 391 42.22 -0.72 -6.44
N LYS D 392 43.00 0.35 -6.44
CA LYS D 392 42.51 1.65 -6.00
C LYS D 392 41.52 2.16 -7.04
N LEU D 393 40.38 2.68 -6.60
CA LEU D 393 39.33 3.17 -7.48
C LEU D 393 38.93 4.58 -7.07
N VAL D 394 38.47 5.37 -8.04
CA VAL D 394 38.05 6.73 -7.74
C VAL D 394 36.62 6.96 -8.23
N ILE D 395 36.03 8.06 -7.75
CA ILE D 395 34.68 8.52 -8.01
C ILE D 395 34.76 9.95 -8.49
N ILE D 396 33.94 10.32 -9.48
CA ILE D 396 34.03 11.57 -10.21
C ILE D 396 32.78 12.38 -9.95
N LEU D 397 32.96 13.70 -9.95
CA LEU D 397 31.93 14.71 -9.82
C LEU D 397 31.73 15.51 -11.10
N LEU D 398 30.64 16.28 -11.07
CA LEU D 398 29.41 16.02 -11.81
C LEU D 398 28.94 17.24 -12.59
N ASN D 399 29.61 17.49 -13.72
CA ASN D 399 29.08 18.27 -14.85
C ASN D 399 30.02 18.06 -16.01
N LYS D 400 29.45 17.95 -17.21
CA LYS D 400 30.30 17.86 -18.39
C LYS D 400 30.43 19.17 -19.14
N GLU D 401 29.51 20.12 -18.95
CA GLU D 401 29.82 21.45 -19.46
C GLU D 401 30.66 22.31 -18.53
N ARG D 402 31.30 21.75 -17.49
CA ARG D 402 32.33 22.45 -16.71
C ARG D 402 33.33 21.48 -16.11
N LYS D 403 33.70 20.43 -16.86
CA LYS D 403 34.85 19.49 -16.65
C LYS D 403 35.21 19.26 -15.17
N TRP D 404 34.20 18.98 -14.37
CA TRP D 404 34.41 18.60 -12.98
C TRP D 404 35.16 17.27 -12.83
N GLU D 405 35.77 17.12 -11.66
CA GLU D 405 36.87 16.25 -11.27
C GLU D 405 36.42 15.21 -10.24
N ARG D 406 37.40 14.57 -9.58
CA ARG D 406 37.13 13.44 -8.70
C ARG D 406 36.60 13.97 -7.37
N VAL D 407 35.55 13.34 -6.86
CA VAL D 407 35.05 13.63 -5.52
C VAL D 407 34.98 12.43 -4.59
N GLY D 408 35.32 11.21 -5.01
CA GLY D 408 35.30 10.10 -4.08
C GLY D 408 36.59 9.33 -3.97
N LYS D 409 36.56 8.41 -3.00
CA LYS D 409 37.69 7.59 -2.57
C LYS D 409 37.20 6.17 -2.34
N TRP D 410 37.90 5.19 -2.91
CA TRP D 410 37.57 3.79 -2.68
C TRP D 410 38.84 3.00 -2.44
N LYS D 411 38.84 2.18 -1.39
CA LYS D 411 40.02 1.40 -1.06
C LYS D 411 39.54 0.06 -0.49
N ASP D 412 39.57 -0.97 -1.33
CA ASP D 412 39.61 -2.40 -1.00
C ASP D 412 38.43 -3.03 -0.29
N LYS D 413 37.58 -2.25 0.39
CA LYS D 413 36.17 -2.57 0.63
C LYS D 413 35.36 -1.29 0.66
N SER D 414 36.04 -0.21 1.04
CA SER D 414 35.42 0.95 1.66
C SER D 414 35.22 2.09 0.68
N LEU D 415 34.19 2.88 0.95
CA LEU D 415 33.79 4.03 0.15
C LEU D 415 33.69 5.24 1.05
N GLN D 416 34.24 6.36 0.58
CA GLN D 416 34.19 7.63 1.28
C GLN D 416 33.74 8.66 0.24
N MET D 417 32.66 9.37 0.55
CA MET D 417 32.05 10.27 -0.42
C MET D 417 31.77 11.58 0.28
N LYS D 418 32.23 12.69 -0.29
CA LYS D 418 32.16 14.00 0.38
C LYS D 418 31.21 14.95 -0.34
N TYR D 419 30.03 14.47 -0.70
CA TYR D 419 28.94 15.35 -1.11
C TYR D 419 27.72 15.29 -0.20
N TYR D 420 27.33 14.08 0.22
CA TYR D 420 26.16 13.74 1.05
C TYR D 420 24.76 14.15 0.59
N VAL D 421 24.57 14.80 -0.56
CA VAL D 421 23.21 15.19 -0.94
C VAL D 421 23.02 15.02 -2.45
N TRP D 422 21.81 14.64 -2.87
CA TRP D 422 21.53 14.52 -4.29
C TRP D 422 21.07 15.83 -4.87
N PRO D 423 21.74 16.36 -5.89
CA PRO D 423 21.21 17.55 -6.58
C PRO D 423 19.96 17.18 -7.38
N ARG D 424 19.20 18.19 -7.76
CA ARG D 424 17.85 17.98 -8.28
C ARG D 424 17.51 19.13 -9.21
N MET D 425 16.95 18.81 -10.37
CA MET D 425 16.68 19.80 -11.40
C MET D 425 15.23 19.70 -11.84
N ASP D 434 12.48 25.13 -0.30
CA ASP D 434 13.34 24.53 0.71
C ASP D 434 12.55 23.60 1.64
N ASP D 435 12.96 22.34 1.69
CA ASP D 435 12.38 21.35 2.58
C ASP D 435 13.48 20.52 3.20
N HIS D 436 14.55 21.18 3.62
CA HIS D 436 15.66 20.53 4.31
C HIS D 436 15.80 21.09 5.72
N LEU D 437 15.63 20.20 6.70
CA LEU D 437 15.56 20.56 8.10
C LEU D 437 16.72 19.93 8.85
N SER D 438 17.26 20.65 9.81
CA SER D 438 18.10 20.02 10.80
C SER D 438 17.19 19.67 11.96
N ILE D 439 17.48 18.54 12.61
CA ILE D 439 16.61 18.05 13.67
C ILE D 439 17.49 17.51 14.79
N VAL D 440 17.31 18.02 15.99
CA VAL D 440 18.16 17.66 17.12
C VAL D 440 17.28 16.87 18.09
N THR D 441 17.84 15.77 18.61
CA THR D 441 17.04 14.87 19.44
C THR D 441 17.74 14.44 20.72
N LEU D 442 17.19 13.40 21.36
CA LEU D 442 17.64 12.90 22.65
C LEU D 442 17.25 11.43 22.75
N GLU D 443 18.15 10.61 23.27
CA GLU D 443 17.90 9.19 23.48
C GLU D 443 17.02 9.00 24.71
N GLU D 444 15.99 8.18 24.60
CA GLU D 444 15.22 7.76 25.76
C GLU D 444 14.59 6.39 25.51
N ALA D 445 13.70 5.99 26.42
CA ALA D 445 12.88 4.79 26.31
C ALA D 445 11.80 5.03 25.23
N PRO D 446 10.92 4.03 24.85
CA PRO D 446 10.76 3.75 23.41
C PRO D 446 10.10 4.85 22.58
N PHE D 447 10.75 6.01 22.52
CA PHE D 447 10.36 7.09 21.63
C PHE D 447 11.49 7.41 20.67
N VAL D 448 12.71 7.55 21.18
CA VAL D 448 13.92 7.63 20.37
C VAL D 448 14.91 6.70 21.05
N ILE D 449 15.11 5.53 20.46
CA ILE D 449 16.04 4.53 20.98
C ILE D 449 17.30 4.64 20.15
N VAL D 450 18.45 4.76 20.80
CA VAL D 450 19.73 4.81 20.09
C VAL D 450 20.45 3.47 20.25
N GLU D 451 20.76 2.84 19.12
CA GLU D 451 21.55 1.62 19.07
C GLU D 451 22.75 1.80 18.16
N SER D 452 23.68 0.86 18.24
CA SER D 452 24.91 0.91 17.47
C SER D 452 24.65 0.46 16.04
N VAL D 453 25.69 0.43 15.22
CA VAL D 453 25.55 0.16 13.81
C VAL D 453 25.88 -1.30 13.55
N ASP D 454 25.56 -1.78 12.36
CA ASP D 454 25.95 -3.13 11.98
C ASP D 454 27.45 -3.19 11.72
N PRO D 455 28.13 -4.24 12.19
CA PRO D 455 29.58 -4.34 11.97
C PRO D 455 29.98 -4.84 10.58
N LEU D 456 29.02 -5.07 9.69
CA LEU D 456 29.32 -5.52 8.34
C LEU D 456 28.97 -4.49 7.27
N SER D 457 28.11 -3.52 7.59
CA SER D 457 27.60 -2.61 6.57
C SER D 457 27.77 -1.16 6.96
N GLY D 458 27.80 -0.86 8.26
CA GLY D 458 27.95 0.51 8.71
C GLY D 458 26.63 1.24 8.84
N THR D 459 25.73 1.02 7.89
CA THR D 459 24.45 1.73 7.82
C THR D 459 23.46 1.05 8.77
N CYS D 460 22.19 1.44 8.66
CA CYS D 460 21.16 0.88 9.51
C CYS D 460 19.98 0.51 8.64
N MET D 461 19.42 -0.66 8.91
CA MET D 461 18.36 -1.20 8.06
C MET D 461 16.98 -0.68 8.43
N ARG D 462 16.48 -1.02 9.60
CA ARG D 462 15.14 -0.62 9.95
C ARG D 462 15.13 0.77 10.55
N ASN D 463 16.30 1.25 10.95
CA ASN D 463 16.43 2.49 11.68
C ASN D 463 16.53 3.70 10.77
N THR D 464 17.14 3.54 9.58
CA THR D 464 17.03 4.45 8.43
C THR D 464 17.49 5.88 8.72
N VAL D 465 18.33 6.10 9.72
CA VAL D 465 18.75 7.47 10.05
C VAL D 465 20.24 7.51 10.29
N PRO D 466 20.87 8.65 9.97
CA PRO D 466 22.25 8.88 10.41
C PRO D 466 22.40 9.06 11.91
N CYS D 467 21.72 10.04 12.50
CA CYS D 467 21.97 10.52 13.86
C CYS D 467 23.46 10.82 14.09
N GLN D 468 23.93 11.85 13.39
CA GLN D 468 25.34 12.20 13.39
C GLN D 468 25.72 12.82 14.73
N LYS D 469 26.11 11.96 15.67
CA LYS D 469 26.41 12.41 17.02
C LYS D 469 27.77 13.08 17.06
N ARG D 470 27.84 14.23 17.73
CA ARG D 470 29.07 14.95 17.92
C ARG D 470 29.78 14.47 19.18
N ILE D 471 31.11 14.50 19.15
CA ILE D 471 31.89 14.17 20.32
C ILE D 471 32.40 15.45 20.98
N GLU D 479 34.50 19.71 17.33
CA GLU D 479 33.71 18.51 17.58
C GLU D 479 33.82 17.53 16.41
N GLU D 480 33.04 16.46 16.46
CA GLU D 480 33.12 15.37 15.48
C GLU D 480 31.77 15.13 14.82
N PRO D 481 31.46 15.87 13.75
CA PRO D 481 30.37 15.46 12.85
C PRO D 481 30.83 14.51 11.77
N GLY D 482 31.67 13.55 12.14
CA GLY D 482 32.16 12.53 11.24
C GLY D 482 32.32 11.27 12.06
N TYR D 483 31.92 11.39 13.32
CA TYR D 483 31.72 10.24 14.18
C TYR D 483 30.61 9.35 13.62
N ILE D 484 30.75 8.04 13.83
CA ILE D 484 30.00 7.05 13.07
C ILE D 484 28.51 7.16 13.37
N LYS D 485 27.72 7.02 12.32
CA LYS D 485 26.32 7.45 12.35
C LYS D 485 25.48 6.41 13.08
N LYS D 486 25.38 6.61 14.40
CA LYS D 486 24.70 5.67 15.29
C LYS D 486 23.21 5.57 14.97
N CYS D 487 22.71 4.35 14.94
CA CYS D 487 21.33 4.14 14.53
C CYS D 487 20.36 4.57 15.61
N CYS D 488 19.25 5.16 15.17
CA CYS D 488 18.18 5.56 16.08
C CYS D 488 16.88 4.86 15.71
N LYS D 489 16.24 4.28 16.72
CA LYS D 489 14.94 3.64 16.59
C LYS D 489 13.92 4.36 17.47
N GLY D 490 12.70 3.85 17.49
CA GLY D 490 11.67 4.23 18.44
C GLY D 490 10.45 4.82 17.77
N PHE D 491 9.58 5.37 18.61
CA PHE D 491 8.22 5.77 18.23
C PHE D 491 8.16 7.06 17.40
N CYS D 492 8.83 8.11 17.87
CA CYS D 492 8.75 9.42 17.22
C CYS D 492 9.42 9.40 15.85
N ILE D 493 10.41 8.55 15.68
CA ILE D 493 11.05 8.41 14.38
C ILE D 493 10.10 7.74 13.40
N ASP D 494 9.31 6.77 13.90
CA ASP D 494 8.30 6.17 13.06
C ASP D 494 7.18 7.16 12.73
N ILE D 495 6.92 8.13 13.61
CA ILE D 495 5.98 9.17 13.27
C ILE D 495 6.54 10.12 12.21
N LEU D 496 7.81 10.51 12.36
CA LEU D 496 8.45 11.45 11.43
C LEU D 496 8.60 10.85 10.04
N LYS D 497 8.81 9.54 9.95
CA LYS D 497 8.94 8.92 8.64
C LYS D 497 7.61 8.88 7.90
N LYS D 498 6.49 9.04 8.60
CA LYS D 498 5.23 9.23 7.90
C LYS D 498 5.00 10.69 7.56
N ILE D 499 5.43 11.59 8.46
CA ILE D 499 5.26 13.02 8.21
C ILE D 499 6.16 13.52 7.07
N SER D 500 7.27 12.81 6.82
CA SER D 500 8.15 13.17 5.70
C SER D 500 7.46 12.93 4.37
N LYS D 501 6.84 11.75 4.22
CA LYS D 501 6.06 11.48 3.02
C LYS D 501 4.76 12.25 3.00
N SER D 502 4.31 12.76 4.16
CA SER D 502 3.06 13.51 4.19
C SER D 502 3.19 14.84 3.46
N VAL D 503 4.21 15.65 3.77
CA VAL D 503 4.31 16.91 3.05
C VAL D 503 5.45 16.90 2.04
N LYS D 504 6.67 17.20 2.53
CA LYS D 504 8.00 17.07 1.92
C LYS D 504 9.07 17.39 2.96
N PHE D 505 10.00 16.48 3.22
CA PHE D 505 11.05 16.72 4.21
C PHE D 505 12.42 16.35 3.67
N THR D 506 13.42 16.66 4.48
CA THR D 506 14.78 16.14 4.37
C THR D 506 15.40 16.33 5.74
N TYR D 507 15.91 15.24 6.31
CA TYR D 507 16.48 15.27 7.65
C TYR D 507 17.90 15.82 7.66
N ASP D 508 18.28 16.41 8.80
CA ASP D 508 19.67 16.42 9.26
C ASP D 508 19.62 16.07 10.74
N LEU D 509 19.65 14.78 11.03
CA LEU D 509 19.33 14.27 12.35
C LEU D 509 20.62 14.15 13.16
N TYR D 510 20.63 14.74 14.35
CA TYR D 510 21.79 14.63 15.23
C TYR D 510 21.37 14.74 16.70
N LEU D 511 22.26 14.32 17.57
CA LEU D 511 22.03 14.24 19.02
C LEU D 511 22.53 15.49 19.73
N VAL D 512 22.06 15.68 20.97
CA VAL D 512 22.59 16.75 21.81
C VAL D 512 23.93 16.34 22.40
N THR D 513 24.71 17.35 22.78
CA THR D 513 26.06 17.12 23.29
C THR D 513 26.22 17.50 24.76
N ASN D 514 25.68 18.64 25.17
CA ASN D 514 25.79 19.07 26.56
C ASN D 514 24.94 18.26 27.52
N GLY D 515 23.99 17.49 27.00
CA GLY D 515 23.19 16.56 27.79
C GLY D 515 22.23 17.23 28.75
N LYS D 516 21.83 18.48 28.46
CA LYS D 516 21.04 19.28 29.39
C LYS D 516 19.70 19.62 28.76
N HIS D 517 19.04 18.60 28.20
CA HIS D 517 17.75 18.76 27.53
C HIS D 517 16.71 19.37 28.45
N GLY D 518 16.08 20.44 27.96
CA GLY D 518 14.99 21.11 28.65
C GLY D 518 15.43 21.74 29.96
N LYS D 519 16.35 22.70 29.89
CA LYS D 519 16.86 23.35 31.07
C LYS D 519 17.12 24.82 30.74
N LYS D 520 16.78 25.70 31.68
CA LYS D 520 17.05 27.12 31.59
C LYS D 520 17.88 27.56 32.79
N ILE D 521 19.11 27.97 32.53
CA ILE D 521 19.98 28.49 33.57
C ILE D 521 20.01 30.01 33.39
N ASN D 522 20.70 30.71 34.28
CA ASN D 522 20.69 32.17 34.34
C ASN D 522 21.13 32.80 33.03
N GLY D 523 20.17 33.40 32.33
CA GLY D 523 20.43 33.97 31.01
C GLY D 523 19.97 33.16 29.83
N THR D 524 20.16 31.84 29.85
CA THR D 524 20.10 31.06 28.62
C THR D 524 19.41 29.73 28.84
N TRP D 525 19.28 28.98 27.75
CA TRP D 525 18.73 27.65 27.72
C TRP D 525 19.80 26.67 27.28
N ASN D 526 19.65 25.41 27.68
CA ASN D 526 20.63 24.39 27.34
C ASN D 526 19.92 23.19 26.73
N GLY D 527 20.72 22.29 26.16
CA GLY D 527 20.18 21.05 25.62
C GLY D 527 19.43 21.31 24.32
N MET D 528 18.28 20.65 24.19
CA MET D 528 17.48 20.78 22.98
C MET D 528 16.89 22.17 22.85
N ILE D 529 16.37 22.73 23.95
CA ILE D 529 15.94 24.12 23.93
C ILE D 529 17.15 25.05 23.81
N GLY D 530 18.32 24.62 24.24
CA GLY D 530 19.53 25.40 24.02
C GLY D 530 19.91 25.51 22.55
N GLU D 531 19.65 24.46 21.78
CA GLU D 531 19.85 24.51 20.35
C GLU D 531 18.61 25.02 19.62
N VAL D 532 17.53 25.26 20.36
CA VAL D 532 16.40 25.99 19.82
C VAL D 532 16.66 27.49 19.89
N VAL D 533 17.16 27.97 21.03
CA VAL D 533 17.38 29.41 21.20
C VAL D 533 18.57 29.89 20.37
N MET D 534 19.40 28.98 19.88
CA MET D 534 20.56 29.34 19.09
C MET D 534 20.24 29.39 17.60
N LYS D 535 18.96 29.24 17.22
CA LYS D 535 18.45 29.43 15.86
C LYS D 535 19.16 28.54 14.84
N ARG D 536 19.15 27.24 15.09
CA ARG D 536 19.90 26.30 14.27
C ARG D 536 19.02 25.47 13.33
N ALA D 537 17.93 26.08 12.82
CA ALA D 537 17.10 25.55 11.72
C ALA D 537 16.55 24.17 12.08
N TYR D 538 15.70 24.17 13.09
CA TYR D 538 15.60 23.04 13.99
C TYR D 538 14.17 22.50 14.10
N MET D 539 14.12 21.25 14.55
CA MET D 539 12.98 20.68 15.27
C MET D 539 13.55 19.98 16.50
N ALA D 540 12.68 19.41 17.32
CA ALA D 540 13.15 18.77 18.53
C ALA D 540 12.38 17.50 18.85
N VAL D 541 12.02 16.73 17.81
CA VAL D 541 11.25 15.50 18.00
C VAL D 541 11.96 14.52 18.94
N GLY D 542 11.17 13.75 19.67
CA GLY D 542 11.67 12.98 20.78
C GLY D 542 10.73 13.11 21.94
N SER D 543 11.20 12.74 23.13
CA SER D 543 10.39 12.89 24.33
C SER D 543 10.66 14.29 24.85
N LEU D 544 9.65 15.14 24.79
CA LEU D 544 9.77 16.54 25.16
C LEU D 544 8.38 17.03 25.53
N THR D 545 8.21 17.45 26.78
CA THR D 545 6.89 17.78 27.24
C THR D 545 6.52 19.19 26.81
N ILE D 546 5.32 19.61 27.19
CA ILE D 546 4.85 20.95 26.90
C ILE D 546 4.59 21.61 28.25
N ASN D 547 5.06 22.84 28.41
CA ASN D 547 4.71 23.60 29.61
C ASN D 547 4.70 25.08 29.26
N GLU D 548 4.61 25.91 30.28
CA GLU D 548 4.54 27.35 30.09
C GLU D 548 5.91 27.97 30.01
N GLU D 549 6.88 27.43 30.76
CA GLU D 549 8.22 28.00 30.83
C GLU D 549 8.96 27.86 29.51
N ARG D 550 8.54 26.93 28.65
CA ARG D 550 9.13 26.78 27.34
C ARG D 550 8.33 27.46 26.26
N SER D 551 7.03 27.67 26.47
CA SER D 551 6.17 28.25 25.45
C SER D 551 6.41 29.74 25.27
N GLU D 552 7.14 30.40 26.17
CA GLU D 552 7.43 31.81 26.01
C GLU D 552 8.47 32.03 24.93
N VAL D 553 9.46 31.14 24.87
CA VAL D 553 10.55 31.28 23.92
C VAL D 553 10.23 30.58 22.61
N VAL D 554 9.65 29.39 22.70
CA VAL D 554 9.44 28.52 21.56
C VAL D 554 7.95 28.47 21.24
N ASP D 555 7.66 28.35 19.95
CA ASP D 555 6.32 28.03 19.51
C ASP D 555 6.18 26.52 19.49
N PHE D 556 4.95 26.04 19.60
CA PHE D 556 4.73 24.61 19.70
C PHE D 556 3.71 24.13 18.68
N SER D 557 3.77 22.84 18.42
CA SER D 557 2.88 22.14 17.52
C SER D 557 1.62 21.71 18.28
N VAL D 558 0.84 20.84 17.68
CA VAL D 558 -0.33 20.28 18.39
C VAL D 558 0.17 19.28 19.42
N PRO D 559 -0.45 19.20 20.60
CA PRO D 559 -0.13 18.15 21.56
C PRO D 559 -0.23 16.75 20.97
N PHE D 560 0.65 15.89 21.44
CA PHE D 560 1.12 14.76 20.64
C PHE D 560 0.95 13.41 21.30
N ILE D 561 1.23 13.31 22.60
CA ILE D 561 1.00 12.10 23.39
C ILE D 561 0.56 12.56 24.77
N GLU D 562 -0.57 12.03 25.24
CA GLU D 562 -1.09 12.38 26.55
C GLU D 562 -0.14 11.88 27.63
N THR D 563 0.14 12.74 28.61
CA THR D 563 1.10 12.43 29.67
C THR D 563 0.81 13.31 30.87
N GLY D 564 1.67 13.20 31.87
CA GLY D 564 1.56 14.03 33.05
C GLY D 564 2.59 13.63 34.09
N ILE D 565 2.32 14.02 35.32
CA ILE D 565 3.17 13.67 36.46
C ILE D 565 2.49 12.54 37.20
N SER D 566 3.15 11.39 37.24
CA SER D 566 2.65 10.24 37.97
C SER D 566 3.68 9.83 39.02
N VAL D 567 3.39 8.74 39.71
CA VAL D 567 4.22 8.27 40.81
C VAL D 567 4.29 6.74 40.78
N MET D 568 5.51 6.22 40.81
CA MET D 568 5.72 4.78 40.85
C MET D 568 5.88 4.35 42.29
N VAL D 569 5.04 3.42 42.74
CA VAL D 569 5.06 2.98 44.11
C VAL D 569 5.85 1.67 44.17
N SER D 570 6.21 1.27 45.39
CA SER D 570 7.00 0.06 45.60
C SER D 570 6.19 -1.19 45.30
N ARG D 571 6.87 -2.32 45.32
CA ARG D 571 6.27 -3.59 44.91
C ARG D 571 5.86 -4.41 46.14
N SER D 572 4.91 -3.86 46.88
CA SER D 572 4.60 -4.33 48.22
C SER D 572 3.89 -5.68 48.18
N ASN D 573 3.85 -6.32 49.35
CA ASN D 573 3.19 -7.60 49.51
C ASN D 573 1.67 -7.45 49.47
N GLY D 574 1.00 -8.55 49.13
CA GLY D 574 -0.45 -8.53 49.04
C GLY D 574 -1.09 -8.45 50.42
N THR D 575 -2.21 -7.73 50.49
CA THR D 575 -2.92 -7.52 51.75
C THR D 575 -4.40 -7.85 51.59
N VAL D 576 -4.93 -8.60 52.55
CA VAL D 576 -6.36 -8.82 52.74
C VAL D 576 -6.92 -7.62 53.49
N SER D 577 -8.26 -7.57 53.66
CA SER D 577 -8.94 -6.52 54.40
C SER D 577 -8.43 -6.41 55.83
N PRO D 578 -8.38 -5.19 56.38
CA PRO D 578 -7.89 -5.01 57.76
C PRO D 578 -8.85 -5.49 58.85
N SER D 579 -9.98 -6.09 58.50
CA SER D 579 -10.89 -6.65 59.50
C SER D 579 -11.41 -7.99 59.00
N ALA D 580 -11.90 -8.79 59.94
CA ALA D 580 -12.70 -9.95 59.59
C ALA D 580 -14.01 -9.53 58.93
N PHE D 581 -14.63 -10.46 58.21
CA PHE D 581 -15.82 -10.17 57.43
C PHE D 581 -17.05 -10.03 58.33
N LEU D 582 -17.07 -8.92 59.06
CA LEU D 582 -18.18 -8.54 59.93
C LEU D 582 -19.12 -7.58 59.24
N GLU D 583 -18.98 -7.42 57.92
CA GLU D 583 -19.86 -6.59 57.12
C GLU D 583 -21.21 -7.33 56.96
N PRO D 584 -22.30 -6.64 56.43
CA PRO D 584 -23.56 -6.57 57.19
C PRO D 584 -24.29 -7.90 57.43
N PHE D 585 -23.68 -8.85 58.14
CA PHE D 585 -24.49 -9.81 58.88
C PHE D 585 -25.14 -9.18 60.09
N SER D 586 -24.49 -8.16 60.67
CA SER D 586 -25.06 -7.47 61.83
C SER D 586 -26.29 -6.65 61.49
N ALA D 587 -26.49 -6.30 60.21
CA ALA D 587 -27.67 -5.55 59.81
C ALA D 587 -28.94 -6.37 59.94
N CYS D 588 -28.89 -7.64 59.57
CA CYS D 588 -30.10 -8.46 59.61
C CYS D 588 -29.95 -9.74 60.39
N VAL D 589 -28.82 -10.43 60.26
CA VAL D 589 -28.71 -11.79 60.75
C VAL D 589 -28.43 -11.80 62.25
N TRP D 590 -27.42 -11.03 62.66
CA TRP D 590 -27.00 -10.97 64.06
C TRP D 590 -28.06 -10.38 64.98
N VAL D 591 -29.05 -9.67 64.44
CA VAL D 591 -30.12 -9.16 65.28
C VAL D 591 -31.34 -10.05 65.25
N MET D 592 -31.57 -10.75 64.13
CA MET D 592 -32.63 -11.75 64.12
C MET D 592 -32.28 -12.97 64.95
N MET D 593 -30.99 -13.24 65.16
CA MET D 593 -30.54 -14.40 65.92
C MET D 593 -31.03 -14.34 67.37
N PHE D 594 -30.88 -13.18 68.03
CA PHE D 594 -31.30 -13.04 69.42
C PHE D 594 -32.81 -13.14 69.57
N VAL D 595 -33.57 -12.49 68.68
CA VAL D 595 -35.01 -12.43 68.87
C VAL D 595 -35.68 -13.73 68.45
N MET D 596 -35.06 -14.52 67.58
CA MET D 596 -35.58 -15.85 67.35
C MET D 596 -34.99 -16.87 68.32
N LEU D 597 -33.95 -16.48 69.07
CA LEU D 597 -33.34 -17.39 70.04
C LEU D 597 -34.08 -17.35 71.37
N LEU D 598 -34.49 -16.16 71.81
CA LEU D 598 -35.04 -16.00 73.15
C LEU D 598 -36.46 -16.55 73.32
N ILE D 599 -37.14 -16.92 72.22
CA ILE D 599 -38.56 -17.27 72.29
C ILE D 599 -38.83 -18.65 72.84
N VAL D 600 -37.81 -19.49 73.00
CA VAL D 600 -38.00 -20.87 73.43
C VAL D 600 -38.16 -21.02 74.94
N SER D 601 -38.01 -19.94 75.71
CA SER D 601 -38.16 -20.01 77.16
C SER D 601 -39.57 -20.40 77.58
N ALA D 602 -40.58 -20.03 76.78
CA ALA D 602 -41.96 -20.39 77.09
C ALA D 602 -42.18 -21.88 76.97
N VAL D 603 -41.64 -22.51 75.92
CA VAL D 603 -41.79 -23.95 75.75
C VAL D 603 -40.88 -24.68 76.72
N ALA D 604 -39.74 -24.08 77.10
CA ALA D 604 -38.88 -24.64 78.12
C ALA D 604 -39.54 -24.64 79.49
N VAL D 605 -40.39 -23.65 79.76
CA VAL D 605 -41.20 -23.68 80.97
C VAL D 605 -42.31 -24.72 80.83
N PHE D 606 -42.93 -24.77 79.64
CA PHE D 606 -44.09 -25.63 79.40
C PHE D 606 -43.75 -27.12 79.46
N VAL D 607 -42.50 -27.50 79.15
CA VAL D 607 -42.17 -28.91 79.21
C VAL D 607 -41.89 -29.36 80.65
N PHE D 608 -41.39 -28.46 81.50
CA PHE D 608 -41.22 -28.80 82.91
C PHE D 608 -42.55 -28.75 83.65
N GLU D 609 -43.46 -27.88 83.23
CA GLU D 609 -44.81 -27.87 83.77
C GLU D 609 -45.55 -29.15 83.45
N TYR D 610 -45.29 -29.76 82.30
CA TYR D 610 -45.97 -30.97 81.88
C TYR D 610 -45.00 -31.98 81.30
N VAL D 631 -33.91 -24.22 85.21
CA VAL D 631 -33.73 -25.06 84.04
C VAL D 631 -34.01 -24.25 82.77
N THR D 632 -34.44 -23.01 82.97
CA THR D 632 -34.83 -22.15 81.86
C THR D 632 -34.13 -20.80 82.07
N ILE D 633 -33.87 -20.49 83.33
CA ILE D 633 -33.34 -19.18 83.70
C ILE D 633 -31.89 -19.03 83.25
N GLY D 634 -31.08 -20.07 83.48
CA GLY D 634 -29.68 -20.01 83.10
C GLY D 634 -29.28 -21.14 82.19
N LYS D 635 -30.00 -22.27 82.27
CA LYS D 635 -29.56 -23.48 81.58
C LYS D 635 -30.01 -23.50 80.13
N ALA D 636 -31.07 -22.75 79.80
CA ALA D 636 -31.68 -22.85 78.47
C ALA D 636 -30.78 -22.22 77.41
N ILE D 637 -30.36 -20.98 77.63
CA ILE D 637 -29.46 -20.32 76.68
C ILE D 637 -28.07 -20.93 76.74
N TRP D 638 -27.71 -21.52 77.88
CA TRP D 638 -26.43 -22.21 77.99
C TRP D 638 -26.42 -23.48 77.16
N LEU D 639 -27.57 -24.13 77.03
CA LEU D 639 -27.70 -25.22 76.07
C LEU D 639 -27.74 -24.68 74.64
N LEU D 640 -28.52 -23.63 74.41
CA LEU D 640 -28.81 -23.16 73.07
C LEU D 640 -27.66 -22.41 72.42
N TRP D 641 -26.61 -22.10 73.17
CA TRP D 641 -25.42 -21.56 72.55
C TRP D 641 -24.42 -22.64 72.16
N GLY D 642 -24.41 -23.76 72.88
CA GLY D 642 -23.39 -24.78 72.66
C GLY D 642 -23.55 -25.50 71.34
N LEU D 643 -24.77 -25.69 70.87
CA LEU D 643 -25.00 -26.40 69.63
C LEU D 643 -25.08 -25.48 68.42
N VAL D 644 -25.35 -24.20 68.62
CA VAL D 644 -25.36 -23.29 67.47
C VAL D 644 -23.93 -22.94 67.05
N PHE D 645 -22.97 -23.02 67.96
CA PHE D 645 -21.59 -22.73 67.59
C PHE D 645 -20.71 -23.98 67.58
N ASN D 646 -21.32 -25.17 67.41
CA ASN D 646 -20.66 -26.44 67.16
C ASN D 646 -19.64 -26.79 68.25
N ASN D 647 -20.17 -27.02 69.45
CA ASN D 647 -19.30 -27.36 70.56
C ASN D 647 -19.94 -28.38 71.48
N SER D 648 -19.13 -29.32 71.94
CA SER D 648 -19.57 -30.29 72.94
C SER D 648 -19.21 -29.82 74.35
N VAL D 649 -19.76 -28.65 74.69
CA VAL D 649 -19.68 -28.14 76.06
C VAL D 649 -20.48 -29.07 76.98
N PRO D 650 -19.97 -29.40 78.19
CA PRO D 650 -20.76 -30.26 79.08
C PRO D 650 -22.02 -29.61 79.63
N VAL D 651 -23.14 -29.99 79.06
CA VAL D 651 -24.44 -29.34 79.22
C VAL D 651 -25.47 -30.44 79.44
N GLN D 652 -26.25 -30.34 80.51
CA GLN D 652 -27.32 -31.30 80.74
C GLN D 652 -28.46 -31.05 79.76
N ASN D 653 -28.92 -32.12 79.11
CA ASN D 653 -30.07 -32.01 78.24
C ASN D 653 -31.34 -31.81 79.06
N PRO D 654 -32.36 -31.20 78.48
CA PRO D 654 -33.63 -31.06 79.20
C PRO D 654 -34.37 -32.38 79.33
N LYS D 655 -35.33 -32.39 80.24
CA LYS D 655 -36.04 -33.60 80.59
C LYS D 655 -37.08 -33.91 79.51
N GLY D 656 -37.41 -35.19 79.36
CA GLY D 656 -38.52 -35.53 78.49
C GLY D 656 -38.21 -35.54 77.00
N THR D 657 -38.93 -36.38 76.27
CA THR D 657 -38.76 -36.44 74.82
C THR D 657 -39.43 -35.28 74.10
N THR D 658 -40.39 -34.61 74.76
CA THR D 658 -41.04 -33.46 74.15
C THR D 658 -40.14 -32.24 74.08
N SER D 659 -39.14 -32.14 74.95
CA SER D 659 -38.19 -31.04 74.83
C SER D 659 -37.18 -31.29 73.73
N LYS D 660 -37.04 -32.54 73.29
CA LYS D 660 -36.00 -32.93 72.35
C LYS D 660 -36.25 -32.45 70.92
N ILE D 661 -37.42 -31.88 70.62
CA ILE D 661 -37.73 -31.57 69.24
C ILE D 661 -37.06 -30.26 68.82
N MET D 662 -37.19 -29.21 69.64
CA MET D 662 -36.78 -27.88 69.22
C MET D 662 -35.27 -27.76 69.12
N VAL D 663 -34.54 -28.46 70.01
CA VAL D 663 -33.09 -28.56 69.88
C VAL D 663 -32.71 -29.27 68.58
N SER D 664 -33.48 -30.29 68.18
CA SER D 664 -33.21 -30.94 66.90
C SER D 664 -33.58 -30.08 65.70
N VAL D 665 -34.43 -29.07 65.88
CA VAL D 665 -34.58 -28.05 64.83
C VAL D 665 -33.42 -27.07 64.86
N TRP D 666 -33.00 -26.68 66.06
CA TRP D 666 -31.94 -25.69 66.22
C TRP D 666 -30.60 -26.19 65.69
N ALA D 667 -30.33 -27.49 65.87
CA ALA D 667 -29.15 -28.09 65.27
C ALA D 667 -29.15 -28.01 63.75
N PHE D 668 -30.32 -28.21 63.13
CA PHE D 668 -30.40 -28.03 61.68
C PHE D 668 -30.32 -26.57 61.29
N PHE D 669 -30.69 -25.66 62.19
CA PHE D 669 -30.44 -24.26 61.93
C PHE D 669 -28.97 -23.92 62.09
N ALA D 670 -28.28 -24.70 62.92
CA ALA D 670 -26.88 -24.41 63.21
C ALA D 670 -26.06 -24.87 62.02
N VAL D 671 -26.37 -26.07 61.52
CA VAL D 671 -25.60 -26.63 60.42
C VAL D 671 -25.86 -25.80 59.17
N ILE D 672 -27.09 -25.26 59.01
CA ILE D 672 -27.31 -24.35 57.89
C ILE D 672 -26.54 -23.05 58.12
N PHE D 673 -26.42 -22.64 59.39
CA PHE D 673 -25.90 -21.33 59.75
C PHE D 673 -24.40 -21.24 59.53
N LEU D 674 -23.66 -22.11 60.20
CA LEU D 674 -22.21 -22.02 60.16
C LEU D 674 -21.69 -22.34 58.75
N ALA D 675 -22.30 -23.30 58.07
CA ALA D 675 -21.96 -23.56 56.67
C ALA D 675 -22.30 -22.39 55.75
N SER D 676 -23.30 -21.58 56.12
CA SER D 676 -23.52 -20.32 55.42
C SER D 676 -22.40 -19.32 55.69
N TYR D 677 -22.06 -19.12 56.96
CA TYR D 677 -21.13 -18.03 57.26
C TYR D 677 -19.72 -18.38 56.77
N THR D 678 -19.36 -19.67 56.81
CA THR D 678 -18.11 -20.12 56.22
C THR D 678 -18.16 -20.00 54.71
N ALA D 679 -19.35 -20.16 54.12
CA ALA D 679 -19.47 -20.09 52.68
C ALA D 679 -19.24 -18.66 52.23
N ASN D 680 -20.00 -17.72 52.80
CA ASN D 680 -19.90 -16.31 52.44
C ASN D 680 -18.49 -15.77 52.70
N LEU D 681 -17.90 -16.13 53.86
CA LEU D 681 -16.52 -15.73 54.15
C LEU D 681 -15.51 -16.31 53.16
N ALA D 682 -15.67 -17.58 52.78
CA ALA D 682 -14.81 -18.18 51.76
C ALA D 682 -15.06 -17.62 50.37
N ALA D 683 -16.25 -17.11 50.10
CA ALA D 683 -16.44 -16.38 48.86
C ALA D 683 -15.75 -15.03 48.93
N PHE D 684 -15.70 -14.44 50.12
CA PHE D 684 -15.28 -13.05 50.25
C PHE D 684 -13.77 -12.93 50.20
N MET D 685 -13.06 -13.88 50.79
CA MET D 685 -11.62 -13.74 50.95
C MET D 685 -10.81 -14.31 49.79
N ILE D 686 -11.43 -14.64 48.66
CA ILE D 686 -10.66 -15.03 47.47
C ILE D 686 -11.10 -14.20 46.28
N GLN D 687 -11.79 -13.10 46.55
CA GLN D 687 -12.15 -12.15 45.50
C GLN D 687 -11.82 -10.71 45.85
N GLU D 688 -11.28 -10.45 47.03
CA GLU D 688 -11.05 -9.07 47.45
C GLU D 688 -9.66 -8.60 47.00
N GLU D 689 -9.62 -7.36 46.56
CA GLU D 689 -8.46 -6.76 45.92
C GLU D 689 -7.64 -5.92 46.89
N TYR D 690 -6.33 -5.89 46.65
CA TYR D 690 -5.41 -5.09 47.44
C TYR D 690 -5.64 -3.61 47.19
N VAL D 691 -5.63 -2.81 48.26
CA VAL D 691 -6.00 -1.40 48.19
C VAL D 691 -4.79 -0.56 48.60
N ASP D 692 -3.96 -0.23 47.60
CA ASP D 692 -3.44 1.11 47.32
C ASP D 692 -3.20 2.02 48.53
N GLN D 693 -2.31 1.60 49.43
CA GLN D 693 -2.18 2.18 50.76
C GLN D 693 -1.76 3.66 50.73
N VAL D 694 -1.20 4.15 49.63
CA VAL D 694 -0.94 5.57 49.43
C VAL D 694 -1.76 6.04 48.23
N SER D 695 -2.41 7.19 48.34
CA SER D 695 -3.23 7.72 47.27
C SER D 695 -3.14 9.24 47.23
N GLY D 696 -2.77 9.78 46.07
CA GLY D 696 -2.69 11.20 45.84
C GLY D 696 -1.47 11.86 46.45
N LEU D 697 -1.13 13.02 45.90
CA LEU D 697 0.00 13.80 46.40
C LEU D 697 -0.38 14.70 47.55
N SER D 698 -1.65 14.75 47.92
CA SER D 698 -2.13 15.57 49.02
C SER D 698 -2.14 14.81 50.33
N ASP D 699 -1.62 13.60 50.35
CA ASP D 699 -1.60 12.80 51.56
C ASP D 699 -0.53 13.32 52.52
N LYS D 700 -0.70 12.97 53.81
CA LYS D 700 0.28 13.36 54.82
C LYS D 700 1.60 12.65 54.61
N LYS D 701 1.56 11.48 53.96
CA LYS D 701 2.79 10.76 53.64
C LYS D 701 3.60 11.54 52.61
N PHE D 702 2.92 12.16 51.66
CA PHE D 702 3.56 12.99 50.65
C PHE D 702 3.75 14.42 51.11
N GLN D 703 3.25 14.78 52.30
CA GLN D 703 3.63 16.02 52.95
C GLN D 703 4.93 15.80 53.71
N ARG D 704 5.24 16.72 54.62
CA ARG D 704 6.43 16.66 55.46
C ARG D 704 6.43 15.37 56.28
N PRO D 705 7.35 14.44 56.01
CA PRO D 705 7.28 13.12 56.67
C PRO D 705 7.82 13.15 58.10
N ASN D 706 6.96 13.59 59.00
CA ASN D 706 7.30 13.81 60.40
C ASN D 706 7.22 12.52 61.20
N ASP D 707 6.03 11.91 61.26
CA ASP D 707 5.66 10.94 62.28
C ASP D 707 5.86 9.50 61.82
N PHE D 708 6.89 9.24 61.02
CA PHE D 708 7.01 7.96 60.34
C PHE D 708 8.37 7.36 60.66
N SER D 709 8.35 6.20 61.33
CA SER D 709 9.52 5.35 61.44
C SER D 709 10.00 5.03 60.02
N PRO D 710 11.31 4.82 59.81
CA PRO D 710 12.10 5.71 58.90
C PRO D 710 11.26 6.27 57.77
N PRO D 711 11.25 7.61 57.61
CA PRO D 711 10.20 8.25 56.81
C PRO D 711 10.31 8.06 55.31
N PHE D 712 9.33 8.62 54.59
CA PHE D 712 9.19 8.39 53.17
C PHE D 712 10.32 9.05 52.38
N ARG D 713 10.79 8.34 51.36
CA ARG D 713 11.88 8.79 50.50
C ARG D 713 11.36 8.86 49.08
N PHE D 714 11.24 10.08 48.57
CA PHE D 714 10.72 10.34 47.23
C PHE D 714 11.87 10.52 46.27
N GLY D 715 11.79 9.86 45.12
CA GLY D 715 12.80 9.97 44.09
C GLY D 715 12.31 10.80 42.93
N THR D 716 13.26 11.52 42.32
CA THR D 716 13.03 12.31 41.12
C THR D 716 14.37 12.55 40.44
N VAL D 717 14.31 12.91 39.16
CA VAL D 717 15.49 13.29 38.40
C VAL D 717 15.59 14.81 38.46
N PRO D 718 16.69 15.37 38.93
CA PRO D 718 16.71 16.79 39.33
C PRO D 718 16.96 17.76 38.19
N ASN D 719 16.86 17.35 36.94
CA ASN D 719 17.03 18.25 35.80
C ASN D 719 15.92 18.00 34.80
N GLY D 720 15.00 18.94 34.68
CA GLY D 720 13.91 18.79 33.73
C GLY D 720 12.69 19.61 34.14
N SER D 721 11.55 19.16 33.66
CA SER D 721 10.29 19.90 33.81
C SER D 721 9.61 19.64 35.14
N THR D 722 9.70 18.40 35.64
CA THR D 722 8.99 18.05 36.88
C THR D 722 9.60 18.74 38.08
N GLU D 723 10.91 19.00 38.07
CA GLU D 723 11.53 19.76 39.14
C GLU D 723 11.04 21.20 39.13
N ARG D 724 10.96 21.81 37.94
CA ARG D 724 10.51 23.18 37.83
C ARG D 724 9.02 23.32 38.07
N ASN D 725 8.26 22.23 37.96
CA ASN D 725 6.85 22.28 38.34
C ASN D 725 6.69 22.08 39.83
N ILE D 726 7.55 21.27 40.45
CA ILE D 726 7.39 20.95 41.87
C ILE D 726 8.03 22.03 42.73
N ARG D 727 8.86 22.88 42.14
CA ARG D 727 9.48 23.96 42.88
C ARG D 727 8.59 25.18 42.95
N ASN D 728 7.46 25.16 42.24
CA ASN D 728 6.56 26.30 42.22
C ASN D 728 5.24 26.00 42.93
N ASN D 729 5.09 24.81 43.50
CA ASN D 729 3.88 24.50 44.23
C ASN D 729 4.15 24.03 45.65
N TYR D 730 5.19 23.22 45.84
CA TYR D 730 5.57 22.68 47.14
C TYR D 730 7.08 22.86 47.30
N ALA D 731 7.47 23.93 47.99
CA ALA D 731 8.90 24.23 48.13
C ALA D 731 9.57 23.26 49.09
N GLU D 732 8.95 23.00 50.24
CA GLU D 732 9.56 22.11 51.23
C GLU D 732 9.60 20.67 50.78
N MET D 733 8.73 20.28 49.83
CA MET D 733 8.76 18.93 49.27
C MET D 733 10.05 18.68 48.52
N HIS D 734 10.39 19.56 47.58
CA HIS D 734 11.63 19.41 46.86
C HIS D 734 12.84 19.78 47.72
N ALA D 735 12.64 20.63 48.73
CA ALA D 735 13.71 20.91 49.69
C ALA D 735 14.08 19.66 50.48
N TYR D 736 13.11 18.80 50.75
CA TYR D 736 13.41 17.50 51.34
C TYR D 736 13.90 16.51 50.29
N MET D 737 13.38 16.59 49.07
CA MET D 737 13.76 15.65 48.03
C MET D 737 15.15 15.90 47.48
N GLY D 738 15.75 17.06 47.76
CA GLY D 738 17.06 17.41 47.25
C GLY D 738 18.16 16.47 47.73
N LYS D 739 17.93 15.76 48.83
CA LYS D 739 18.86 14.76 49.31
C LYS D 739 18.66 13.43 48.62
N PHE D 740 17.60 13.30 47.81
CA PHE D 740 17.25 12.01 47.24
C PHE D 740 17.25 12.10 45.72
N ASN D 741 18.29 12.70 45.15
CA ASN D 741 18.35 12.80 43.70
C ASN D 741 18.70 11.46 43.08
N GLN D 742 18.27 11.25 41.84
CA GLN D 742 18.61 10.05 41.11
C GLN D 742 19.31 10.42 39.82
N ARG D 743 20.11 9.48 39.31
CA ARG D 743 20.95 9.75 38.15
C ARG D 743 20.50 9.00 36.92
N GLY D 744 19.31 8.41 36.96
CA GLY D 744 18.83 7.62 35.84
C GLY D 744 17.60 6.81 36.17
N VAL D 745 16.89 6.36 35.12
CA VAL D 745 15.62 5.67 35.32
C VAL D 745 15.87 4.28 35.88
N ASP D 746 16.83 3.57 35.29
CA ASP D 746 17.18 2.23 35.78
C ASP D 746 17.86 2.30 37.13
N ASP D 747 18.60 3.39 37.40
CA ASP D 747 19.14 3.55 38.74
C ASP D 747 18.04 3.84 39.75
N ALA D 748 16.96 4.49 39.31
CA ALA D 748 15.79 4.65 40.16
C ALA D 748 15.09 3.34 40.44
N LEU D 749 15.01 2.45 39.44
CA LEU D 749 14.41 1.14 39.68
C LEU D 749 15.27 0.27 40.58
N LEU D 750 16.60 0.32 40.38
CA LEU D 750 17.51 -0.42 41.24
C LEU D 750 17.52 0.13 42.66
N SER D 751 17.35 1.44 42.83
CA SER D 751 17.22 1.99 44.17
C SER D 751 15.86 1.69 44.78
N LEU D 752 14.84 1.46 43.95
CA LEU D 752 13.54 1.10 44.51
C LEU D 752 13.47 -0.36 44.86
N LYS D 753 14.25 -1.21 44.18
CA LYS D 753 14.21 -2.64 44.44
C LYS D 753 15.07 -3.02 45.64
N THR D 754 16.07 -2.22 45.97
CA THR D 754 16.98 -2.54 47.06
C THR D 754 16.60 -1.84 48.35
N GLY D 755 15.39 -1.30 48.43
CA GLY D 755 14.96 -0.61 49.63
C GLY D 755 15.57 0.76 49.83
N LYS D 756 16.30 1.28 48.85
CA LYS D 756 16.92 2.59 49.00
C LYS D 756 15.93 3.73 48.76
N LEU D 757 14.81 3.45 48.09
CA LEU D 757 13.82 4.45 47.74
C LEU D 757 12.43 3.87 47.97
N ASP D 758 11.55 4.70 48.49
CA ASP D 758 10.18 4.29 48.79
C ASP D 758 9.24 4.58 47.63
N ALA D 759 9.41 5.70 46.96
CA ALA D 759 8.55 6.08 45.85
C ALA D 759 9.30 6.96 44.88
N PHE D 760 8.86 6.93 43.62
CA PHE D 760 9.53 7.63 42.53
C PHE D 760 8.50 8.46 41.81
N ILE D 761 8.89 9.64 41.35
CA ILE D 761 7.99 10.56 40.67
C ILE D 761 8.62 10.97 39.36
N TYR D 762 7.90 10.76 38.26
CA TYR D 762 8.44 11.03 36.93
C TYR D 762 7.25 11.21 35.99
N ASP D 763 7.52 11.20 34.68
CA ASP D 763 6.49 11.34 33.68
C ASP D 763 5.61 10.10 33.63
N ALA D 764 4.45 10.25 33.00
CA ALA D 764 3.48 9.16 33.02
C ALA D 764 3.79 8.08 31.98
N ALA D 765 4.24 8.48 30.79
CA ALA D 765 4.39 7.51 29.72
C ALA D 765 5.58 6.58 29.94
N VAL D 766 6.71 7.14 30.39
CA VAL D 766 7.89 6.32 30.64
C VAL D 766 7.66 5.38 31.83
N LEU D 767 6.94 5.86 32.84
CA LEU D 767 6.64 5.03 33.99
C LEU D 767 5.63 3.95 33.64
N ASN D 768 4.66 4.28 32.79
CA ASN D 768 3.69 3.29 32.35
C ASN D 768 4.29 2.28 31.39
N TYR D 769 5.38 2.64 30.69
CA TYR D 769 6.10 1.63 29.94
C TYR D 769 6.88 0.72 30.88
N MET D 770 7.68 1.32 31.78
CA MET D 770 8.53 0.50 32.63
C MET D 770 7.75 -0.27 33.68
N ALA D 771 6.48 0.09 33.92
CA ALA D 771 5.62 -0.75 34.73
C ALA D 771 5.28 -2.02 33.99
N GLY D 772 5.22 -1.95 32.66
CA GLY D 772 4.79 -3.07 31.86
C GLY D 772 5.94 -3.86 31.35
N ARG D 773 7.17 -3.41 31.60
CA ARG D 773 8.34 -4.07 31.06
C ARG D 773 9.31 -4.50 32.16
N ASP D 774 8.82 -4.63 33.39
CA ASP D 774 9.62 -5.24 34.44
C ASP D 774 9.54 -6.76 34.32
N GLU D 775 10.57 -7.44 34.82
CA GLU D 775 10.60 -8.90 34.71
C GLU D 775 9.53 -9.56 35.57
N GLY D 776 9.23 -9.00 36.74
CA GLY D 776 8.04 -9.34 37.48
C GLY D 776 6.96 -8.31 37.21
N CYS D 777 5.75 -8.63 37.64
CA CYS D 777 4.67 -7.66 37.48
C CYS D 777 3.97 -7.44 38.82
N LYS D 778 4.79 -7.15 39.83
CA LYS D 778 4.33 -6.72 41.15
C LYS D 778 3.83 -5.28 41.10
N LEU D 779 3.62 -4.68 42.26
CA LEU D 779 2.91 -3.40 42.35
C LEU D 779 3.73 -2.27 41.72
N VAL D 780 3.04 -1.34 41.07
CA VAL D 780 3.74 -0.38 40.21
C VAL D 780 3.42 1.07 40.55
N THR D 781 2.19 1.51 40.33
CA THR D 781 1.84 2.92 40.34
C THR D 781 0.60 3.15 41.20
N ILE D 782 0.55 4.34 41.80
CA ILE D 782 -0.54 4.70 42.70
C ILE D 782 -1.82 4.91 41.90
N GLY D 783 -2.89 4.26 42.34
CA GLY D 783 -4.15 4.25 41.61
C GLY D 783 -4.08 3.38 40.38
N SER D 784 -4.61 3.89 39.26
CA SER D 784 -4.46 3.24 37.97
C SER D 784 -3.71 4.12 36.97
N GLY D 785 -4.20 5.33 36.71
CA GLY D 785 -3.54 6.23 35.79
C GLY D 785 -3.66 7.67 36.22
N LYS D 786 -3.93 7.88 37.51
CA LYS D 786 -4.13 9.21 38.06
C LYS D 786 -2.85 10.02 37.95
N VAL D 787 -2.86 11.05 37.12
CA VAL D 787 -1.71 11.92 36.91
C VAL D 787 -2.00 13.24 37.57
N PHE D 788 -0.94 13.93 38.00
CA PHE D 788 -1.12 15.16 38.74
C PHE D 788 -1.33 16.35 37.81
N ALA D 789 -0.39 16.61 36.92
CA ALA D 789 -0.45 17.75 36.01
C ALA D 789 -0.53 17.21 34.58
N SER D 790 -1.75 17.02 34.10
CA SER D 790 -1.98 16.42 32.80
C SER D 790 -1.57 17.38 31.69
N THR D 791 -0.60 16.97 30.89
CA THR D 791 -0.14 17.75 29.73
C THR D 791 0.09 16.77 28.58
N GLY D 792 0.79 17.24 27.54
CA GLY D 792 1.08 16.41 26.40
C GLY D 792 2.53 16.52 25.98
N TYR D 793 2.89 15.68 25.02
CA TYR D 793 4.13 15.85 24.27
C TYR D 793 3.89 16.77 23.09
N GLY D 794 4.93 16.97 22.28
CA GLY D 794 4.81 17.83 21.14
C GLY D 794 6.06 17.79 20.29
N ILE D 795 6.08 18.68 19.30
CA ILE D 795 7.18 18.82 18.37
C ILE D 795 7.59 20.29 18.38
N ALA D 796 8.80 20.57 18.85
CA ALA D 796 9.21 21.97 18.85
C ALA D 796 9.63 22.40 17.45
N ILE D 797 9.58 23.70 17.24
CA ILE D 797 9.61 24.30 15.91
C ILE D 797 10.14 25.72 16.07
N GLN D 798 10.57 26.32 14.96
CA GLN D 798 10.97 27.72 14.99
C GLN D 798 9.74 28.57 15.31
N LYS D 799 9.96 29.66 16.04
CA LYS D 799 8.84 30.47 16.51
C LYS D 799 8.16 31.20 15.36
N ASP D 800 6.82 31.07 15.31
CA ASP D 800 5.90 31.55 14.29
C ASP D 800 6.37 31.36 12.85
N SER D 801 7.03 30.23 12.59
CA SER D 801 7.38 29.87 11.23
C SER D 801 6.14 29.41 10.46
N GLY D 802 6.22 29.48 9.13
CA GLY D 802 5.09 29.08 8.32
C GLY D 802 4.88 27.57 8.26
N TRP D 803 5.88 26.79 8.68
CA TRP D 803 5.80 25.34 8.60
C TRP D 803 5.05 24.75 9.78
N LYS D 804 4.53 25.59 10.66
CA LYS D 804 3.77 25.13 11.82
C LYS D 804 2.40 24.60 11.40
N ARG D 805 1.63 25.42 10.69
CA ARG D 805 0.24 25.13 10.33
C ARG D 805 0.09 23.92 9.43
N GLN D 806 1.13 23.55 8.68
CA GLN D 806 1.09 22.33 7.90
C GLN D 806 1.19 21.10 8.79
N VAL D 807 2.16 21.08 9.72
CA VAL D 807 2.29 19.91 10.59
C VAL D 807 1.06 19.83 11.49
N ASP D 808 0.52 21.00 11.90
CA ASP D 808 -0.74 21.07 12.63
C ASP D 808 -1.88 20.43 11.86
N LEU D 809 -1.85 20.50 10.53
CA LEU D 809 -2.86 19.76 9.78
C LEU D 809 -2.54 18.29 9.79
N ALA D 810 -1.27 17.95 9.54
CA ALA D 810 -0.91 16.59 9.16
C ALA D 810 -1.06 15.64 10.36
N ILE D 811 -0.66 16.12 11.54
CA ILE D 811 -0.84 15.37 12.78
C ILE D 811 -2.31 15.07 13.03
N LEU D 812 -3.18 16.06 12.84
CA LEU D 812 -4.61 15.80 12.97
C LEU D 812 -5.10 14.80 11.94
N GLN D 813 -4.51 14.80 10.74
CA GLN D 813 -4.88 13.79 9.76
C GLN D 813 -4.50 12.40 10.25
N LEU D 814 -3.36 12.31 10.96
CA LEU D 814 -2.92 11.06 11.56
C LEU D 814 -3.89 10.61 12.62
N PHE D 815 -4.41 11.57 13.38
CA PHE D 815 -5.46 11.28 14.35
C PHE D 815 -6.71 10.85 13.62
N GLY D 816 -6.88 11.32 12.38
CA GLY D 816 -8.01 10.92 11.57
C GLY D 816 -7.91 9.53 11.00
N ASP D 817 -6.72 8.90 11.01
CA ASP D 817 -6.62 7.61 10.35
C ASP D 817 -6.42 6.43 11.29
N GLY D 818 -6.22 6.65 12.59
CA GLY D 818 -5.96 5.51 13.46
C GLY D 818 -4.62 4.83 13.38
N GLU D 819 -3.60 5.46 12.79
CA GLU D 819 -2.31 4.79 12.62
C GLU D 819 -1.46 4.74 13.88
N MET D 820 -1.83 5.43 14.95
CA MET D 820 -1.11 5.24 16.21
C MET D 820 -1.40 3.88 16.83
N GLU D 821 -2.64 3.42 16.74
CA GLU D 821 -2.91 2.05 17.20
C GLU D 821 -2.34 1.00 16.27
N GLU D 822 -2.02 1.35 15.02
CA GLU D 822 -1.22 0.44 14.21
C GLU D 822 0.25 0.53 14.57
N LEU D 823 0.68 1.67 15.09
CA LEU D 823 2.01 1.88 15.61
C LEU D 823 2.13 1.51 17.08
N GLU D 824 1.10 0.87 17.63
CA GLU D 824 1.12 0.42 19.02
C GLU D 824 2.03 -0.78 19.22
N ALA D 825 2.34 -1.52 18.16
CA ALA D 825 3.10 -2.77 18.26
C ALA D 825 4.57 -2.55 18.63
N LEU D 826 5.02 -1.30 18.71
CA LEU D 826 6.38 -0.95 19.09
C LEU D 826 6.38 -0.07 20.33
N TRP D 827 5.22 0.38 20.79
CA TRP D 827 5.06 1.69 21.40
C TRP D 827 4.83 1.60 22.90
N LEU D 828 3.74 0.95 23.33
CA LEU D 828 3.45 0.87 24.76
C LEU D 828 2.88 -0.48 25.17
N THR D 829 2.92 -1.49 24.31
CA THR D 829 2.35 -2.76 24.74
C THR D 829 3.34 -3.46 25.67
N GLY D 830 2.83 -4.43 26.41
CA GLY D 830 3.69 -5.11 27.35
C GLY D 830 3.06 -6.32 27.99
N ILE D 831 3.62 -6.67 29.14
CA ILE D 831 3.26 -7.85 29.92
C ILE D 831 2.78 -7.38 31.28
N CYS D 832 1.64 -7.91 31.72
CA CYS D 832 1.01 -7.60 33.02
C CYS D 832 0.66 -6.11 33.15
N HIS D 833 -0.26 -5.68 32.31
CA HIS D 833 -0.82 -4.34 32.43
C HIS D 833 -2.14 -4.39 33.21
N ASN D 834 -2.00 -4.76 34.49
CA ASN D 834 -3.11 -4.99 35.42
C ASN D 834 -4.11 -6.00 34.86
N GLU D 835 -3.58 -7.02 34.19
CA GLU D 835 -4.41 -7.98 33.47
C GLU D 835 -4.84 -9.12 34.39
N SER D 842 -0.04 -15.06 51.60
CA SER D 842 0.25 -15.55 52.95
C SER D 842 -0.16 -14.52 53.99
N GLN D 843 -0.82 -14.99 55.05
CA GLN D 843 -1.38 -14.11 56.07
C GLN D 843 -0.45 -14.04 57.28
N LEU D 844 0.72 -13.46 57.00
CA LEU D 844 1.50 -12.78 58.02
C LEU D 844 0.84 -11.48 58.43
N ASP D 845 -0.02 -10.93 57.55
CA ASP D 845 -0.87 -9.79 57.81
C ASP D 845 -2.22 -10.19 58.43
N ILE D 846 -2.26 -11.34 59.12
CA ILE D 846 -3.47 -11.75 59.81
C ILE D 846 -3.60 -11.06 61.16
N ASP D 847 -2.58 -10.32 61.56
CA ASP D 847 -2.52 -9.44 62.73
C ASP D 847 -3.44 -8.21 62.61
N ASN D 848 -4.19 -8.07 61.53
CA ASN D 848 -5.35 -7.19 61.38
C ASN D 848 -6.56 -7.62 62.20
N MET D 849 -6.49 -8.75 62.90
CA MET D 849 -7.54 -9.25 63.79
C MET D 849 -7.74 -8.42 65.04
N ALA D 850 -7.02 -7.29 65.20
CA ALA D 850 -7.13 -6.47 66.39
C ALA D 850 -8.54 -5.94 66.62
N GLY D 851 -9.35 -5.79 65.56
CA GLY D 851 -10.75 -5.43 65.75
C GLY D 851 -11.54 -6.44 66.57
N VAL D 852 -11.34 -7.74 66.29
CA VAL D 852 -11.98 -8.75 67.12
C VAL D 852 -11.27 -8.94 68.44
N PHE D 853 -9.98 -8.60 68.52
CA PHE D 853 -9.35 -8.46 69.83
C PHE D 853 -9.92 -7.30 70.64
N TYR D 854 -10.33 -6.22 69.99
CA TYR D 854 -11.09 -5.16 70.64
C TYR D 854 -12.48 -5.63 71.03
N MET D 855 -13.03 -6.60 70.29
CA MET D 855 -14.29 -7.21 70.69
C MET D 855 -14.09 -8.23 71.80
N LEU D 856 -12.84 -8.61 72.04
CA LEU D 856 -12.49 -9.47 73.17
C LEU D 856 -12.42 -8.57 74.39
N GLY D 857 -11.50 -7.60 74.36
CA GLY D 857 -11.20 -6.81 75.54
C GLY D 857 -12.35 -5.92 75.97
N ALA D 858 -13.24 -5.54 75.04
CA ALA D 858 -14.46 -4.83 75.44
C ALA D 858 -15.32 -5.69 76.36
N ALA D 859 -15.45 -6.98 76.03
CA ALA D 859 -16.09 -7.93 76.95
C ALA D 859 -15.30 -8.14 78.22
N MET D 860 -13.97 -8.08 78.13
CA MET D 860 -13.14 -8.11 79.34
C MET D 860 -13.32 -6.87 80.23
N ALA D 861 -13.76 -5.75 79.65
CA ALA D 861 -14.25 -4.63 80.45
C ALA D 861 -15.61 -4.96 81.08
N LEU D 862 -16.54 -5.46 80.26
CA LEU D 862 -17.92 -5.63 80.71
C LEU D 862 -18.02 -6.70 81.81
N SER D 863 -17.15 -7.70 81.77
CA SER D 863 -17.12 -8.70 82.84
C SER D 863 -16.70 -8.11 84.18
N LEU D 864 -15.88 -7.06 84.15
CA LEU D 864 -15.60 -6.31 85.38
C LEU D 864 -16.79 -5.47 85.75
N ILE D 865 -17.47 -4.92 84.74
CA ILE D 865 -18.58 -4.01 85.01
C ILE D 865 -19.70 -4.77 85.71
N THR D 866 -20.08 -5.92 85.13
CA THR D 866 -21.01 -6.83 85.78
C THR D 866 -20.49 -7.34 87.13
N PHE D 867 -19.17 -7.52 87.28
CA PHE D 867 -18.65 -7.85 88.61
C PHE D 867 -18.96 -6.77 89.64
N ILE D 868 -18.85 -5.50 89.23
CA ILE D 868 -19.20 -4.38 90.10
C ILE D 868 -20.71 -4.39 90.40
N SER D 869 -21.54 -4.67 89.40
CA SER D 869 -22.97 -4.76 89.68
C SER D 869 -23.36 -6.09 90.30
N GLU D 870 -22.40 -6.98 90.54
CA GLU D 870 -22.58 -8.12 91.42
C GLU D 870 -22.21 -7.80 92.87
N HIS D 871 -22.13 -6.52 93.21
CA HIS D 871 -22.10 -6.08 94.60
C HIS D 871 -23.45 -5.54 95.06
N LEU D 872 -24.51 -5.79 94.29
CA LEU D 872 -25.81 -5.17 94.53
C LEU D 872 -26.71 -6.01 95.42
N PHE D 873 -26.36 -7.28 95.68
CA PHE D 873 -27.05 -8.01 96.73
C PHE D 873 -26.56 -7.60 98.11
N TYR D 874 -25.42 -6.92 98.20
CA TYR D 874 -24.96 -6.34 99.45
C TYR D 874 -25.91 -5.25 99.93
N TRP D 875 -26.58 -4.56 99.00
CA TRP D 875 -27.63 -3.62 99.32
C TRP D 875 -29.03 -4.20 99.16
N GLN D 876 -29.15 -5.41 98.63
CA GLN D 876 -30.44 -6.07 98.47
C GLN D 876 -30.47 -7.40 99.21
N VAL E 2 80.68 13.86 -17.70
CA VAL E 2 81.12 12.86 -16.74
C VAL E 2 82.49 12.27 -17.13
N LYS E 3 83.44 12.39 -16.22
CA LYS E 3 84.79 11.92 -16.42
C LYS E 3 85.26 11.14 -15.19
N LEU E 4 86.05 10.10 -15.45
CA LEU E 4 86.48 9.15 -14.43
C LEU E 4 87.97 9.35 -14.18
N GLN E 5 88.39 9.07 -12.95
CA GLN E 5 89.78 9.27 -12.54
C GLN E 5 90.12 8.30 -11.43
N GLU E 6 91.13 7.47 -11.66
CA GLU E 6 91.50 6.43 -10.72
C GLU E 6 92.48 6.97 -9.69
N SER E 7 92.45 6.37 -8.51
CA SER E 7 93.39 6.68 -7.44
C SER E 7 93.64 5.43 -6.63
N GLY E 8 94.69 5.48 -5.82
CA GLY E 8 95.02 4.36 -4.97
C GLY E 8 95.81 3.31 -5.74
N GLY E 9 96.88 3.74 -6.41
CA GLY E 9 97.64 2.85 -7.26
C GLY E 9 98.91 2.39 -6.55
N GLY E 10 99.17 1.10 -6.66
CA GLY E 10 100.38 0.50 -6.13
C GLY E 10 100.20 -0.98 -5.95
N LEU E 11 101.33 -1.67 -5.85
CA LEU E 11 101.33 -3.06 -5.40
C LEU E 11 102.56 -3.27 -4.51
N VAL E 12 102.73 -2.34 -3.56
CA VAL E 12 103.91 -2.21 -2.71
C VAL E 12 104.15 -3.40 -1.78
N GLN E 13 103.09 -4.13 -1.40
CA GLN E 13 103.30 -5.37 -0.66
C GLN E 13 103.19 -6.60 -1.55
N PRO E 14 104.28 -7.38 -1.72
CA PRO E 14 104.19 -8.62 -2.50
C PRO E 14 103.35 -9.68 -1.80
N GLY E 15 102.19 -9.97 -2.36
CA GLY E 15 101.17 -10.76 -1.72
C GLY E 15 100.23 -9.97 -0.83
N GLY E 16 100.24 -8.64 -0.94
CA GLY E 16 99.45 -7.78 -0.08
C GLY E 16 98.02 -7.59 -0.55
N SER E 17 97.48 -6.41 -0.24
CA SER E 17 96.11 -6.04 -0.55
C SER E 17 96.06 -4.54 -0.74
N LEU E 18 95.75 -4.09 -1.96
CA LEU E 18 95.73 -2.67 -2.28
C LEU E 18 94.35 -2.31 -2.80
N LYS E 19 93.60 -1.54 -1.99
CA LYS E 19 92.27 -1.07 -2.35
C LYS E 19 92.37 0.09 -3.31
N LEU E 20 92.23 -0.18 -4.60
CA LEU E 20 92.25 0.88 -5.60
C LEU E 20 90.84 1.41 -5.80
N SER E 21 90.76 2.59 -6.42
CA SER E 21 89.50 3.28 -6.59
C SER E 21 89.51 4.04 -7.90
N CYS E 22 88.32 4.48 -8.32
CA CYS E 22 88.17 5.34 -9.48
C CYS E 22 87.02 6.30 -9.20
N ALA E 23 87.37 7.57 -9.01
CA ALA E 23 86.40 8.62 -8.69
C ALA E 23 85.87 9.25 -9.98
N ALA E 24 84.59 9.60 -9.95
CA ALA E 24 83.88 10.12 -11.11
C ALA E 24 83.39 11.53 -10.82
N SER E 25 83.22 12.32 -11.88
CA SER E 25 82.72 13.67 -11.75
C SER E 25 81.71 14.01 -12.83
N THR E 28 76.37 10.66 -13.70
CA THR E 28 75.70 10.59 -12.41
C THR E 28 76.21 9.42 -11.58
N PHE E 29 76.46 8.28 -12.26
CA PHE E 29 77.29 7.16 -11.82
C PHE E 29 76.61 6.32 -10.74
N SER E 30 75.48 6.78 -10.19
CA SER E 30 74.75 6.00 -9.20
C SER E 30 73.81 5.00 -9.86
N SER E 31 73.36 5.27 -11.08
CA SER E 31 72.57 4.34 -11.86
C SER E 31 73.45 3.46 -12.73
N TYR E 32 74.76 3.53 -12.53
CA TYR E 32 75.73 2.99 -13.48
C TYR E 32 76.61 1.94 -12.81
N THR E 33 76.75 0.80 -13.48
CA THR E 33 77.54 -0.31 -12.99
C THR E 33 79.03 -0.04 -13.21
N MET E 34 79.85 -1.00 -12.79
CA MET E 34 81.30 -0.88 -12.87
C MET E 34 81.90 -2.26 -13.11
N SER E 35 83.00 -2.27 -13.87
CA SER E 35 83.86 -3.42 -14.05
C SER E 35 85.20 -2.89 -14.51
N TRP E 36 86.29 -3.44 -13.98
CA TRP E 36 87.59 -2.88 -14.25
C TRP E 36 88.57 -4.01 -14.57
N VAL E 37 89.80 -3.60 -14.91
CA VAL E 37 90.60 -4.34 -15.87
C VAL E 37 92.09 -4.05 -15.70
N ARG E 38 92.91 -5.10 -15.67
CA ARG E 38 94.36 -4.98 -15.68
C ARG E 38 94.90 -5.31 -17.08
N GLN E 39 96.18 -5.01 -17.31
CA GLN E 39 96.81 -5.26 -18.60
C GLN E 39 98.04 -6.13 -18.43
N THR E 40 98.16 -7.14 -19.28
CA THR E 40 99.24 -8.12 -19.22
C THR E 40 100.53 -7.52 -19.79
N PRO E 41 101.64 -8.26 -19.77
CA PRO E 41 102.71 -7.98 -20.74
C PRO E 41 102.29 -8.10 -22.21
N GLU E 42 101.33 -8.95 -22.55
CA GLU E 42 100.68 -8.93 -23.85
C GLU E 42 99.59 -7.87 -23.94
N LYS E 43 99.35 -7.12 -22.85
CA LYS E 43 98.41 -6.01 -22.75
C LYS E 43 96.96 -6.43 -22.97
N ARG E 44 96.64 -7.72 -22.75
CA ARG E 44 95.27 -8.19 -22.82
C ARG E 44 94.44 -7.53 -21.74
N LEU E 45 93.40 -6.81 -22.13
CA LEU E 45 92.53 -6.16 -21.18
C LEU E 45 91.62 -7.14 -20.43
N GLU E 46 92.20 -7.94 -19.54
CA GLU E 46 91.47 -8.97 -18.82
C GLU E 46 90.65 -8.37 -17.69
N TRP E 47 89.50 -8.98 -17.41
CA TRP E 47 88.55 -8.44 -16.46
C TRP E 47 88.89 -8.87 -15.04
N VAL E 48 88.52 -8.03 -14.06
CA VAL E 48 88.85 -8.25 -12.65
C VAL E 48 87.60 -8.51 -11.82
N ALA E 49 86.67 -7.58 -11.79
CA ALA E 49 85.51 -7.71 -10.90
C ALA E 49 84.25 -7.21 -11.58
N TYR E 50 83.13 -7.41 -10.89
CA TYR E 50 81.81 -7.00 -11.35
C TYR E 50 80.99 -6.55 -10.16
N ILE E 51 80.39 -5.36 -10.26
CA ILE E 51 79.39 -4.91 -9.31
C ILE E 51 78.21 -4.32 -10.08
N SER E 52 77.11 -4.15 -9.37
CA SER E 52 75.95 -3.44 -9.87
C SER E 52 76.07 -1.96 -9.52
N ASN E 53 75.04 -1.20 -9.90
CA ASN E 53 74.95 0.16 -9.40
C ASN E 53 74.64 0.20 -7.91
N GLY E 54 73.93 -0.81 -7.40
CA GLY E 54 73.52 -0.82 -6.01
C GLY E 54 74.40 -1.68 -5.11
N GLY E 55 75.62 -1.95 -5.55
CA GLY E 55 76.59 -2.65 -4.73
C GLY E 55 76.52 -4.16 -4.80
N GLY E 56 75.34 -4.70 -5.11
CA GLY E 56 75.15 -6.14 -5.23
C GLY E 56 75.70 -6.67 -6.54
N GLY E 57 75.49 -7.97 -6.75
CA GLY E 57 75.95 -8.66 -7.94
C GLY E 57 77.45 -8.69 -8.04
N THR E 58 78.07 -9.12 -6.94
CA THR E 58 79.53 -9.10 -6.79
C THR E 58 80.11 -10.37 -7.39
N TYR E 59 80.77 -10.23 -8.55
CA TYR E 59 81.31 -11.39 -9.26
C TYR E 59 82.70 -11.07 -9.80
N TYR E 60 83.39 -12.12 -10.22
CA TYR E 60 84.69 -12.05 -10.87
C TYR E 60 84.72 -13.07 -12.00
N PRO E 61 85.67 -12.95 -12.94
CA PRO E 61 86.01 -14.07 -13.79
C PRO E 61 87.02 -14.97 -13.08
N ASP E 62 87.40 -16.07 -13.72
CA ASP E 62 88.13 -17.13 -13.05
C ASP E 62 89.61 -16.80 -12.80
N THR E 63 90.09 -15.62 -13.16
CA THR E 63 91.49 -15.31 -12.92
C THR E 63 91.76 -14.94 -11.46
N VAL E 64 90.90 -14.12 -10.84
CA VAL E 64 91.16 -13.58 -9.52
C VAL E 64 90.12 -14.01 -8.49
N LYS E 65 89.53 -15.19 -8.69
CA LYS E 65 88.52 -15.68 -7.76
C LYS E 65 89.14 -16.25 -6.48
N GLY E 66 88.50 -15.99 -5.35
CA GLY E 66 88.81 -16.63 -4.08
C GLY E 66 89.51 -15.76 -3.05
N ARG E 67 89.98 -14.58 -3.41
CA ARG E 67 90.82 -13.79 -2.51
C ARG E 67 90.35 -12.35 -2.34
N PHE E 68 89.30 -11.93 -3.05
CA PHE E 68 89.08 -10.53 -3.32
C PHE E 68 87.80 -10.07 -2.61
N THR E 69 87.89 -8.93 -1.93
CA THR E 69 86.79 -8.38 -1.16
C THR E 69 86.31 -7.08 -1.80
N ILE E 70 85.02 -7.01 -2.07
CA ILE E 70 84.46 -6.12 -3.08
C ILE E 70 83.35 -5.27 -2.45
N SER E 71 83.32 -3.98 -2.79
CA SER E 71 82.24 -3.07 -2.40
C SER E 71 82.28 -1.84 -3.29
N ARG E 72 81.29 -0.96 -3.11
CA ARG E 72 81.28 0.32 -3.79
C ARG E 72 80.54 1.35 -2.94
N ASP E 73 80.72 2.61 -3.30
CA ASP E 73 80.00 3.74 -2.69
C ASP E 73 79.64 4.73 -3.79
N ASN E 74 78.35 4.84 -4.11
CA ASN E 74 77.88 5.75 -5.14
C ASN E 74 77.74 7.19 -4.67
N ALA E 75 78.05 7.47 -3.41
CA ALA E 75 78.03 8.85 -2.92
C ALA E 75 79.29 9.59 -3.33
N LYS E 76 80.46 9.01 -3.05
CA LYS E 76 81.72 9.55 -3.54
C LYS E 76 82.07 9.10 -4.95
N ASN E 77 81.22 8.27 -5.58
CA ASN E 77 81.36 7.81 -6.97
C ASN E 77 82.67 7.03 -7.19
N THR E 78 82.93 6.08 -6.30
CA THR E 78 84.19 5.36 -6.26
C THR E 78 83.95 3.86 -6.16
N LEU E 79 84.92 3.08 -6.62
CA LEU E 79 84.92 1.64 -6.51
C LEU E 79 85.94 1.22 -5.46
N TYR E 80 85.78 0.00 -4.95
CA TYR E 80 86.69 -0.51 -3.93
C TYR E 80 86.90 -2.00 -4.13
N LEU E 81 88.15 -2.40 -4.40
CA LEU E 81 88.51 -3.80 -4.52
C LEU E 81 90.01 -3.91 -4.28
N GLN E 82 90.41 -4.85 -3.43
CA GLN E 82 91.80 -5.01 -3.05
C GLN E 82 92.47 -6.02 -3.98
N MET E 83 93.64 -5.67 -4.49
CA MET E 83 94.35 -6.50 -5.47
C MET E 83 95.28 -7.43 -4.73
N ASN E 84 95.10 -8.73 -4.92
CA ASN E 84 95.90 -9.73 -4.23
C ASN E 84 96.68 -10.64 -5.16
N SER E 85 96.05 -11.19 -6.19
CA SER E 85 96.68 -12.16 -7.08
C SER E 85 97.18 -11.55 -8.39
N LEU E 86 97.52 -10.26 -8.42
CA LEU E 86 98.22 -9.68 -9.55
C LEU E 86 99.75 -9.67 -9.39
N LYS E 87 100.29 -10.49 -8.50
CA LYS E 87 101.68 -10.36 -8.06
C LYS E 87 102.71 -10.90 -9.06
N GLU E 88 102.28 -11.34 -10.24
CA GLU E 88 103.21 -11.73 -11.30
C GLU E 88 103.25 -10.73 -12.44
N ASP E 89 102.50 -9.64 -12.35
CA ASP E 89 102.26 -8.75 -13.47
C ASP E 89 102.72 -7.34 -13.12
N THR E 90 103.09 -6.59 -14.15
CA THR E 90 103.43 -5.17 -14.05
C THR E 90 102.30 -4.32 -14.60
N ALA E 91 101.08 -4.72 -14.21
CA ALA E 91 99.84 -4.34 -14.85
C ALA E 91 99.57 -2.85 -14.75
N MET E 92 98.76 -2.35 -15.68
CA MET E 92 98.14 -1.04 -15.58
C MET E 92 96.65 -1.27 -15.50
N TYR E 93 96.00 -0.72 -14.48
CA TYR E 93 94.56 -0.78 -14.37
C TYR E 93 93.91 0.52 -14.79
N TYR E 94 92.76 0.42 -15.44
CA TYR E 94 91.87 1.56 -15.63
C TYR E 94 90.46 1.17 -15.22
N CYS E 95 89.62 2.17 -15.01
CA CYS E 95 88.22 2.01 -14.69
C CYS E 95 87.37 2.34 -15.92
N ALA E 96 86.23 1.67 -16.04
CA ALA E 96 85.39 1.82 -17.22
C ALA E 96 83.92 1.75 -16.81
N ARG E 97 83.21 2.85 -17.00
CA ARG E 97 81.79 2.96 -16.67
C ARG E 97 80.94 2.64 -17.90
N PRO E 98 80.34 1.46 -17.98
CA PRO E 98 79.55 1.10 -19.15
C PRO E 98 78.27 1.91 -19.25
N SER E 99 77.97 2.35 -20.46
CA SER E 99 76.89 3.29 -20.78
C SER E 99 75.51 2.67 -20.55
N ARG E 100 74.49 3.52 -20.71
CA ARG E 100 73.06 3.18 -20.64
C ARG E 100 72.60 2.61 -19.30
N GLY E 101 73.38 2.82 -18.23
CA GLY E 101 72.93 2.76 -16.85
C GLY E 101 72.44 1.41 -16.37
N GLY E 102 71.67 1.44 -15.28
CA GLY E 102 70.92 0.27 -14.87
C GLY E 102 71.81 -0.80 -14.23
N SER E 103 71.34 -2.04 -14.32
CA SER E 103 72.04 -3.20 -13.76
C SER E 103 72.65 -4.08 -14.83
N SER E 104 72.22 -3.90 -16.08
CA SER E 104 72.77 -4.53 -17.26
C SER E 104 74.06 -3.81 -17.67
N TYR E 105 74.69 -4.32 -18.72
CA TYR E 105 76.01 -3.91 -19.13
C TYR E 105 75.91 -3.42 -20.57
N TRP E 106 76.67 -2.38 -20.91
CA TRP E 106 76.71 -1.84 -22.27
C TRP E 106 78.14 -1.45 -22.62
N TYR E 107 78.27 -0.68 -23.70
CA TYR E 107 79.55 -0.37 -24.28
C TYR E 107 80.02 0.95 -23.67
N PHE E 108 81.16 0.92 -22.98
CA PHE E 108 81.82 2.14 -22.51
C PHE E 108 82.56 2.88 -23.63
N ASP E 109 82.09 4.08 -23.94
CA ASP E 109 83.02 5.15 -24.28
C ASP E 109 83.50 5.88 -23.04
N VAL E 110 82.85 5.64 -21.90
CA VAL E 110 83.18 6.25 -20.62
C VAL E 110 84.15 5.32 -19.91
N TRP E 111 85.44 5.48 -20.22
CA TRP E 111 86.51 4.79 -19.51
C TRP E 111 87.21 5.82 -18.62
N GLY E 112 88.18 5.36 -17.82
CA GLY E 112 88.85 6.24 -16.89
C GLY E 112 90.11 6.93 -17.37
N ALA E 113 91.21 6.80 -16.61
CA ALA E 113 92.48 7.42 -16.94
C ALA E 113 93.64 6.44 -17.03
N GLY E 114 93.69 5.45 -16.14
CA GLY E 114 94.70 4.41 -16.21
C GLY E 114 95.96 4.66 -15.42
N THR E 115 96.27 3.77 -14.47
CA THR E 115 97.51 3.83 -13.70
C THR E 115 98.00 2.42 -13.42
N THR E 116 99.24 2.32 -12.97
CA THR E 116 100.06 1.12 -13.13
C THR E 116 100.35 0.49 -11.77
N VAL E 117 100.17 -0.83 -11.66
CA VAL E 117 100.43 -1.58 -10.43
C VAL E 117 101.69 -2.43 -10.67
N THR E 118 102.72 -2.19 -9.84
CA THR E 118 104.06 -2.73 -10.06
C THR E 118 104.52 -3.58 -8.89
N VAL E 119 105.05 -4.77 -9.19
CA VAL E 119 105.83 -5.56 -8.26
C VAL E 119 107.17 -5.88 -8.92
N SER E 120 108.25 -5.45 -8.28
CA SER E 120 109.60 -5.72 -8.79
C SER E 120 110.53 -6.17 -7.67
N ASP F 1 81.84 -19.72 -16.33
CA ASP F 1 81.47 -18.57 -17.13
C ASP F 1 82.04 -18.68 -18.55
N ILE F 2 81.47 -17.90 -19.46
CA ILE F 2 81.96 -17.88 -20.84
C ILE F 2 83.31 -17.18 -20.92
N GLN F 3 84.21 -17.73 -21.73
CA GLN F 3 85.52 -17.15 -21.94
C GLN F 3 85.75 -16.94 -23.43
N MET F 4 86.52 -15.93 -23.78
CA MET F 4 86.74 -15.55 -25.16
C MET F 4 88.20 -15.82 -25.50
N THR F 5 88.51 -15.93 -26.79
CA THR F 5 89.90 -16.03 -27.23
C THR F 5 90.07 -15.29 -28.56
N GLN F 6 90.75 -14.15 -28.55
CA GLN F 6 91.10 -13.51 -29.82
C GLN F 6 92.36 -14.16 -30.40
N SER F 7 92.67 -13.79 -31.64
CA SER F 7 93.76 -14.42 -32.40
C SER F 7 94.02 -13.58 -33.66
N PRO F 8 95.18 -13.78 -34.31
CA PRO F 8 96.46 -14.23 -33.77
C PRO F 8 97.59 -13.18 -33.68
N SER F 9 97.95 -12.75 -32.47
CA SER F 9 99.32 -12.42 -32.06
C SER F 9 100.09 -11.36 -32.84
N SER F 10 99.49 -10.76 -33.88
CA SER F 10 100.26 -9.93 -34.79
C SER F 10 99.32 -9.02 -35.55
N LEU F 11 99.80 -7.81 -35.86
CA LEU F 11 99.13 -6.90 -36.79
C LEU F 11 100.12 -6.35 -37.80
N SER F 12 100.94 -7.23 -38.34
CA SER F 12 102.04 -6.85 -39.23
C SER F 12 101.51 -6.36 -40.58
N ALA F 13 101.54 -5.05 -40.79
CA ALA F 13 101.03 -4.47 -42.02
C ALA F 13 101.75 -3.15 -42.27
N SER F 14 101.68 -2.68 -43.51
CA SER F 14 102.28 -1.41 -43.90
C SER F 14 101.28 -0.28 -43.70
N LEU F 15 101.64 0.91 -44.20
CA LEU F 15 100.77 2.08 -44.14
C LEU F 15 99.66 1.94 -45.17
N GLY F 16 98.43 1.73 -44.69
CA GLY F 16 97.32 1.54 -45.59
C GLY F 16 97.09 0.11 -46.03
N GLY F 17 97.53 -0.87 -45.24
CA GLY F 17 97.35 -2.27 -45.57
C GLY F 17 95.96 -2.76 -45.26
N LYS F 18 95.88 -4.02 -44.82
CA LYS F 18 94.60 -4.61 -44.46
C LYS F 18 94.87 -5.71 -43.46
N VAL F 19 94.21 -5.62 -42.30
CA VAL F 19 94.30 -6.63 -41.25
C VAL F 19 92.89 -6.98 -40.77
N THR F 20 92.77 -8.15 -40.15
CA THR F 20 91.48 -8.59 -39.59
C THR F 20 91.73 -9.45 -38.36
N ILE F 21 91.00 -9.17 -37.28
CA ILE F 21 91.15 -9.86 -36.00
C ILE F 21 89.80 -10.48 -35.65
N THR F 22 89.80 -11.66 -35.06
CA THR F 22 88.59 -12.44 -34.86
C THR F 22 88.19 -12.48 -33.39
N CYS F 23 86.94 -12.09 -33.11
CA CYS F 23 86.29 -12.45 -31.85
C CYS F 23 85.86 -13.90 -31.85
N LYS F 24 86.41 -14.69 -30.92
CA LYS F 24 86.06 -16.10 -30.79
C LYS F 24 85.81 -16.42 -29.33
N ALA F 25 84.54 -16.63 -28.97
CA ALA F 25 84.17 -16.92 -27.60
C ALA F 25 83.82 -18.40 -27.46
N SER F 26 83.67 -18.85 -26.22
CA SER F 26 83.28 -20.23 -25.96
C SER F 26 81.79 -20.49 -26.14
N GLN F 27 80.96 -19.45 -26.10
CA GLN F 27 79.52 -19.61 -26.18
C GLN F 27 78.96 -18.60 -27.17
N ASP F 28 77.71 -18.83 -27.55
CA ASP F 28 76.97 -17.98 -28.47
C ASP F 28 76.81 -16.57 -27.89
N ILE F 29 77.18 -15.56 -28.66
CA ILE F 29 77.18 -14.19 -28.16
C ILE F 29 76.06 -13.34 -28.74
N ASN F 30 75.43 -13.76 -29.85
CA ASN F 30 74.37 -13.03 -30.55
C ASN F 30 74.80 -11.62 -30.95
N LYS F 31 75.99 -11.54 -31.58
CA LYS F 31 76.59 -10.31 -32.10
C LYS F 31 76.81 -9.28 -30.99
N TYR F 32 77.24 -9.74 -29.82
CA TYR F 32 77.57 -8.86 -28.72
C TYR F 32 79.05 -8.52 -28.91
N ILE F 33 79.32 -7.41 -29.58
CA ILE F 33 80.68 -7.10 -29.98
C ILE F 33 81.03 -5.66 -29.66
N ALA F 34 82.29 -5.46 -29.30
CA ALA F 34 82.89 -4.14 -29.22
C ALA F 34 84.32 -4.23 -29.69
N TRP F 35 84.92 -3.08 -29.91
CA TRP F 35 86.30 -3.01 -30.37
C TRP F 35 86.92 -1.74 -29.82
N TYR F 36 88.14 -1.89 -29.31
CA TYR F 36 88.83 -0.78 -28.66
C TYR F 36 90.25 -0.70 -29.19
N GLN F 37 90.83 0.50 -29.12
CA GLN F 37 92.19 0.69 -29.57
C GLN F 37 92.89 1.66 -28.63
N HIS F 38 94.14 1.37 -28.28
CA HIS F 38 94.88 2.32 -27.46
C HIS F 38 96.37 2.22 -27.70
N LYS F 39 97.03 3.35 -27.47
CA LYS F 39 98.48 3.40 -27.37
C LYS F 39 98.92 2.73 -26.08
N PRO F 40 100.20 2.33 -25.98
CA PRO F 40 100.71 1.88 -24.66
C PRO F 40 100.81 3.07 -23.72
N GLY F 41 99.87 3.14 -22.77
CA GLY F 41 99.88 4.18 -21.77
C GLY F 41 98.93 5.33 -22.01
N LYS F 42 98.01 5.21 -22.96
CA LYS F 42 97.08 6.29 -23.26
C LYS F 42 95.65 5.97 -22.88
N GLY F 43 95.05 4.90 -23.41
CA GLY F 43 93.70 4.55 -23.03
C GLY F 43 92.76 4.27 -24.18
N PRO F 44 91.80 3.36 -23.96
CA PRO F 44 91.01 2.81 -25.07
C PRO F 44 90.11 3.83 -25.76
N ARG F 45 89.73 3.48 -27.00
CA ARG F 45 88.88 4.28 -27.85
C ARG F 45 87.87 3.37 -28.53
N LEU F 46 86.58 3.70 -28.39
CA LEU F 46 85.53 2.79 -28.85
C LEU F 46 85.43 2.78 -30.37
N LEU F 47 85.16 1.59 -30.92
CA LEU F 47 84.99 1.42 -32.36
C LEU F 47 83.58 0.97 -32.70
N ILE F 48 83.12 -0.17 -32.17
CA ILE F 48 82.14 -1.00 -32.87
C ILE F 48 81.02 -1.38 -31.91
N HIS F 49 79.78 -1.27 -32.41
CA HIS F 49 78.54 -1.72 -31.77
C HIS F 49 77.97 -2.91 -32.53
N TYR F 50 76.72 -3.27 -32.18
CA TYR F 50 76.00 -4.46 -32.66
C TYR F 50 76.12 -4.77 -34.15
N THR F 51 75.84 -3.78 -34.99
CA THR F 51 75.88 -3.90 -36.46
C THR F 51 77.12 -3.27 -37.06
N SER F 52 78.26 -3.38 -36.37
CA SER F 52 79.52 -2.68 -36.69
C SER F 52 79.31 -1.17 -36.77
N SER F 53 78.47 -0.66 -35.87
CA SER F 53 78.15 0.76 -35.81
C SER F 53 79.34 1.55 -35.30
N LEU F 54 79.92 2.38 -36.15
CA LEU F 54 81.11 3.13 -35.78
C LEU F 54 80.73 4.30 -34.87
N GLN F 55 81.74 5.03 -34.42
CA GLN F 55 81.51 6.06 -33.43
C GLN F 55 81.73 7.44 -34.04
N PRO F 56 80.95 8.45 -33.62
CA PRO F 56 81.26 9.83 -34.01
C PRO F 56 82.60 10.26 -33.43
N GLY F 57 83.49 10.73 -34.31
CA GLY F 57 84.87 10.95 -33.97
C GLY F 57 85.80 9.85 -34.43
N ILE F 58 85.26 8.68 -34.75
CA ILE F 58 86.03 7.57 -35.30
C ILE F 58 85.81 7.53 -36.82
N PRO F 59 86.88 7.49 -37.63
CA PRO F 59 86.71 7.55 -39.09
C PRO F 59 86.15 6.27 -39.68
N SER F 60 85.93 6.25 -40.99
CA SER F 60 85.39 5.09 -41.68
C SER F 60 86.46 4.06 -42.04
N ARG F 61 87.65 4.14 -41.43
CA ARG F 61 88.75 3.22 -41.71
C ARG F 61 88.50 1.82 -41.15
N PHE F 62 87.47 1.64 -40.33
CA PHE F 62 87.25 0.44 -39.56
C PHE F 62 85.88 -0.13 -39.91
N SER F 63 85.86 -1.38 -40.35
CA SER F 63 84.61 -2.05 -40.71
C SER F 63 84.68 -3.48 -40.19
N GLY F 64 83.58 -4.21 -40.33
CA GLY F 64 83.57 -5.58 -39.86
C GLY F 64 82.29 -6.29 -40.20
N SER F 65 82.32 -7.61 -40.04
CA SER F 65 81.19 -8.49 -40.32
C SER F 65 81.36 -9.79 -39.55
N GLY F 66 80.24 -10.46 -39.31
CA GLY F 66 80.24 -11.71 -38.56
C GLY F 66 79.00 -11.83 -37.69
N SER F 67 78.77 -13.00 -37.09
CA SER F 67 77.54 -13.24 -36.36
C SER F 67 77.72 -14.38 -35.37
N GLY F 68 76.72 -14.52 -34.50
CA GLY F 68 76.52 -15.68 -33.66
C GLY F 68 77.46 -15.74 -32.48
N ARG F 69 78.71 -16.17 -32.72
CA ARG F 69 79.77 -16.08 -31.74
C ARG F 69 81.09 -15.66 -32.36
N ASP F 70 81.20 -15.65 -33.69
CA ASP F 70 82.43 -15.36 -34.40
C ASP F 70 82.25 -14.08 -35.18
N TYR F 71 83.17 -13.14 -34.98
CA TYR F 71 83.11 -11.83 -35.60
C TYR F 71 84.48 -11.48 -36.14
N SER F 72 84.50 -10.78 -37.27
CA SER F 72 85.73 -10.28 -37.87
C SER F 72 85.65 -8.77 -37.96
N PHE F 73 86.77 -8.10 -37.70
CA PHE F 73 86.85 -6.65 -37.65
C PHE F 73 88.05 -6.22 -38.46
N SER F 74 87.83 -5.49 -39.55
CA SER F 74 88.89 -5.14 -40.48
C SER F 74 89.28 -3.67 -40.37
N ILE F 75 90.59 -3.43 -40.37
CA ILE F 75 91.15 -2.08 -40.37
C ILE F 75 91.93 -1.92 -41.66
N SER F 76 91.70 -0.80 -42.37
CA SER F 76 92.46 -0.47 -43.55
C SER F 76 92.67 1.04 -43.56
N ASN F 77 93.61 1.49 -44.42
CA ASN F 77 93.93 2.90 -44.65
C ASN F 77 94.32 3.60 -43.35
N LEU F 78 95.34 3.05 -42.69
CA LEU F 78 95.67 3.41 -41.32
C LEU F 78 96.77 4.47 -41.31
N GLU F 79 96.46 5.61 -40.72
CA GLU F 79 97.34 6.73 -40.41
C GLU F 79 97.99 6.50 -39.06
N PRO F 80 99.32 6.73 -38.90
CA PRO F 80 100.01 6.33 -37.67
C PRO F 80 99.87 7.33 -36.51
N GLU F 81 98.66 7.81 -36.28
CA GLU F 81 98.21 8.20 -34.95
C GLU F 81 97.44 7.07 -34.29
N ASP F 82 97.13 6.01 -35.03
CA ASP F 82 96.44 4.83 -34.53
C ASP F 82 97.43 3.71 -34.22
N ILE F 83 98.62 4.05 -33.73
CA ILE F 83 99.57 3.05 -33.25
C ILE F 83 98.98 2.47 -31.99
N ALA F 84 98.37 1.30 -32.10
CA ALA F 84 97.39 0.91 -31.10
C ALA F 84 97.44 -0.60 -30.91
N THR F 85 96.40 -1.15 -30.28
CA THR F 85 96.26 -2.58 -30.09
C THR F 85 94.78 -2.89 -29.87
N TYR F 86 94.26 -3.85 -30.63
CA TYR F 86 92.82 -3.95 -30.85
C TYR F 86 92.23 -5.13 -30.09
N TYR F 87 91.06 -4.90 -29.48
CA TYR F 87 90.55 -5.75 -28.43
C TYR F 87 89.03 -5.90 -28.55
N CYS F 88 88.53 -7.10 -28.30
CA CYS F 88 87.12 -7.43 -28.50
C CYS F 88 86.42 -7.77 -27.19
N LEU F 89 85.16 -7.36 -27.09
CA LEU F 89 84.36 -7.45 -25.86
C LEU F 89 83.03 -8.11 -26.12
N GLN F 90 82.64 -9.03 -25.24
CA GLN F 90 81.33 -9.67 -25.28
C GLN F 90 80.69 -9.53 -23.92
N TYR F 91 79.37 -9.46 -23.89
CA TYR F 91 78.71 -9.16 -22.63
C TYR F 91 77.42 -9.97 -22.47
N ASP F 92 77.41 -11.20 -22.98
CA ASP F 92 76.29 -12.13 -22.81
C ASP F 92 76.14 -12.42 -21.33
N ASN F 93 77.12 -13.08 -20.73
CA ASN F 93 77.30 -12.88 -19.30
C ASN F 93 78.21 -11.67 -19.10
N LEU F 94 78.26 -11.20 -17.84
CA LEU F 94 78.59 -9.83 -17.42
C LEU F 94 79.61 -9.07 -18.24
N TYR F 95 80.78 -9.66 -18.47
CA TYR F 95 81.75 -9.24 -19.49
C TYR F 95 82.63 -10.43 -19.81
N THR F 96 83.23 -10.41 -21.00
CA THR F 96 84.03 -11.51 -21.50
C THR F 96 85.25 -10.93 -22.22
N PHE F 97 86.39 -11.61 -22.11
CA PHE F 97 87.60 -11.15 -22.79
C PHE F 97 88.53 -12.30 -23.14
N GLY F 98 89.32 -12.08 -24.20
CA GLY F 98 90.32 -13.03 -24.68
C GLY F 98 91.73 -12.49 -24.66
N GLY F 99 92.53 -12.82 -25.68
CA GLY F 99 93.90 -12.34 -25.71
C GLY F 99 94.11 -11.02 -26.42
N GLY F 100 93.82 -11.00 -27.72
CA GLY F 100 94.05 -9.83 -28.54
C GLY F 100 95.51 -9.63 -28.93
N THR F 101 95.71 -8.69 -29.85
CA THR F 101 96.99 -8.50 -30.53
C THR F 101 97.41 -7.03 -30.45
N LYS F 102 98.67 -6.78 -30.79
CA LYS F 102 99.24 -5.43 -30.84
C LYS F 102 99.64 -5.08 -32.26
N LEU F 103 99.72 -3.78 -32.54
CA LEU F 103 100.04 -3.28 -33.87
C LEU F 103 101.50 -2.86 -33.97
N GLU F 104 102.18 -3.35 -35.00
CA GLU F 104 103.49 -2.87 -35.39
C GLU F 104 103.44 -2.44 -36.84
N ILE F 105 104.32 -1.50 -37.21
CA ILE F 105 104.34 -0.91 -38.55
C ILE F 105 105.65 -1.27 -39.21
N LYS F 106 105.57 -1.97 -40.33
CA LYS F 106 106.73 -2.14 -41.21
C LYS F 106 106.44 -1.58 -42.60
N VAL G 2 -60.33 18.88 -55.38
CA VAL G 2 -61.34 18.90 -54.33
C VAL G 2 -62.41 19.93 -54.66
N LYS G 3 -63.67 19.52 -54.56
CA LYS G 3 -64.80 20.36 -54.92
C LYS G 3 -65.87 20.23 -53.85
N LEU G 4 -66.66 21.29 -53.70
CA LEU G 4 -67.63 21.41 -52.62
C LEU G 4 -69.03 21.42 -53.23
N GLN G 5 -69.92 20.61 -52.64
CA GLN G 5 -71.28 20.45 -53.16
C GLN G 5 -72.25 20.48 -51.98
N GLU G 6 -73.19 21.41 -52.01
CA GLU G 6 -74.14 21.60 -50.92
C GLU G 6 -75.36 20.73 -51.11
N SER G 7 -76.06 20.49 -50.01
CA SER G 7 -77.31 19.73 -50.02
C SER G 7 -78.08 20.06 -48.75
N GLY G 8 -79.32 19.59 -48.71
CA GLY G 8 -80.18 19.86 -47.58
C GLY G 8 -80.82 21.23 -47.65
N GLY G 9 -81.46 21.55 -48.78
CA GLY G 9 -82.00 22.88 -49.01
C GLY G 9 -83.49 22.87 -48.78
N GLY G 10 -83.95 23.81 -47.96
CA GLY G 10 -85.37 23.99 -47.72
C GLY G 10 -85.64 24.91 -46.55
N LEU G 11 -86.85 25.46 -46.48
CA LEU G 11 -87.33 26.09 -45.27
C LEU G 11 -88.81 25.74 -45.11
N VAL G 12 -89.10 24.44 -45.25
CA VAL G 12 -90.44 23.89 -45.36
C VAL G 12 -91.31 24.03 -44.11
N GLN G 13 -90.72 24.21 -42.93
CA GLN G 13 -91.50 24.57 -41.74
C GLN G 13 -91.28 26.02 -41.38
N PRO G 14 -92.34 26.83 -41.28
CA PRO G 14 -92.18 28.21 -40.82
C PRO G 14 -91.81 28.28 -39.34
N GLY G 15 -90.57 28.66 -39.09
CA GLY G 15 -89.99 28.60 -37.76
C GLY G 15 -89.38 27.26 -37.42
N GLY G 16 -89.08 26.43 -38.42
CA GLY G 16 -88.56 25.10 -38.15
C GLY G 16 -87.07 25.00 -37.97
N SER G 17 -86.51 23.89 -38.44
CA SER G 17 -85.09 23.59 -38.29
C SER G 17 -84.65 22.74 -39.47
N LEU G 18 -83.76 23.26 -40.31
CA LEU G 18 -83.32 22.57 -41.51
C LEU G 18 -81.80 22.43 -41.46
N LYS G 19 -81.34 21.21 -41.21
CA LYS G 19 -79.92 20.88 -41.15
C LYS G 19 -79.37 20.78 -42.57
N LEU G 20 -78.71 21.84 -43.02
CA LEU G 20 -78.09 21.82 -44.34
C LEU G 20 -76.64 21.36 -44.25
N SER G 21 -76.10 20.97 -45.40
CA SER G 21 -74.79 20.36 -45.46
C SER G 21 -74.08 20.77 -46.74
N CYS G 22 -72.77 20.57 -46.75
CA CYS G 22 -71.96 20.73 -47.96
C CYS G 22 -70.89 19.64 -47.92
N ALA G 23 -71.02 18.67 -48.82
CA ALA G 23 -70.07 17.57 -48.92
C ALA G 23 -68.89 17.96 -49.80
N ALA G 24 -67.78 17.26 -49.61
CA ALA G 24 -66.54 17.55 -50.31
C ALA G 24 -65.97 16.25 -50.89
N SER G 25 -65.27 16.39 -52.01
CA SER G 25 -64.63 15.25 -52.65
C SER G 25 -63.17 15.55 -52.99
N THR G 28 -58.13 18.12 -48.33
CA THR G 28 -58.54 16.86 -47.73
C THR G 28 -59.56 17.10 -46.63
N PHE G 29 -59.79 18.39 -46.32
CA PHE G 29 -60.96 18.90 -45.60
C PHE G 29 -60.95 18.58 -44.11
N SER G 30 -60.00 17.75 -43.65
CA SER G 30 -59.92 17.42 -42.23
C SER G 30 -59.09 18.45 -41.47
N SER G 31 -58.09 19.04 -42.11
CA SER G 31 -57.35 20.16 -41.54
C SER G 31 -57.93 21.50 -41.97
N TYR G 32 -59.17 21.49 -42.47
CA TYR G 32 -59.77 22.65 -43.09
C TYR G 32 -61.01 23.08 -42.32
N THR G 33 -61.06 24.35 -41.94
CA THR G 33 -62.17 24.89 -41.18
C THR G 33 -63.38 25.11 -42.10
N MET G 34 -64.48 25.55 -41.49
CA MET G 34 -65.73 25.74 -42.22
C MET G 34 -66.48 26.94 -41.65
N SER G 35 -67.08 27.71 -42.53
CA SER G 35 -67.97 28.82 -42.21
C SER G 35 -68.74 29.13 -43.48
N TRP G 36 -70.04 29.40 -43.36
CA TRP G 36 -70.89 29.47 -44.53
C TRP G 36 -71.74 30.73 -44.49
N VAL G 37 -72.47 30.93 -45.59
CA VAL G 37 -72.95 32.24 -46.03
C VAL G 37 -74.39 32.12 -46.50
N ARG G 38 -75.27 33.00 -45.99
CA ARG G 38 -76.55 33.28 -46.62
C ARG G 38 -76.49 34.60 -47.38
N GLN G 39 -77.44 34.80 -48.29
CA GLN G 39 -77.49 35.99 -49.15
C GLN G 39 -78.82 36.71 -48.95
N THR G 40 -78.75 38.03 -48.79
CA THR G 40 -79.92 38.85 -48.48
C THR G 40 -80.68 39.10 -49.79
N PRO G 41 -81.88 39.72 -49.75
CA PRO G 41 -82.35 40.45 -50.93
C PRO G 41 -81.46 41.62 -51.34
N GLU G 42 -80.70 42.18 -50.40
CA GLU G 42 -79.58 43.07 -50.70
C GLU G 42 -78.29 42.30 -51.00
N LYS G 43 -78.39 40.96 -51.11
CA LYS G 43 -77.37 40.05 -51.62
C LYS G 43 -76.18 39.92 -50.67
N ARG G 44 -76.30 40.39 -49.43
CA ARG G 44 -75.16 40.51 -48.54
C ARG G 44 -74.67 39.13 -48.10
N LEU G 45 -73.39 38.88 -48.29
CA LEU G 45 -72.79 37.59 -47.92
C LEU G 45 -72.52 37.51 -46.42
N GLU G 46 -73.62 37.52 -45.66
CA GLU G 46 -73.53 37.54 -44.21
C GLU G 46 -73.15 36.17 -43.67
N TRP G 47 -72.31 36.16 -42.62
CA TRP G 47 -71.81 34.92 -42.06
C TRP G 47 -72.91 34.25 -41.24
N VAL G 48 -72.80 32.92 -41.11
CA VAL G 48 -73.78 32.12 -40.38
C VAL G 48 -73.15 31.49 -39.13
N ALA G 49 -72.11 30.69 -39.30
CA ALA G 49 -71.58 29.94 -38.17
C ALA G 49 -70.07 29.78 -38.32
N TYR G 50 -69.47 29.18 -37.28
CA TYR G 50 -68.03 28.93 -37.21
C TYR G 50 -67.82 27.60 -36.52
N ILE G 51 -67.07 26.71 -37.18
CA ILE G 51 -66.49 25.55 -36.55
C ILE G 51 -65.01 25.57 -36.88
N SER G 52 -64.21 24.94 -36.03
CA SER G 52 -62.84 24.63 -36.42
C SER G 52 -62.84 23.36 -37.28
N ASN G 53 -61.64 22.94 -37.69
CA ASN G 53 -61.52 21.66 -38.37
C ASN G 53 -61.79 20.49 -37.44
N GLY G 54 -61.54 20.65 -36.15
CA GLY G 54 -61.66 19.56 -35.19
C GLY G 54 -62.95 19.58 -34.38
N GLY G 55 -63.98 20.26 -34.89
CA GLY G 55 -65.30 20.26 -34.27
C GLY G 55 -65.48 21.31 -33.19
N GLY G 56 -64.39 21.74 -32.55
CA GLY G 56 -64.43 22.77 -31.54
C GLY G 56 -64.50 24.15 -32.18
N GLY G 57 -64.50 25.17 -31.32
CA GLY G 57 -64.57 26.54 -31.77
C GLY G 57 -65.90 26.87 -32.41
N THR G 58 -66.97 26.61 -31.66
CA THR G 58 -68.33 26.75 -32.17
C THR G 58 -68.83 28.17 -31.90
N TYR G 59 -68.89 28.98 -32.96
CA TYR G 59 -69.26 30.38 -32.83
C TYR G 59 -70.15 30.81 -33.99
N TYR G 60 -70.75 31.99 -33.83
CA TYR G 60 -71.61 32.63 -34.82
C TYR G 60 -71.31 34.12 -34.82
N PRO G 61 -71.74 34.84 -35.86
CA PRO G 61 -71.84 36.29 -35.76
C PRO G 61 -73.16 36.66 -35.07
N ASP G 62 -73.37 37.97 -34.88
CA ASP G 62 -74.48 38.46 -34.07
C ASP G 62 -75.85 38.34 -34.74
N THR G 63 -75.94 37.85 -35.98
CA THR G 63 -77.24 37.78 -36.64
C THR G 63 -78.07 36.60 -36.17
N VAL G 64 -77.46 35.42 -36.04
CA VAL G 64 -78.20 34.18 -35.79
C VAL G 64 -77.80 33.52 -34.48
N LYS G 65 -77.40 34.31 -33.49
CA LYS G 65 -77.03 33.77 -32.18
C LYS G 65 -78.27 33.44 -31.34
N GLY G 66 -78.16 32.34 -30.59
CA GLY G 66 -79.13 31.97 -29.57
C GLY G 66 -80.04 30.81 -29.91
N ARG G 67 -80.06 30.35 -31.16
CA ARG G 67 -81.04 29.35 -31.59
C ARG G 67 -80.41 28.16 -32.30
N PHE G 68 -79.11 28.17 -32.54
CA PHE G 68 -78.52 27.33 -33.58
C PHE G 68 -77.62 26.28 -32.95
N THR G 69 -77.74 25.04 -33.41
CA THR G 69 -77.01 23.90 -32.88
C THR G 69 -76.06 23.40 -33.95
N ILE G 70 -74.76 23.32 -33.62
CA ILE G 70 -73.70 23.27 -34.61
C ILE G 70 -72.85 22.03 -34.37
N SER G 71 -72.44 21.37 -35.46
CA SER G 71 -71.49 20.26 -35.43
C SER G 71 -70.92 20.05 -36.83
N ARG G 72 -69.95 19.14 -36.92
CA ARG G 72 -69.41 18.72 -38.20
C ARG G 72 -68.86 17.31 -38.08
N ASP G 73 -68.63 16.69 -39.25
CA ASP G 73 -68.06 15.35 -39.36
C ASP G 73 -67.05 15.39 -40.50
N ASN G 74 -65.76 15.29 -40.18
CA ASN G 74 -64.69 15.32 -41.18
C ASN G 74 -64.51 13.97 -41.89
N ALA G 75 -65.27 12.95 -41.51
CA ALA G 75 -65.22 11.68 -42.21
C ALA G 75 -66.02 11.72 -43.50
N LYS G 76 -67.28 12.15 -43.43
CA LYS G 76 -68.09 12.37 -44.62
C LYS G 76 -67.87 13.75 -45.25
N ASN G 77 -67.02 14.59 -44.65
CA ASN G 77 -66.63 15.92 -45.16
C ASN G 77 -67.85 16.85 -45.30
N THR G 78 -68.67 16.88 -44.25
CA THR G 78 -69.95 17.59 -44.29
C THR G 78 -70.08 18.51 -43.08
N LEU G 79 -70.90 19.54 -43.24
CA LEU G 79 -71.26 20.46 -42.17
C LEU G 79 -72.70 20.19 -41.75
N TYR G 80 -73.03 20.61 -40.54
CA TYR G 80 -74.38 20.41 -39.99
C TYR G 80 -74.78 21.59 -39.14
N LEU G 81 -75.83 22.30 -39.56
CA LEU G 81 -76.37 23.43 -38.80
C LEU G 81 -77.81 23.64 -39.24
N GLN G 82 -78.71 23.79 -38.27
CA GLN G 82 -80.14 23.93 -38.54
C GLN G 82 -80.51 25.41 -38.63
N MET G 83 -81.21 25.77 -39.70
CA MET G 83 -81.58 27.17 -39.96
C MET G 83 -82.92 27.49 -39.30
N ASN G 84 -82.93 28.48 -38.43
CA ASN G 84 -84.13 28.87 -37.71
C ASN G 84 -84.54 30.31 -37.96
N SER G 85 -83.59 31.25 -37.88
CA SER G 85 -83.86 32.68 -37.99
C SER G 85 -83.57 33.25 -39.37
N LEU G 86 -83.68 32.44 -40.42
CA LEU G 86 -83.67 32.96 -41.78
C LEU G 86 -85.07 33.24 -42.32
N LYS G 87 -86.06 33.35 -41.43
CA LYS G 87 -87.47 33.36 -41.77
C LYS G 87 -87.95 34.68 -42.38
N GLU G 88 -87.07 35.67 -42.51
CA GLU G 88 -87.40 36.89 -43.24
C GLU G 88 -86.66 36.99 -44.56
N ASP G 89 -85.97 35.93 -44.97
CA ASP G 89 -85.09 35.97 -46.12
C ASP G 89 -85.45 34.89 -47.13
N THR G 90 -85.12 35.16 -48.38
CA THR G 90 -85.30 34.21 -49.48
C THR G 90 -83.92 33.74 -49.93
N ALA G 91 -83.09 33.41 -48.95
CA ALA G 91 -81.65 33.35 -49.08
C ALA G 91 -81.18 32.21 -49.97
N MET G 92 -79.99 32.40 -50.53
CA MET G 92 -79.20 31.36 -51.15
C MET G 92 -78.04 31.07 -50.21
N TYR G 93 -77.79 29.80 -49.92
CA TYR G 93 -76.63 29.45 -49.11
C TYR G 93 -75.60 28.69 -49.92
N TYR G 94 -74.33 29.06 -49.73
CA TYR G 94 -73.23 28.25 -50.21
C TYR G 94 -72.26 27.96 -49.06
N CYS G 95 -71.46 26.93 -49.25
CA CYS G 95 -70.38 26.56 -48.35
C CYS G 95 -69.06 27.11 -48.87
N ALA G 96 -68.16 27.45 -47.94
CA ALA G 96 -66.84 27.96 -48.33
C ALA G 96 -65.80 27.35 -47.41
N ARG G 97 -64.80 26.70 -48.01
CA ARG G 97 -63.71 26.09 -47.28
C ARG G 97 -62.48 26.99 -47.34
N PRO G 98 -62.12 27.69 -46.26
CA PRO G 98 -60.99 28.63 -46.32
C PRO G 98 -59.66 27.94 -46.57
N SER G 99 -58.85 28.55 -47.43
CA SER G 99 -57.56 28.08 -47.89
C SER G 99 -56.52 28.09 -46.78
N ARG G 100 -55.39 27.42 -47.06
CA ARG G 100 -54.21 27.30 -46.19
C ARG G 100 -54.48 26.59 -44.87
N GLY G 101 -55.60 25.88 -44.77
CA GLY G 101 -55.94 24.86 -43.79
C GLY G 101 -55.95 25.33 -42.36
N GLY G 102 -55.66 24.39 -41.45
CA GLY G 102 -55.41 24.73 -40.08
C GLY G 102 -56.71 24.98 -39.33
N SER G 103 -56.56 25.33 -38.06
CA SER G 103 -57.65 25.79 -37.21
C SER G 103 -57.83 27.30 -37.31
N SER G 104 -56.91 27.96 -37.99
CA SER G 104 -56.99 29.35 -38.39
C SER G 104 -57.84 29.50 -39.66
N TYR G 105 -57.85 30.71 -40.22
CA TYR G 105 -58.65 31.04 -41.39
C TYR G 105 -57.78 31.82 -42.36
N TRP G 106 -58.02 31.62 -43.66
CA TRP G 106 -57.37 32.37 -44.73
C TRP G 106 -58.37 32.65 -45.84
N TYR G 107 -57.85 33.08 -46.99
CA TYR G 107 -58.65 33.61 -48.08
C TYR G 107 -58.96 32.46 -49.02
N PHE G 108 -60.24 32.08 -49.09
CA PHE G 108 -60.67 31.03 -50.01
C PHE G 108 -60.85 31.53 -51.44
N ASP G 109 -60.39 30.72 -52.39
CA ASP G 109 -61.10 30.56 -53.63
C ASP G 109 -61.97 29.31 -53.60
N VAL G 110 -61.83 28.52 -52.54
CA VAL G 110 -62.52 27.24 -52.40
C VAL G 110 -63.88 27.53 -51.74
N TRP G 111 -64.83 27.88 -52.58
CA TRP G 111 -66.23 28.03 -52.22
C TRP G 111 -67.01 26.88 -52.84
N GLY G 112 -68.31 26.82 -52.55
CA GLY G 112 -69.10 25.68 -52.98
C GLY G 112 -69.77 25.77 -54.33
N ALA G 113 -71.09 25.57 -54.36
CA ALA G 113 -71.88 25.67 -55.58
C ALA G 113 -73.00 26.70 -55.47
N GLY G 114 -73.73 26.72 -54.37
CA GLY G 114 -74.78 27.70 -54.13
C GLY G 114 -76.17 27.14 -54.30
N THR G 115 -76.90 26.97 -53.20
CA THR G 115 -78.29 26.51 -53.23
C THR G 115 -79.14 27.41 -52.35
N THR G 116 -80.45 27.38 -52.58
CA THR G 116 -81.35 28.36 -51.99
C THR G 116 -82.14 27.79 -50.82
N VAL G 117 -82.70 28.71 -50.03
CA VAL G 117 -83.60 28.38 -48.92
C VAL G 117 -84.72 29.41 -49.02
N THR G 118 -85.93 28.94 -49.34
CA THR G 118 -87.04 29.82 -49.69
C THR G 118 -88.24 29.57 -48.80
N VAL G 119 -88.80 30.64 -48.25
CA VAL G 119 -90.05 30.57 -47.51
C VAL G 119 -91.13 31.36 -48.24
N ASP H 1 -67.86 40.46 -30.38
CA ASP H 1 -66.98 40.23 -31.52
C ASP H 1 -66.93 41.47 -32.41
N ILE H 2 -65.90 41.53 -33.26
CA ILE H 2 -65.76 42.63 -34.21
C ILE H 2 -66.81 42.51 -35.31
N GLN H 3 -67.38 43.65 -35.70
CA GLN H 3 -68.35 43.70 -36.79
C GLN H 3 -67.90 44.72 -37.82
N MET H 4 -68.26 44.48 -39.07
CA MET H 4 -67.81 45.30 -40.18
C MET H 4 -69.03 46.02 -40.75
N THR H 5 -68.80 47.11 -41.49
CA THR H 5 -69.87 47.78 -42.22
C THR H 5 -69.34 48.32 -43.53
N GLN H 6 -69.74 47.72 -44.66
CA GLN H 6 -69.41 48.32 -45.94
C GLN H 6 -70.41 49.42 -46.28
N SER H 7 -70.12 50.17 -47.34
CA SER H 7 -70.90 51.34 -47.72
C SER H 7 -70.45 51.79 -49.11
N PRO H 8 -71.25 52.65 -49.79
CA PRO H 8 -72.71 52.78 -49.68
C PRO H 8 -73.54 52.28 -50.87
N SER H 9 -74.29 51.18 -50.69
CA SER H 9 -75.62 50.94 -51.26
C SER H 9 -75.77 51.00 -52.79
N SER H 10 -74.71 51.25 -53.54
CA SER H 10 -74.86 51.56 -54.96
C SER H 10 -73.54 51.34 -55.66
N LEU H 11 -73.60 50.89 -56.91
CA LEU H 11 -72.46 50.85 -57.82
C LEU H 11 -72.82 51.44 -59.16
N SER H 12 -73.50 52.59 -59.14
CA SER H 12 -74.05 53.21 -60.34
C SER H 12 -72.92 53.79 -61.20
N ALA H 13 -72.62 53.11 -62.30
CA ALA H 13 -71.55 53.54 -63.19
C ALA H 13 -71.84 53.03 -64.60
N SER H 14 -71.17 53.63 -65.57
CA SER H 14 -71.32 53.22 -66.96
C SER H 14 -70.30 52.14 -67.30
N LEU H 15 -70.18 51.83 -68.59
CA LEU H 15 -69.21 50.85 -69.08
C LEU H 15 -67.82 51.47 -69.07
N GLY H 16 -66.96 51.00 -68.18
CA GLY H 16 -65.63 51.56 -68.05
C GLY H 16 -65.52 52.76 -67.14
N GLY H 17 -66.43 52.90 -66.18
CA GLY H 17 -66.40 54.00 -65.23
C GLY H 17 -65.38 53.81 -64.14
N LYS H 18 -65.72 54.29 -62.94
CA LYS H 18 -64.83 54.13 -61.79
C LYS H 18 -65.70 54.15 -60.53
N VAL H 19 -65.57 53.11 -59.73
CA VAL H 19 -66.27 52.98 -58.46
C VAL H 19 -65.27 52.57 -57.38
N THR H 20 -65.64 52.84 -56.12
CA THR H 20 -64.82 52.45 -54.98
C THR H 20 -65.70 52.14 -53.79
N ILE H 21 -65.44 51.01 -53.12
CA ILE H 21 -66.23 50.55 -51.97
C ILE H 21 -65.28 50.42 -50.79
N THR H 22 -65.75 50.75 -49.59
CA THR H 22 -64.89 50.85 -48.42
C THR H 22 -65.15 49.71 -47.45
N CYS H 23 -64.08 48.99 -47.08
CA CYS H 23 -64.08 48.15 -45.88
C CYS H 23 -63.97 49.00 -44.62
N LYS H 24 -64.99 48.94 -43.77
CA LYS H 24 -65.00 49.69 -42.51
C LYS H 24 -65.45 48.75 -41.38
N ALA H 25 -64.50 48.36 -40.53
CA ALA H 25 -64.79 47.45 -39.43
C ALA H 25 -64.80 48.24 -38.12
N SER H 26 -65.26 47.58 -37.05
CA SER H 26 -65.28 48.20 -35.74
C SER H 26 -63.93 48.19 -35.05
N GLN H 27 -63.01 47.32 -35.46
CA GLN H 27 -61.73 47.19 -34.79
C GLN H 27 -60.63 47.16 -35.85
N ASP H 28 -59.39 47.34 -35.37
CA ASP H 28 -58.20 47.32 -36.21
C ASP H 28 -58.03 45.95 -36.87
N ILE H 29 -57.85 45.94 -38.19
CA ILE H 29 -57.80 44.70 -38.93
C ILE H 29 -56.40 44.35 -39.42
N ASN H 30 -55.47 45.32 -39.45
CA ASN H 30 -54.08 45.15 -39.94
C ASN H 30 -54.05 44.63 -41.37
N LYS H 31 -54.83 45.28 -42.25
CA LYS H 31 -54.93 44.99 -43.68
C LYS H 31 -55.37 43.56 -43.94
N TYR H 32 -56.33 43.09 -43.15
CA TYR H 32 -56.92 41.76 -43.36
C TYR H 32 -58.09 41.99 -44.30
N ILE H 33 -57.84 41.83 -45.60
CA ILE H 33 -58.83 42.21 -46.59
C ILE H 33 -59.01 41.11 -47.62
N ALA H 34 -60.23 40.97 -48.09
CA ALA H 34 -60.55 40.18 -49.26
C ALA H 34 -61.66 40.89 -50.02
N TRP H 35 -61.88 40.43 -51.25
CA TRP H 35 -62.91 41.00 -52.10
C TRP H 35 -63.46 39.91 -52.99
N TYR H 36 -64.78 39.87 -53.11
CA TYR H 36 -65.45 38.82 -53.85
C TYR H 36 -66.48 39.44 -54.77
N GLN H 37 -66.80 38.75 -55.85
CA GLN H 37 -67.80 39.23 -56.79
C GLN H 37 -68.62 38.05 -57.29
N HIS H 38 -69.93 38.24 -57.40
CA HIS H 38 -70.75 37.17 -57.95
C HIS H 38 -71.99 37.71 -58.62
N LYS H 39 -72.47 36.96 -59.60
CA LYS H 39 -73.79 37.14 -60.17
C LYS H 39 -74.85 36.71 -59.15
N PRO H 40 -76.11 37.15 -59.32
CA PRO H 40 -77.18 36.56 -58.49
C PRO H 40 -77.43 35.13 -58.90
N GLY H 41 -76.98 34.20 -58.08
CA GLY H 41 -77.20 32.79 -58.32
C GLY H 41 -76.03 32.03 -58.91
N LYS H 42 -74.84 32.63 -58.97
CA LYS H 42 -73.68 31.97 -59.55
C LYS H 42 -72.62 31.60 -58.52
N GLY H 43 -72.08 32.56 -57.78
CA GLY H 43 -71.10 32.23 -56.76
C GLY H 43 -69.84 33.06 -56.80
N PRO H 44 -69.24 33.30 -55.62
CA PRO H 44 -68.19 34.31 -55.49
C PRO H 44 -66.91 33.99 -56.25
N ARG H 45 -66.13 35.04 -56.50
CA ARG H 45 -64.86 34.98 -57.21
C ARG H 45 -63.85 35.86 -56.48
N LEU H 46 -62.71 35.28 -56.12
CA LEU H 46 -61.75 35.99 -55.28
C LEU H 46 -61.04 37.10 -56.04
N LEU H 47 -60.81 38.22 -55.35
CA LEU H 47 -60.09 39.36 -55.92
C LEU H 47 -58.77 39.62 -55.20
N ILE H 48 -58.79 39.87 -53.89
CA ILE H 48 -57.80 40.71 -53.24
C ILE H 48 -57.25 40.01 -52.01
N HIS H 49 -55.93 40.06 -51.83
CA HIS H 49 -55.17 39.63 -50.67
C HIS H 49 -54.58 40.85 -49.96
N TYR H 50 -53.68 40.56 -49.01
CA TYR H 50 -53.05 41.53 -48.09
C TYR H 50 -52.62 42.86 -48.71
N THR H 51 -51.83 42.79 -49.78
CA THR H 51 -51.30 43.95 -50.48
C THR H 51 -52.03 44.24 -51.79
N SER H 52 -53.35 44.04 -51.79
CA SER H 52 -54.21 44.08 -52.99
C SER H 52 -53.70 43.13 -54.07
N SER H 53 -53.22 41.96 -53.62
CA SER H 53 -52.69 40.95 -54.51
C SER H 53 -53.83 40.30 -55.31
N LEU H 54 -53.83 40.51 -56.62
CA LEU H 54 -54.89 40.00 -57.46
C LEU H 54 -54.71 38.50 -57.68
N GLN H 55 -55.66 37.90 -58.39
CA GLN H 55 -55.66 36.45 -58.53
C GLN H 55 -55.35 36.06 -59.97
N PRO H 56 -54.64 34.95 -60.19
CA PRO H 56 -54.49 34.41 -61.54
C PRO H 56 -55.84 33.98 -62.10
N GLY H 57 -56.18 34.52 -63.27
CA GLY H 57 -57.51 34.40 -63.81
C GLY H 57 -58.36 35.64 -63.61
N ILE H 58 -57.98 36.52 -62.71
CA ILE H 58 -58.64 37.80 -62.48
C ILE H 58 -57.84 38.90 -63.17
N PRO H 59 -58.46 39.73 -64.01
CA PRO H 59 -57.70 40.74 -64.76
C PRO H 59 -57.21 41.89 -63.91
N SER H 60 -56.46 42.82 -64.51
CA SER H 60 -55.92 43.98 -63.80
C SER H 60 -56.93 45.12 -63.64
N ARG H 61 -58.22 44.86 -63.87
CA ARG H 61 -59.27 45.87 -63.77
C ARG H 61 -59.54 46.32 -62.34
N PHE H 62 -58.98 45.61 -61.35
CA PHE H 62 -59.34 45.77 -59.96
C PHE H 62 -58.08 46.11 -59.17
N SER H 63 -58.10 47.24 -58.46
CA SER H 63 -56.98 47.67 -57.65
C SER H 63 -57.53 48.23 -56.34
N GLY H 64 -56.63 48.58 -55.43
CA GLY H 64 -57.08 49.11 -54.16
C GLY H 64 -55.92 49.56 -53.29
N SER H 65 -56.27 50.31 -52.24
CA SER H 65 -55.30 50.84 -51.29
C SER H 65 -56.03 51.13 -49.98
N GLY H 66 -55.26 51.17 -48.90
CA GLY H 66 -55.79 51.40 -47.57
C GLY H 66 -55.07 50.60 -46.52
N SER H 67 -55.34 50.86 -45.24
CA SER H 67 -54.58 50.21 -44.17
C SER H 67 -55.34 50.26 -42.87
N GLY H 68 -54.85 49.50 -41.89
CA GLY H 68 -55.25 49.59 -40.50
C GLY H 68 -56.57 48.94 -40.21
N ARG H 69 -57.67 49.64 -40.52
CA ARG H 69 -59.00 49.08 -40.49
C ARG H 69 -59.84 49.55 -41.67
N ASP H 70 -59.39 50.53 -42.42
CA ASP H 70 -60.14 51.13 -43.51
C ASP H 70 -59.42 50.85 -44.82
N TYR H 71 -60.15 50.28 -45.77
CA TYR H 71 -59.59 49.89 -47.05
C TYR H 71 -60.53 50.33 -48.16
N SER H 72 -59.95 50.73 -49.28
CA SER H 72 -60.70 51.10 -50.47
C SER H 72 -60.31 50.18 -51.62
N PHE H 73 -61.29 49.79 -52.42
CA PHE H 73 -61.10 48.84 -53.51
C PHE H 73 -61.77 49.40 -54.76
N SER H 74 -60.98 49.68 -55.78
CA SER H 74 -61.48 50.37 -56.96
C SER H 74 -61.59 49.41 -58.15
N ILE H 75 -62.71 49.53 -58.87
CA ILE H 75 -62.97 48.78 -60.09
C ILE H 75 -63.10 49.78 -61.23
N SER H 76 -62.39 49.54 -62.32
CA SER H 76 -62.51 50.35 -63.52
C SER H 76 -62.42 49.43 -64.73
N ASN H 77 -62.82 49.98 -65.89
CA ASN H 77 -62.74 49.31 -67.20
C ASN H 77 -63.50 47.98 -67.18
N LEU H 78 -64.77 48.05 -66.82
CA LEU H 78 -65.56 46.87 -66.50
C LEU H 78 -66.35 46.41 -67.73
N GLU H 79 -66.10 45.17 -68.13
CA GLU H 79 -66.79 44.40 -69.16
C GLU H 79 -67.98 43.70 -68.53
N PRO H 80 -69.19 43.69 -69.15
CA PRO H 80 -70.38 43.17 -68.47
C PRO H 80 -70.54 41.66 -68.53
N GLU H 81 -69.46 40.93 -68.28
CA GLU H 81 -69.53 39.61 -67.68
C GLU H 81 -69.34 39.68 -66.17
N ASP H 82 -68.95 40.85 -65.66
CA ASP H 82 -68.78 41.11 -64.23
C ASP H 82 -69.99 41.79 -63.64
N ILE H 83 -71.19 41.45 -64.11
CA ILE H 83 -72.42 41.94 -63.50
C ILE H 83 -72.53 41.26 -62.14
N ALA H 84 -72.15 41.96 -61.09
CA ALA H 84 -71.76 41.28 -59.87
C ALA H 84 -72.18 42.12 -58.68
N THR H 85 -71.61 41.79 -57.51
CA THR H 85 -71.83 42.54 -56.28
C THR H 85 -70.66 42.28 -55.34
N TYR H 86 -70.06 43.36 -54.82
CA TYR H 86 -68.71 43.29 -54.29
C TYR H 86 -68.73 43.36 -52.77
N TYR H 87 -67.89 42.53 -52.14
CA TYR H 87 -68.02 42.19 -50.73
C TYR H 87 -66.65 42.06 -50.09
N CYS H 88 -66.52 42.55 -48.85
CA CYS H 88 -65.25 42.63 -48.15
C CYS H 88 -65.23 41.74 -46.90
N LEU H 89 -64.06 41.14 -46.65
CA LEU H 89 -63.88 40.13 -45.61
C LEU H 89 -62.70 40.47 -44.72
N GLN H 90 -62.89 40.33 -43.40
CA GLN H 90 -61.83 40.51 -42.43
C GLN H 90 -61.79 39.28 -41.54
N TYR H 91 -60.61 38.95 -41.03
CA TYR H 91 -60.48 37.69 -40.32
C TYR H 91 -59.56 37.83 -39.12
N ASP H 92 -59.56 38.99 -38.48
CA ASP H 92 -58.82 39.24 -37.24
C ASP H 92 -59.34 38.29 -36.18
N ASN H 93 -60.59 38.49 -35.76
CA ASN H 93 -61.30 37.34 -35.22
C ASN H 93 -61.95 36.60 -36.38
N LEU H 94 -62.44 35.38 -36.07
CA LEU H 94 -62.64 34.25 -36.99
C LEU H 94 -63.07 34.57 -38.42
N TYR H 95 -64.13 35.37 -38.58
CA TYR H 95 -64.49 36.05 -39.81
C TYR H 95 -65.38 37.23 -39.45
N THR H 96 -65.41 38.21 -40.35
CA THR H 96 -66.13 39.45 -40.13
C THR H 96 -66.81 39.85 -41.43
N PHE H 97 -68.01 40.45 -41.33
CA PHE H 97 -68.72 40.90 -42.52
C PHE H 97 -69.63 42.09 -42.24
N GLY H 98 -69.85 42.89 -43.28
CA GLY H 98 -70.72 44.05 -43.23
C GLY H 98 -71.90 43.98 -44.19
N GLY H 99 -72.25 45.10 -44.81
CA GLY H 99 -73.37 45.09 -45.75
C GLY H 99 -73.01 44.82 -47.19
N GLY H 100 -72.21 45.70 -47.79
CA GLY H 100 -71.86 45.60 -49.18
C GLY H 100 -72.96 46.07 -50.13
N THR H 101 -72.59 46.18 -51.40
CA THR H 101 -73.42 46.81 -52.42
C THR H 101 -73.55 45.91 -53.64
N LYS H 102 -74.50 46.25 -54.51
CA LYS H 102 -74.71 45.53 -55.77
C LYS H 102 -74.44 46.44 -56.95
N LEU H 103 -74.14 45.83 -58.10
CA LEU H 103 -73.78 46.56 -59.31
C LEU H 103 -74.96 46.65 -60.27
N GLU H 104 -75.25 47.87 -60.72
CA GLU H 104 -76.16 48.11 -61.83
C GLU H 104 -75.43 48.90 -62.91
N ILE H 105 -75.90 48.75 -64.14
CA ILE H 105 -75.24 49.35 -65.30
C ILE H 105 -76.22 50.34 -65.93
N LYS H 106 -75.82 51.61 -65.97
CA LYS H 106 -76.53 52.60 -66.78
C LYS H 106 -75.59 53.22 -67.82
#